data_2VXJ
#
_entry.id   2VXJ
#
_cell.length_a   79.184
_cell.length_b   86.521
_cell.length_c   119.078
_cell.angle_alpha   93.93
_cell.angle_beta   98.16
_cell.angle_gamma   90.08
#
_symmetry.space_group_name_H-M   'P 1'
#
loop_
_entity.id
_entity.type
_entity.pdbx_description
1 polymer 'PA-I GALACTOPHILIC LECTIN'
2 branched alpha-D-galactopyranose-(1-3)-beta-D-galactopyranose-(1-4)-beta-D-glucopyranose
3 branched alpha-D-galactopyranose-(1-3)-beta-D-galactopyranose-(1-4)-alpha-D-glucopyranose
4 branched alpha-D-galactopyranose-(1-3)-beta-D-galactopyranose
5 non-polymer 'CALCIUM ION'
6 non-polymer 1,2-ETHANEDIOL
7 non-polymer beta-D-glucopyranose
8 water water
#
_entity_poly.entity_id   1
_entity_poly.type   'polypeptide(L)'
_entity_poly.pdbx_seq_one_letter_code
;AWKGEVLANNEAGQVTSIIYNPGDVITIVAAGWASYGPTQKWGPQGDREHPDQGLICHDAFCGALVMKIGNSGTIPVNTG
LFRWVAPNNVQGAITLIYNDVPGTYGNNSGSFSVNIGKDQS
;
_entity_poly.pdbx_strand_id   A,B,C,D,E,F,G,H,I,J,K,L,M,N,O,P,Q,R,S,T,U,V,W,X
#
loop_
_chem_comp.id
_chem_comp.type
_chem_comp.name
_chem_comp.formula
BGC D-saccharide, beta linking beta-D-glucopyranose 'C6 H12 O6'
CA non-polymer 'CALCIUM ION' 'Ca 2'
EDO non-polymer 1,2-ETHANEDIOL 'C2 H6 O2'
GAL D-saccharide, beta linking beta-D-galactopyranose 'C6 H12 O6'
GLA D-saccharide, alpha linking alpha-D-galactopyranose 'C6 H12 O6'
GLC D-saccharide, alpha linking alpha-D-glucopyranose 'C6 H12 O6'
#
# COMPACT_ATOMS: atom_id res chain seq x y z
N ALA A 1 -2.00 -28.85 -24.95
CA ALA A 1 -2.01 -30.28 -25.40
C ALA A 1 -3.20 -30.97 -24.73
N TRP A 2 -3.88 -31.82 -25.49
CA TRP A 2 -5.09 -32.48 -25.02
C TRP A 2 -4.93 -34.00 -25.09
N LYS A 3 -5.47 -34.70 -24.11
CA LYS A 3 -5.57 -36.16 -24.13
C LYS A 3 -6.98 -36.53 -23.68
N GLY A 4 -7.58 -37.48 -24.40
CA GLY A 4 -8.92 -37.94 -24.08
C GLY A 4 -9.35 -39.14 -24.92
N GLU A 5 -10.57 -39.57 -24.68
CA GLU A 5 -11.18 -40.74 -25.28
C GLU A 5 -12.23 -40.31 -26.33
N VAL A 6 -12.30 -41.06 -27.41
CA VAL A 6 -13.25 -40.79 -28.45
C VAL A 6 -14.09 -42.04 -28.58
N LEU A 7 -15.36 -41.97 -28.14
CA LEU A 7 -16.26 -43.13 -28.16
C LEU A 7 -16.79 -43.37 -29.55
N ALA A 8 -16.79 -44.64 -29.98
CA ALA A 8 -17.22 -45.03 -31.31
C ALA A 8 -18.71 -44.69 -31.57
N ASN A 9 -19.52 -44.71 -30.50
CA ASN A 9 -20.98 -44.42 -30.59
C ASN A 9 -21.35 -42.94 -30.38
N ASN A 10 -20.31 -42.10 -30.27
CA ASN A 10 -20.52 -40.66 -30.16
C ASN A 10 -20.63 -39.95 -31.53
N GLU A 11 -21.88 -39.79 -31.98
CA GLU A 11 -22.13 -39.28 -33.33
C GLU A 11 -21.75 -37.84 -33.48
N ALA A 12 -21.98 -37.02 -32.45
CA ALA A 12 -21.59 -35.61 -32.51
C ALA A 12 -20.07 -35.44 -32.44
N GLY A 13 -19.36 -36.49 -32.02
CA GLY A 13 -17.89 -36.48 -31.88
C GLY A 13 -17.45 -35.84 -30.58
N GLN A 14 -16.17 -35.97 -30.28
CA GLN A 14 -15.59 -35.47 -29.03
C GLN A 14 -14.84 -34.15 -29.24
N VAL A 15 -15.38 -33.05 -28.72
CA VAL A 15 -14.68 -31.75 -28.83
C VAL A 15 -13.42 -31.76 -27.91
N THR A 16 -12.33 -31.20 -28.42
CA THR A 16 -11.07 -31.14 -27.71
C THR A 16 -10.89 -29.69 -27.34
N SER A 17 -9.88 -29.46 -26.54
CA SER A 17 -9.50 -28.14 -26.11
C SER A 17 -8.50 -27.47 -27.09
N ILE A 18 -8.19 -28.16 -28.17
CA ILE A 18 -7.27 -27.63 -29.19
C ILE A 18 -8.07 -26.75 -30.14
N ILE A 19 -7.69 -25.47 -30.19
CA ILE A 19 -8.11 -24.60 -31.29
C ILE A 19 -6.97 -24.45 -32.29
N TYR A 20 -7.19 -24.99 -33.49
CA TYR A 20 -6.24 -24.87 -34.59
C TYR A 20 -6.30 -23.46 -35.16
N ASN A 21 -5.17 -22.76 -35.09
CA ASN A 21 -5.04 -21.38 -35.56
C ASN A 21 -4.14 -21.37 -36.78
N PRO A 22 -4.35 -20.41 -37.70
CA PRO A 22 -3.49 -20.32 -38.85
C PRO A 22 -2.00 -20.41 -38.54
N GLY A 23 -1.31 -21.26 -39.29
CA GLY A 23 0.11 -21.48 -39.09
C GLY A 23 0.45 -22.55 -38.09
N ASP A 24 -0.52 -22.97 -37.30
CA ASP A 24 -0.21 -24.04 -36.34
C ASP A 24 0.32 -25.31 -37.06
N VAL A 25 1.23 -26.00 -36.37
CA VAL A 25 1.73 -27.35 -36.72
C VAL A 25 1.26 -28.24 -35.55
N ILE A 26 0.63 -29.38 -35.85
CA ILE A 26 0.07 -30.26 -34.82
C ILE A 26 0.45 -31.70 -35.10
N THR A 27 0.54 -32.47 -34.03
CA THR A 27 0.78 -33.89 -34.11
C THR A 27 -0.31 -34.59 -33.29
N ILE A 28 -0.86 -35.66 -33.83
CA ILE A 28 -1.85 -36.48 -33.15
C ILE A 28 -1.40 -37.92 -33.20
N VAL A 29 -1.59 -38.63 -32.10
CA VAL A 29 -1.40 -40.08 -32.04
C VAL A 29 -2.69 -40.66 -31.45
N ALA A 30 -3.29 -41.62 -32.16
CA ALA A 30 -4.52 -42.29 -31.78
C ALA A 30 -4.24 -43.78 -31.60
N ALA A 31 -4.86 -44.35 -30.58
CA ALA A 31 -4.65 -45.76 -30.28
C ALA A 31 -5.96 -46.39 -29.81
N GLY A 32 -6.10 -47.70 -30.03
CA GLY A 32 -7.19 -48.47 -29.40
C GLY A 32 -8.05 -49.25 -30.37
N TRP A 33 -9.17 -49.75 -29.85
CA TRP A 33 -10.02 -50.69 -30.55
C TRP A 33 -11.48 -50.31 -30.44
N ALA A 34 -12.15 -50.32 -31.58
CA ALA A 34 -13.54 -49.95 -31.71
C ALA A 34 -14.24 -50.80 -32.79
N SER A 35 -15.56 -50.77 -32.79
CA SER A 35 -16.38 -51.35 -33.83
C SER A 35 -17.60 -50.51 -34.16
N TYR A 36 -18.00 -50.59 -35.42
CA TYR A 36 -19.09 -49.81 -36.01
C TYR A 36 -20.33 -50.70 -36.11
N GLY A 37 -20.22 -51.92 -35.54
CA GLY A 37 -21.34 -52.86 -35.46
C GLY A 37 -20.92 -54.28 -35.11
N PRO A 38 -20.02 -54.89 -35.92
CA PRO A 38 -19.62 -56.28 -35.70
C PRO A 38 -18.97 -56.60 -34.37
N THR A 39 -18.85 -57.91 -34.12
CA THR A 39 -18.25 -58.38 -32.87
C THR A 39 -16.70 -58.21 -32.95
N GLN A 40 -16.16 -58.21 -34.16
CA GLN A 40 -14.76 -57.82 -34.42
C GLN A 40 -14.53 -56.34 -34.04
N LYS A 41 -13.27 -56.02 -33.81
CA LYS A 41 -12.84 -54.62 -33.56
C LYS A 41 -11.68 -54.23 -34.50
N TRP A 42 -11.62 -52.93 -34.76
CA TRP A 42 -10.60 -52.32 -35.61
C TRP A 42 -9.88 -51.17 -34.89
N GLY A 43 -8.64 -50.91 -35.32
CA GLY A 43 -7.87 -49.76 -34.89
C GLY A 43 -8.32 -48.48 -35.61
N PRO A 44 -7.59 -47.40 -35.33
CA PRO A 44 -7.91 -46.07 -35.84
C PRO A 44 -7.92 -45.90 -37.37
N GLN A 45 -7.38 -46.87 -38.12
CA GLN A 45 -7.44 -46.85 -39.61
C GLN A 45 -8.74 -47.45 -40.14
N GLY A 46 -9.53 -48.01 -39.26
CA GLY A 46 -10.81 -48.59 -39.66
C GLY A 46 -10.69 -49.93 -40.37
N ASP A 47 -11.79 -50.29 -41.03
CA ASP A 47 -11.95 -51.59 -41.69
C ASP A 47 -11.75 -51.42 -43.20
N ARG A 48 -10.58 -51.82 -43.66
CA ARG A 48 -10.21 -51.63 -45.07
C ARG A 48 -11.03 -52.46 -46.06
N GLU A 49 -11.85 -53.39 -45.57
CA GLU A 49 -12.64 -54.26 -46.47
C GLU A 49 -14.11 -53.85 -46.64
N HIS A 50 -14.52 -52.80 -45.96
CA HIS A 50 -15.95 -52.47 -45.83
C HIS A 50 -16.31 -51.28 -46.75
N PRO A 51 -17.43 -51.41 -47.51
CA PRO A 51 -17.78 -50.41 -48.49
C PRO A 51 -18.31 -49.16 -47.82
N ASP A 52 -18.28 -48.07 -48.56
CA ASP A 52 -18.80 -46.79 -48.08
C ASP A 52 -20.33 -46.76 -48.34
N GLN A 53 -21.10 -46.80 -47.26
CA GLN A 53 -22.56 -46.68 -47.30
C GLN A 53 -23.07 -45.29 -46.79
N GLY A 54 -22.26 -44.25 -47.04
CA GLY A 54 -22.57 -42.84 -46.69
C GLY A 54 -21.87 -42.33 -45.44
N LEU A 55 -20.58 -42.63 -45.33
CA LEU A 55 -19.75 -42.29 -44.20
C LEU A 55 -19.61 -40.78 -44.09
N ILE A 56 -19.42 -40.25 -42.87
CA ILE A 56 -19.16 -38.79 -42.68
C ILE A 56 -17.84 -38.37 -43.35
N CYS A 57 -16.93 -39.34 -43.52
CA CYS A 57 -15.67 -39.12 -44.20
C CYS A 57 -15.43 -40.20 -45.26
N HIS A 58 -15.59 -39.78 -46.52
CA HIS A 58 -15.40 -40.62 -47.71
C HIS A 58 -13.90 -40.87 -48.05
N ASP A 59 -13.01 -40.12 -47.39
CA ASP A 59 -11.54 -40.22 -47.53
C ASP A 59 -10.85 -41.13 -46.48
N ALA A 60 -11.65 -41.79 -45.64
CA ALA A 60 -11.14 -42.78 -44.69
C ALA A 60 -12.10 -43.97 -44.65
N PHE A 61 -11.60 -45.09 -44.15
CA PHE A 61 -12.40 -46.30 -44.03
C PHE A 61 -13.44 -46.15 -42.93
N CYS A 62 -14.48 -46.95 -43.04
CA CYS A 62 -15.41 -47.15 -41.94
C CYS A 62 -14.69 -47.66 -40.67
N GLY A 63 -14.93 -47.02 -39.53
CA GLY A 63 -14.24 -47.41 -38.33
C GLY A 63 -12.94 -46.62 -38.02
N ALA A 64 -12.56 -45.74 -38.93
CA ALA A 64 -11.36 -44.91 -38.78
C ALA A 64 -11.65 -43.69 -37.93
N LEU A 65 -10.60 -43.08 -37.39
CA LEU A 65 -10.69 -41.77 -36.71
C LEU A 65 -10.55 -40.60 -37.69
N VAL A 66 -11.51 -39.68 -37.61
CA VAL A 66 -11.48 -38.48 -38.44
C VAL A 66 -11.67 -37.24 -37.56
N MET A 67 -11.61 -36.06 -38.16
CA MET A 67 -11.80 -34.84 -37.38
C MET A 67 -12.41 -33.75 -38.22
N LYS A 68 -12.95 -32.74 -37.53
CA LYS A 68 -13.38 -31.45 -38.11
C LYS A 68 -12.60 -30.37 -37.36
N ILE A 69 -12.12 -29.39 -38.09
CA ILE A 69 -11.51 -28.19 -37.52
C ILE A 69 -12.49 -27.05 -37.79
N GLY A 70 -13.07 -26.51 -36.72
CA GLY A 70 -14.11 -25.50 -36.83
C GLY A 70 -15.24 -25.95 -37.76
N ASN A 71 -15.39 -25.25 -38.87
CA ASN A 71 -16.51 -25.41 -39.79
C ASN A 71 -16.17 -26.33 -40.94
N SER A 72 -15.04 -27.02 -40.85
CA SER A 72 -14.50 -27.79 -41.97
C SER A 72 -15.34 -29.03 -42.23
N GLY A 73 -15.14 -29.60 -43.40
CA GLY A 73 -15.50 -30.97 -43.67
C GLY A 73 -14.61 -31.89 -42.84
N THR A 74 -14.94 -33.16 -42.87
CA THR A 74 -14.16 -34.19 -42.19
C THR A 74 -12.78 -34.38 -42.84
N ILE A 75 -11.78 -34.59 -42.00
CA ILE A 75 -10.40 -34.80 -42.44
C ILE A 75 -9.91 -36.08 -41.80
N PRO A 76 -9.27 -36.97 -42.58
CA PRO A 76 -8.75 -38.22 -41.96
C PRO A 76 -7.62 -37.98 -40.92
N VAL A 77 -7.69 -38.69 -39.80
CA VAL A 77 -6.66 -38.74 -38.78
C VAL A 77 -6.02 -40.15 -38.74
N ASN A 78 -6.86 -41.19 -38.77
CA ASN A 78 -6.40 -42.55 -38.70
C ASN A 78 -5.53 -42.69 -37.48
N THR A 79 -4.32 -43.23 -37.62
CA THR A 79 -3.41 -43.45 -36.47
C THR A 79 -2.83 -42.14 -35.94
N GLY A 80 -2.88 -41.08 -36.75
CA GLY A 80 -2.47 -39.77 -36.35
C GLY A 80 -1.85 -38.96 -37.48
N LEU A 81 -1.33 -37.81 -37.11
CA LEU A 81 -0.75 -36.83 -38.00
C LEU A 81 0.60 -36.40 -37.41
N PHE A 82 1.67 -36.41 -38.21
CA PHE A 82 3.01 -35.94 -37.81
C PHE A 82 3.35 -34.52 -38.30
N ARG A 83 3.44 -33.60 -37.34
CA ARG A 83 3.76 -32.20 -37.57
C ARG A 83 3.03 -31.68 -38.79
N TRP A 84 1.70 -31.76 -38.70
CA TRP A 84 0.78 -31.52 -39.80
C TRP A 84 0.30 -30.05 -39.77
N VAL A 85 0.11 -29.47 -40.97
CA VAL A 85 -0.40 -28.13 -41.17
C VAL A 85 -1.66 -28.19 -42.07
N ALA A 86 -2.71 -27.47 -41.64
CA ALA A 86 -4.03 -27.52 -42.28
C ALA A 86 -4.02 -26.72 -43.56
N PRO A 87 -4.94 -27.00 -44.49
CA PRO A 87 -5.13 -26.04 -45.60
C PRO A 87 -5.41 -24.61 -45.16
N ASN A 88 -5.08 -23.65 -46.02
CA ASN A 88 -5.48 -22.26 -45.81
C ASN A 88 -6.97 -22.13 -45.42
N ASN A 89 -7.28 -21.15 -44.59
CA ASN A 89 -8.65 -20.89 -44.10
C ASN A 89 -9.32 -22.01 -43.31
N VAL A 90 -8.59 -23.05 -42.96
CA VAL A 90 -9.13 -24.03 -41.99
C VAL A 90 -8.65 -23.61 -40.60
N GLN A 91 -9.60 -23.33 -39.71
CA GLN A 91 -9.30 -22.91 -38.34
C GLN A 91 -10.46 -23.18 -37.39
N GLY A 92 -10.17 -23.34 -36.10
CA GLY A 92 -11.20 -23.57 -35.08
C GLY A 92 -10.97 -24.76 -34.15
N ALA A 93 -11.96 -25.05 -33.31
CA ALA A 93 -11.88 -26.17 -32.39
C ALA A 93 -11.75 -27.50 -33.14
N ILE A 94 -10.82 -28.35 -32.65
CA ILE A 94 -10.74 -29.73 -33.16
C ILE A 94 -11.79 -30.63 -32.44
N THR A 95 -12.69 -31.19 -33.26
CA THR A 95 -13.61 -32.25 -32.87
C THR A 95 -13.20 -33.57 -33.57
N LEU A 96 -12.98 -34.58 -32.73
CA LEU A 96 -12.57 -35.91 -33.15
C LEU A 96 -13.81 -36.77 -33.29
N ILE A 97 -13.89 -37.47 -34.41
CA ILE A 97 -15.08 -38.30 -34.72
C ILE A 97 -14.76 -39.68 -35.28
N TYR A 98 -15.44 -40.68 -34.72
CA TYR A 98 -15.47 -42.03 -35.29
C TYR A 98 -16.20 -42.01 -36.63
N ASN A 99 -15.54 -42.52 -37.67
CA ASN A 99 -16.11 -42.57 -39.02
C ASN A 99 -17.15 -43.70 -39.19
N ASP A 100 -18.43 -43.30 -39.16
CA ASP A 100 -19.55 -44.16 -39.48
C ASP A 100 -20.55 -43.34 -40.30
N VAL A 101 -21.59 -44.03 -40.74
CA VAL A 101 -22.72 -43.45 -41.45
C VAL A 101 -23.66 -42.79 -40.44
N PRO A 102 -24.08 -41.53 -40.72
CA PRO A 102 -24.99 -40.81 -39.82
C PRO A 102 -26.21 -41.62 -39.52
N GLY A 103 -26.58 -41.71 -38.24
CA GLY A 103 -27.75 -42.43 -37.82
C GLY A 103 -27.50 -43.89 -37.54
N THR A 104 -26.28 -44.35 -37.80
CA THR A 104 -25.89 -45.76 -37.54
C THR A 104 -24.97 -45.89 -36.30
N TYR A 105 -24.85 -44.84 -35.49
CA TYR A 105 -23.87 -44.86 -34.41
C TYR A 105 -24.27 -45.68 -33.16
N GLY A 106 -25.57 -45.97 -33.00
CA GLY A 106 -26.07 -46.63 -31.79
C GLY A 106 -25.55 -48.03 -31.52
N ASN A 107 -25.15 -48.75 -32.54
CA ASN A 107 -24.63 -50.15 -32.39
C ASN A 107 -23.10 -50.17 -32.35
N ASN A 108 -22.49 -49.00 -32.18
CA ASN A 108 -21.03 -48.90 -32.09
C ASN A 108 -20.55 -49.20 -30.69
N SER A 109 -19.29 -49.61 -30.56
CA SER A 109 -18.67 -49.92 -29.27
C SER A 109 -17.16 -49.69 -29.31
N GLY A 110 -16.57 -49.60 -28.12
CA GLY A 110 -15.16 -49.24 -28.00
C GLY A 110 -14.94 -47.74 -28.21
N SER A 111 -13.65 -47.40 -28.35
CA SER A 111 -13.14 -46.03 -28.33
C SER A 111 -11.67 -46.04 -28.71
N PHE A 112 -11.20 -44.87 -29.09
CA PHE A 112 -9.80 -44.61 -29.31
C PHE A 112 -9.32 -43.56 -28.28
N SER A 113 -8.13 -43.81 -27.72
CA SER A 113 -7.43 -42.85 -26.87
C SER A 113 -6.55 -41.98 -27.77
N VAL A 114 -6.63 -40.65 -27.63
CA VAL A 114 -5.96 -39.76 -28.57
C VAL A 114 -5.21 -38.66 -27.86
N ASN A 115 -4.00 -38.40 -28.34
CA ASN A 115 -3.23 -37.23 -27.91
C ASN A 115 -3.11 -36.29 -29.05
N ILE A 116 -3.27 -35.00 -28.75
CA ILE A 116 -3.04 -33.89 -29.68
C ILE A 116 -2.14 -32.87 -28.97
N GLY A 117 -1.08 -32.44 -29.67
CA GLY A 117 -0.31 -31.28 -29.22
C GLY A 117 0.01 -30.35 -30.37
N LYS A 118 0.38 -29.10 -30.06
CA LYS A 118 0.94 -28.18 -31.03
C LYS A 118 2.46 -28.28 -31.03
N ASP A 119 3.02 -28.33 -32.21
CA ASP A 119 4.46 -28.36 -32.40
C ASP A 119 5.05 -26.95 -32.52
N GLN A 120 6.39 -26.87 -32.47
CA GLN A 120 7.14 -25.66 -32.83
C GLN A 120 6.78 -25.15 -34.20
N SER A 121 6.64 -23.84 -34.32
CA SER A 121 6.40 -23.25 -35.62
C SER A 121 6.97 -21.85 -35.61
N ALA B 1 14.53 -35.32 -37.50
CA ALA B 1 13.47 -36.33 -37.56
C ALA B 1 13.86 -37.43 -38.55
N TRP B 2 13.09 -38.50 -38.59
CA TRP B 2 13.31 -39.59 -39.49
C TRP B 2 11.95 -39.97 -40.01
N LYS B 3 11.86 -40.15 -41.33
CA LYS B 3 10.73 -40.80 -41.95
C LYS B 3 11.22 -41.95 -42.82
N GLY B 4 10.48 -43.03 -42.82
CA GLY B 4 10.89 -44.24 -43.55
C GLY B 4 9.86 -45.33 -43.50
N GLU B 5 10.26 -46.52 -43.93
CA GLU B 5 9.35 -47.66 -44.08
C GLU B 5 9.87 -48.82 -43.26
N VAL B 6 8.96 -49.58 -42.70
CA VAL B 6 9.30 -50.80 -41.99
C VAL B 6 8.62 -51.91 -42.78
N LEU B 7 9.39 -52.69 -43.53
CA LEU B 7 8.81 -53.85 -44.26
C LEU B 7 8.50 -54.98 -43.26
N ALA B 8 7.34 -55.61 -43.45
CA ALA B 8 6.87 -56.72 -42.65
C ALA B 8 7.83 -57.90 -42.76
N ASN B 9 8.51 -58.03 -43.89
CA ASN B 9 9.37 -59.20 -44.11
C ASN B 9 10.81 -58.96 -43.68
N ASN B 10 11.07 -57.80 -43.06
CA ASN B 10 12.45 -57.40 -42.67
C ASN B 10 12.72 -57.87 -41.25
N GLU B 11 13.35 -59.04 -41.13
CA GLU B 11 13.51 -59.67 -39.84
C GLU B 11 14.54 -58.95 -38.95
N ALA B 12 15.61 -58.45 -39.57
CA ALA B 12 16.64 -57.72 -38.83
C ALA B 12 16.10 -56.43 -38.25
N GLY B 13 15.09 -55.85 -38.91
CA GLY B 13 14.52 -54.58 -38.50
C GLY B 13 15.07 -53.43 -39.33
N GLN B 14 14.32 -52.30 -39.34
CA GLN B 14 14.73 -51.04 -39.99
C GLN B 14 15.45 -50.09 -39.01
N VAL B 15 16.79 -50.04 -39.11
CA VAL B 15 17.57 -49.20 -38.24
C VAL B 15 17.31 -47.75 -38.73
N THR B 16 16.88 -46.89 -37.82
CA THR B 16 16.64 -45.49 -38.18
C THR B 16 17.86 -44.60 -37.84
N SER B 17 17.77 -43.32 -38.19
CA SER B 17 18.76 -42.29 -37.87
C SER B 17 18.60 -41.69 -36.48
N ILE B 18 17.52 -42.00 -35.79
CA ILE B 18 17.32 -41.55 -34.44
C ILE B 18 18.18 -42.32 -33.41
N ILE B 19 19.12 -41.59 -32.80
CA ILE B 19 19.83 -42.06 -31.63
C ILE B 19 19.09 -41.54 -30.40
N TYR B 20 18.45 -42.46 -29.69
CA TYR B 20 17.83 -42.14 -28.42
C TYR B 20 18.89 -41.91 -27.32
N ASN B 21 18.93 -40.67 -26.82
CA ASN B 21 19.81 -40.26 -25.72
C ASN B 21 19.05 -40.06 -24.42
N PRO B 22 19.73 -40.28 -23.27
CA PRO B 22 19.10 -40.08 -21.96
C PRO B 22 18.40 -38.69 -21.90
N GLY B 23 17.17 -38.66 -21.41
CA GLY B 23 16.40 -37.40 -21.34
C GLY B 23 15.58 -37.06 -22.57
N ASP B 24 15.87 -37.66 -23.72
CA ASP B 24 15.19 -37.33 -24.98
C ASP B 24 13.72 -37.60 -24.83
N VAL B 25 12.93 -36.74 -25.44
CA VAL B 25 11.48 -36.99 -25.59
C VAL B 25 11.22 -37.17 -27.07
N ILE B 26 10.52 -38.25 -27.41
CA ILE B 26 10.29 -38.61 -28.82
C ILE B 26 8.79 -38.84 -29.09
N THR B 27 8.38 -38.51 -30.32
CA THR B 27 7.06 -38.86 -30.85
C THR B 27 7.19 -39.68 -32.15
N ILE B 28 6.42 -40.78 -32.19
CA ILE B 28 6.39 -41.72 -33.30
C ILE B 28 4.93 -41.80 -33.78
N VAL B 29 4.74 -41.68 -35.09
CA VAL B 29 3.46 -41.97 -35.74
C VAL B 29 3.68 -43.02 -36.84
N ALA B 30 2.95 -44.13 -36.75
CA ALA B 30 3.02 -45.24 -37.70
C ALA B 30 1.66 -45.47 -38.41
N ALA B 31 1.68 -45.62 -39.74
CA ALA B 31 0.52 -45.92 -40.52
C ALA B 31 0.82 -47.10 -41.46
N GLY B 32 -0.24 -47.73 -41.95
CA GLY B 32 -0.13 -48.65 -43.07
C GLY B 32 -0.75 -50.00 -42.76
N TRP B 33 -0.52 -50.92 -43.70
CA TRP B 33 -1.15 -52.24 -43.73
C TRP B 33 -0.11 -53.32 -44.06
N ALA B 34 -0.08 -54.36 -43.25
CA ALA B 34 0.89 -55.45 -43.42
C ALA B 34 0.27 -56.75 -43.00
N SER B 35 0.90 -57.85 -43.45
CA SER B 35 0.53 -59.17 -43.02
C SER B 35 1.74 -60.02 -42.64
N TYR B 36 1.52 -60.82 -41.60
CA TYR B 36 2.42 -61.86 -41.14
C TYR B 36 2.23 -63.21 -41.87
N GLY B 37 1.42 -63.24 -42.92
CA GLY B 37 1.13 -64.50 -43.63
C GLY B 37 -0.18 -64.54 -44.40
N PRO B 38 -1.33 -64.38 -43.68
CA PRO B 38 -2.67 -64.33 -44.30
C PRO B 38 -2.81 -63.26 -45.39
N THR B 39 -3.79 -63.43 -46.28
CA THR B 39 -4.05 -62.47 -47.36
C THR B 39 -4.67 -61.16 -46.81
N GLN B 40 -5.30 -61.27 -45.65
CA GLN B 40 -5.83 -60.16 -44.90
C GLN B 40 -4.64 -59.34 -44.34
N LYS B 41 -4.90 -58.07 -44.04
CA LYS B 41 -3.87 -57.19 -43.52
C LYS B 41 -4.36 -56.42 -42.32
N TRP B 42 -3.38 -56.05 -41.50
CA TRP B 42 -3.62 -55.34 -40.27
C TRP B 42 -2.78 -54.09 -40.23
N GLY B 43 -3.22 -53.15 -39.39
CA GLY B 43 -2.47 -51.93 -39.08
C GLY B 43 -1.35 -52.19 -38.09
N PRO B 44 -0.68 -51.12 -37.67
CA PRO B 44 0.44 -51.23 -36.75
C PRO B 44 0.14 -51.74 -35.32
N GLN B 45 -1.13 -51.90 -34.93
CA GLN B 45 -1.50 -52.60 -33.66
C GLN B 45 -1.55 -54.12 -33.83
N GLY B 46 -1.46 -54.56 -35.09
CA GLY B 46 -1.50 -55.96 -35.47
C GLY B 46 -2.85 -56.59 -35.31
N ASP B 47 -2.81 -57.93 -35.17
CA ASP B 47 -4.00 -58.81 -35.14
C ASP B 47 -4.33 -59.27 -33.73
N ARG B 48 -5.40 -58.74 -33.16
CA ARG B 48 -5.79 -58.99 -31.78
C ARG B 48 -6.35 -60.38 -31.54
N GLU B 49 -6.63 -61.09 -32.62
CA GLU B 49 -7.19 -62.46 -32.53
C GLU B 49 -6.16 -63.60 -32.67
N HIS B 50 -4.94 -63.27 -33.09
CA HIS B 50 -3.87 -64.28 -33.28
C HIS B 50 -3.15 -64.62 -31.97
N PRO B 51 -2.92 -65.93 -31.70
CA PRO B 51 -2.18 -66.23 -30.49
C PRO B 51 -0.66 -65.98 -30.67
N ASP B 52 0.03 -65.79 -29.54
CA ASP B 52 1.47 -65.58 -29.49
C ASP B 52 2.14 -66.95 -29.55
N GLN B 53 2.82 -67.23 -30.65
CA GLN B 53 3.55 -68.48 -30.83
C GLN B 53 5.07 -68.34 -30.67
N GLY B 54 5.53 -67.34 -29.92
CA GLY B 54 6.99 -67.03 -29.78
C GLY B 54 7.39 -65.71 -30.48
N LEU B 55 6.54 -64.70 -30.32
CA LEU B 55 6.77 -63.41 -30.95
C LEU B 55 7.98 -62.67 -30.34
N ILE B 56 8.63 -61.83 -31.16
CA ILE B 56 9.80 -61.04 -30.72
C ILE B 56 9.45 -60.06 -29.62
N CYS B 57 8.17 -59.68 -29.56
CA CYS B 57 7.64 -58.89 -28.45
C CYS B 57 6.34 -59.47 -27.90
N HIS B 58 6.41 -60.01 -26.69
CA HIS B 58 5.25 -60.59 -26.04
C HIS B 58 4.20 -59.57 -25.58
N ASP B 59 4.58 -58.29 -25.53
N ASP B 59 4.57 -58.29 -25.53
CA ASP B 59 3.69 -57.24 -25.05
CA ASP B 59 3.69 -57.26 -25.04
C ASP B 59 2.95 -56.53 -26.18
C ASP B 59 2.99 -56.51 -26.19
N ALA B 60 2.99 -57.11 -27.38
CA ALA B 60 2.19 -56.57 -28.49
C ALA B 60 1.65 -57.72 -29.35
N PHE B 61 0.60 -57.43 -30.13
CA PHE B 61 0.01 -58.43 -31.02
C PHE B 61 0.91 -58.76 -32.21
N CYS B 62 0.72 -59.94 -32.77
CA CYS B 62 1.37 -60.35 -34.00
C CYS B 62 0.97 -59.38 -35.14
N GLY B 63 1.96 -58.85 -35.84
CA GLY B 63 1.72 -57.86 -36.89
C GLY B 63 1.77 -56.40 -36.42
N ALA B 64 2.03 -56.22 -35.15
CA ALA B 64 2.21 -54.87 -34.58
C ALA B 64 3.61 -54.34 -34.86
N LEU B 65 3.72 -53.02 -34.77
CA LEU B 65 5.03 -52.34 -34.80
C LEU B 65 5.69 -52.35 -33.41
N VAL B 66 6.95 -52.80 -33.36
CA VAL B 66 7.72 -52.74 -32.11
C VAL B 66 9.06 -52.08 -32.43
N MET B 67 9.89 -51.88 -31.41
CA MET B 67 11.22 -51.31 -31.62
C MET B 67 12.22 -51.83 -30.59
N LYS B 68 13.50 -51.66 -30.91
CA LYS B 68 14.56 -51.68 -29.95
C LYS B 68 15.23 -50.32 -29.94
N ILE B 69 15.74 -49.94 -28.78
CA ILE B 69 16.62 -48.74 -28.61
C ILE B 69 18.01 -49.31 -28.23
N GLY B 70 19.00 -49.16 -29.09
CA GLY B 70 20.28 -49.86 -28.85
C GLY B 70 20.10 -51.36 -28.81
N ASN B 71 20.60 -52.01 -27.76
CA ASN B 71 20.43 -53.42 -27.55
C ASN B 71 19.40 -53.76 -26.48
N SER B 72 18.40 -52.90 -26.34
CA SER B 72 17.29 -53.19 -25.44
C SER B 72 16.50 -54.39 -25.99
N GLY B 73 15.64 -54.90 -25.14
CA GLY B 73 14.62 -55.82 -25.60
C GLY B 73 13.62 -55.03 -26.42
N THR B 74 12.64 -55.74 -26.96
CA THR B 74 11.61 -55.13 -27.79
C THR B 74 10.67 -54.29 -26.92
N ILE B 75 10.25 -53.15 -27.47
CA ILE B 75 9.34 -52.21 -26.85
C ILE B 75 8.13 -52.00 -27.81
N PRO B 76 6.88 -52.12 -27.30
CA PRO B 76 5.76 -51.86 -28.23
C PRO B 76 5.73 -50.42 -28.70
N VAL B 77 5.44 -50.23 -29.97
CA VAL B 77 5.17 -48.90 -30.56
C VAL B 77 3.71 -48.76 -31.00
N ASN B 78 3.23 -49.77 -31.71
CA ASN B 78 1.84 -49.81 -32.17
C ASN B 78 1.60 -48.62 -33.10
N THR B 79 0.58 -47.79 -32.87
CA THR B 79 0.29 -46.71 -33.79
C THR B 79 1.25 -45.54 -33.63
N GLY B 80 2.01 -45.58 -32.52
CA GLY B 80 3.01 -44.58 -32.26
C GLY B 80 3.13 -44.27 -30.76
N LEU B 81 3.96 -43.28 -30.43
CA LEU B 81 4.26 -42.91 -29.03
C LEU B 81 4.16 -41.41 -28.99
N PHE B 82 3.53 -40.83 -27.96
CA PHE B 82 3.37 -39.37 -27.92
C PHE B 82 4.21 -38.76 -26.81
N ARG B 83 5.22 -37.98 -27.19
CA ARG B 83 6.09 -37.27 -26.21
C ARG B 83 6.52 -38.20 -25.12
N TRP B 84 7.19 -39.25 -25.58
CA TRP B 84 7.55 -40.40 -24.77
C TRP B 84 9.03 -40.34 -24.33
N VAL B 85 9.24 -40.65 -23.05
CA VAL B 85 10.57 -40.81 -22.46
C VAL B 85 10.80 -42.27 -22.03
N ALA B 86 11.97 -42.82 -22.34
CA ALA B 86 12.31 -44.19 -21.96
C ALA B 86 12.53 -44.27 -20.46
N VAL B 90 17.84 -46.90 -20.97
CA VAL B 90 17.93 -47.44 -22.33
C VAL B 90 18.43 -46.32 -23.29
N GLN B 91 19.36 -46.65 -24.18
CA GLN B 91 19.83 -45.68 -25.18
C GLN B 91 20.48 -46.32 -26.38
N GLY B 92 20.61 -45.51 -27.44
CA GLY B 92 21.16 -45.93 -28.71
C GLY B 92 20.20 -45.74 -29.88
N ALA B 93 20.62 -46.20 -31.05
CA ALA B 93 19.80 -46.10 -32.27
C ALA B 93 18.48 -46.86 -32.15
N ILE B 94 17.42 -46.24 -32.64
CA ILE B 94 16.09 -46.87 -32.63
C ILE B 94 15.99 -47.78 -33.85
N THR B 95 15.72 -49.07 -33.63
CA THR B 95 15.41 -49.99 -34.74
C THR B 95 13.92 -50.34 -34.72
N LEU B 96 13.24 -50.14 -35.84
CA LEU B 96 11.80 -50.43 -35.93
C LEU B 96 11.58 -51.84 -36.54
N ILE B 97 10.72 -52.65 -35.93
CA ILE B 97 10.56 -54.05 -36.33
C ILE B 97 9.09 -54.51 -36.33
N TYR B 98 8.70 -55.21 -37.39
CA TYR B 98 7.42 -55.90 -37.45
C TYR B 98 7.43 -57.07 -36.45
N ASN B 99 6.36 -57.18 -35.64
CA ASN B 99 6.27 -58.22 -34.59
C ASN B 99 5.81 -59.56 -35.19
N ASP B 100 6.73 -60.50 -35.29
CA ASP B 100 6.45 -61.87 -35.74
C ASP B 100 7.40 -62.87 -35.01
N VAL B 101 7.17 -64.16 -35.28
CA VAL B 101 7.97 -65.22 -34.69
C VAL B 101 9.28 -65.33 -35.48
N PRO B 102 10.44 -65.38 -34.79
CA PRO B 102 11.68 -65.54 -35.55
C PRO B 102 11.69 -66.74 -36.52
N GLY B 103 12.29 -66.51 -37.67
CA GLY B 103 12.32 -67.46 -38.74
C GLY B 103 11.07 -67.63 -39.58
N THR B 104 10.03 -66.85 -39.30
CA THR B 104 8.78 -66.95 -40.04
C THR B 104 8.51 -65.70 -40.88
N TYR B 105 9.51 -64.83 -41.05
CA TYR B 105 9.24 -63.53 -41.70
C TYR B 105 9.13 -63.58 -43.22
N GLY B 106 9.56 -64.69 -43.82
CA GLY B 106 9.62 -64.84 -45.28
C GLY B 106 8.32 -64.76 -46.04
N ASN B 107 7.23 -65.13 -45.39
CA ASN B 107 5.90 -65.05 -45.97
C ASN B 107 5.14 -63.74 -45.62
N ASN B 108 5.84 -62.79 -44.98
CA ASN B 108 5.23 -61.49 -44.64
C ASN B 108 5.14 -60.55 -45.83
N SER B 109 4.25 -59.57 -45.71
CA SER B 109 4.05 -58.63 -46.75
C SER B 109 3.44 -57.31 -46.21
N GLY B 110 3.49 -56.31 -47.08
CA GLY B 110 3.15 -54.95 -46.71
C GLY B 110 4.22 -54.28 -45.86
N SER B 111 3.90 -53.08 -45.36
CA SER B 111 4.81 -52.32 -44.54
C SER B 111 4.08 -51.21 -43.76
N PHE B 112 4.78 -50.63 -42.80
CA PHE B 112 4.38 -49.36 -42.16
C PHE B 112 5.27 -48.22 -42.55
N SER B 113 4.61 -47.10 -42.78
CA SER B 113 5.22 -45.82 -42.97
C SER B 113 5.30 -45.16 -41.59
N VAL B 114 6.50 -44.71 -41.19
CA VAL B 114 6.74 -44.27 -39.83
C VAL B 114 7.49 -42.94 -39.84
N ASN B 115 7.00 -42.02 -39.02
CA ASN B 115 7.73 -40.80 -38.64
C ASN B 115 8.18 -40.86 -37.18
N ILE B 116 9.41 -40.44 -36.92
CA ILE B 116 9.92 -40.26 -35.56
C ILE B 116 10.48 -38.86 -35.47
N GLY B 117 10.12 -38.13 -34.41
CA GLY B 117 10.78 -36.85 -34.11
C GLY B 117 11.21 -36.76 -32.67
N LYS B 118 12.25 -35.98 -32.39
CA LYS B 118 12.58 -35.60 -31.04
C LYS B 118 11.78 -34.32 -30.72
N ASP B 119 11.10 -34.36 -29.58
CA ASP B 119 10.35 -33.25 -29.04
C ASP B 119 11.19 -32.35 -28.17
N GLN B 120 10.62 -31.19 -27.87
CA GLN B 120 11.22 -30.27 -26.88
C GLN B 120 11.41 -30.97 -25.54
N SER B 121 12.55 -30.72 -24.87
CA SER B 121 12.76 -31.24 -23.52
C SER B 121 13.64 -30.35 -22.67
N ALA C 1 14.79 -29.40 -19.69
CA ALA C 1 15.34 -28.04 -19.63
C ALA C 1 16.15 -27.85 -18.36
N TRP C 2 16.85 -26.74 -18.30
CA TRP C 2 17.59 -26.35 -17.11
C TRP C 2 17.37 -24.90 -16.92
N LYS C 3 17.18 -24.53 -15.66
CA LYS C 3 17.06 -23.13 -15.23
C LYS C 3 18.00 -22.97 -14.05
N GLY C 4 18.87 -21.97 -14.12
CA GLY C 4 19.71 -21.62 -12.97
C GLY C 4 20.39 -20.28 -13.04
N GLU C 5 21.20 -20.04 -12.01
CA GLU C 5 21.96 -18.82 -11.85
C GLU C 5 23.42 -19.06 -12.17
N VAL C 6 24.02 -18.16 -12.96
CA VAL C 6 25.45 -18.16 -13.19
C VAL C 6 26.09 -16.96 -12.46
N LEU C 7 26.82 -17.27 -11.38
CA LEU C 7 27.56 -16.25 -10.59
C LEU C 7 28.76 -15.66 -11.36
N ALA C 8 28.85 -14.33 -11.32
CA ALA C 8 29.90 -13.61 -12.04
C ALA C 8 31.30 -13.94 -11.47
N ASN C 9 31.36 -14.25 -10.19
CA ASN C 9 32.60 -14.60 -9.50
C ASN C 9 32.86 -16.09 -9.45
N ASN C 10 32.11 -16.86 -10.25
CA ASN C 10 32.33 -18.30 -10.34
C ASN C 10 33.26 -18.66 -11.52
N GLU C 11 34.55 -18.64 -11.24
CA GLU C 11 35.58 -18.81 -12.26
C GLU C 11 35.54 -20.18 -12.98
N ALA C 12 35.17 -21.22 -12.22
CA ALA C 12 35.05 -22.60 -12.74
C ALA C 12 33.86 -22.76 -13.68
N GLY C 13 32.83 -21.97 -13.49
CA GLY C 13 31.57 -22.05 -14.25
C GLY C 13 30.47 -22.78 -13.54
N GLN C 14 29.23 -22.58 -14.01
CA GLN C 14 28.09 -23.33 -13.48
C GLN C 14 27.82 -24.47 -14.45
N VAL C 15 27.92 -25.71 -13.98
CA VAL C 15 27.63 -26.90 -14.79
C VAL C 15 26.13 -27.06 -14.77
N THR C 16 25.59 -27.41 -15.92
CA THR C 16 24.14 -27.57 -16.07
C THR C 16 23.84 -29.05 -16.19
N SER C 17 22.56 -29.35 -16.11
CA SER C 17 22.04 -30.70 -16.37
C SER C 17 21.97 -31.04 -17.88
N ILE C 18 22.28 -30.09 -18.75
CA ILE C 18 22.18 -30.34 -20.18
C ILE C 18 23.43 -31.03 -20.76
N ILE C 19 23.25 -32.24 -21.30
CA ILE C 19 24.30 -32.92 -22.09
C ILE C 19 23.94 -32.67 -23.54
N TYR C 20 24.77 -31.91 -24.22
CA TYR C 20 24.62 -31.65 -25.62
C TYR C 20 25.06 -32.87 -26.41
N ASN C 21 24.12 -33.45 -27.15
CA ASN C 21 24.39 -34.70 -27.94
C ASN C 21 24.36 -34.32 -29.41
N PRO C 22 25.09 -35.09 -30.26
CA PRO C 22 25.09 -34.78 -31.71
C PRO C 22 23.68 -34.65 -32.25
N GLY C 23 23.41 -33.60 -33.02
CA GLY C 23 22.08 -33.41 -33.60
C GLY C 23 21.18 -32.49 -32.81
N ASP C 24 21.51 -32.31 -31.53
CA ASP C 24 20.63 -31.58 -30.64
C ASP C 24 20.53 -30.15 -31.15
N VAL C 25 19.31 -29.63 -31.11
CA VAL C 25 19.04 -28.22 -31.30
C VAL C 25 18.70 -27.67 -29.94
N ILE C 26 19.31 -26.55 -29.56
CA ILE C 26 19.05 -26.02 -28.25
C ILE C 26 18.73 -24.52 -28.34
N THR C 27 18.05 -24.06 -27.29
CA THR C 27 17.74 -22.66 -27.08
C THR C 27 18.13 -22.26 -25.67
N ILE C 28 18.77 -21.09 -25.58
CA ILE C 28 19.30 -20.51 -24.31
C ILE C 28 18.78 -19.09 -24.28
N VAL C 29 18.20 -18.69 -23.15
CA VAL C 29 17.88 -17.30 -22.87
C VAL C 29 18.52 -16.91 -21.53
N ALA C 30 19.27 -15.82 -21.55
CA ALA C 30 20.08 -15.34 -20.40
C ALA C 30 19.63 -13.94 -20.08
N ALA C 31 19.42 -13.63 -18.80
CA ALA C 31 19.10 -12.24 -18.38
C ALA C 31 19.84 -11.86 -17.11
N GLY C 32 20.01 -10.57 -16.92
CA GLY C 32 20.45 -10.05 -15.62
C GLY C 32 21.55 -9.02 -15.68
N TRP C 33 22.14 -8.78 -14.52
CA TRP C 33 23.10 -7.70 -14.31
C TRP C 33 24.28 -8.21 -13.52
N ALA C 34 25.47 -7.95 -14.06
CA ALA C 34 26.71 -8.42 -13.46
C ALA C 34 27.83 -7.41 -13.66
N SER C 35 28.80 -7.48 -12.76
CA SER C 35 30.04 -6.74 -12.89
C SER C 35 31.29 -7.62 -12.74
N TYR C 36 32.27 -7.27 -13.55
CA TYR C 36 33.61 -7.84 -13.54
C TYR C 36 34.56 -6.97 -12.69
N GLY C 37 34.04 -5.91 -12.07
CA GLY C 37 34.83 -5.15 -11.09
C GLY C 37 34.19 -3.83 -10.79
N PRO C 38 33.92 -3.02 -11.82
CA PRO C 38 33.31 -1.70 -11.61
C PRO C 38 32.04 -1.71 -10.77
N THR C 39 31.70 -0.54 -10.24
CA THR C 39 30.43 -0.35 -9.59
C THR C 39 29.26 -0.49 -10.61
N GLN C 40 29.51 -0.07 -11.84
CA GLN C 40 28.61 -0.31 -12.97
C GLN C 40 28.28 -1.81 -13.15
N LYS C 41 27.09 -2.09 -13.70
CA LYS C 41 26.74 -3.45 -14.12
C LYS C 41 26.35 -3.51 -15.56
N TRP C 42 26.52 -4.70 -16.12
CA TRP C 42 26.26 -4.98 -17.53
C TRP C 42 25.39 -6.23 -17.65
N GLY C 43 24.65 -6.31 -18.74
CA GLY C 43 23.88 -7.54 -19.10
C GLY C 43 24.75 -8.61 -19.75
N PRO C 44 24.11 -9.71 -20.21
CA PRO C 44 24.87 -10.85 -20.74
C PRO C 44 25.69 -10.64 -22.01
N GLN C 45 25.59 -9.47 -22.66
CA GLN C 45 26.49 -9.12 -23.77
C GLN C 45 27.82 -8.51 -23.31
N GLY C 46 27.90 -8.20 -22.02
CA GLY C 46 29.08 -7.59 -21.41
C GLY C 46 29.26 -6.14 -21.74
N ASP C 47 30.55 -5.75 -21.75
CA ASP C 47 30.95 -4.34 -21.84
C ASP C 47 31.69 -4.11 -23.12
N ARG C 48 31.02 -3.51 -24.09
CA ARG C 48 31.59 -3.26 -25.41
C ARG C 48 32.73 -2.25 -25.42
N GLU C 49 32.97 -1.57 -24.29
CA GLU C 49 34.06 -0.58 -24.24
C GLU C 49 35.39 -1.14 -23.69
N HIS C 50 35.34 -2.26 -22.98
CA HIS C 50 36.50 -2.78 -22.28
C HIS C 50 37.43 -3.57 -23.18
N PRO C 51 38.75 -3.29 -23.11
CA PRO C 51 39.71 -4.07 -23.89
C PRO C 51 39.95 -5.45 -23.29
N ASP C 52 40.38 -6.36 -24.15
CA ASP C 52 40.61 -7.76 -23.81
C ASP C 52 41.96 -7.96 -23.13
N GLN C 53 41.95 -8.13 -21.81
CA GLN C 53 43.19 -8.36 -21.08
C GLN C 53 43.62 -9.85 -21.01
N GLY C 54 42.95 -10.72 -21.77
CA GLY C 54 43.24 -12.18 -21.77
C GLY C 54 42.03 -12.93 -21.25
N LEU C 55 40.87 -12.58 -21.80
CA LEU C 55 39.60 -13.16 -21.41
C LEU C 55 39.55 -14.64 -21.72
N ILE C 56 38.79 -15.42 -20.95
CA ILE C 56 38.64 -16.85 -21.25
C ILE C 56 37.96 -17.08 -22.61
N CYS C 57 37.28 -16.05 -23.14
CA CYS C 57 36.69 -16.10 -24.49
C CYS C 57 36.93 -14.79 -25.21
N HIS C 58 37.81 -14.84 -26.21
CA HIS C 58 38.21 -13.66 -26.95
C HIS C 58 37.10 -13.18 -27.90
N ASP C 59 36.06 -14.01 -28.12
CA ASP C 59 35.03 -13.69 -29.10
C ASP C 59 33.79 -13.08 -28.45
N ALA C 60 33.93 -12.64 -27.20
CA ALA C 60 32.83 -12.05 -26.44
C ALA C 60 33.46 -10.96 -25.56
N PHE C 61 32.65 -9.99 -25.14
CA PHE C 61 33.14 -8.93 -24.30
C PHE C 61 33.32 -9.40 -22.91
N CYS C 62 34.17 -8.63 -22.21
CA CYS C 62 34.38 -8.81 -20.81
C CYS C 62 33.02 -8.67 -20.17
N GLY C 63 32.69 -9.58 -19.28
CA GLY C 63 31.39 -9.62 -18.64
C GLY C 63 30.20 -10.24 -19.40
N ALA C 64 30.49 -10.81 -20.56
CA ALA C 64 29.52 -11.58 -21.32
C ALA C 64 29.38 -13.02 -20.82
N LEU C 65 28.20 -13.59 -21.05
CA LEU C 65 27.98 -15.03 -20.81
C LEU C 65 28.58 -15.88 -21.96
N VAL C 66 29.29 -16.94 -21.59
CA VAL C 66 29.92 -17.86 -22.55
C VAL C 66 29.67 -19.29 -22.02
N MET C 67 30.06 -20.30 -22.80
CA MET C 67 29.89 -21.66 -22.36
C MET C 67 30.97 -22.57 -22.93
N LYS C 68 31.03 -23.76 -22.35
CA LYS C 68 31.82 -24.86 -22.87
C LYS C 68 30.85 -26.00 -23.07
N ILE C 69 31.07 -26.80 -24.11
CA ILE C 69 30.36 -28.08 -24.27
C ILE C 69 31.39 -29.22 -24.20
N GLY C 70 31.35 -30.01 -23.12
CA GLY C 70 32.36 -31.06 -22.91
C GLY C 70 33.72 -30.35 -22.79
N ASN C 71 34.74 -30.84 -23.52
CA ASN C 71 36.09 -30.24 -23.51
C ASN C 71 36.27 -29.25 -24.68
N SER C 72 35.19 -28.58 -25.08
CA SER C 72 35.27 -27.60 -26.18
C SER C 72 36.03 -26.40 -25.62
N GLY C 73 36.43 -25.52 -26.52
CA GLY C 73 36.88 -24.18 -26.15
C GLY C 73 35.64 -23.37 -25.75
N THR C 74 35.85 -22.12 -25.38
CA THR C 74 34.73 -21.27 -24.96
C THR C 74 33.95 -20.79 -26.19
N ILE C 75 32.64 -20.65 -26.00
CA ILE C 75 31.71 -20.44 -27.09
C ILE C 75 30.81 -19.30 -26.60
N PRO C 76 30.75 -18.20 -27.33
CA PRO C 76 29.92 -17.09 -26.92
C PRO C 76 28.41 -17.44 -26.84
N VAL C 77 27.77 -17.08 -25.73
CA VAL C 77 26.33 -17.25 -25.56
C VAL C 77 25.67 -15.86 -25.61
N ASN C 78 26.20 -14.88 -24.86
CA ASN C 78 25.59 -13.55 -24.79
C ASN C 78 24.13 -13.62 -24.30
N THR C 79 23.18 -12.92 -24.94
CA THR C 79 21.75 -12.95 -24.52
C THR C 79 21.05 -14.30 -24.75
N GLY C 80 21.61 -15.10 -25.62
CA GLY C 80 21.13 -16.46 -25.81
C GLY C 80 21.36 -17.00 -27.20
N LEU C 81 20.86 -18.22 -27.40
CA LEU C 81 20.99 -18.94 -28.64
C LEU C 81 19.59 -19.39 -29.07
N PHE C 82 19.23 -19.13 -30.31
CA PHE C 82 17.88 -19.49 -30.79
C PHE C 82 17.95 -20.65 -31.74
N ARG C 83 17.47 -21.82 -31.30
CA ARG C 83 17.46 -23.07 -32.11
C ARG C 83 18.81 -23.40 -32.80
N TRP C 84 19.79 -23.54 -31.92
CA TRP C 84 21.20 -23.61 -32.26
C TRP C 84 21.71 -25.03 -32.33
N VAL C 85 22.47 -25.33 -33.37
CA VAL C 85 23.16 -26.62 -33.51
C VAL C 85 24.66 -26.34 -33.44
N ALA C 86 25.36 -27.17 -32.68
CA ALA C 86 26.78 -27.04 -32.46
C ALA C 86 27.57 -27.22 -33.78
N ASN C 89 31.87 -31.22 -34.29
CA ASN C 89 32.06 -32.41 -33.47
C ASN C 89 32.10 -32.13 -31.92
N VAL C 90 31.24 -31.26 -31.38
CA VAL C 90 31.23 -31.08 -29.93
C VAL C 90 30.06 -31.71 -29.23
N GLN C 91 30.31 -32.16 -28.01
CA GLN C 91 29.32 -32.87 -27.26
C GLN C 91 29.74 -32.96 -25.83
N GLY C 92 28.79 -33.20 -24.94
CA GLY C 92 29.04 -33.24 -23.53
C GLY C 92 28.23 -32.20 -22.76
N ALA C 93 28.46 -32.18 -21.44
CA ALA C 93 27.77 -31.29 -20.54
C ALA C 93 28.04 -29.81 -20.84
N ILE C 94 26.97 -29.00 -20.75
CA ILE C 94 27.12 -27.54 -20.87
C ILE C 94 27.45 -26.91 -19.52
N THR C 95 28.54 -26.17 -19.53
CA THR C 95 28.97 -25.33 -18.42
C THR C 95 28.89 -23.89 -18.86
N LEU C 96 28.15 -23.10 -18.09
CA LEU C 96 28.01 -21.68 -18.34
C LEU C 96 29.05 -20.93 -17.48
N ILE C 97 29.69 -19.93 -18.07
CA ILE C 97 30.75 -19.19 -17.38
C ILE C 97 30.67 -17.71 -17.72
N TYR C 98 30.94 -16.89 -16.70
CA TYR C 98 31.07 -15.44 -16.87
C TYR C 98 32.44 -15.16 -17.54
N ASN C 99 32.44 -14.28 -18.56
CA ASN C 99 33.65 -13.98 -19.29
C ASN C 99 34.48 -12.90 -18.56
N ASP C 100 35.60 -13.36 -17.97
CA ASP C 100 36.61 -12.50 -17.31
C ASP C 100 38.01 -13.10 -17.49
N VAL C 101 39.04 -12.40 -16.97
CA VAL C 101 40.44 -12.86 -17.08
C VAL C 101 40.70 -13.78 -15.91
N PRO C 102 41.30 -14.97 -16.15
CA PRO C 102 41.67 -15.91 -15.05
C PRO C 102 42.39 -15.22 -13.87
N GLY C 103 42.09 -15.59 -12.64
CA GLY C 103 42.65 -14.93 -11.46
C GLY C 103 41.94 -13.67 -10.95
N THR C 104 41.07 -13.09 -11.80
CA THR C 104 40.50 -11.79 -11.56
C THR C 104 39.01 -11.83 -11.25
N TYR C 105 38.47 -13.03 -10.95
CA TYR C 105 37.01 -13.18 -10.72
C TYR C 105 36.60 -12.81 -9.29
N GLY C 106 37.59 -12.61 -8.44
CA GLY C 106 37.37 -12.29 -7.04
C GLY C 106 36.53 -11.05 -6.75
N ASN C 107 36.70 -10.03 -7.59
CA ASN C 107 36.01 -8.72 -7.42
C ASN C 107 34.69 -8.61 -8.24
N ASN C 108 34.19 -9.76 -8.69
CA ASN C 108 32.98 -9.78 -9.55
C ASN C 108 31.72 -9.90 -8.69
N SER C 109 30.64 -9.31 -9.21
CA SER C 109 29.39 -9.31 -8.50
C SER C 109 28.18 -9.49 -9.46
N GLY C 110 27.10 -9.94 -8.86
CA GLY C 110 25.90 -10.25 -9.59
C GLY C 110 25.91 -11.64 -10.22
N SER C 111 24.83 -11.91 -10.97
CA SER C 111 24.65 -13.18 -11.66
C SER C 111 23.69 -13.02 -12.84
N PHE C 112 23.68 -14.01 -13.70
CA PHE C 112 22.70 -14.04 -14.83
C PHE C 112 21.79 -15.23 -14.60
N SER C 113 20.48 -14.98 -14.78
CA SER C 113 19.45 -16.03 -14.81
C SER C 113 19.44 -16.67 -16.21
N VAL C 114 19.53 -18.00 -16.27
CA VAL C 114 19.64 -18.68 -17.57
C VAL C 114 18.69 -19.86 -17.66
N ASN C 115 18.01 -19.95 -18.80
CA ASN C 115 17.24 -21.11 -19.17
C ASN C 115 17.92 -21.81 -20.35
N ILE C 116 18.04 -23.13 -20.29
CA ILE C 116 18.40 -23.90 -21.45
C ILE C 116 17.37 -24.98 -21.69
N GLY C 117 16.95 -25.09 -22.95
CA GLY C 117 16.07 -26.19 -23.40
C GLY C 117 16.52 -26.84 -24.68
N LYS C 118 16.14 -28.11 -24.86
CA LYS C 118 16.31 -28.81 -26.12
C LYS C 118 15.03 -28.60 -26.96
N ASP C 119 15.24 -28.27 -28.23
CA ASP C 119 14.18 -28.00 -29.16
C ASP C 119 13.85 -29.25 -29.99
N GLN C 120 12.78 -29.15 -30.76
CA GLN C 120 12.43 -30.19 -31.73
C GLN C 120 13.56 -30.47 -32.70
N SER C 121 13.69 -31.74 -33.08
CA SER C 121 14.65 -32.17 -34.08
C SER C 121 14.24 -33.51 -34.67
N ALA D 1 7.39 -18.81 -37.04
CA ALA D 1 8.62 -18.19 -36.42
C ALA D 1 8.94 -16.95 -37.23
N TRP D 2 9.63 -15.98 -36.59
CA TRP D 2 9.93 -14.69 -37.18
C TRP D 2 11.32 -14.24 -36.76
N LYS D 3 12.04 -13.64 -37.70
CA LYS D 3 13.34 -13.04 -37.45
C LYS D 3 13.41 -11.70 -38.11
N GLY D 4 13.87 -10.69 -37.37
CA GLY D 4 14.03 -9.38 -37.94
C GLY D 4 14.72 -8.38 -37.03
N GLU D 5 14.83 -7.16 -37.54
CA GLU D 5 15.54 -6.07 -36.87
C GLU D 5 14.57 -5.03 -36.36
N VAL D 6 14.77 -4.62 -35.11
CA VAL D 6 13.99 -3.56 -34.47
C VAL D 6 14.87 -2.31 -34.31
N LEU D 7 14.58 -1.28 -35.13
CA LEU D 7 15.30 -0.01 -35.09
C LEU D 7 14.89 0.79 -33.87
N ALA D 8 15.88 1.36 -33.19
CA ALA D 8 15.66 2.12 -31.98
C ALA D 8 14.95 3.42 -32.28
N ASN D 9 15.06 3.93 -33.51
CA ASN D 9 14.35 5.16 -33.88
C ASN D 9 12.98 4.96 -34.48
N ASN D 10 12.53 3.71 -34.52
CA ASN D 10 11.18 3.36 -35.06
C ASN D 10 10.12 3.46 -33.98
N GLU D 11 9.47 4.62 -33.90
CA GLU D 11 8.58 4.90 -32.79
C GLU D 11 7.32 4.06 -32.89
N ALA D 12 6.88 3.77 -34.12
CA ALA D 12 5.72 2.88 -34.42
C ALA D 12 5.94 1.43 -33.93
N GLY D 13 7.19 1.02 -33.94
CA GLY D 13 7.55 -0.35 -33.61
C GLY D 13 7.53 -1.24 -34.83
N GLN D 14 8.17 -2.40 -34.71
CA GLN D 14 8.31 -3.35 -35.76
C GLN D 14 7.23 -4.44 -35.60
N VAL D 15 6.27 -4.47 -36.52
CA VAL D 15 5.29 -5.58 -36.63
C VAL D 15 6.05 -6.89 -36.97
N THR D 16 5.57 -7.99 -36.39
CA THR D 16 6.12 -9.29 -36.67
C THR D 16 4.99 -10.09 -37.34
N SER D 17 5.30 -11.32 -37.75
CA SER D 17 4.36 -12.18 -38.40
C SER D 17 3.68 -13.06 -37.36
N ILE D 18 4.07 -12.89 -36.11
CA ILE D 18 3.52 -13.72 -35.00
C ILE D 18 2.18 -13.15 -34.50
N ILE D 19 1.13 -13.98 -34.56
CA ILE D 19 -0.10 -13.71 -33.86
C ILE D 19 -0.09 -14.59 -32.64
N TYR D 20 -0.04 -13.97 -31.48
CA TYR D 20 -0.09 -14.71 -30.23
C TYR D 20 -1.56 -15.11 -30.04
N ASN D 21 -1.78 -16.43 -29.98
CA ASN D 21 -3.12 -16.99 -29.74
C ASN D 21 -3.23 -17.58 -28.34
N PRO D 22 -4.44 -17.60 -27.78
CA PRO D 22 -4.60 -18.20 -26.46
C PRO D 22 -3.92 -19.58 -26.36
N GLY D 23 -3.09 -19.73 -25.34
CA GLY D 23 -2.42 -20.98 -25.08
C GLY D 23 -1.05 -21.12 -25.71
N ASP D 24 -0.67 -20.22 -26.58
CA ASP D 24 0.63 -20.29 -27.23
C ASP D 24 1.76 -20.17 -26.19
N VAL D 25 2.79 -21.00 -26.38
CA VAL D 25 4.09 -20.88 -25.71
C VAL D 25 5.05 -20.26 -26.71
N ILE D 26 5.69 -19.14 -26.34
CA ILE D 26 6.64 -18.53 -27.24
C ILE D 26 8.06 -18.35 -26.61
N THR D 27 9.04 -18.43 -27.49
CA THR D 27 10.42 -18.08 -27.14
C THR D 27 10.93 -16.88 -27.97
N ILE D 28 11.46 -15.85 -27.26
CA ILE D 28 12.03 -14.67 -27.88
C ILE D 28 13.52 -14.58 -27.44
N VAL D 29 14.43 -14.42 -28.40
CA VAL D 29 15.84 -14.07 -28.12
C VAL D 29 16.18 -12.76 -28.84
N ALA D 30 16.59 -11.73 -28.07
CA ALA D 30 16.93 -10.41 -28.62
C ALA D 30 18.44 -10.15 -28.47
N ALA D 31 19.09 -9.60 -29.50
CA ALA D 31 20.52 -9.21 -29.42
C ALA D 31 20.80 -7.86 -30.07
N GLY D 32 21.89 -7.21 -29.66
CA GLY D 32 22.40 -6.06 -30.37
C GLY D 32 22.62 -4.85 -29.47
N TRP D 33 22.94 -3.74 -30.11
CA TRP D 33 23.33 -2.53 -29.42
C TRP D 33 22.54 -1.38 -29.96
N ALA D 34 21.96 -0.61 -29.06
CA ALA D 34 21.17 0.55 -29.45
C ALA D 34 21.42 1.69 -28.44
N SER D 35 21.06 2.90 -28.86
CA SER D 35 21.05 4.08 -28.01
C SER D 35 19.76 4.91 -28.20
N TYR D 36 19.31 5.49 -27.09
CA TYR D 36 18.20 6.44 -27.06
C TYR D 36 18.67 7.89 -27.20
N GLY D 37 19.94 8.12 -27.53
CA GLY D 37 20.45 9.50 -27.69
C GLY D 37 21.94 9.62 -27.45
N PRO D 38 22.44 9.21 -26.27
CA PRO D 38 23.89 9.26 -26.06
C PRO D 38 24.76 8.47 -27.07
N THR D 39 26.03 8.79 -27.07
CA THR D 39 27.03 8.14 -27.92
C THR D 39 27.31 6.67 -27.48
N GLN D 40 27.13 6.38 -26.19
CA GLN D 40 27.21 5.00 -25.75
C GLN D 40 26.05 4.22 -26.37
N LYS D 41 26.14 2.89 -26.30
CA LYS D 41 25.05 1.98 -26.71
C LYS D 41 24.79 0.96 -25.59
N TRP D 42 23.54 0.49 -25.54
CA TRP D 42 23.13 -0.52 -24.58
C TRP D 42 22.50 -1.70 -25.31
N GLY D 43 22.36 -2.79 -24.58
CA GLY D 43 21.72 -4.00 -25.11
C GLY D 43 20.24 -3.93 -24.85
N PRO D 44 19.52 -5.02 -25.18
CA PRO D 44 18.08 -4.99 -25.05
C PRO D 44 17.53 -4.90 -23.61
N GLN D 45 18.40 -4.96 -22.60
CA GLN D 45 17.99 -4.65 -21.23
C GLN D 45 17.95 -3.13 -20.96
N GLY D 46 18.52 -2.34 -21.85
CA GLY D 46 18.48 -0.90 -21.72
C GLY D 46 19.53 -0.37 -20.78
N ASP D 47 19.29 0.85 -20.29
CA ASP D 47 20.25 1.62 -19.44
C ASP D 47 19.66 1.71 -18.01
N ARG D 48 20.24 0.94 -17.10
CA ARG D 48 19.73 0.84 -15.74
C ARG D 48 19.94 2.09 -14.88
N GLU D 49 20.76 3.03 -15.38
CA GLU D 49 21.08 4.28 -14.70
C GLU D 49 20.14 5.41 -15.05
N HIS D 50 19.41 5.27 -16.15
CA HIS D 50 18.69 6.40 -16.71
C HIS D 50 17.32 6.46 -16.07
N PRO D 51 16.87 7.67 -15.68
CA PRO D 51 15.54 7.82 -15.12
C PRO D 51 14.44 7.60 -16.16
N ASP D 52 13.26 7.26 -15.67
CA ASP D 52 12.06 7.13 -16.45
C ASP D 52 11.38 8.49 -16.54
N GLN D 53 11.47 9.11 -17.72
CA GLN D 53 10.82 10.40 -17.97
C GLN D 53 9.52 10.29 -18.77
N GLY D 54 8.83 9.16 -18.67
CA GLY D 54 7.60 8.90 -19.44
C GLY D 54 7.76 7.85 -20.52
N LEU D 55 8.54 6.81 -20.23
CA LEU D 55 8.71 5.67 -21.15
C LEU D 55 7.39 4.97 -21.52
N ILE D 56 7.31 4.51 -22.76
CA ILE D 56 6.15 3.75 -23.19
C ILE D 56 5.93 2.43 -22.43
N CYS D 57 6.99 1.90 -21.79
CA CYS D 57 6.89 0.78 -20.83
C CYS D 57 7.60 1.11 -19.51
N HIS D 58 6.81 1.32 -18.46
CA HIS D 58 7.35 1.70 -17.16
C HIS D 58 8.04 0.56 -16.41
N ASP D 59 7.79 -0.65 -16.86
CA ASP D 59 8.37 -1.85 -16.26
C ASP D 59 9.67 -2.33 -16.88
N ALA D 60 10.29 -1.50 -17.71
CA ALA D 60 11.58 -1.79 -18.34
C ALA D 60 12.37 -0.49 -18.35
N PHE D 61 13.69 -0.59 -18.46
CA PHE D 61 14.52 0.58 -18.55
C PHE D 61 14.40 1.27 -19.91
N CYS D 62 14.87 2.52 -19.96
CA CYS D 62 15.07 3.25 -21.22
C CYS D 62 16.09 2.51 -22.10
N GLY D 63 15.75 2.26 -23.36
CA GLY D 63 16.61 1.47 -24.27
C GLY D 63 16.40 -0.04 -24.28
N ALA D 64 15.45 -0.51 -23.47
CA ALA D 64 15.07 -1.89 -23.44
C ALA D 64 14.13 -2.23 -24.65
N LEU D 65 14.16 -3.51 -25.03
CA LEU D 65 13.16 -4.08 -25.94
C LEU D 65 11.88 -4.40 -25.20
N VAL D 66 10.76 -3.93 -25.75
CA VAL D 66 9.45 -4.21 -25.19
C VAL D 66 8.56 -4.68 -26.34
N MET D 67 7.35 -5.13 -26.00
CA MET D 67 6.36 -5.51 -27.01
C MET D 67 4.93 -5.07 -26.66
N LYS D 68 4.08 -5.07 -27.67
CA LYS D 68 2.61 -5.08 -27.53
C LYS D 68 2.06 -6.36 -28.21
N ILE D 69 1.01 -6.96 -27.65
CA ILE D 69 0.33 -8.12 -28.23
C ILE D 69 -1.12 -7.69 -28.52
N GLY D 70 -1.46 -7.50 -29.78
CA GLY D 70 -2.78 -6.90 -30.10
C GLY D 70 -2.94 -5.54 -29.41
N ASN D 71 -4.07 -5.33 -28.73
CA ASN D 71 -4.34 -4.11 -27.98
C ASN D 71 -3.89 -4.12 -26.52
N SER D 72 -2.96 -5.00 -26.18
CA SER D 72 -2.34 -5.03 -24.85
C SER D 72 -1.55 -3.75 -24.57
N GLY D 73 -1.30 -3.51 -23.28
CA GLY D 73 -0.30 -2.57 -22.84
C GLY D 73 1.09 -3.05 -23.29
N THR D 74 2.10 -2.22 -23.09
CA THR D 74 3.45 -2.65 -23.37
C THR D 74 3.91 -3.71 -22.35
N ILE D 75 4.75 -4.64 -22.81
CA ILE D 75 5.21 -5.76 -22.03
C ILE D 75 6.74 -5.85 -22.18
N PRO D 76 7.48 -5.94 -21.06
CA PRO D 76 8.94 -6.07 -21.25
C PRO D 76 9.37 -7.38 -21.91
N VAL D 77 10.27 -7.26 -22.88
CA VAL D 77 10.95 -8.37 -23.53
C VAL D 77 12.40 -8.49 -23.04
N ASN D 78 13.13 -7.37 -23.04
CA ASN D 78 14.54 -7.35 -22.59
C ASN D 78 15.34 -8.31 -23.50
N THR D 79 16.12 -9.23 -22.93
CA THR D 79 16.96 -10.16 -23.69
C THR D 79 16.11 -11.27 -24.32
N GLY D 80 14.92 -11.46 -23.80
CA GLY D 80 13.95 -12.39 -24.34
C GLY D 80 13.07 -13.08 -23.34
N LEU D 81 12.37 -14.10 -23.81
CA LEU D 81 11.38 -14.84 -23.05
C LEU D 81 11.60 -16.32 -23.33
N PHE D 82 11.58 -17.15 -22.29
CA PHE D 82 11.83 -18.58 -22.47
C PHE D 82 10.55 -19.33 -22.19
N ARG D 83 10.01 -19.97 -23.23
CA ARG D 83 8.80 -20.85 -23.08
C ARG D 83 7.70 -20.14 -22.28
N TRP D 84 7.35 -18.97 -22.80
CA TRP D 84 6.51 -18.00 -22.12
C TRP D 84 5.07 -18.06 -22.61
N VAL D 85 4.14 -18.07 -21.65
CA VAL D 85 2.72 -17.98 -21.93
C VAL D 85 2.24 -16.61 -21.47
N ALA D 86 1.45 -15.94 -22.31
CA ALA D 86 0.99 -14.58 -22.07
C ALA D 86 0.09 -14.44 -20.87
N PRO D 87 0.05 -13.20 -20.31
CA PRO D 87 -0.72 -12.90 -19.12
C PRO D 87 -2.18 -12.93 -19.45
N ASN D 89 -5.81 -12.93 -20.73
CA ASN D 89 -6.64 -12.54 -21.91
C ASN D 89 -5.88 -11.61 -22.86
N VAL D 90 -4.70 -12.02 -23.24
CA VAL D 90 -3.83 -11.22 -24.06
C VAL D 90 -3.68 -12.00 -25.35
N GLN D 91 -3.91 -11.34 -26.49
CA GLN D 91 -3.78 -12.00 -27.81
C GLN D 91 -3.73 -11.05 -28.97
N GLY D 92 -3.24 -11.54 -30.12
CA GLY D 92 -3.07 -10.73 -31.33
C GLY D 92 -1.63 -10.65 -31.84
N ALA D 93 -1.44 -9.81 -32.85
CA ALA D 93 -0.13 -9.57 -33.46
C ALA D 93 0.88 -9.01 -32.42
N ILE D 94 2.10 -9.52 -32.49
CA ILE D 94 3.21 -9.01 -31.71
C ILE D 94 3.89 -7.92 -32.51
N THR D 95 3.92 -6.75 -31.88
CA THR D 95 4.78 -5.66 -32.31
C THR D 95 5.89 -5.46 -31.27
N LEU D 96 7.12 -5.41 -31.76
CA LEU D 96 8.29 -5.13 -30.95
C LEU D 96 8.63 -3.63 -30.99
N ILE D 97 9.04 -3.09 -29.86
CA ILE D 97 9.32 -1.63 -29.79
C ILE D 97 10.48 -1.33 -28.87
N TYR D 98 11.27 -0.36 -29.29
CA TYR D 98 12.24 0.32 -28.40
C TYR D 98 11.53 1.23 -27.38
N ASN D 99 11.97 1.07 -26.13
CA ASN D 99 11.40 1.80 -25.00
C ASN D 99 12.13 3.12 -24.89
N ASP D 100 11.44 4.17 -25.37
CA ASP D 100 11.86 5.52 -25.17
C ASP D 100 10.61 6.38 -24.86
N VAL D 101 10.83 7.65 -24.57
CA VAL D 101 9.75 8.59 -24.28
C VAL D 101 9.06 8.97 -25.60
N PRO D 102 7.72 8.95 -25.62
CA PRO D 102 7.05 9.41 -26.84
C PRO D 102 7.58 10.75 -27.35
N GLY D 103 7.74 10.88 -28.67
CA GLY D 103 8.27 12.13 -29.25
C GLY D 103 9.78 12.31 -29.26
N THR D 104 10.52 11.43 -28.61
CA THR D 104 11.98 11.54 -28.47
C THR D 104 12.78 10.46 -29.21
N TYR D 105 12.13 9.77 -30.14
CA TYR D 105 12.76 8.69 -30.91
C TYR D 105 13.69 9.15 -32.08
N GLY D 106 13.59 10.41 -32.51
CA GLY D 106 14.37 10.91 -33.67
C GLY D 106 15.90 10.88 -33.62
N ASN D 107 16.44 10.87 -32.41
CA ASN D 107 17.86 10.82 -32.12
C ASN D 107 18.31 9.42 -31.63
N ASN D 108 17.48 8.42 -31.84
CA ASN D 108 17.88 7.07 -31.49
C ASN D 108 18.77 6.50 -32.57
N SER D 109 19.58 5.52 -32.19
CA SER D 109 20.39 4.83 -33.15
C SER D 109 20.57 3.36 -32.81
N GLY D 110 20.97 2.61 -33.83
CA GLY D 110 21.19 1.20 -33.66
C GLY D 110 19.90 0.42 -33.68
N SER D 111 20.01 -0.85 -33.32
CA SER D 111 18.88 -1.81 -33.46
C SER D 111 19.12 -3.11 -32.73
N PHE D 112 18.03 -3.79 -32.37
CA PHE D 112 18.14 -5.18 -31.95
C PHE D 112 17.69 -6.17 -33.02
N SER D 113 18.43 -7.27 -33.09
CA SER D 113 18.12 -8.42 -33.92
C SER D 113 17.33 -9.39 -33.03
N VAL D 114 16.17 -9.84 -33.52
CA VAL D 114 15.28 -10.61 -32.68
C VAL D 114 14.75 -11.87 -33.39
N ASN D 115 14.73 -12.98 -32.66
CA ASN D 115 14.09 -14.21 -33.15
C ASN D 115 12.88 -14.50 -32.31
N ILE D 116 11.79 -14.91 -32.97
CA ILE D 116 10.57 -15.30 -32.24
C ILE D 116 10.10 -16.64 -32.77
N GLY D 117 9.90 -17.59 -31.85
CA GLY D 117 9.40 -18.92 -32.21
C GLY D 117 8.22 -19.29 -31.35
N LYS D 118 7.28 -20.05 -31.92
CA LYS D 118 6.29 -20.77 -31.11
C LYS D 118 6.89 -22.10 -30.69
N ASP D 119 6.80 -22.40 -29.41
CA ASP D 119 7.20 -23.65 -28.83
C ASP D 119 6.06 -24.68 -28.83
N GLN D 120 6.38 -25.92 -28.46
CA GLN D 120 5.32 -26.91 -28.41
CA GLN D 120 5.37 -26.97 -28.32
C GLN D 120 4.44 -26.60 -27.21
N SER D 121 3.17 -26.99 -27.31
CA SER D 121 2.17 -26.72 -26.29
C SER D 121 1.04 -27.73 -26.44
N ALA E 1 -0.24 -28.82 4.97
CA ALA E 1 -0.57 -30.23 4.61
C ALA E 1 -1.83 -30.68 5.35
N TRP E 2 -2.48 -31.69 4.82
CA TRP E 2 -3.70 -32.23 5.39
C TRP E 2 -3.57 -33.75 5.31
N LYS E 3 -4.06 -34.40 6.37
CA LYS E 3 -4.12 -35.86 6.41
C LYS E 3 -5.47 -36.28 6.97
N GLY E 4 -6.08 -37.30 6.37
CA GLY E 4 -7.33 -37.80 6.91
C GLY E 4 -7.88 -38.99 6.14
N GLU E 5 -8.91 -39.62 6.73
CA GLU E 5 -9.60 -40.73 6.10
C GLU E 5 -10.74 -40.22 5.20
N VAL E 6 -10.92 -40.91 4.08
CA VAL E 6 -12.03 -40.68 3.19
C VAL E 6 -12.88 -41.96 3.23
N LEU E 7 -14.06 -41.89 3.87
CA LEU E 7 -14.91 -43.08 4.05
C LEU E 7 -15.68 -43.44 2.77
N ALA E 8 -15.69 -44.74 2.46
CA ALA E 8 -16.37 -45.25 1.25
C ALA E 8 -17.87 -44.97 1.22
N ASN E 9 -18.52 -44.98 2.39
CA ASN E 9 -19.98 -44.68 2.48
C ASN E 9 -20.33 -43.21 2.53
N ASN E 10 -19.32 -42.34 2.42
CA ASN E 10 -19.48 -40.89 2.52
C ASN E 10 -19.78 -40.27 1.19
N GLU E 11 -21.07 -40.29 0.85
CA GLU E 11 -21.51 -39.78 -0.43
C GLU E 11 -21.21 -38.32 -0.66
N ALA E 12 -21.33 -37.51 0.38
CA ALA E 12 -21.04 -36.07 0.26
C ALA E 12 -19.52 -35.78 0.05
N GLY E 13 -18.64 -36.71 0.44
CA GLY E 13 -17.20 -36.54 0.27
C GLY E 13 -16.56 -35.93 1.51
N GLN E 14 -15.24 -35.94 1.55
CA GLN E 14 -14.47 -35.49 2.73
C GLN E 14 -13.81 -34.18 2.39
N VAL E 15 -14.29 -33.12 3.02
CA VAL E 15 -13.68 -31.82 2.82
C VAL E 15 -12.36 -31.82 3.54
N THR E 16 -11.35 -31.31 2.86
CA THR E 16 -10.01 -31.18 3.43
C THR E 16 -9.77 -29.72 3.82
N SER E 17 -8.65 -29.49 4.49
CA SER E 17 -8.21 -28.10 4.82
C SER E 17 -7.45 -27.44 3.67
N ILE E 18 -7.22 -28.14 2.57
CA ILE E 18 -6.45 -27.60 1.44
C ILE E 18 -7.34 -26.74 0.53
N ILE E 19 -6.99 -25.47 0.34
CA ILE E 19 -7.52 -24.64 -0.74
C ILE E 19 -6.51 -24.54 -1.89
N TYR E 20 -6.84 -25.15 -3.04
CA TYR E 20 -6.00 -25.04 -4.24
C TYR E 20 -6.12 -23.64 -4.85
N ASN E 21 -4.98 -22.96 -4.98
CA ASN E 21 -4.91 -21.60 -5.54
C ASN E 21 -4.19 -21.62 -6.86
N PRO E 22 -4.47 -20.62 -7.72
CA PRO E 22 -3.81 -20.74 -9.00
C PRO E 22 -2.30 -20.79 -8.89
N GLY E 23 -1.70 -21.66 -9.66
CA GLY E 23 -0.26 -21.76 -9.71
C GLY E 23 0.25 -22.76 -8.69
N ASP E 24 -0.59 -23.18 -7.75
CA ASP E 24 -0.14 -24.17 -6.74
C ASP E 24 0.33 -25.47 -7.44
N VAL E 25 1.34 -26.10 -6.84
CA VAL E 25 1.77 -27.48 -7.19
C VAL E 25 1.46 -28.31 -5.95
N ILE E 26 0.79 -29.47 -6.16
CA ILE E 26 0.33 -30.31 -5.04
C ILE E 26 0.77 -31.76 -5.24
N THR E 27 0.93 -32.47 -4.13
CA THR E 27 1.20 -33.91 -4.14
C THR E 27 0.19 -34.56 -3.17
N ILE E 28 -0.46 -35.61 -3.66
CA ILE E 28 -1.38 -36.40 -2.90
C ILE E 28 -0.88 -37.86 -2.91
N VAL E 29 -0.94 -38.55 -1.77
CA VAL E 29 -0.73 -40.01 -1.68
C VAL E 29 -1.93 -40.58 -0.93
N ALA E 30 -2.58 -41.58 -1.55
CA ALA E 30 -3.69 -42.31 -0.93
C ALA E 30 -3.32 -43.79 -0.73
N ALA E 31 -3.79 -44.38 0.38
CA ALA E 31 -3.57 -45.79 0.72
C ALA E 31 -4.82 -46.35 1.38
N GLY E 32 -5.02 -47.66 1.24
CA GLY E 32 -6.00 -48.39 2.04
C GLY E 32 -6.87 -49.33 1.23
N TRP E 33 -7.91 -49.83 1.89
CA TRP E 33 -8.79 -50.86 1.36
C TRP E 33 -10.25 -50.50 1.65
N ALA E 34 -11.07 -50.53 0.60
CA ALA E 34 -12.49 -50.20 0.70
C ALA E 34 -13.34 -50.96 -0.31
N SER E 35 -14.63 -51.06 -0.02
CA SER E 35 -15.61 -51.69 -0.94
C SER E 35 -16.83 -50.78 -1.23
N TYR E 36 -17.29 -50.89 -2.47
CA TYR E 36 -18.52 -50.30 -2.98
C TYR E 36 -19.75 -51.25 -2.78
N GLY E 37 -19.53 -52.40 -2.18
CA GLY E 37 -20.63 -53.37 -1.99
C GLY E 37 -20.17 -54.77 -1.70
N PRO E 38 -19.33 -55.34 -2.59
CA PRO E 38 -18.86 -56.70 -2.41
C PRO E 38 -18.05 -56.96 -1.16
N THR E 39 -18.01 -58.22 -0.76
CA THR E 39 -17.21 -58.64 0.38
C THR E 39 -15.71 -58.49 0.06
N GLN E 40 -15.35 -58.37 -1.22
CA GLN E 40 -13.95 -58.06 -1.57
C GLN E 40 -13.66 -56.58 -1.29
N LYS E 41 -12.38 -56.23 -1.25
CA LYS E 41 -11.96 -54.83 -1.09
CA LYS E 41 -11.98 -54.82 -1.11
C LYS E 41 -10.91 -54.50 -2.15
N TRP E 42 -10.84 -53.22 -2.53
CA TRP E 42 -9.92 -52.69 -3.57
C TRP E 42 -9.18 -51.46 -3.01
N GLY E 43 -8.04 -51.15 -3.64
CA GLY E 43 -7.25 -49.97 -3.32
C GLY E 43 -7.81 -48.72 -3.98
N PRO E 44 -7.13 -47.57 -3.80
CA PRO E 44 -7.57 -46.27 -4.32
C PRO E 44 -7.68 -46.18 -5.84
N GLN E 45 -7.18 -47.18 -6.58
CA GLN E 45 -7.46 -47.32 -8.02
C GLN E 45 -8.82 -48.02 -8.31
N GLY E 46 -9.48 -48.53 -7.28
CA GLY E 46 -10.74 -49.24 -7.47
C GLY E 46 -10.71 -50.58 -8.24
N ASP E 47 -11.87 -50.94 -8.78
CA ASP E 47 -12.10 -52.25 -9.46
C ASP E 47 -12.07 -52.14 -10.99
N ARG E 48 -10.93 -52.48 -11.59
CA ARG E 48 -10.76 -52.39 -13.05
C ARG E 48 -11.71 -53.34 -13.83
N GLU E 49 -12.29 -54.33 -13.17
CA GLU E 49 -13.18 -55.27 -13.84
C GLU E 49 -14.67 -54.88 -13.79
N HIS E 50 -15.02 -53.83 -13.02
CA HIS E 50 -16.44 -53.44 -12.86
C HIS E 50 -16.84 -52.41 -13.91
N PRO E 51 -18.10 -52.48 -14.43
CA PRO E 51 -18.53 -51.44 -15.35
C PRO E 51 -18.95 -50.17 -14.62
N ASP E 52 -19.07 -49.09 -15.40
CA ASP E 52 -19.59 -47.79 -14.96
C ASP E 52 -21.12 -47.72 -15.15
N GLN E 53 -21.82 -47.77 -14.04
CA GLN E 53 -23.27 -47.78 -14.01
C GLN E 53 -23.79 -46.39 -13.54
N GLY E 54 -23.01 -45.34 -13.82
CA GLY E 54 -23.41 -43.98 -13.44
C GLY E 54 -22.50 -43.40 -12.34
N LEU E 55 -21.19 -43.63 -12.46
CA LEU E 55 -20.21 -43.21 -11.45
C LEU E 55 -20.09 -41.69 -11.41
N ILE E 56 -19.76 -41.14 -10.24
CA ILE E 56 -19.58 -39.67 -10.11
C ILE E 56 -18.40 -39.17 -10.93
N CYS E 57 -17.45 -40.09 -11.23
CA CYS E 57 -16.35 -39.82 -12.13
C CYS E 57 -16.19 -40.94 -13.19
N HIS E 58 -16.36 -40.58 -14.46
CA HIS E 58 -16.29 -41.55 -15.54
C HIS E 58 -14.85 -41.90 -15.98
N ASP E 59 -13.88 -41.12 -15.52
CA ASP E 59 -12.45 -41.33 -15.81
C ASP E 59 -11.66 -42.09 -14.72
N ALA E 60 -12.35 -42.57 -13.69
CA ALA E 60 -11.79 -43.50 -12.70
C ALA E 60 -12.71 -44.72 -12.59
N PHE E 61 -12.16 -45.83 -12.08
CA PHE E 61 -12.97 -47.04 -11.78
C PHE E 61 -13.90 -46.83 -10.59
N CYS E 62 -14.90 -47.71 -10.48
CA CYS E 62 -15.74 -47.80 -9.31
C CYS E 62 -14.88 -48.28 -8.12
N GLY E 63 -14.98 -47.56 -7.02
CA GLY E 63 -14.12 -47.81 -5.86
C GLY E 63 -12.78 -47.06 -5.82
N ALA E 64 -12.51 -46.23 -6.81
CA ALA E 64 -11.30 -45.40 -6.85
C ALA E 64 -11.50 -44.10 -6.04
N LEU E 65 -10.39 -43.46 -5.65
CA LEU E 65 -10.43 -42.12 -5.07
C LEU E 65 -10.46 -40.99 -6.16
N VAL E 66 -11.38 -40.08 -6.00
CA VAL E 66 -11.45 -38.93 -6.92
C VAL E 66 -11.51 -37.65 -6.07
N MET E 67 -11.40 -36.52 -6.73
CA MET E 67 -11.62 -35.25 -5.99
C MET E 67 -12.39 -34.20 -6.76
N LYS E 68 -12.84 -33.20 -6.01
CA LYS E 68 -13.33 -31.95 -6.54
C LYS E 68 -12.53 -30.81 -5.92
N ILE E 69 -12.27 -29.80 -6.73
CA ILE E 69 -11.61 -28.53 -6.33
C ILE E 69 -12.61 -27.38 -6.57
N GLY E 70 -13.13 -26.81 -5.48
CA GLY E 70 -14.15 -25.76 -5.57
C GLY E 70 -15.30 -26.32 -6.39
N ASN E 71 -15.67 -25.65 -7.49
CA ASN E 71 -16.80 -26.13 -8.32
C ASN E 71 -16.35 -26.75 -9.65
N SER E 72 -15.29 -27.57 -9.56
CA SER E 72 -14.88 -28.42 -10.66
C SER E 72 -15.79 -29.65 -10.70
N GLY E 73 -15.69 -30.39 -11.80
CA GLY E 73 -16.14 -31.76 -11.81
C GLY E 73 -15.21 -32.64 -10.99
N THR E 74 -15.59 -33.90 -10.86
CA THR E 74 -14.72 -34.91 -10.29
C THR E 74 -13.42 -35.03 -11.12
N ILE E 75 -12.30 -35.20 -10.43
CA ILE E 75 -11.00 -35.36 -11.00
C ILE E 75 -10.42 -36.61 -10.33
N PRO E 76 -9.92 -37.55 -11.12
CA PRO E 76 -9.33 -38.77 -10.58
C PRO E 76 -8.06 -38.51 -9.76
N VAL E 77 -7.96 -39.18 -8.63
CA VAL E 77 -6.77 -39.07 -7.84
C VAL E 77 -6.08 -40.42 -7.88
N ASN E 78 -6.87 -41.49 -7.71
CA ASN E 78 -6.35 -42.86 -7.62
C ASN E 78 -5.35 -42.98 -6.45
N THR E 79 -4.16 -43.56 -6.68
CA THR E 79 -3.14 -43.71 -5.64
C THR E 79 -2.51 -42.37 -5.25
N GLY E 80 -2.69 -41.38 -6.11
CA GLY E 80 -2.25 -40.04 -5.86
C GLY E 80 -1.81 -39.24 -7.06
N LEU E 81 -1.27 -38.06 -6.78
CA LEU E 81 -0.79 -37.13 -7.81
C LEU E 81 0.61 -36.62 -7.39
N PHE E 82 1.56 -36.59 -8.33
CA PHE E 82 2.91 -36.16 -8.03
C PHE E 82 3.24 -34.82 -8.66
N ARG E 83 3.42 -33.81 -7.81
CA ARG E 83 3.78 -32.46 -8.24
C ARG E 83 2.84 -31.94 -9.35
N TRP E 84 1.55 -31.96 -9.00
CA TRP E 84 0.43 -31.75 -9.93
C TRP E 84 -0.07 -30.32 -9.91
N VAL E 85 -0.31 -29.76 -11.09
CA VAL E 85 -0.89 -28.41 -11.26
C VAL E 85 -2.24 -28.59 -11.98
N ALA E 86 -3.27 -27.92 -11.49
CA ALA E 86 -4.62 -28.08 -12.03
C ALA E 86 -4.72 -27.44 -13.42
N PRO E 87 -5.80 -27.77 -14.16
CA PRO E 87 -6.12 -27.03 -15.39
C PRO E 87 -6.50 -25.57 -15.10
N ASN E 88 -6.29 -24.70 -16.09
CA ASN E 88 -6.65 -23.26 -15.97
C ASN E 88 -7.95 -23.03 -15.26
N ASN E 89 -7.95 -22.03 -14.40
CA ASN E 89 -9.17 -21.61 -13.72
C ASN E 89 -9.85 -22.72 -12.94
N VAL E 90 -9.09 -23.68 -12.41
CA VAL E 90 -9.62 -24.59 -11.39
C VAL E 90 -9.02 -24.12 -10.07
N GLN E 91 -9.85 -23.94 -9.04
CA GLN E 91 -9.36 -23.47 -7.76
C GLN E 91 -10.40 -23.59 -6.64
N GLY E 92 -9.94 -23.66 -5.40
CA GLY E 92 -10.82 -23.70 -4.23
C GLY E 92 -10.59 -24.88 -3.32
N ALA E 93 -11.49 -25.07 -2.36
CA ALA E 93 -11.30 -26.15 -1.40
C ALA E 93 -11.24 -27.50 -2.12
N ILE E 94 -10.28 -28.35 -1.74
CA ILE E 94 -10.25 -29.74 -2.20
C ILE E 94 -11.15 -30.64 -1.37
N THR E 95 -12.11 -31.31 -2.03
CA THR E 95 -12.95 -32.34 -1.37
C THR E 95 -12.63 -33.72 -1.96
N LEU E 96 -12.39 -34.71 -1.10
CA LEU E 96 -12.05 -36.09 -1.57
C LEU E 96 -13.31 -36.97 -1.53
N ILE E 97 -13.51 -37.79 -2.55
CA ILE E 97 -14.70 -38.62 -2.65
C ILE E 97 -14.41 -40.02 -3.23
N TYR E 98 -15.05 -41.00 -2.64
CA TYR E 98 -15.04 -42.39 -3.12
C TYR E 98 -15.90 -42.45 -4.42
N ASN E 99 -15.38 -43.03 -5.49
CA ASN E 99 -16.11 -43.17 -6.75
C ASN E 99 -17.13 -44.33 -6.68
N ASP E 100 -18.41 -43.96 -6.69
CA ASP E 100 -19.54 -44.92 -6.72
C ASP E 100 -20.76 -44.22 -7.33
N VAL E 101 -21.84 -44.96 -7.53
CA VAL E 101 -23.02 -44.45 -8.23
C VAL E 101 -23.87 -43.64 -7.26
N PRO E 102 -24.31 -42.43 -7.63
CA PRO E 102 -25.10 -41.77 -6.60
C PRO E 102 -26.33 -42.59 -6.16
N GLY E 103 -26.55 -42.69 -4.85
CA GLY E 103 -27.71 -43.37 -4.29
C GLY E 103 -27.36 -44.71 -3.67
N THR E 104 -26.17 -45.19 -4.02
CA THR E 104 -25.78 -46.56 -3.76
C THR E 104 -24.63 -46.63 -2.77
N TYR E 105 -24.43 -45.58 -1.96
CA TYR E 105 -23.26 -45.51 -1.08
C TYR E 105 -23.48 -46.23 0.22
N GLY E 106 -24.77 -46.45 0.57
CA GLY E 106 -25.18 -46.98 1.85
C GLY E 106 -24.53 -48.30 2.24
N ASN E 107 -24.26 -49.12 1.23
CA ASN E 107 -23.62 -50.43 1.43
C ASN E 107 -22.10 -50.39 1.26
N ASN E 108 -21.52 -49.20 1.22
CA ASN E 108 -20.06 -49.10 1.08
C ASN E 108 -19.35 -49.32 2.40
N SER E 109 -18.09 -49.75 2.33
CA SER E 109 -17.29 -49.96 3.51
C SER E 109 -15.81 -49.71 3.30
N GLY E 110 -15.12 -49.53 4.41
CA GLY E 110 -13.72 -49.16 4.45
C GLY E 110 -13.51 -47.69 4.15
N SER E 111 -12.23 -47.36 3.96
CA SER E 111 -11.82 -45.99 3.63
C SER E 111 -10.41 -45.95 3.05
N PHE E 112 -10.01 -44.77 2.58
CA PHE E 112 -8.64 -44.49 2.20
C PHE E 112 -8.06 -43.41 3.13
N SER E 113 -6.81 -43.68 3.53
CA SER E 113 -5.96 -42.70 4.22
C SER E 113 -5.23 -41.88 3.15
N VAL E 114 -5.36 -40.57 3.25
CA VAL E 114 -4.88 -39.66 2.24
C VAL E 114 -4.02 -38.54 2.92
N ASN E 115 -2.88 -38.24 2.30
CA ASN E 115 -2.06 -37.07 2.61
C ASN E 115 -2.10 -36.13 1.42
N ILE E 116 -2.23 -34.83 1.69
CA ILE E 116 -2.05 -33.82 0.64
C ILE E 116 -1.09 -32.76 1.18
N GLY E 117 -0.16 -32.35 0.35
CA GLY E 117 0.67 -31.20 0.63
C GLY E 117 0.89 -30.32 -0.57
N LYS E 118 1.35 -29.09 -0.33
CA LYS E 118 1.73 -28.21 -1.43
C LYS E 118 3.25 -28.26 -1.61
N ASP E 119 3.69 -28.28 -2.86
CA ASP E 119 5.10 -28.33 -3.23
C ASP E 119 5.67 -26.95 -3.48
N GLN E 120 7.01 -26.87 -3.51
CA GLN E 120 7.75 -25.65 -3.89
C GLN E 120 7.28 -25.12 -5.23
N SER E 121 7.31 -23.79 -5.38
CA SER E 121 7.05 -23.16 -6.67
C SER E 121 8.19 -22.28 -7.12
N ALA F 1 14.03 -35.18 -9.03
CA ALA F 1 12.97 -36.19 -9.15
C ALA F 1 13.33 -37.31 -10.17
N TRP F 2 12.73 -38.47 -9.98
CA TRP F 2 12.89 -39.60 -10.92
C TRP F 2 11.49 -40.05 -11.32
N LYS F 3 11.35 -40.44 -12.59
CA LYS F 3 10.09 -41.04 -13.10
C LYS F 3 10.42 -42.25 -13.97
N GLY F 4 9.71 -43.35 -13.75
CA GLY F 4 9.98 -44.56 -14.50
C GLY F 4 9.02 -45.68 -14.18
N GLU F 5 9.24 -46.82 -14.84
CA GLU F 5 8.45 -48.05 -14.67
C GLU F 5 9.26 -49.07 -13.91
N VAL F 6 8.54 -49.86 -13.13
CA VAL F 6 9.11 -51.04 -12.52
C VAL F 6 8.32 -52.20 -13.11
N LEU F 7 9.01 -53.01 -13.91
CA LEU F 7 8.43 -54.24 -14.51
C LEU F 7 8.23 -55.35 -13.46
N ALA F 8 7.04 -55.95 -13.44
CA ALA F 8 6.70 -57.00 -12.49
C ALA F 8 7.61 -58.20 -12.66
N ASN F 9 8.14 -58.40 -13.85
CA ASN F 9 8.97 -59.60 -14.10
C ASN F 9 10.44 -59.35 -13.91
N ASN F 10 10.80 -58.15 -13.43
CA ASN F 10 12.21 -57.78 -13.23
C ASN F 10 12.64 -58.10 -11.80
N GLU F 11 13.21 -59.29 -11.63
CA GLU F 11 13.56 -59.81 -10.33
C GLU F 11 14.67 -58.97 -9.67
N ALA F 12 15.57 -58.42 -10.49
CA ALA F 12 16.67 -57.57 -10.04
C ALA F 12 16.17 -56.25 -9.47
N GLY F 13 15.07 -55.73 -10.01
CA GLY F 13 14.51 -54.45 -9.62
C GLY F 13 14.99 -53.35 -10.53
N GLN F 14 14.31 -52.21 -10.49
CA GLN F 14 14.66 -51.06 -11.29
C GLN F 14 15.40 -50.09 -10.39
N VAL F 15 16.67 -49.87 -10.70
CA VAL F 15 17.51 -48.97 -9.91
C VAL F 15 17.23 -47.56 -10.34
N THR F 16 16.95 -46.68 -9.39
CA THR F 16 16.59 -45.30 -9.74
C THR F 16 17.82 -44.41 -9.60
N SER F 17 17.68 -43.18 -10.08
CA SER F 17 18.69 -42.14 -9.90
C SER F 17 18.66 -41.49 -8.53
N ILE F 18 17.64 -41.80 -7.70
CA ILE F 18 17.56 -41.17 -6.38
C ILE F 18 18.57 -41.88 -5.45
N ILE F 19 19.52 -41.11 -4.92
CA ILE F 19 20.47 -41.58 -3.89
C ILE F 19 19.96 -41.09 -2.55
N TYR F 20 19.44 -42.05 -1.77
CA TYR F 20 18.94 -41.74 -0.45
C TYR F 20 20.11 -41.52 0.47
N ASN F 21 20.16 -40.32 1.05
CA ASN F 21 21.16 -39.91 2.04
C ASN F 21 20.57 -39.69 3.44
N PRO F 22 21.37 -39.93 4.51
CA PRO F 22 20.76 -39.74 5.81
C PRO F 22 20.12 -38.37 5.99
N GLY F 23 18.96 -38.34 6.61
CA GLY F 23 18.21 -37.09 6.74
C GLY F 23 17.21 -36.77 5.64
N ASP F 24 17.33 -37.42 4.48
CA ASP F 24 16.53 -37.08 3.30
C ASP F 24 15.07 -37.35 3.58
N VAL F 25 14.21 -36.47 3.12
CA VAL F 25 12.76 -36.71 3.09
C VAL F 25 12.35 -36.93 1.63
N ILE F 26 11.62 -38.01 1.37
CA ILE F 26 11.21 -38.35 0.02
C ILE F 26 9.71 -38.60 -0.04
N THR F 27 9.19 -38.34 -1.22
CA THR F 27 7.81 -38.69 -1.54
C THR F 27 7.82 -39.62 -2.76
N ILE F 28 7.05 -40.73 -2.67
CA ILE F 28 6.86 -41.71 -3.76
C ILE F 28 5.37 -41.82 -4.09
N VAL F 29 5.02 -41.65 -5.37
CA VAL F 29 3.70 -42.02 -5.87
C VAL F 29 3.80 -43.16 -6.89
N ALA F 30 3.11 -44.26 -6.62
CA ALA F 30 3.18 -45.40 -7.53
C ALA F 30 1.77 -45.71 -8.07
N ALA F 31 1.71 -46.03 -9.35
CA ALA F 31 0.45 -46.34 -10.02
C ALA F 31 0.60 -47.47 -11.03
N GLY F 32 -0.52 -48.14 -11.31
CA GLY F 32 -0.65 -49.09 -12.39
C GLY F 32 -1.12 -50.46 -11.97
N TRP F 33 -0.97 -51.41 -12.90
CA TRP F 33 -1.54 -52.75 -12.80
C TRP F 33 -0.54 -53.81 -13.17
N ALA F 34 -0.39 -54.82 -12.32
CA ALA F 34 0.57 -55.90 -12.54
C ALA F 34 0.05 -57.21 -12.04
N SER F 35 0.66 -58.30 -12.52
CA SER F 35 0.38 -59.66 -12.06
C SER F 35 1.63 -60.46 -11.72
N TYR F 36 1.53 -61.25 -10.65
CA TYR F 36 2.53 -62.28 -10.24
C TYR F 36 2.29 -63.64 -10.90
N GLY F 37 1.27 -63.72 -11.75
CA GLY F 37 1.03 -64.96 -12.49
C GLY F 37 -0.37 -65.03 -13.09
N PRO F 38 -1.41 -64.81 -12.26
CA PRO F 38 -2.81 -64.90 -12.71
C PRO F 38 -3.21 -63.95 -13.82
N THR F 39 -4.37 -64.22 -14.40
CA THR F 39 -4.92 -63.33 -15.41
C THR F 39 -5.39 -61.98 -14.80
N GLN F 40 -5.84 -62.03 -13.56
CA GLN F 40 -6.18 -60.80 -12.85
C GLN F 40 -4.90 -59.95 -12.64
N LYS F 41 -5.12 -58.66 -12.38
CA LYS F 41 -4.06 -57.71 -12.08
C LYS F 41 -4.43 -56.91 -10.86
N TRP F 42 -3.39 -56.47 -10.15
CA TRP F 42 -3.51 -55.78 -8.90
C TRP F 42 -2.69 -54.51 -8.98
N GLY F 43 -3.08 -53.53 -8.18
CA GLY F 43 -2.32 -52.30 -8.06
C GLY F 43 -1.13 -52.50 -7.13
N PRO F 44 -0.44 -51.39 -6.79
CA PRO F 44 0.79 -51.46 -5.96
C PRO F 44 0.65 -51.91 -4.50
N GLN F 45 -0.56 -52.03 -3.99
CA GLN F 45 -0.78 -52.68 -2.71
C GLN F 45 -0.79 -54.24 -2.78
N GLY F 46 -0.84 -54.78 -4.00
CA GLY F 46 -0.75 -56.20 -4.21
C GLY F 46 -2.08 -56.86 -4.02
N ASP F 47 -2.00 -58.18 -3.81
CA ASP F 47 -3.17 -59.06 -3.67
C ASP F 47 -3.35 -59.45 -2.19
N ARG F 48 -4.33 -58.84 -1.56
CA ARG F 48 -4.61 -59.07 -0.13
C ARG F 48 -5.15 -60.50 0.18
N GLU F 49 -5.48 -61.29 -0.86
CA GLU F 49 -6.02 -62.68 -0.69
C GLU F 49 -4.95 -63.78 -0.77
N HIS F 50 -3.78 -63.42 -1.27
CA HIS F 50 -2.75 -64.42 -1.61
C HIS F 50 -1.75 -64.66 -0.47
N PRO F 51 -1.58 -65.95 -0.09
CA PRO F 51 -0.74 -66.21 1.08
C PRO F 51 0.75 -65.90 0.79
N ASP F 52 1.53 -65.64 1.84
CA ASP F 52 2.98 -65.46 1.70
C ASP F 52 3.71 -66.83 1.56
N GLN F 53 4.21 -67.10 0.35
CA GLN F 53 4.95 -68.34 0.03
C GLN F 53 6.48 -68.16 -0.05
N GLY F 54 6.98 -67.08 0.55
CA GLY F 54 8.42 -66.77 0.56
C GLY F 54 8.70 -65.50 -0.24
N LEU F 55 7.90 -64.44 0.00
CA LEU F 55 8.01 -63.14 -0.71
C LEU F 55 9.31 -62.43 -0.36
N ILE F 56 9.87 -61.67 -1.31
CA ILE F 56 11.03 -60.85 -0.98
C ILE F 56 10.74 -59.88 0.17
N CYS F 57 9.47 -59.51 0.35
CA CYS F 57 9.10 -58.65 1.43
C CYS F 57 7.87 -59.21 2.16
N HIS F 58 8.13 -59.75 3.36
CA HIS F 58 7.08 -60.38 4.17
C HIS F 58 6.14 -59.35 4.84
N ASP F 59 6.45 -58.06 4.77
CA ASP F 59 5.54 -57.00 5.31
C ASP F 59 4.70 -56.26 4.24
N ALA F 60 4.62 -56.81 3.03
CA ALA F 60 3.70 -56.36 1.99
C ALA F 60 3.06 -57.60 1.32
N PHE F 61 1.95 -57.38 0.61
CA PHE F 61 1.27 -58.44 -0.11
C PHE F 61 2.03 -58.85 -1.37
N CYS F 62 1.79 -60.06 -1.82
CA CYS F 62 2.27 -60.49 -3.12
C CYS F 62 1.70 -59.51 -4.17
N GLY F 63 2.56 -59.05 -5.06
CA GLY F 63 2.19 -58.11 -6.12
C GLY F 63 2.27 -56.62 -5.74
N ALA F 64 2.72 -56.37 -4.53
CA ALA F 64 2.91 -55.02 -4.02
C ALA F 64 4.26 -54.44 -4.45
N LEU F 65 4.35 -53.10 -4.45
CA LEU F 65 5.60 -52.40 -4.71
C LEU F 65 6.44 -52.32 -3.45
N VAL F 66 7.71 -52.73 -3.56
CA VAL F 66 8.66 -52.59 -2.47
C VAL F 66 9.94 -51.95 -2.96
N MET F 67 10.86 -51.67 -2.02
CA MET F 67 12.17 -51.08 -2.40
C MET F 67 13.32 -51.51 -1.51
N LYS F 68 14.52 -51.36 -2.05
CA LYS F 68 15.76 -51.41 -1.29
C LYS F 68 16.38 -50.02 -1.36
N ILE F 69 17.07 -49.62 -0.30
CA ILE F 69 17.91 -48.41 -0.28
C ILE F 69 19.36 -48.88 -0.10
N GLY F 70 20.18 -48.70 -1.13
CA GLY F 70 21.51 -49.31 -1.12
C GLY F 70 21.31 -50.80 -1.01
N ASN F 71 22.06 -51.45 -0.15
CA ASN F 71 21.88 -52.88 -0.03
C ASN F 71 21.04 -53.20 1.20
N SER F 72 20.02 -52.39 1.48
CA SER F 72 19.14 -52.67 2.65
C SER F 72 18.28 -53.95 2.47
N GLY F 73 17.55 -54.34 3.49
CA GLY F 73 16.45 -55.24 3.30
C GLY F 73 15.34 -54.54 2.54
N THR F 74 14.37 -55.31 2.10
CA THR F 74 13.20 -54.76 1.45
C THR F 74 12.29 -53.93 2.37
N ILE F 75 11.79 -52.83 1.85
CA ILE F 75 10.92 -51.91 2.54
C ILE F 75 9.62 -51.77 1.72
N PRO F 76 8.45 -51.93 2.40
CA PRO F 76 7.16 -51.73 1.76
C PRO F 76 7.01 -50.30 1.25
N VAL F 77 6.58 -50.17 -0.01
CA VAL F 77 6.23 -48.89 -0.61
C VAL F 77 4.73 -48.82 -0.86
N ASN F 78 4.16 -49.87 -1.45
CA ASN F 78 2.70 -49.88 -1.75
C ASN F 78 2.37 -48.73 -2.67
N THR F 79 1.35 -47.93 -2.34
CA THR F 79 0.92 -46.83 -3.24
C THR F 79 1.91 -45.68 -3.25
N GLY F 80 2.73 -45.62 -2.20
CA GLY F 80 3.71 -44.56 -2.08
C GLY F 80 4.04 -44.24 -0.66
N LEU F 81 4.82 -43.17 -0.53
CA LEU F 81 5.31 -42.68 0.77
C LEU F 81 5.18 -41.19 0.71
N PHE F 82 4.74 -40.60 1.81
CA PHE F 82 4.51 -39.15 1.86
C PHE F 82 5.47 -38.51 2.87
N ARG F 83 6.36 -37.70 2.33
CA ARG F 83 7.31 -36.96 3.12
C ARG F 83 7.90 -37.88 4.19
N TRP F 84 8.53 -38.94 3.68
CA TRP F 84 9.01 -40.08 4.47
C TRP F 84 10.53 -39.99 4.71
N VAL F 85 10.93 -40.27 5.95
CA VAL F 85 12.34 -40.39 6.31
C VAL F 85 12.64 -41.83 6.67
N ALA F 86 13.70 -42.39 6.10
CA ALA F 86 14.11 -43.77 6.35
C ALA F 86 14.42 -43.96 7.83
N PRO F 87 13.71 -44.92 8.46
CA PRO F 87 13.82 -45.07 9.93
C PRO F 87 15.08 -45.75 10.47
N ASN F 88 16.04 -46.07 9.60
CA ASN F 88 17.38 -46.46 10.03
C ASN F 88 18.44 -45.70 9.24
N ASN F 89 19.71 -46.00 9.49
CA ASN F 89 20.84 -45.36 8.74
C ASN F 89 21.08 -45.83 7.31
N VAL F 90 20.05 -46.22 6.60
CA VAL F 90 20.21 -46.66 5.22
C VAL F 90 20.66 -45.54 4.30
N GLN F 91 21.47 -45.91 3.30
CA GLN F 91 21.97 -44.95 2.35
C GLN F 91 22.19 -45.68 1.04
N GLY F 92 21.98 -45.01 -0.07
CA GLY F 92 22.35 -45.58 -1.39
C GLY F 92 21.20 -45.39 -2.34
N ALA F 93 21.44 -45.74 -3.60
CA ALA F 93 20.40 -45.82 -4.61
C ALA F 93 19.07 -46.53 -4.16
N ILE F 94 17.95 -45.90 -4.51
CA ILE F 94 16.66 -46.55 -4.31
C ILE F 94 16.43 -47.48 -5.52
N THR F 95 16.26 -48.75 -5.23
CA THR F 95 15.86 -49.78 -6.21
C THR F 95 14.44 -50.20 -5.96
N LEU F 96 13.62 -50.07 -7.00
CA LEU F 96 12.19 -50.44 -6.93
C LEU F 96 11.98 -51.91 -7.38
N ILE F 97 11.23 -52.67 -6.60
CA ILE F 97 11.02 -54.10 -6.86
C ILE F 97 9.59 -54.55 -6.65
N TYR F 98 9.13 -55.43 -7.54
CA TYR F 98 7.82 -56.06 -7.40
C TYR F 98 7.98 -57.18 -6.41
N ASN F 99 7.00 -57.28 -5.49
CA ASN F 99 7.05 -58.26 -4.42
C ASN F 99 6.54 -59.61 -4.92
N ASP F 100 7.47 -60.56 -5.09
CA ASP F 100 7.07 -61.92 -5.46
C ASP F 100 8.07 -62.86 -4.77
N VAL F 101 7.91 -64.16 -5.00
CA VAL F 101 8.83 -65.18 -4.48
C VAL F 101 10.03 -65.28 -5.41
N PRO F 102 11.26 -65.24 -4.87
CA PRO F 102 12.42 -65.31 -5.75
C PRO F 102 12.37 -66.57 -6.63
N GLY F 103 12.87 -66.44 -7.85
CA GLY F 103 12.85 -67.51 -8.82
C GLY F 103 11.53 -67.73 -9.52
N THR F 104 10.49 -66.94 -9.18
CA THR F 104 9.17 -67.11 -9.77
C THR F 104 8.68 -65.88 -10.55
N TYR F 105 9.58 -64.97 -10.93
CA TYR F 105 9.22 -63.73 -11.63
C TYR F 105 8.92 -63.89 -13.11
N GLY F 106 9.24 -65.05 -13.67
CA GLY F 106 9.14 -65.27 -15.12
C GLY F 106 7.75 -65.19 -15.71
N ASN F 107 6.76 -65.53 -14.90
CA ASN F 107 5.36 -65.54 -15.35
C ASN F 107 4.65 -64.23 -15.01
N ASN F 108 5.41 -63.22 -14.60
CA ASN F 108 4.82 -61.96 -14.15
C ASN F 108 4.55 -61.06 -15.32
N SER F 109 3.67 -60.08 -15.12
CA SER F 109 3.35 -59.19 -16.22
C SER F 109 2.83 -57.86 -15.69
N GLY F 110 2.82 -56.87 -16.55
CA GLY F 110 2.44 -55.53 -16.15
C GLY F 110 3.62 -54.80 -15.52
N SER F 111 3.32 -53.63 -14.97
CA SER F 111 4.33 -52.75 -14.39
C SER F 111 3.64 -51.63 -13.60
N PHE F 112 4.42 -50.91 -12.82
CA PHE F 112 3.93 -49.76 -12.12
C PHE F 112 4.71 -48.60 -12.67
N SER F 113 4.06 -47.48 -12.81
CA SER F 113 4.74 -46.25 -13.14
C SER F 113 4.95 -45.49 -11.82
N VAL F 114 6.20 -45.11 -11.54
CA VAL F 114 6.58 -44.53 -10.25
C VAL F 114 7.29 -43.17 -10.38
N ASN F 115 6.83 -42.22 -9.57
CA ASN F 115 7.52 -40.95 -9.34
C ASN F 115 8.17 -40.95 -7.95
N ILE F 116 9.45 -40.56 -7.86
CA ILE F 116 10.14 -40.32 -6.59
C ILE F 116 10.77 -38.91 -6.58
N GLY F 117 10.46 -38.11 -5.56
CA GLY F 117 11.09 -36.81 -5.35
C GLY F 117 11.77 -36.70 -3.99
N LYS F 118 12.82 -35.91 -3.89
CA LYS F 118 13.25 -35.41 -2.57
C LYS F 118 12.51 -34.17 -2.20
N ASP F 119 11.90 -34.22 -1.02
CA ASP F 119 11.27 -33.07 -0.40
C ASP F 119 12.28 -32.13 0.27
N GLN F 120 11.80 -30.95 0.61
CA GLN F 120 12.54 -30.06 1.47
C GLN F 120 12.79 -30.71 2.83
N SER F 121 13.95 -30.41 3.42
CA SER F 121 14.22 -30.84 4.78
C SER F 121 15.13 -29.89 5.53
N ALA G 1 16.16 -28.91 8.62
CA ALA G 1 16.97 -27.69 8.37
C ALA G 1 17.89 -27.50 9.61
N TRP G 2 18.68 -26.43 9.60
CA TRP G 2 19.53 -26.05 10.73
C TRP G 2 19.37 -24.55 10.98
N LYS G 3 19.24 -24.19 12.24
CA LYS G 3 19.20 -22.79 12.66
C LYS G 3 20.16 -22.61 13.83
N GLY G 4 21.00 -21.58 13.77
CA GLY G 4 21.80 -21.21 14.92
C GLY G 4 22.57 -19.94 14.67
N GLU G 5 23.61 -19.72 15.48
CA GLU G 5 24.37 -18.47 15.48
C GLU G 5 25.81 -18.71 15.07
N VAL G 6 26.36 -17.82 14.25
CA VAL G 6 27.80 -17.80 13.98
C VAL G 6 28.43 -16.59 14.69
N LEU G 7 29.14 -16.85 15.80
CA LEU G 7 29.81 -15.78 16.57
C LEU G 7 30.98 -15.27 15.78
N ALA G 8 31.07 -13.94 15.68
CA ALA G 8 32.18 -13.31 15.00
C ALA G 8 33.57 -13.69 15.60
N ASN G 9 33.64 -13.95 16.90
CA ASN G 9 34.92 -14.35 17.55
C ASN G 9 35.21 -15.85 17.50
N ASN G 10 34.35 -16.63 16.83
CA ASN G 10 34.57 -18.07 16.61
C ASN G 10 35.48 -18.36 15.39
N GLU G 11 36.78 -18.41 15.64
CA GLU G 11 37.74 -18.56 14.56
C GLU G 11 37.68 -19.96 13.89
N ALA G 12 37.39 -20.97 14.70
CA ALA G 12 37.26 -22.37 14.24
C ALA G 12 36.08 -22.59 13.25
N GLY G 13 34.98 -21.88 13.49
CA GLY G 13 33.76 -22.06 12.73
C GLY G 13 32.63 -22.62 13.56
N GLN G 14 31.40 -22.33 13.10
CA GLN G 14 30.21 -22.95 13.61
C GLN G 14 29.89 -24.12 12.66
N VAL G 15 30.14 -25.33 13.13
CA VAL G 15 29.76 -26.53 12.38
C VAL G 15 28.26 -26.61 12.52
N THR G 16 27.59 -26.91 11.40
CA THR G 16 26.16 -27.09 11.36
C THR G 16 25.86 -28.60 11.30
N SER G 17 24.60 -28.96 11.54
CA SER G 17 24.06 -30.31 11.31
C SER G 17 23.91 -30.68 9.83
N ILE G 18 24.14 -29.74 8.89
CA ILE G 18 23.91 -29.98 7.45
C ILE G 18 25.11 -30.69 6.83
N ILE G 19 24.89 -31.87 6.25
CA ILE G 19 25.89 -32.51 5.44
C ILE G 19 25.45 -32.29 4.02
N TYR G 20 26.27 -31.58 3.25
CA TYR G 20 25.99 -31.36 1.83
C TYR G 20 26.36 -32.60 1.04
N ASN G 21 25.42 -33.13 0.29
CA ASN G 21 25.63 -34.32 -0.53
C ASN G 21 25.52 -34.00 -1.99
N PRO G 22 26.20 -34.80 -2.85
CA PRO G 22 26.04 -34.61 -4.29
C PRO G 22 24.59 -34.49 -4.72
N GLY G 23 24.29 -33.43 -5.47
CA GLY G 23 22.95 -33.17 -5.95
C GLY G 23 22.04 -32.34 -5.08
N ASP G 24 22.45 -32.05 -3.85
CA ASP G 24 21.62 -31.27 -2.95
C ASP G 24 21.46 -29.84 -3.49
N VAL G 25 20.24 -29.34 -3.33
CA VAL G 25 19.93 -27.94 -3.50
C VAL G 25 19.71 -27.38 -2.10
N ILE G 26 20.38 -26.27 -1.75
CA ILE G 26 20.26 -25.67 -0.40
C ILE G 26 19.90 -24.18 -0.42
N THR G 27 19.24 -23.72 0.64
CA THR G 27 18.94 -22.33 0.78
C THR G 27 19.48 -21.88 2.13
N ILE G 28 20.17 -20.75 2.10
CA ILE G 28 20.70 -20.14 3.31
C ILE G 28 20.20 -18.73 3.43
N VAL G 29 19.68 -18.37 4.62
CA VAL G 29 19.36 -16.95 4.98
C VAL G 29 20.22 -16.56 6.20
N ALA G 30 21.04 -15.53 6.07
CA ALA G 30 21.85 -14.99 7.17
C ALA G 30 21.43 -13.55 7.51
N ALA G 31 21.37 -13.23 8.79
CA ALA G 31 21.09 -11.89 9.24
C ALA G 31 21.92 -11.54 10.45
N GLY G 32 22.01 -10.24 10.71
CA GLY G 32 22.57 -9.76 11.96
C GLY G 32 23.69 -8.80 11.79
N TRP G 33 24.34 -8.54 12.92
CA TRP G 33 25.32 -7.46 13.02
C TRP G 33 26.59 -7.92 13.76
N ALA G 34 27.74 -7.66 13.17
CA ALA G 34 29.00 -8.10 13.75
C ALA G 34 30.11 -7.13 13.44
N SER G 35 31.19 -7.26 14.22
CA SER G 35 32.40 -6.48 14.02
C SER G 35 33.64 -7.36 14.12
N TYR G 36 34.57 -7.06 13.24
CA TYR G 36 35.90 -7.57 13.26
C TYR G 36 36.86 -6.71 14.10
N GLY G 37 36.35 -5.75 14.88
CA GLY G 37 37.22 -4.91 15.72
C GLY G 37 36.62 -3.57 16.06
N PRO G 38 36.30 -2.78 15.03
CA PRO G 38 35.72 -1.44 15.25
C PRO G 38 34.48 -1.37 16.12
N THR G 39 34.16 -0.16 16.56
CA THR G 39 32.98 0.10 17.37
C THR G 39 31.67 -0.09 16.55
N GLN G 40 31.79 0.23 15.26
CA GLN G 40 30.74 0.05 14.26
C GLN G 40 30.51 -1.43 13.95
N LYS G 41 29.35 -1.72 13.35
CA LYS G 41 28.92 -3.08 12.96
C LYS G 41 28.49 -3.18 11.49
N TRP G 42 28.69 -4.38 10.92
CA TRP G 42 28.40 -4.68 9.52
C TRP G 42 27.52 -5.92 9.46
N GLY G 43 26.76 -6.02 8.36
CA GLY G 43 25.91 -7.18 8.13
C GLY G 43 26.70 -8.32 7.53
N PRO G 44 26.01 -9.40 7.14
CA PRO G 44 26.69 -10.56 6.58
C PRO G 44 27.45 -10.35 5.31
N GLN G 45 27.25 -9.23 4.61
CA GLN G 45 28.08 -8.91 3.44
C GLN G 45 29.42 -8.28 3.86
N GLY G 46 29.54 -7.92 5.13
CA GLY G 46 30.76 -7.32 5.67
C GLY G 46 31.03 -5.87 5.28
N ASP G 47 32.32 -5.51 5.38
CA ASP G 47 32.78 -4.16 5.19
C ASP G 47 33.38 -4.02 3.82
N ARG G 48 32.61 -3.45 2.91
CA ARG G 48 33.07 -3.23 1.56
C ARG G 48 34.21 -2.20 1.42
N GLU G 49 34.60 -1.53 2.50
CA GLU G 49 35.66 -0.52 2.42
C GLU G 49 37.02 -0.97 3.00
N HIS G 50 37.09 -2.21 3.47
CA HIS G 50 38.25 -2.60 4.29
C HIS G 50 39.17 -3.50 3.49
N PRO G 51 40.45 -3.09 3.35
CA PRO G 51 41.34 -3.94 2.59
C PRO G 51 41.68 -5.26 3.30
N ASP G 52 42.26 -6.14 2.52
CA ASP G 52 42.51 -7.53 2.91
C ASP G 52 43.91 -7.68 3.55
N GLN G 53 44.00 -7.74 4.91
CA GLN G 53 45.31 -7.90 5.60
C GLN G 53 45.73 -9.41 5.81
N GLY G 54 44.92 -10.32 5.25
CA GLY G 54 45.13 -11.79 5.32
C GLY G 54 43.87 -12.58 5.64
N LEU G 55 42.77 -12.27 4.95
CA LEU G 55 41.46 -12.88 5.27
C LEU G 55 41.39 -14.36 4.87
N ILE G 56 40.70 -15.16 5.69
CA ILE G 56 40.42 -16.58 5.34
C ILE G 56 39.67 -16.74 4.03
N CYS G 57 38.86 -15.75 3.60
CA CYS G 57 38.24 -15.79 2.25
C CYS G 57 38.57 -14.51 1.48
N HIS G 58 39.33 -14.65 0.39
CA HIS G 58 39.78 -13.47 -0.36
C HIS G 58 38.67 -12.96 -1.19
N ASP G 59 37.60 -13.75 -1.30
CA ASP G 59 36.51 -13.53 -2.25
C ASP G 59 35.24 -12.96 -1.59
N ALA G 60 35.37 -12.58 -0.35
CA ALA G 60 34.33 -11.88 0.37
C ALA G 60 34.98 -10.79 1.23
N PHE G 61 34.22 -9.77 1.60
CA PHE G 61 34.76 -8.67 2.37
C PHE G 61 34.99 -9.14 3.80
N CYS G 62 35.91 -8.45 4.46
CA CYS G 62 36.16 -8.66 5.87
C CYS G 62 34.86 -8.39 6.61
N GLY G 63 34.55 -9.27 7.57
CA GLY G 63 33.28 -9.24 8.24
C GLY G 63 32.12 -9.92 7.54
N ALA G 64 32.33 -10.48 6.35
CA ALA G 64 31.29 -11.24 5.66
C ALA G 64 31.17 -12.66 6.24
N LEU G 65 29.96 -13.26 6.14
CA LEU G 65 29.77 -14.71 6.34
C LEU G 65 30.29 -15.56 5.17
N VAL G 66 31.10 -16.58 5.49
CA VAL G 66 31.58 -17.55 4.50
C VAL G 66 31.33 -18.95 5.07
N MET G 67 31.67 -19.94 4.27
CA MET G 67 31.52 -21.34 4.67
C MET G 67 32.57 -22.28 4.11
N LYS G 68 32.69 -23.42 4.76
CA LYS G 68 33.36 -24.57 4.19
C LYS G 68 32.40 -25.74 4.13
N ILE G 69 32.53 -26.51 3.06
CA ILE G 69 31.77 -27.74 2.91
C ILE G 69 32.79 -28.87 2.90
N GLY G 70 32.85 -29.63 3.98
CA GLY G 70 33.88 -30.67 4.11
C GLY G 70 35.31 -30.16 3.91
N ASN G 71 35.96 -30.64 2.86
CA ASN G 71 37.37 -30.38 2.57
C ASN G 71 37.62 -29.10 1.81
N SER G 72 36.56 -28.39 1.46
CA SER G 72 36.67 -27.29 0.54
C SER G 72 37.39 -26.11 1.20
N GLY G 73 37.84 -25.21 0.35
CA GLY G 73 38.22 -23.88 0.80
C GLY G 73 36.95 -23.06 1.05
N THR G 74 37.15 -21.84 1.53
CA THR G 74 36.05 -20.96 1.97
C THR G 74 35.21 -20.63 0.77
N ILE G 75 33.90 -20.52 0.98
CA ILE G 75 32.92 -20.22 -0.05
C ILE G 75 32.14 -19.00 0.50
N PRO G 76 32.07 -17.90 -0.25
CA PRO G 76 31.21 -16.81 0.21
C PRO G 76 29.72 -17.19 0.35
N VAL G 77 29.12 -16.77 1.47
CA VAL G 77 27.67 -16.91 1.73
C VAL G 77 27.01 -15.52 1.71
N ASN G 78 27.61 -14.57 2.43
CA ASN G 78 27.06 -13.21 2.54
C ASN G 78 25.68 -13.29 3.15
N THR G 79 24.69 -12.65 2.54
CA THR G 79 23.34 -12.66 3.10
C THR G 79 22.67 -14.02 2.90
N GLY G 80 23.26 -14.86 2.03
CA GLY G 80 22.74 -16.20 1.82
C GLY G 80 22.73 -16.69 0.40
N LEU G 81 22.15 -17.87 0.22
CA LEU G 81 22.10 -18.59 -1.04
C LEU G 81 20.69 -19.08 -1.28
N PHE G 82 20.21 -18.96 -2.53
CA PHE G 82 18.88 -19.38 -2.90
C PHE G 82 18.89 -20.57 -3.83
N ARG G 83 18.49 -21.73 -3.33
CA ARG G 83 18.34 -22.93 -4.18
C ARG G 83 19.66 -23.16 -4.94
N TRP G 84 20.72 -23.25 -4.15
CA TRP G 84 22.07 -23.29 -4.63
C TRP G 84 22.59 -24.73 -4.65
N VAL G 85 23.40 -25.00 -5.67
CA VAL G 85 24.07 -26.28 -5.85
C VAL G 85 25.56 -26.03 -5.87
N ALA G 86 26.29 -26.87 -5.14
CA ALA G 86 27.75 -26.77 -5.03
C ALA G 86 28.50 -27.23 -6.31
N PRO G 87 29.74 -26.78 -6.48
CA PRO G 87 30.54 -27.34 -7.60
C PRO G 87 30.67 -28.86 -7.50
N ASN G 88 30.91 -29.53 -8.61
CA ASN G 88 31.15 -30.97 -8.57
C ASN G 88 32.33 -31.28 -7.64
N ASN G 89 32.25 -32.40 -6.91
CA ASN G 89 33.30 -32.88 -5.97
C ASN G 89 33.33 -32.22 -4.59
N VAL G 90 32.48 -31.23 -4.36
CA VAL G 90 32.31 -30.60 -3.08
C VAL G 90 31.20 -31.34 -2.28
N GLN G 91 31.51 -31.79 -1.08
CA GLN G 91 30.52 -32.48 -0.27
C GLN G 91 31.05 -32.55 1.12
N GLY G 92 30.15 -32.68 2.08
CA GLY G 92 30.49 -32.82 3.51
C GLY G 92 29.77 -31.83 4.40
N ALA G 93 30.12 -31.86 5.69
CA ALA G 93 29.52 -30.99 6.68
C ALA G 93 29.75 -29.53 6.36
N ILE G 94 28.75 -28.70 6.56
CA ILE G 94 28.88 -27.25 6.36
C ILE G 94 29.31 -26.62 7.67
N THR G 95 30.39 -25.87 7.61
CA THR G 95 30.84 -25.00 8.72
C THR G 95 30.75 -23.56 8.25
N LEU G 96 30.13 -22.74 9.08
CA LEU G 96 29.95 -21.33 8.82
C LEU G 96 31.04 -20.57 9.60
N ILE G 97 31.66 -19.60 8.95
CA ILE G 97 32.77 -18.88 9.54
C ILE G 97 32.66 -17.38 9.21
N TYR G 98 32.93 -16.57 10.21
CA TYR G 98 33.11 -15.11 10.04
C TYR G 98 34.44 -14.86 9.35
N ASN G 99 34.41 -14.00 8.34
CA ASN G 99 35.58 -13.72 7.53
C ASN G 99 36.45 -12.67 8.24
N ASP G 100 37.67 -13.12 8.57
CA ASP G 100 38.71 -12.25 9.09
C ASP G 100 40.11 -12.90 8.98
N VAL G 101 41.10 -12.23 9.59
CA VAL G 101 42.49 -12.70 9.61
C VAL G 101 42.72 -13.64 10.74
N PRO G 102 43.35 -14.79 10.43
CA PRO G 102 43.73 -15.69 11.51
C PRO G 102 44.54 -15.02 12.61
N GLY G 103 44.22 -15.34 13.87
CA GLY G 103 44.89 -14.79 15.02
C GLY G 103 44.31 -13.47 15.55
N THR G 104 43.32 -12.93 14.85
CA THR G 104 42.76 -11.63 15.19
C THR G 104 41.29 -11.67 15.59
N TYR G 105 40.76 -12.83 15.98
CA TYR G 105 39.33 -12.96 16.18
C TYR G 105 38.92 -12.56 17.58
N GLY G 106 39.88 -12.49 18.52
CA GLY G 106 39.57 -12.30 19.94
C GLY G 106 38.88 -10.98 20.26
N ASN G 107 39.07 -10.00 19.41
CA ASN G 107 38.38 -8.72 19.68
C ASN G 107 37.07 -8.54 18.88
N ASN G 108 36.69 -9.58 18.11
CA ASN G 108 35.43 -9.55 17.36
C ASN G 108 34.24 -9.60 18.27
N SER G 109 33.13 -9.04 17.78
CA SER G 109 31.90 -9.03 18.51
C SER G 109 30.73 -9.25 17.56
N GLY G 110 29.61 -9.58 18.17
CA GLY G 110 28.42 -9.91 17.45
C GLY G 110 28.46 -11.22 16.71
N SER G 111 27.38 -11.44 15.99
CA SER G 111 27.12 -12.73 15.37
C SER G 111 26.10 -12.57 14.28
N PHE G 112 26.02 -13.60 13.46
CA PHE G 112 24.94 -13.75 12.50
C PHE G 112 24.09 -14.94 12.86
N SER G 113 22.79 -14.71 12.79
CA SER G 113 21.79 -15.74 12.93
C SER G 113 21.54 -16.35 11.52
N VAL G 114 21.72 -17.67 11.37
CA VAL G 114 21.71 -18.30 10.03
C VAL G 114 20.73 -19.47 10.04
N ASN G 115 19.98 -19.57 8.93
CA ASN G 115 19.10 -20.72 8.65
C ASN G 115 19.59 -21.43 7.41
N ILE G 116 19.61 -22.76 7.45
CA ILE G 116 19.96 -23.53 6.27
C ILE G 116 18.92 -24.64 6.06
N GLY G 117 18.41 -24.72 4.85
CA GLY G 117 17.52 -25.82 4.44
C GLY G 117 17.98 -26.54 3.20
N LYS G 118 17.56 -27.80 3.09
CA LYS G 118 17.60 -28.51 1.81
C LYS G 118 16.25 -28.38 1.10
N ASP G 119 16.33 -28.08 -0.18
CA ASP G 119 15.18 -27.79 -1.01
C ASP G 119 14.80 -29.08 -1.77
N GLN G 120 13.64 -29.03 -2.43
CA GLN G 120 13.18 -30.11 -3.29
C GLN G 120 14.14 -30.40 -4.39
N SER G 121 14.16 -31.67 -4.77
CA SER G 121 14.86 -32.16 -5.94
C SER G 121 14.57 -33.66 -6.10
N ALA H 1 8.74 -19.16 -8.63
CA ALA H 1 9.74 -18.32 -7.88
C ALA H 1 9.99 -17.09 -8.71
N TRP H 2 10.32 -15.97 -8.03
CA TRP H 2 10.61 -14.68 -8.69
C TRP H 2 12.04 -14.21 -8.34
N LYS H 3 12.69 -13.63 -9.34
CA LYS H 3 13.98 -12.92 -9.19
C LYS H 3 13.92 -11.54 -9.86
N GLY H 4 14.44 -10.54 -9.19
CA GLY H 4 14.42 -9.20 -9.72
C GLY H 4 15.23 -8.26 -8.87
N GLU H 5 15.41 -7.04 -9.37
CA GLU H 5 16.09 -5.96 -8.68
C GLU H 5 15.03 -5.02 -8.10
N VAL H 6 15.40 -4.44 -6.97
CA VAL H 6 14.65 -3.42 -6.26
C VAL H 6 15.53 -2.19 -6.14
N LEU H 7 15.22 -1.20 -6.97
CA LEU H 7 15.95 0.07 -7.00
C LEU H 7 15.64 0.89 -5.76
N ALA H 8 16.70 1.38 -5.12
CA ALA H 8 16.63 2.23 -3.95
C ALA H 8 15.83 3.51 -4.20
N ASN H 9 15.86 4.07 -5.43
CA ASN H 9 15.12 5.29 -5.75
C ASN H 9 13.69 5.04 -6.28
N ASN H 10 13.20 3.81 -6.19
CA ASN H 10 11.87 3.45 -6.62
C ASN H 10 10.88 3.60 -5.46
N GLU H 11 10.27 4.79 -5.36
CA GLU H 11 9.38 5.07 -4.25
C GLU H 11 8.11 4.17 -4.22
N ALA H 12 7.53 3.88 -5.39
CA ALA H 12 6.34 3.00 -5.49
C ALA H 12 6.64 1.54 -5.12
N GLY H 13 7.89 1.10 -5.33
CA GLY H 13 8.30 -0.23 -4.95
C GLY H 13 8.17 -1.14 -6.16
N GLN H 14 8.74 -2.32 -6.05
CA GLN H 14 8.82 -3.22 -7.17
C GLN H 14 7.82 -4.33 -7.01
N VAL H 15 6.80 -4.36 -7.85
CA VAL H 15 5.84 -5.49 -7.78
C VAL H 15 6.51 -6.77 -8.26
N THR H 16 6.26 -7.86 -7.57
CA THR H 16 6.78 -9.15 -7.95
C THR H 16 5.62 -9.99 -8.50
N SER H 17 5.95 -11.18 -9.00
CA SER H 17 4.98 -12.11 -9.55
C SER H 17 4.42 -13.09 -8.50
N ILE H 18 4.86 -12.97 -7.24
CA ILE H 18 4.44 -13.86 -6.17
C ILE H 18 3.15 -13.32 -5.54
N ILE H 19 2.08 -14.11 -5.64
CA ILE H 19 0.83 -13.89 -4.90
C ILE H 19 0.90 -14.75 -3.64
N TYR H 20 0.92 -14.07 -2.50
CA TYR H 20 0.92 -14.74 -1.21
C TYR H 20 -0.50 -15.11 -0.86
N ASN H 21 -0.70 -16.40 -0.64
CA ASN H 21 -2.02 -16.93 -0.30
C ASN H 21 -2.01 -17.53 1.10
N PRO H 22 -3.17 -17.48 1.77
CA PRO H 22 -3.28 -17.98 3.13
C PRO H 22 -2.62 -19.34 3.21
N GLY H 23 -1.76 -19.53 4.21
CA GLY H 23 -1.04 -20.80 4.41
C GLY H 23 0.28 -20.98 3.70
N ASP H 24 0.59 -20.09 2.75
CA ASP H 24 1.81 -20.27 1.97
C ASP H 24 3.01 -20.09 2.91
N VAL H 25 4.07 -20.80 2.60
CA VAL H 25 5.38 -20.65 3.24
C VAL H 25 6.36 -20.10 2.20
N ILE H 26 6.97 -18.95 2.50
CA ILE H 26 7.91 -18.33 1.55
C ILE H 26 9.29 -18.13 2.18
N THR H 27 10.28 -18.24 1.31
CA THR H 27 11.64 -17.82 1.57
C THR H 27 12.09 -16.68 0.60
N ILE H 28 12.73 -15.69 1.19
CA ILE H 28 13.31 -14.57 0.50
C ILE H 28 14.80 -14.44 0.84
N VAL H 29 15.64 -14.24 -0.18
CA VAL H 29 17.04 -13.92 -0.04
C VAL H 29 17.29 -12.61 -0.85
N ALA H 30 17.81 -11.61 -0.17
CA ALA H 30 18.11 -10.26 -0.69
C ALA H 30 19.63 -9.99 -0.58
N ALA H 31 20.20 -9.41 -1.63
CA ALA H 31 21.65 -9.11 -1.72
C ALA H 31 21.88 -7.76 -2.40
N GLY H 32 22.98 -7.11 -2.05
CA GLY H 32 23.43 -5.90 -2.77
C GLY H 32 23.72 -4.73 -1.86
N TRP H 33 23.92 -3.59 -2.48
CA TRP H 33 24.34 -2.36 -1.88
C TRP H 33 23.53 -1.19 -2.41
N ALA H 34 23.03 -0.37 -1.51
CA ALA H 34 22.20 0.79 -1.91
C ALA H 34 22.49 1.91 -0.94
N SER H 35 22.07 3.12 -1.30
CA SER H 35 22.17 4.28 -0.42
C SER H 35 20.87 5.08 -0.45
N TYR H 36 20.56 5.67 0.71
CA TYR H 36 19.45 6.61 0.85
C TYR H 36 19.91 8.06 0.66
N GLY H 37 21.15 8.30 0.25
CA GLY H 37 21.64 9.69 0.17
C GLY H 37 23.17 9.78 0.14
N PRO H 38 23.83 9.32 1.22
CA PRO H 38 25.29 9.29 1.32
C PRO H 38 26.04 8.60 0.19
N THR H 39 27.30 8.98 0.02
CA THR H 39 28.21 8.32 -0.90
C THR H 39 28.48 6.87 -0.46
N GLN H 40 28.40 6.60 0.84
CA GLN H 40 28.51 5.26 1.40
C GLN H 40 27.36 4.33 0.90
N LYS H 41 27.54 3.02 1.05
CA LYS H 41 26.47 2.08 0.71
C LYS H 41 26.29 1.02 1.80
N TRP H 42 25.06 0.53 1.91
CA TRP H 42 24.64 -0.39 2.93
C TRP H 42 23.86 -1.54 2.27
N GLY H 43 23.89 -2.69 2.91
CA GLY H 43 23.14 -3.82 2.42
C GLY H 43 21.68 -3.76 2.82
N PRO H 44 20.97 -4.88 2.62
CA PRO H 44 19.52 -4.91 2.87
C PRO H 44 19.02 -4.74 4.32
N GLN H 45 19.93 -4.77 5.30
CA GLN H 45 19.58 -4.36 6.69
C GLN H 45 19.62 -2.83 6.90
N GLY H 46 20.13 -2.10 5.92
CA GLY H 46 20.16 -0.66 5.99
C GLY H 46 21.28 -0.17 6.88
N ASP H 47 21.11 1.06 7.34
CA ASP H 47 22.06 1.75 8.22
C ASP H 47 21.53 1.81 9.64
N ARG H 48 22.13 1.02 10.54
CA ARG H 48 21.69 0.98 11.94
CA ARG H 48 21.68 0.98 11.93
C ARG H 48 21.98 2.25 12.72
N GLU H 49 22.82 3.14 12.18
CA GLU H 49 23.19 4.40 12.86
C GLU H 49 22.20 5.56 12.58
N HIS H 50 21.38 5.43 11.56
CA HIS H 50 20.56 6.51 11.11
C HIS H 50 19.22 6.55 11.86
N PRO H 51 18.82 7.76 12.32
CA PRO H 51 17.52 7.88 12.92
C PRO H 51 16.39 7.66 11.93
N ASP H 52 15.23 7.31 12.47
CA ASP H 52 14.03 7.20 11.71
C ASP H 52 13.35 8.58 11.74
N GLN H 53 13.33 9.22 10.58
CA GLN H 53 12.71 10.53 10.42
C GLN H 53 11.39 10.45 9.64
N GLY H 54 10.66 9.34 9.77
CA GLY H 54 9.44 9.09 9.00
C GLY H 54 9.50 8.03 7.90
N LEU H 55 10.22 6.94 8.18
CA LEU H 55 10.34 5.80 7.26
C LEU H 55 8.97 5.13 7.02
N ILE H 56 8.83 4.54 5.85
CA ILE H 56 7.59 3.85 5.48
C ILE H 56 7.37 2.59 6.30
N CYS H 57 8.47 2.10 6.89
CA CYS H 57 8.48 0.97 7.82
C CYS H 57 9.30 1.35 9.05
N HIS H 58 8.59 1.54 10.16
CA HIS H 58 9.23 1.93 11.41
C HIS H 58 9.97 0.75 12.11
N ASP H 59 9.72 -0.48 11.65
CA ASP H 59 10.32 -1.69 12.27
CA ASP H 59 10.30 -1.70 12.21
C ASP H 59 11.57 -2.18 11.49
N ALA H 60 12.10 -1.35 10.61
CA ALA H 60 13.36 -1.64 9.89
C ALA H 60 14.19 -0.37 9.79
N PHE H 61 15.50 -0.48 9.53
CA PHE H 61 16.37 0.70 9.48
C PHE H 61 16.19 1.40 8.14
N CYS H 62 16.59 2.66 8.08
CA CYS H 62 16.66 3.42 6.84
C CYS H 62 17.62 2.68 5.89
N GLY H 63 17.13 2.39 4.69
CA GLY H 63 17.90 1.66 3.67
C GLY H 63 17.76 0.14 3.71
N ALA H 64 16.88 -0.36 4.57
CA ALA H 64 16.57 -1.76 4.63
C ALA H 64 15.53 -2.11 3.56
N LEU H 65 15.41 -3.41 3.29
CA LEU H 65 14.41 -3.92 2.36
C LEU H 65 13.15 -4.29 3.15
N VAL H 66 11.99 -3.86 2.65
CA VAL H 66 10.70 -4.13 3.26
C VAL H 66 9.73 -4.58 2.17
N MET H 67 8.52 -4.97 2.55
CA MET H 67 7.53 -5.47 1.60
C MET H 67 6.15 -5.10 2.07
N LYS H 68 5.23 -5.07 1.12
CA LYS H 68 3.80 -5.08 1.40
C LYS H 68 3.28 -6.36 0.72
N ILE H 69 2.29 -7.02 1.32
CA ILE H 69 1.55 -8.11 0.70
C ILE H 69 0.12 -7.61 0.45
N GLY H 70 -0.28 -7.50 -0.81
CA GLY H 70 -1.60 -6.88 -1.11
C GLY H 70 -1.73 -5.50 -0.46
N ASN H 71 -2.80 -5.30 0.28
CA ASN H 71 -3.03 -4.04 0.94
C ASN H 71 -2.59 -3.98 2.40
N SER H 72 -1.64 -4.83 2.77
CA SER H 72 -1.03 -4.80 4.10
C SER H 72 -0.20 -3.56 4.31
N GLY H 73 0.17 -3.34 5.56
CA GLY H 73 1.22 -2.40 5.93
C GLY H 73 2.59 -2.96 5.55
N THR H 74 3.61 -2.15 5.68
CA THR H 74 4.95 -2.59 5.36
C THR H 74 5.40 -3.64 6.38
N ILE H 75 6.28 -4.53 5.95
CA ILE H 75 6.74 -5.70 6.72
C ILE H 75 8.24 -5.74 6.47
N PRO H 76 9.06 -5.81 7.53
CA PRO H 76 10.52 -5.95 7.25
C PRO H 76 10.89 -7.23 6.53
N VAL H 77 11.77 -7.10 5.52
CA VAL H 77 12.43 -8.20 4.88
C VAL H 77 13.90 -8.26 5.26
N ASN H 78 14.61 -7.14 5.25
CA ASN H 78 16.06 -7.15 5.54
C ASN H 78 16.83 -8.08 4.59
N THR H 79 17.70 -8.96 5.10
CA THR H 79 18.44 -9.91 4.25
C THR H 79 17.54 -11.05 3.66
N GLY H 80 16.34 -11.20 4.21
CA GLY H 80 15.48 -12.29 3.81
C GLY H 80 14.66 -12.84 4.96
N LEU H 81 13.85 -13.81 4.60
CA LEU H 81 12.93 -14.47 5.45
C LEU H 81 13.10 -15.94 5.15
N PHE H 82 13.09 -16.79 6.16
CA PHE H 82 13.29 -18.26 5.95
C PHE H 82 12.04 -19.04 6.36
N ARG H 83 11.42 -19.71 5.37
CA ARG H 83 10.27 -20.55 5.57
C ARG H 83 9.24 -19.83 6.46
N TRP H 84 8.83 -18.66 5.97
CA TRP H 84 8.07 -17.68 6.73
C TRP H 84 6.58 -17.79 6.34
N VAL H 85 5.71 -17.70 7.34
CA VAL H 85 4.27 -17.65 7.19
C VAL H 85 3.75 -16.28 7.69
N ALA H 86 2.91 -15.65 6.89
CA ALA H 86 2.36 -14.33 7.16
C ALA H 86 1.31 -14.40 8.25
N PRO H 87 1.04 -13.26 8.91
CA PRO H 87 -0.12 -13.35 9.78
C PRO H 87 -1.44 -13.54 9.01
N ASN H 88 -2.45 -13.99 9.77
CA ASN H 88 -3.75 -14.32 9.22
C ASN H 88 -4.34 -13.14 8.45
N ASN H 89 -5.09 -13.47 7.41
CA ASN H 89 -5.80 -12.47 6.60
C ASN H 89 -4.89 -11.50 5.79
N VAL H 90 -3.62 -11.84 5.63
CA VAL H 90 -2.67 -11.09 4.82
C VAL H 90 -2.53 -11.91 3.56
N GLN H 91 -2.73 -11.26 2.42
CA GLN H 91 -2.59 -11.96 1.13
C GLN H 91 -2.58 -10.98 -0.02
N GLY H 92 -2.13 -11.46 -1.18
CA GLY H 92 -1.97 -10.65 -2.39
C GLY H 92 -0.53 -10.64 -2.93
N ALA H 93 -0.34 -9.89 -4.02
CA ALA H 93 0.98 -9.74 -4.61
C ALA H 93 1.94 -9.14 -3.60
N ILE H 94 3.17 -9.64 -3.63
CA ILE H 94 4.26 -9.03 -2.86
C ILE H 94 4.89 -7.86 -3.64
N THR H 95 4.92 -6.70 -3.00
CA THR H 95 5.72 -5.54 -3.43
C THR H 95 6.87 -5.31 -2.45
N LEU H 96 8.06 -5.22 -3.02
CA LEU H 96 9.32 -4.99 -2.35
C LEU H 96 9.63 -3.51 -2.45
N ILE H 97 10.16 -2.94 -1.38
CA ILE H 97 10.42 -1.52 -1.33
C ILE H 97 11.61 -1.22 -0.48
N TYR H 98 12.42 -0.28 -0.98
CA TYR H 98 13.50 0.33 -0.22
C TYR H 98 12.93 1.23 0.87
N ASN H 99 13.45 1.08 2.08
CA ASN H 99 12.94 1.82 3.23
C ASN H 99 13.58 3.22 3.30
N ASP H 100 12.76 4.25 3.05
CA ASP H 100 13.20 5.63 3.16
C ASP H 100 11.99 6.49 3.52
N VAL H 101 12.23 7.76 3.78
CA VAL H 101 11.14 8.74 4.07
C VAL H 101 10.44 9.17 2.77
N PRO H 102 9.08 9.14 2.76
CA PRO H 102 8.34 9.67 1.60
C PRO H 102 8.87 11.03 1.11
N GLY H 103 8.98 11.16 -0.19
CA GLY H 103 9.41 12.41 -0.80
C GLY H 103 10.91 12.56 -0.84
N THR H 104 11.67 11.59 -0.28
CA THR H 104 13.14 11.72 -0.22
C THR H 104 13.89 10.63 -0.97
N TYR H 105 13.21 9.91 -1.87
CA TYR H 105 13.84 8.83 -2.65
C TYR H 105 14.67 9.26 -3.87
N GLY H 106 14.46 10.49 -4.36
CA GLY H 106 15.17 10.98 -5.52
C GLY H 106 16.69 11.01 -5.50
N ASN H 107 17.28 11.06 -4.33
CA ASN H 107 18.75 11.03 -4.17
C ASN H 107 19.30 9.67 -3.81
N ASN H 108 18.44 8.65 -3.81
CA ASN H 108 18.89 7.27 -3.52
C ASN H 108 19.58 6.67 -4.73
N SER H 109 20.36 5.64 -4.45
CA SER H 109 21.07 4.95 -5.49
C SER H 109 21.33 3.49 -5.09
N GLY H 110 21.62 2.70 -6.12
CA GLY H 110 21.86 1.30 -5.97
C GLY H 110 20.57 0.52 -6.02
N SER H 111 20.70 -0.77 -5.74
CA SER H 111 19.60 -1.71 -5.79
C SER H 111 19.94 -2.98 -5.02
N PHE H 112 18.91 -3.75 -4.72
CA PHE H 112 19.07 -5.07 -4.10
C PHE H 112 18.54 -6.05 -5.12
N SER H 113 19.23 -7.17 -5.20
CA SER H 113 18.80 -8.28 -6.03
C SER H 113 18.15 -9.28 -5.08
N VAL H 114 16.95 -9.72 -5.46
CA VAL H 114 16.10 -10.46 -4.57
C VAL H 114 15.50 -11.72 -5.23
N ASN H 115 15.64 -12.84 -4.53
CA ASN H 115 14.91 -14.06 -4.83
C ASN H 115 13.77 -14.31 -3.85
N ILE H 116 12.62 -14.73 -4.41
CA ILE H 116 11.48 -15.19 -3.62
C ILE H 116 10.96 -16.52 -4.11
N GLY H 117 10.79 -17.45 -3.17
CA GLY H 117 10.22 -18.72 -3.48
C GLY H 117 9.13 -19.13 -2.56
N LYS H 118 8.19 -19.95 -3.06
CA LYS H 118 7.28 -20.67 -2.20
C LYS H 118 7.89 -22.02 -1.83
N ASP H 119 7.88 -22.32 -0.53
CA ASP H 119 8.33 -23.57 0.01
C ASP H 119 7.19 -24.57 -0.02
N GLN H 120 7.49 -25.80 0.36
CA GLN H 120 6.46 -26.79 0.65
C GLN H 120 5.66 -26.37 1.88
N SER H 121 4.38 -26.73 1.88
CA SER H 121 3.47 -26.46 3.01
C SER H 121 2.41 -27.58 3.09
N ALA I 1 1.53 -29.06 32.95
CA ALA I 1 1.17 -30.45 32.59
C ALA I 1 -0.11 -30.93 33.30
N TRP I 2 -0.78 -31.90 32.69
CA TRP I 2 -1.99 -32.52 33.22
C TRP I 2 -1.80 -34.04 33.18
N LYS I 3 -2.31 -34.71 34.21
CA LYS I 3 -2.51 -36.18 34.17
C LYS I 3 -3.88 -36.53 34.72
N GLY I 4 -4.56 -37.44 34.06
CA GLY I 4 -5.73 -38.05 34.63
C GLY I 4 -6.31 -39.17 33.78
N GLU I 5 -7.37 -39.74 34.30
CA GLU I 5 -8.03 -40.87 33.71
C GLU I 5 -9.16 -40.39 32.80
N VAL I 6 -9.33 -41.10 31.69
CA VAL I 6 -10.37 -40.87 30.68
C VAL I 6 -11.19 -42.15 30.60
N LEU I 7 -12.40 -42.13 31.16
CA LEU I 7 -13.25 -43.33 31.24
C LEU I 7 -13.96 -43.60 29.93
N ALA I 8 -13.91 -44.86 29.51
CA ALA I 8 -14.56 -45.31 28.26
C ALA I 8 -16.05 -44.99 28.18
N ASN I 9 -16.74 -45.09 29.30
CA ASN I 9 -18.18 -44.78 29.35
C ASN I 9 -18.54 -43.27 29.49
N ASN I 10 -17.54 -42.38 29.48
CA ASN I 10 -17.77 -40.92 29.59
C ASN I 10 -17.98 -40.28 28.22
N GLU I 11 -19.25 -40.18 27.80
CA GLU I 11 -19.59 -39.73 26.44
C GLU I 11 -19.24 -38.23 26.18
N ALA I 12 -19.27 -37.43 27.24
CA ALA I 12 -18.97 -35.99 27.16
C ALA I 12 -17.45 -35.78 27.05
N GLY I 13 -16.69 -36.79 27.43
CA GLY I 13 -15.25 -36.66 27.40
C GLY I 13 -14.72 -36.06 28.67
N GLN I 14 -13.40 -36.16 28.82
CA GLN I 14 -12.72 -35.68 30.01
C GLN I 14 -12.02 -34.37 29.73
N VAL I 15 -12.51 -33.27 30.29
CA VAL I 15 -11.81 -31.96 30.17
C VAL I 15 -10.49 -31.92 30.97
N THR I 16 -9.42 -31.42 30.34
CA THR I 16 -8.12 -31.34 30.99
C THR I 16 -7.89 -29.90 31.46
N SER I 17 -6.80 -29.70 32.22
CA SER I 17 -6.36 -28.36 32.56
C SER I 17 -5.60 -27.65 31.45
N ILE I 18 -5.41 -28.30 30.29
CA ILE I 18 -4.59 -27.77 29.20
C ILE I 18 -5.42 -26.92 28.24
N ILE I 19 -4.95 -25.70 28.00
CA ILE I 19 -5.48 -24.84 26.98
C ILE I 19 -4.42 -24.67 25.91
N TYR I 20 -4.71 -25.23 24.72
CA TYR I 20 -3.83 -25.22 23.57
C TYR I 20 -3.90 -23.83 22.94
N ASN I 21 -2.75 -23.19 22.84
CA ASN I 21 -2.68 -21.83 22.30
C ASN I 21 -1.89 -21.78 21.02
N PRO I 22 -2.19 -20.78 20.15
CA PRO I 22 -1.42 -20.64 18.93
C PRO I 22 0.11 -20.77 19.21
N GLY I 23 0.78 -21.66 18.49
CA GLY I 23 2.22 -21.76 18.60
C GLY I 23 2.65 -22.88 19.53
N ASP I 24 1.77 -23.30 20.43
CA ASP I 24 2.10 -24.37 21.38
C ASP I 24 2.53 -25.69 20.71
N VAL I 25 3.50 -26.33 21.34
CA VAL I 25 3.92 -27.66 20.99
C VAL I 25 3.51 -28.56 22.19
N ILE I 26 2.79 -29.66 21.93
CA ILE I 26 2.41 -30.57 23.01
C ILE I 26 2.87 -31.99 22.77
N THR I 27 3.00 -32.72 23.89
CA THR I 27 3.22 -34.13 23.92
C THR I 27 2.17 -34.79 24.80
N ILE I 28 1.59 -35.88 24.27
CA ILE I 28 0.65 -36.70 24.97
C ILE I 28 1.10 -38.19 24.89
N VAL I 29 1.06 -38.89 26.01
CA VAL I 29 1.25 -40.34 26.12
C VAL I 29 -0.01 -40.89 26.84
N ALA I 30 -0.66 -41.88 26.23
CA ALA I 30 -1.83 -42.51 26.81
C ALA I 30 -1.55 -44.02 26.97
N ALA I 31 -2.10 -44.60 28.04
CA ALA I 31 -1.98 -46.02 28.30
C ALA I 31 -3.24 -46.58 28.95
N GLY I 32 -3.38 -47.92 28.85
CA GLY I 32 -4.42 -48.66 29.52
C GLY I 32 -5.29 -49.49 28.58
N TRP I 33 -6.45 -49.89 29.12
CA TRP I 33 -7.26 -50.97 28.60
C TRP I 33 -8.74 -50.63 28.75
N ALA I 34 -9.44 -50.65 27.63
CA ALA I 34 -10.88 -50.31 27.62
C ALA I 34 -11.64 -51.10 26.56
N SER I 35 -12.96 -51.14 26.73
CA SER I 35 -13.87 -51.74 25.77
C SER I 35 -15.07 -50.85 25.50
N TYR I 36 -15.50 -50.92 24.25
CA TYR I 36 -16.70 -50.25 23.77
C TYR I 36 -17.95 -51.15 23.87
N GLY I 37 -17.83 -52.30 24.52
CA GLY I 37 -18.94 -53.25 24.67
C GLY I 37 -18.50 -54.69 24.93
N PRO I 38 -17.61 -55.24 24.07
CA PRO I 38 -17.17 -56.63 24.24
C PRO I 38 -16.47 -56.93 25.55
N THR I 39 -16.36 -58.21 25.92
CA THR I 39 -15.66 -58.57 27.15
C THR I 39 -14.11 -58.44 26.99
N GLN I 40 -13.62 -58.49 25.75
CA GLN I 40 -12.23 -58.15 25.43
C GLN I 40 -11.95 -56.67 25.76
N LYS I 41 -10.67 -56.30 25.80
CA LYS I 41 -10.26 -54.88 25.86
C LYS I 41 -9.15 -54.57 24.86
N TRP I 42 -9.12 -53.30 24.45
CA TRP I 42 -8.12 -52.78 23.57
C TRP I 42 -7.41 -51.59 24.20
N GLY I 43 -6.23 -51.28 23.65
CA GLY I 43 -5.47 -50.12 24.06
C GLY I 43 -5.95 -48.85 23.41
N PRO I 44 -5.25 -47.74 23.66
CA PRO I 44 -5.65 -46.41 23.12
C PRO I 44 -5.65 -46.29 21.59
N GLN I 45 -5.11 -47.29 20.89
CA GLN I 45 -5.28 -47.41 19.41
C GLN I 45 -6.64 -48.04 19.00
N GLY I 46 -7.34 -48.61 19.96
CA GLY I 46 -8.67 -49.14 19.68
C GLY I 46 -8.63 -50.52 19.02
N ASP I 47 -9.77 -50.91 18.42
CA ASP I 47 -9.95 -52.20 17.72
C ASP I 47 -9.84 -52.07 16.19
N ARG I 48 -8.71 -52.51 15.63
CA ARG I 48 -8.39 -52.37 14.17
C ARG I 48 -9.24 -53.21 13.22
N GLU I 49 -10.02 -54.12 13.80
CA GLU I 49 -10.95 -55.01 13.07
C GLU I 49 -12.40 -54.56 13.01
N HIS I 50 -12.78 -53.60 13.86
CA HIS I 50 -14.18 -53.21 13.98
C HIS I 50 -14.54 -52.08 13.04
N PRO I 51 -15.67 -52.23 12.28
CA PRO I 51 -16.04 -51.20 11.29
C PRO I 51 -16.63 -49.93 11.92
N ASP I 52 -16.59 -48.83 11.19
CA ASP I 52 -17.11 -47.53 11.66
C ASP I 52 -18.66 -47.44 11.42
N GLN I 53 -19.42 -47.49 12.51
CA GLN I 53 -20.89 -47.41 12.48
C GLN I 53 -21.44 -45.99 12.90
N GLY I 54 -20.64 -44.94 12.68
CA GLY I 54 -20.96 -43.55 13.10
C GLY I 54 -20.11 -43.03 14.27
N LEU I 55 -18.81 -43.34 14.24
CA LEU I 55 -17.89 -42.93 15.31
C LEU I 55 -17.77 -41.41 15.39
N ILE I 56 -17.50 -40.88 16.58
CA ILE I 56 -17.20 -39.45 16.70
C ILE I 56 -15.94 -39.02 15.95
N CYS I 57 -15.04 -39.98 15.75
CA CYS I 57 -13.84 -39.73 14.91
C CYS I 57 -13.66 -40.86 13.88
N HIS I 58 -13.83 -40.52 12.61
CA HIS I 58 -13.70 -41.46 11.50
C HIS I 58 -12.23 -41.66 11.14
N ASP I 59 -11.34 -40.86 11.71
CA ASP I 59 -9.91 -40.95 11.50
C ASP I 59 -9.20 -41.85 12.52
N ALA I 60 -9.93 -42.54 13.36
CA ALA I 60 -9.35 -43.47 14.35
C ALA I 60 -10.25 -44.68 14.51
N PHE I 61 -9.72 -45.79 15.04
CA PHE I 61 -10.53 -46.98 15.30
C PHE I 61 -11.49 -46.77 16.46
N CYS I 62 -12.54 -47.60 16.48
CA CYS I 62 -13.47 -47.65 17.57
C CYS I 62 -12.63 -48.10 18.75
N GLY I 63 -12.85 -47.44 19.91
CA GLY I 63 -12.07 -47.70 21.11
C GLY I 63 -10.75 -46.92 21.23
N ALA I 64 -10.37 -46.21 20.18
CA ALA I 64 -9.21 -45.31 20.27
C ALA I 64 -9.48 -44.04 21.10
N LEU I 65 -8.39 -43.46 21.59
CA LEU I 65 -8.41 -42.18 22.28
C LEU I 65 -8.36 -41.04 21.25
N VAL I 66 -9.29 -40.14 21.35
CA VAL I 66 -9.33 -38.95 20.50
C VAL I 66 -9.42 -37.70 21.39
N MET I 67 -9.31 -36.52 20.80
CA MET I 67 -9.53 -35.26 21.51
C MET I 67 -10.23 -34.21 20.66
N LYS I 68 -10.69 -33.18 21.34
CA LYS I 68 -11.13 -31.93 20.74
C LYS I 68 -10.35 -30.81 21.46
N ILE I 69 -9.98 -29.79 20.70
CA ILE I 69 -9.36 -28.59 21.22
C ILE I 69 -10.36 -27.45 21.02
N GLY I 70 -10.89 -26.91 22.11
CA GLY I 70 -11.97 -25.92 22.04
C GLY I 70 -13.05 -26.44 21.09
N ASN I 71 -13.29 -25.75 20.00
CA ASN I 71 -14.46 -26.09 19.18
C ASN I 71 -14.11 -26.93 17.93
N SER I 72 -12.94 -27.57 17.93
CA SER I 72 -12.51 -28.36 16.80
C SER I 72 -13.37 -29.60 16.63
N GLY I 73 -13.29 -30.21 15.44
CA GLY I 73 -13.73 -31.57 15.24
C GLY I 73 -12.80 -32.49 16.03
N THR I 74 -13.18 -33.75 16.17
CA THR I 74 -12.31 -34.75 16.81
C THR I 74 -10.99 -34.91 16.07
N ILE I 75 -9.92 -35.10 16.85
CA ILE I 75 -8.57 -35.28 16.34
C ILE I 75 -8.03 -36.56 16.99
N PRO I 76 -7.48 -37.49 16.19
CA PRO I 76 -6.94 -38.71 16.85
C PRO I 76 -5.74 -38.47 17.73
N VAL I 77 -5.70 -39.17 18.87
CA VAL I 77 -4.55 -39.20 19.74
C VAL I 77 -3.89 -40.58 19.75
N ASN I 78 -4.69 -41.63 19.92
CA ASN I 78 -4.18 -43.00 19.91
C ASN I 78 -3.21 -43.13 21.11
N THR I 79 -2.01 -43.70 20.93
CA THR I 79 -1.07 -43.87 22.02
C THR I 79 -0.43 -42.55 22.46
N GLY I 80 -0.51 -41.52 21.61
CA GLY I 80 0.06 -40.25 21.94
C GLY I 80 0.47 -39.41 20.74
N LEU I 81 0.98 -38.23 21.05
CA LEU I 81 1.45 -37.25 20.08
C LEU I 81 2.81 -36.78 20.55
N PHE I 82 3.76 -36.67 19.62
CA PHE I 82 5.12 -36.35 19.97
C PHE I 82 5.44 -34.97 19.43
N ARG I 83 5.56 -34.01 20.37
CA ARG I 83 5.90 -32.63 20.05
C ARG I 83 5.07 -32.12 18.87
N TRP I 84 3.76 -32.08 19.11
CA TRP I 84 2.76 -31.91 18.08
C TRP I 84 2.27 -30.46 18.10
N VAL I 85 2.01 -29.93 16.90
CA VAL I 85 1.50 -28.60 16.72
C VAL I 85 0.17 -28.72 15.95
N ALA I 86 -0.85 -28.00 16.41
CA ALA I 86 -2.18 -28.02 15.81
C ALA I 86 -2.26 -27.26 14.50
N PRO I 87 -3.32 -27.54 13.69
CA PRO I 87 -3.56 -26.73 12.47
C PRO I 87 -3.85 -25.27 12.83
N ASN I 88 -3.42 -24.35 11.97
CA ASN I 88 -3.80 -22.93 12.09
C ASN I 88 -5.25 -22.83 12.62
N ASN I 89 -5.48 -21.88 13.53
CA ASN I 89 -6.80 -21.53 14.06
C ASN I 89 -7.47 -22.51 15.01
N VAL I 90 -6.80 -23.59 15.32
CA VAL I 90 -7.27 -24.48 16.36
C VAL I 90 -6.71 -24.05 17.74
N GLN I 91 -7.59 -23.84 18.71
CA GLN I 91 -7.13 -23.43 20.04
C GLN I 91 -8.22 -23.65 21.08
N GLY I 92 -7.83 -23.69 22.35
CA GLY I 92 -8.78 -23.83 23.45
C GLY I 92 -8.56 -25.07 24.29
N ALA I 93 -9.49 -25.33 25.19
CA ALA I 93 -9.34 -26.38 26.15
C ALA I 93 -9.25 -27.75 25.44
N ILE I 94 -8.35 -28.61 25.92
CA ILE I 94 -8.30 -30.02 25.49
C ILE I 94 -9.26 -30.86 26.36
N THR I 95 -10.17 -31.53 25.65
CA THR I 95 -11.06 -32.58 26.16
C THR I 95 -10.67 -33.89 25.46
N LEU I 96 -10.48 -34.91 26.25
CA LEU I 96 -10.12 -36.22 25.73
C LEU I 96 -11.35 -37.10 25.75
N ILE I 97 -11.51 -37.92 24.71
CA ILE I 97 -12.74 -38.73 24.56
C ILE I 97 -12.42 -40.10 23.98
N TYR I 98 -13.10 -41.08 24.53
CA TYR I 98 -13.14 -42.43 23.95
C TYR I 98 -13.95 -42.47 22.66
N ASN I 99 -13.39 -43.08 21.65
CA ASN I 99 -13.98 -43.08 20.30
C ASN I 99 -15.02 -44.20 20.20
N ASP I 100 -16.29 -43.79 20.16
CA ASP I 100 -17.44 -44.70 20.04
C ASP I 100 -18.55 -43.95 19.30
N VAL I 101 -19.65 -44.67 19.02
CA VAL I 101 -20.82 -44.13 18.37
C VAL I 101 -21.71 -43.44 19.43
N PRO I 102 -22.17 -42.21 19.14
CA PRO I 102 -23.02 -41.50 20.06
C PRO I 102 -24.24 -42.29 20.55
N GLY I 103 -24.55 -42.15 21.83
CA GLY I 103 -25.60 -42.93 22.48
C GLY I 103 -25.27 -44.35 22.88
N THR I 104 -24.06 -44.86 22.53
CA THR I 104 -23.67 -46.28 22.78
C THR I 104 -22.58 -46.45 23.87
N TYR I 105 -22.34 -45.40 24.64
CA TYR I 105 -21.30 -45.40 25.64
C TYR I 105 -21.68 -46.14 26.92
N GLY I 106 -22.97 -46.40 27.13
CA GLY I 106 -23.41 -47.01 28.39
C GLY I 106 -22.83 -48.37 28.71
N ASN I 107 -22.48 -49.12 27.68
CA ASN I 107 -21.89 -50.46 27.85
C ASN I 107 -20.36 -50.49 27.86
N ASN I 108 -19.75 -49.31 27.85
CA ASN I 108 -18.32 -49.22 27.81
C ASN I 108 -17.72 -49.49 29.18
N SER I 109 -16.46 -49.90 29.16
CA SER I 109 -15.80 -50.26 30.37
C SER I 109 -14.31 -49.93 30.26
N GLY I 110 -13.67 -49.77 31.39
CA GLY I 110 -12.25 -49.45 31.45
C GLY I 110 -11.96 -48.00 31.12
N SER I 111 -10.71 -47.70 30.78
CA SER I 111 -10.26 -46.29 30.78
C SER I 111 -8.79 -46.21 30.37
N PHE I 112 -8.40 -45.01 29.93
CA PHE I 112 -7.00 -44.68 29.67
C PHE I 112 -6.46 -43.62 30.61
N SER I 113 -5.23 -43.86 31.04
CA SER I 113 -4.49 -42.93 31.85
C SER I 113 -3.63 -42.10 30.91
N VAL I 114 -3.76 -40.77 30.99
CA VAL I 114 -3.19 -39.84 29.99
C VAL I 114 -2.35 -38.73 30.66
N ASN I 115 -1.19 -38.48 30.07
CA ASN I 115 -0.26 -37.36 30.39
C ASN I 115 -0.28 -36.40 29.21
N ILE I 116 -0.43 -35.10 29.48
CA ILE I 116 -0.26 -34.06 28.44
C ILE I 116 0.70 -33.02 29.04
N GLY I 117 1.69 -32.60 28.28
CA GLY I 117 2.53 -31.50 28.64
C GLY I 117 2.77 -30.58 27.46
N LYS I 118 3.12 -29.34 27.77
CA LYS I 118 3.57 -28.39 26.75
C LYS I 118 5.10 -28.51 26.65
N ASP I 119 5.57 -28.55 25.42
CA ASP I 119 6.98 -28.63 25.10
C ASP I 119 7.59 -27.23 24.85
N GLN I 120 8.91 -27.18 24.69
CA GLN I 120 9.55 -25.92 24.33
C GLN I 120 9.07 -25.43 22.98
N SER I 121 8.97 -24.12 22.82
CA SER I 121 8.66 -23.52 21.54
C SER I 121 9.23 -22.12 21.45
N ALA J 1 17.30 -36.19 19.75
CA ALA J 1 16.05 -36.98 19.61
C ALA J 1 16.22 -38.02 18.52
N TRP J 2 15.39 -39.06 18.55
CA TRP J 2 15.49 -40.19 17.67
C TRP J 2 14.09 -40.58 17.20
N LYS J 3 13.96 -40.87 15.90
CA LYS J 3 12.73 -41.47 15.36
C LYS J 3 13.09 -42.68 14.51
N GLY J 4 12.38 -43.78 14.72
CA GLY J 4 12.67 -45.01 14.03
C GLY J 4 11.58 -46.05 14.16
N GLU J 5 11.95 -47.25 13.77
CA GLU J 5 11.05 -48.40 13.69
C GLU J 5 11.61 -49.48 14.58
N VAL J 6 10.76 -50.22 15.26
CA VAL J 6 11.21 -51.42 15.92
C VAL J 6 10.44 -52.57 15.27
N LEU J 7 11.15 -53.37 14.49
CA LEU J 7 10.52 -54.53 13.86
C LEU J 7 10.30 -55.63 14.86
N ALA J 8 9.11 -56.21 14.86
CA ALA J 8 8.75 -57.31 15.76
C ALA J 8 9.70 -58.49 15.71
N ASN J 9 10.30 -58.71 14.53
CA ASN J 9 11.23 -59.87 14.33
C ASN J 9 12.69 -59.57 14.61
N ASN J 10 12.95 -58.39 15.15
CA ASN J 10 14.31 -57.98 15.47
C ASN J 10 14.66 -58.42 16.88
N GLU J 11 15.26 -59.61 16.97
CA GLU J 11 15.53 -60.19 18.25
C GLU J 11 16.60 -59.43 19.04
N ALA J 12 17.65 -59.02 18.36
CA ALA J 12 18.80 -58.33 18.98
C ALA J 12 18.38 -56.98 19.49
N GLY J 13 17.39 -56.37 18.84
CA GLY J 13 16.88 -55.06 19.24
C GLY J 13 17.31 -53.93 18.36
N GLN J 14 16.52 -52.87 18.35
CA GLN J 14 16.87 -51.65 17.62
C GLN J 14 17.62 -50.70 18.53
N VAL J 15 18.94 -50.60 18.34
CA VAL J 15 19.76 -49.69 19.12
C VAL J 15 19.45 -48.30 18.56
N THR J 16 18.96 -47.40 19.41
CA THR J 16 18.71 -46.02 19.02
C THR J 16 19.97 -45.19 19.18
N SER J 17 19.91 -43.97 18.65
CA SER J 17 20.93 -42.93 18.84
C SER J 17 20.91 -42.23 20.20
N ILE J 18 19.90 -42.49 21.02
CA ILE J 18 19.82 -41.85 22.33
C ILE J 18 20.78 -42.54 23.27
N ILE J 19 21.78 -41.79 23.77
CA ILE J 19 22.55 -42.25 24.90
C ILE J 19 21.91 -41.66 26.14
N TYR J 20 21.30 -42.55 26.95
CA TYR J 20 20.76 -42.17 28.22
C TYR J 20 21.90 -41.86 29.22
N ASN J 21 21.92 -40.62 29.71
CA ASN J 21 22.91 -40.14 30.67
C ASN J 21 22.30 -39.83 32.04
N PRO J 22 23.10 -39.97 33.13
CA PRO J 22 22.61 -39.64 34.45
C PRO J 22 21.89 -38.25 34.52
N GLY J 23 20.68 -38.25 35.09
CA GLY J 23 19.84 -37.07 35.19
C GLY J 23 18.95 -36.76 33.99
N ASP J 24 19.13 -37.49 32.90
CA ASP J 24 18.34 -37.27 31.70
C ASP J 24 16.86 -37.54 32.01
N VAL J 25 16.00 -36.71 31.40
CA VAL J 25 14.55 -36.90 31.37
C VAL J 25 14.20 -37.20 29.92
N ILE J 26 13.48 -38.32 29.71
CA ILE J 26 13.07 -38.73 28.40
C ILE J 26 11.58 -38.97 28.28
N THR J 27 11.08 -38.73 27.08
CA THR J 27 9.73 -39.07 26.68
C THR J 27 9.80 -39.92 25.42
N ILE J 28 8.96 -40.98 25.43
CA ILE J 28 8.88 -41.97 24.36
C ILE J 28 7.39 -42.12 24.01
N VAL J 29 7.05 -41.98 22.74
CA VAL J 29 5.72 -42.28 22.21
C VAL J 29 5.90 -43.37 21.13
N ALA J 30 5.21 -44.51 21.33
CA ALA J 30 5.30 -45.67 20.45
C ALA J 30 3.93 -45.97 19.87
N ALA J 31 3.91 -46.29 18.58
CA ALA J 31 2.67 -46.63 17.93
C ALA J 31 2.88 -47.71 16.89
N GLY J 32 1.77 -48.31 16.55
CA GLY J 32 1.69 -49.25 15.46
C GLY J 32 1.12 -50.60 15.83
N TRP J 33 1.32 -51.55 14.92
CA TRP J 33 0.70 -52.88 15.01
C TRP J 33 1.72 -53.96 14.64
N ALA J 34 1.72 -55.03 15.44
CA ALA J 34 2.69 -56.10 15.32
C ALA J 34 2.16 -57.40 15.90
N SER J 35 2.82 -58.50 15.55
CA SER J 35 2.42 -59.81 16.01
C SER J 35 3.64 -60.66 16.27
N TYR J 36 3.47 -61.46 17.31
CA TYR J 36 4.40 -62.49 17.75
C TYR J 36 4.22 -63.84 17.01
N GLY J 37 3.30 -63.89 16.05
CA GLY J 37 3.01 -65.12 15.30
C GLY J 37 1.59 -65.18 14.71
N PRO J 38 0.56 -65.00 15.53
CA PRO J 38 -0.81 -65.03 15.02
C PRO J 38 -1.10 -64.05 13.87
N THR J 39 -2.17 -64.31 13.13
CA THR J 39 -2.58 -63.44 12.01
C THR J 39 -2.99 -62.06 12.53
N GLN J 40 -3.64 -62.05 13.69
CA GLN J 40 -4.03 -60.86 14.45
C GLN J 40 -2.79 -60.05 14.84
N LYS J 41 -3.03 -58.75 15.08
CA LYS J 41 -1.97 -57.79 15.49
C LYS J 41 -2.40 -57.01 16.75
N TRP J 42 -1.39 -56.57 17.51
CA TRP J 42 -1.59 -55.88 18.76
C TRP J 42 -0.75 -54.62 18.77
N GLY J 43 -1.17 -53.69 19.62
CA GLY J 43 -0.45 -52.44 19.82
C GLY J 43 0.78 -52.66 20.66
N PRO J 44 1.49 -51.56 20.98
CA PRO J 44 2.68 -51.63 21.86
C PRO J 44 2.47 -52.12 23.29
N GLN J 45 1.25 -52.24 23.77
CA GLN J 45 1.05 -52.89 25.07
C GLN J 45 0.97 -54.44 24.92
N GLY J 46 0.98 -54.92 23.69
CA GLY J 46 0.89 -56.35 23.44
C GLY J 46 -0.47 -56.98 23.73
N ASP J 47 -0.43 -58.31 23.90
CA ASP J 47 -1.63 -59.17 24.01
C ASP J 47 -1.86 -59.55 25.48
N ARG J 48 -2.86 -58.94 26.10
CA ARG J 48 -3.10 -59.19 27.52
C ARG J 48 -3.63 -60.60 27.84
N GLU J 49 -4.06 -61.32 26.82
CA GLU J 49 -4.61 -62.68 27.01
C GLU J 49 -3.56 -63.80 26.87
N HIS J 50 -2.34 -63.48 26.43
CA HIS J 50 -1.33 -64.51 26.15
C HIS J 50 -0.46 -64.80 27.37
N PRO J 51 -0.24 -66.11 27.69
CA PRO J 51 0.60 -66.38 28.83
C PRO J 51 2.09 -66.06 28.55
N ASP J 52 2.82 -65.80 29.63
CA ASP J 52 4.28 -65.63 29.62
C ASP J 52 4.98 -66.99 29.59
N GLN J 53 5.59 -67.31 28.46
CA GLN J 53 6.30 -68.55 28.27
C GLN J 53 7.82 -68.44 28.25
N GLY J 54 8.36 -67.47 28.97
CA GLY J 54 9.80 -67.15 28.95
C GLY J 54 10.06 -65.87 28.21
N LEU J 55 9.25 -64.84 28.47
CA LEU J 55 9.42 -63.56 27.82
C LEU J 55 10.73 -62.85 28.25
N ILE J 56 11.30 -62.06 27.34
CA ILE J 56 12.48 -61.25 27.67
C ILE J 56 12.20 -60.23 28.75
N CYS J 57 10.95 -59.78 28.84
CA CYS J 57 10.51 -58.93 29.91
C CYS J 57 9.26 -59.53 30.54
N HIS J 58 9.40 -60.03 31.76
CA HIS J 58 8.27 -60.58 32.51
C HIS J 58 7.31 -59.53 33.13
N ASP J 59 7.68 -58.26 33.05
CA ASP J 59 6.84 -57.17 33.53
C ASP J 59 6.02 -56.53 32.40
N ALA J 60 5.93 -57.18 31.25
CA ALA J 60 5.08 -56.71 30.15
C ALA J 60 4.48 -57.89 29.42
N PHE J 61 3.38 -57.63 28.70
CA PHE J 61 2.76 -58.68 27.89
C PHE J 61 3.60 -59.07 26.67
N CYS J 62 3.35 -60.28 26.19
CA CYS J 62 3.86 -60.74 24.92
C CYS J 62 3.40 -59.77 23.85
N GLY J 63 4.36 -59.30 23.05
CA GLY J 63 4.14 -58.33 22.01
C GLY J 63 4.18 -56.87 22.43
N ALA J 64 4.53 -56.62 23.68
CA ALA J 64 4.68 -55.27 24.20
C ALA J 64 6.05 -54.75 23.76
N LEU J 65 6.13 -53.42 23.76
CA LEU J 65 7.40 -52.74 23.55
C LEU J 65 8.14 -52.64 24.89
N VAL J 66 9.42 -53.03 24.86
CA VAL J 66 10.28 -52.86 25.99
C VAL J 66 11.63 -52.32 25.53
N MET J 67 12.50 -51.97 26.47
CA MET J 67 13.84 -51.47 26.17
C MET J 67 14.93 -52.00 27.11
N LYS J 68 16.16 -51.90 26.65
CA LYS J 68 17.34 -51.89 27.55
C LYS J 68 18.04 -50.54 27.46
N ILE J 69 18.62 -50.16 28.57
CA ILE J 69 19.49 -48.98 28.66
C ILE J 69 20.90 -49.49 29.09
N GLY J 70 21.87 -49.30 28.20
CA GLY J 70 23.17 -49.94 28.33
C GLY J 70 22.96 -51.46 28.37
N ASN J 71 23.54 -52.10 29.36
CA ASN J 71 23.26 -53.49 29.58
C ASN J 71 22.45 -53.69 30.87
N SER J 72 21.41 -52.85 31.02
CA SER J 72 20.37 -53.07 32.04
C SER J 72 19.60 -54.33 31.71
N GLY J 73 18.79 -54.80 32.64
CA GLY J 73 17.70 -55.72 32.25
C GLY J 73 16.67 -55.01 31.38
N THR J 74 15.71 -55.77 30.88
CA THR J 74 14.57 -55.18 30.14
C THR J 74 13.60 -54.34 30.98
N ILE J 75 13.14 -53.25 30.39
CA ILE J 75 12.27 -52.28 31.07
C ILE J 75 11.03 -52.11 30.23
N PRO J 76 9.84 -52.20 30.82
CA PRO J 76 8.65 -51.98 30.00
C PRO J 76 8.55 -50.58 29.43
N VAL J 77 8.19 -50.48 28.16
CA VAL J 77 7.88 -49.21 27.52
C VAL J 77 6.40 -49.13 27.21
N ASN J 78 5.84 -50.19 26.62
CA ASN J 78 4.42 -50.16 26.25
C ASN J 78 4.12 -48.97 25.30
N THR J 79 3.05 -48.18 25.53
CA THR J 79 2.76 -47.05 24.62
C THR J 79 3.79 -45.91 24.66
N GLY J 80 4.62 -45.90 25.71
CA GLY J 80 5.55 -44.82 25.93
C GLY J 80 5.81 -44.44 27.37
N LEU J 81 6.64 -43.42 27.55
CA LEU J 81 7.13 -42.97 28.86
C LEU J 81 7.06 -41.46 28.79
N PHE J 82 6.44 -40.85 29.77
CA PHE J 82 6.29 -39.39 29.80
C PHE J 82 7.24 -38.79 30.85
N ARG J 83 8.20 -38.00 30.39
CA ARG J 83 9.13 -37.25 31.25
C ARG J 83 9.70 -38.13 32.36
N TRP J 84 10.38 -39.18 31.91
CA TRP J 84 10.73 -40.32 32.74
C TRP J 84 12.23 -40.27 33.06
N VAL J 85 12.58 -40.61 34.29
CA VAL J 85 13.99 -40.65 34.70
C VAL J 85 14.33 -42.08 35.11
N ALA J 86 15.47 -42.58 34.65
CA ALA J 86 15.89 -43.97 34.87
C ALA J 86 16.11 -44.29 36.33
N ASN J 88 17.90 -46.40 38.95
CA ASN J 88 19.02 -46.98 39.76
C ASN J 88 20.43 -46.92 39.06
N ASN J 89 20.81 -45.70 38.72
CA ASN J 89 22.01 -45.37 38.00
C ASN J 89 22.24 -46.10 36.65
N VAL J 90 21.17 -46.53 35.97
CA VAL J 90 21.34 -47.18 34.68
C VAL J 90 21.67 -46.09 33.70
N GLN J 91 22.41 -46.45 32.65
CA GLN J 91 22.80 -45.49 31.63
C GLN J 91 23.37 -46.13 30.39
N GLY J 92 23.48 -45.36 29.33
CA GLY J 92 23.96 -45.87 28.05
C GLY J 92 22.92 -45.87 26.93
N ALA J 93 23.28 -46.51 25.83
CA ALA J 93 22.44 -46.52 24.63
C ALA J 93 21.08 -47.18 24.96
N ILE J 94 20.01 -46.59 24.42
CA ILE J 94 18.68 -47.17 24.54
C ILE J 94 18.44 -48.06 23.33
N THR J 95 18.21 -49.32 23.63
CA THR J 95 17.79 -50.34 22.65
C THR J 95 16.33 -50.68 22.88
N LEU J 96 15.56 -50.60 21.83
CA LEU J 96 14.13 -50.96 21.90
C LEU J 96 13.94 -52.38 21.33
N ILE J 97 13.13 -53.17 22.02
CA ILE J 97 12.90 -54.56 21.65
C ILE J 97 11.42 -54.92 21.75
N TYR J 98 10.95 -55.76 20.81
CA TYR J 98 9.64 -56.41 20.86
C TYR J 98 9.73 -57.51 21.92
N ASN J 99 8.74 -57.56 22.83
CA ASN J 99 8.66 -58.57 23.89
C ASN J 99 8.18 -59.95 23.39
N ASP J 100 9.10 -60.93 23.33
CA ASP J 100 8.77 -62.30 22.87
C ASP J 100 9.73 -63.26 23.60
N VAL J 101 9.57 -64.56 23.34
CA VAL J 101 10.43 -65.58 23.94
C VAL J 101 11.68 -65.67 23.05
N PRO J 102 12.88 -65.74 23.65
CA PRO J 102 14.10 -65.92 22.85
C PRO J 102 14.03 -67.11 21.89
N GLY J 103 14.54 -66.89 20.69
CA GLY J 103 14.55 -67.86 19.65
C GLY J 103 13.22 -68.10 18.96
N THR J 104 12.17 -67.31 19.27
CA THR J 104 10.87 -67.43 18.63
C THR J 104 10.49 -66.17 17.88
N TYR J 105 11.48 -65.36 17.53
CA TYR J 105 11.20 -64.09 16.88
C TYR J 105 10.95 -64.29 15.40
N GLY J 106 11.35 -65.43 14.84
CA GLY J 106 11.36 -65.57 13.37
C GLY J 106 10.00 -65.51 12.69
N ASN J 107 8.95 -65.82 13.42
CA ASN J 107 7.60 -65.77 12.85
C ASN J 107 6.84 -64.46 13.15
N ASN J 108 7.54 -63.48 13.69
CA ASN J 108 6.93 -62.18 14.04
C ASN J 108 6.74 -61.25 12.84
N SER J 109 5.81 -60.31 12.98
CA SER J 109 5.56 -59.38 11.89
C SER J 109 5.08 -58.02 12.40
N GLY J 110 5.20 -57.05 11.51
CA GLY J 110 4.83 -55.69 11.84
C GLY J 110 5.93 -55.02 12.59
N SER J 111 5.62 -53.85 13.09
CA SER J 111 6.62 -53.01 13.76
C SER J 111 5.90 -51.90 14.49
N PHE J 112 6.67 -51.20 15.31
CA PHE J 112 6.23 -50.03 16.02
C PHE J 112 7.12 -48.87 15.58
N SER J 113 6.45 -47.76 15.31
CA SER J 113 7.06 -46.49 15.02
C SER J 113 7.27 -45.80 16.34
N VAL J 114 8.50 -45.37 16.65
CA VAL J 114 8.81 -44.80 17.96
C VAL J 114 9.60 -43.47 17.89
N ASN J 115 9.13 -42.52 18.69
CA ASN J 115 9.83 -41.27 18.99
C ASN J 115 10.44 -41.30 20.40
N ILE J 116 11.71 -40.88 20.51
CA ILE J 116 12.36 -40.64 21.79
C ILE J 116 12.95 -39.23 21.75
N GLY J 117 12.56 -38.41 22.72
CA GLY J 117 13.25 -37.11 22.95
C GLY J 117 13.78 -36.99 24.37
N LYS J 118 14.76 -36.12 24.57
CA LYS J 118 15.22 -35.70 25.88
C LYS J 118 14.46 -34.41 26.19
N ASP J 119 13.80 -34.42 27.32
CA ASP J 119 13.10 -33.29 27.91
C ASP J 119 14.07 -32.35 28.65
N GLN J 120 13.53 -31.21 29.09
CA GLN J 120 14.32 -30.27 29.93
C GLN J 120 14.57 -30.93 31.26
N SER J 121 15.76 -30.66 31.80
CA SER J 121 16.14 -31.15 33.10
C SER J 121 17.11 -30.19 33.79
N ALA K 1 18.78 -29.37 36.54
CA ALA K 1 19.18 -27.95 36.42
C ALA K 1 20.12 -27.68 37.60
N TRP K 2 20.85 -26.57 37.56
CA TRP K 2 21.71 -26.19 38.69
C TRP K 2 21.52 -24.71 38.96
N LYS K 3 21.45 -24.37 40.24
CA LYS K 3 21.47 -22.95 40.65
C LYS K 3 22.48 -22.68 41.76
N GLY K 4 23.22 -21.59 41.62
CA GLY K 4 24.20 -21.21 42.64
C GLY K 4 25.00 -19.97 42.33
N GLU K 5 25.99 -19.71 43.18
CA GLU K 5 26.76 -18.47 43.17
C GLU K 5 28.20 -18.77 42.69
N VAL K 6 28.71 -17.94 41.76
CA VAL K 6 30.13 -17.91 41.38
C VAL K 6 30.85 -16.66 41.99
N LEU K 7 31.72 -16.87 42.97
CA LEU K 7 32.50 -15.80 43.63
C LEU K 7 33.59 -15.31 42.68
N ALA K 8 33.70 -13.98 42.57
CA ALA K 8 34.72 -13.37 41.70
C ALA K 8 36.13 -13.74 42.12
N ASN K 9 36.34 -14.10 43.38
CA ASN K 9 37.68 -14.39 43.90
C ASN K 9 38.00 -15.86 43.96
N ASN K 10 37.16 -16.68 43.36
CA ASN K 10 37.35 -18.11 43.31
C ASN K 10 38.15 -18.45 42.06
N GLU K 11 39.48 -18.43 42.17
CA GLU K 11 40.34 -18.66 40.99
C GLU K 11 40.14 -20.04 40.32
N ALA K 12 39.89 -21.07 41.11
CA ALA K 12 39.65 -22.41 40.59
C ALA K 12 38.28 -22.56 39.89
N GLY K 13 37.36 -21.63 40.14
CA GLY K 13 36.00 -21.72 39.62
C GLY K 13 35.04 -22.50 40.49
N GLN K 14 33.74 -22.31 40.22
CA GLN K 14 32.64 -22.98 40.87
C GLN K 14 32.21 -24.16 40.00
N VAL K 15 32.50 -25.38 40.45
CA VAL K 15 31.99 -26.57 39.80
C VAL K 15 30.50 -26.72 40.04
N THR K 16 29.78 -27.04 38.98
CA THR K 16 28.33 -27.24 39.03
C THR K 16 27.99 -28.74 39.01
N SER K 17 26.71 -29.03 39.18
CA SER K 17 26.16 -30.39 39.12
C SER K 17 25.94 -30.85 37.65
N ILE K 18 26.12 -29.95 36.69
CA ILE K 18 25.91 -30.26 35.27
C ILE K 18 27.11 -30.96 34.60
N ILE K 19 26.91 -32.17 34.09
CA ILE K 19 27.89 -32.81 33.24
C ILE K 19 27.37 -32.61 31.85
N TYR K 20 28.12 -31.89 31.04
CA TYR K 20 27.72 -31.71 29.65
C TYR K 20 28.09 -32.95 28.85
N ASN K 21 27.09 -33.56 28.21
CA ASN K 21 27.24 -34.80 27.46
C ASN K 21 27.00 -34.51 26.00
N PRO K 22 27.64 -35.26 25.10
CA PRO K 22 27.42 -35.16 23.68
C PRO K 22 25.95 -35.00 23.28
N GLY K 23 25.66 -33.97 22.48
CA GLY K 23 24.31 -33.71 22.03
C GLY K 23 23.45 -32.85 22.93
N ASP K 24 23.88 -32.61 24.17
CA ASP K 24 23.11 -31.79 25.10
C ASP K 24 22.97 -30.36 24.57
N VAL K 25 21.82 -29.77 24.87
CA VAL K 25 21.51 -28.37 24.64
C VAL K 25 21.33 -27.77 26.02
N ILE K 26 21.92 -26.61 26.26
CA ILE K 26 21.85 -25.97 27.57
C ILE K 26 21.55 -24.46 27.44
N THR K 27 20.91 -23.94 28.49
CA THR K 27 20.66 -22.51 28.63
C THR K 27 21.20 -22.09 29.98
N ILE K 28 21.83 -20.92 30.00
CA ILE K 28 22.47 -20.35 31.14
C ILE K 28 22.00 -18.92 31.20
N VAL K 29 21.55 -18.52 32.38
CA VAL K 29 21.29 -17.12 32.70
C VAL K 29 22.12 -16.69 33.93
N ALA K 30 22.92 -15.62 33.76
CA ALA K 30 23.77 -15.07 34.81
C ALA K 30 23.35 -13.66 35.16
N ALA K 31 23.36 -13.36 36.46
CA ALA K 31 23.05 -12.01 37.01
C ALA K 31 24.03 -11.64 38.11
N GLY K 32 24.14 -10.33 38.35
CA GLY K 32 24.75 -9.83 39.57
C GLY K 32 25.90 -8.88 39.32
N TRP K 33 26.66 -8.61 40.37
CA TRP K 33 27.65 -7.53 40.30
C TRP K 33 28.95 -7.95 40.92
N ALA K 34 30.05 -7.66 40.24
CA ALA K 34 31.34 -8.06 40.77
C ALA K 34 32.48 -7.14 40.32
N SER K 35 33.62 -7.26 41.01
CA SER K 35 34.84 -6.53 40.67
C SER K 35 36.11 -7.41 40.64
N TYR K 36 37.01 -7.05 39.74
CA TYR K 36 38.31 -7.65 39.58
C TYR K 36 39.38 -6.86 40.37
N GLY K 37 38.94 -5.84 41.09
CA GLY K 37 39.80 -5.07 41.97
C GLY K 37 39.29 -3.67 42.25
N PRO K 38 38.92 -2.92 41.20
CA PRO K 38 38.41 -1.58 41.56
C PRO K 38 37.21 -1.49 42.50
N THR K 39 36.92 -0.27 42.93
CA THR K 39 35.78 0.03 43.79
C THR K 39 34.43 -0.23 43.05
N GLN K 40 34.40 0.11 41.77
CA GLN K 40 33.26 -0.12 40.92
C GLN K 40 32.99 -1.61 40.77
N LYS K 41 31.81 -1.90 40.26
CA LYS K 41 31.41 -3.27 39.96
C LYS K 41 30.85 -3.31 38.55
N TRP K 42 30.94 -4.51 37.94
CA TRP K 42 30.46 -4.77 36.59
C TRP K 42 29.60 -6.02 36.64
N GLY K 43 28.79 -6.13 35.62
CA GLY K 43 27.96 -7.30 35.43
C GLY K 43 28.68 -8.44 34.77
N PRO K 44 27.94 -9.50 34.42
CA PRO K 44 28.54 -10.70 33.84
C PRO K 44 29.24 -10.55 32.49
N GLN K 45 29.08 -9.40 31.82
CA GLN K 45 29.85 -9.09 30.63
C GLN K 45 31.21 -8.44 30.97
N GLY K 46 31.50 -8.24 32.25
CA GLY K 46 32.75 -7.59 32.65
C GLY K 46 32.88 -6.14 32.18
N ASP K 47 34.15 -5.71 32.15
CA ASP K 47 34.51 -4.30 31.93
C ASP K 47 35.09 -4.14 30.53
N ARG K 48 34.31 -3.57 29.63
CA ARG K 48 34.73 -3.37 28.24
C ARG K 48 35.83 -2.36 28.06
N GLU K 49 36.17 -1.60 29.11
CA GLU K 49 37.26 -0.60 28.99
C GLU K 49 38.64 -1.08 29.47
N HIS K 50 38.70 -2.30 30.01
CA HIS K 50 39.93 -2.79 30.63
C HIS K 50 40.75 -3.67 29.67
N PRO K 51 42.05 -3.35 29.51
CA PRO K 51 42.88 -4.16 28.64
C PRO K 51 43.10 -5.61 29.11
N ASP K 52 43.14 -6.49 28.13
CA ASP K 52 43.50 -7.88 28.34
C ASP K 52 45.01 -7.95 28.58
N GLN K 53 45.39 -8.24 29.83
CA GLN K 53 46.82 -8.42 30.21
C GLN K 53 47.13 -9.88 30.59
N GLY K 54 46.46 -10.83 29.94
CA GLY K 54 46.66 -12.25 30.18
C GLY K 54 45.51 -12.91 30.95
N LEU K 55 44.29 -12.62 30.54
CA LEU K 55 43.12 -13.17 31.22
C LEU K 55 43.05 -14.68 30.89
N ILE K 56 42.37 -15.47 31.73
CA ILE K 56 42.15 -16.90 31.46
C ILE K 56 41.32 -17.11 30.16
N CYS K 57 40.45 -16.13 29.86
CA CYS K 57 39.70 -16.10 28.61
C CYS K 57 39.90 -14.82 27.81
N HIS K 58 40.62 -14.95 26.69
CA HIS K 58 40.83 -13.85 25.78
C HIS K 58 39.61 -13.49 24.92
N ASP K 59 38.57 -14.32 24.90
CA ASP K 59 37.38 -14.04 24.09
C ASP K 59 36.25 -13.37 24.90
N ALA K 60 36.56 -12.95 26.12
CA ALA K 60 35.67 -12.17 26.97
C ALA K 60 36.49 -11.11 27.71
N PHE K 61 35.79 -10.07 28.16
CA PHE K 61 36.36 -8.98 28.93
C PHE K 61 36.72 -9.45 30.32
N CYS K 62 37.66 -8.74 30.95
CA CYS K 62 37.97 -8.92 32.33
C CYS K 62 36.69 -8.70 33.19
N GLY K 63 36.41 -9.62 34.09
CA GLY K 63 35.23 -9.51 34.95
C GLY K 63 33.96 -10.14 34.38
N ALA K 64 34.07 -10.69 33.17
CA ALA K 64 33.02 -11.52 32.57
C ALA K 64 32.98 -12.90 33.18
N LEU K 65 31.79 -13.52 33.09
CA LEU K 65 31.60 -14.94 33.45
C LEU K 65 32.02 -15.81 32.27
N VAL K 66 32.84 -16.83 32.55
CA VAL K 66 33.29 -17.77 31.54
C VAL K 66 33.08 -19.17 32.12
N MET K 67 33.28 -20.20 31.32
CA MET K 67 33.23 -21.55 31.87
C MET K 67 34.27 -22.47 31.24
N LYS K 68 34.47 -23.62 31.87
CA LYS K 68 35.13 -24.77 31.22
C LYS K 68 34.20 -25.97 31.31
N ILE K 69 34.31 -26.84 30.34
CA ILE K 69 33.57 -28.09 30.30
C ILE K 69 34.60 -29.20 30.21
N GLY K 70 34.72 -29.98 31.27
CA GLY K 70 35.77 -31.00 31.36
C GLY K 70 37.15 -30.35 31.19
N ASN K 71 37.88 -30.85 30.21
CA ASN K 71 39.25 -30.46 29.92
C ASN K 71 39.31 -29.42 28.78
N SER K 72 38.26 -28.61 28.66
CA SER K 72 38.19 -27.64 27.60
C SER K 72 38.96 -26.38 28.02
N GLY K 73 39.25 -25.54 27.05
CA GLY K 73 39.68 -24.21 27.38
C GLY K 73 38.49 -23.40 27.86
N THR K 74 38.74 -22.13 28.09
CA THR K 74 37.69 -21.26 28.59
C THR K 74 36.69 -20.96 27.47
N ILE K 75 35.41 -20.87 27.85
CA ILE K 75 34.35 -20.56 26.93
C ILE K 75 33.58 -19.37 27.52
N PRO K 76 33.46 -18.28 26.75
CA PRO K 76 32.65 -17.14 27.24
C PRO K 76 31.20 -17.52 27.54
N VAL K 77 30.69 -17.08 28.70
CA VAL K 77 29.29 -17.23 29.11
C VAL K 77 28.61 -15.83 29.13
N ASN K 78 29.30 -14.81 29.66
CA ASN K 78 28.70 -13.47 29.80
C ASN K 78 27.33 -13.51 30.53
N THR K 79 26.29 -12.87 29.99
CA THR K 79 24.95 -12.87 30.64
C THR K 79 24.26 -14.24 30.55
N GLY K 80 24.68 -15.04 29.59
CA GLY K 80 24.18 -16.41 29.45
C GLY K 80 24.29 -16.95 28.04
N LEU K 81 23.77 -18.19 27.88
CA LEU K 81 23.74 -18.89 26.60
C LEU K 81 22.31 -19.42 26.35
N PHE K 82 21.85 -19.44 25.12
CA PHE K 82 20.45 -19.77 24.86
C PHE K 82 20.39 -20.96 23.93
N ARG K 83 19.92 -22.09 24.46
CA ARG K 83 19.80 -23.32 23.64
C ARG K 83 21.12 -23.57 22.89
N TRP K 84 22.18 -23.61 23.68
CA TRP K 84 23.54 -23.69 23.21
C TRP K 84 24.05 -25.15 23.15
N VAL K 85 24.87 -25.43 22.14
CA VAL K 85 25.44 -26.77 21.95
C VAL K 85 26.95 -26.59 21.89
N ALA K 86 27.67 -27.46 22.56
CA ALA K 86 29.12 -27.34 22.65
C ALA K 86 29.78 -27.78 21.36
N PRO K 87 30.98 -27.25 21.10
CA PRO K 87 31.81 -27.77 20.03
C PRO K 87 32.00 -29.28 20.13
N ASN K 88 32.37 -29.88 19.00
CA ASN K 88 32.57 -31.33 18.91
C ASN K 88 33.68 -31.76 19.88
N ASN K 89 33.46 -32.89 20.53
CA ASN K 89 34.40 -33.47 21.51
C ASN K 89 34.61 -32.68 22.80
N VAL K 90 33.74 -31.70 23.05
CA VAL K 90 33.73 -31.00 24.33
C VAL K 90 32.64 -31.62 25.21
N GLN K 91 33.05 -32.18 26.34
CA GLN K 91 32.11 -32.81 27.29
C GLN K 91 32.74 -32.86 28.65
N GLY K 92 31.90 -33.04 29.67
CA GLY K 92 32.33 -33.08 31.07
C GLY K 92 31.62 -32.10 31.99
N ALA K 93 32.11 -32.02 33.22
CA ALA K 93 31.52 -31.21 34.27
C ALA K 93 31.68 -29.73 33.90
N ILE K 94 30.64 -28.93 34.08
CA ILE K 94 30.74 -27.49 33.84
C ILE K 94 31.25 -26.80 35.10
N THR K 95 32.35 -26.08 34.97
CA THR K 95 32.88 -25.18 36.00
C THR K 95 32.73 -23.78 35.49
N LEU K 96 32.11 -22.94 36.32
CA LEU K 96 31.97 -21.53 36.04
C LEU K 96 33.11 -20.72 36.68
N ILE K 97 33.65 -19.76 35.94
CA ILE K 97 34.84 -18.99 36.39
C ILE K 97 34.72 -17.51 35.99
N TYR K 98 35.05 -16.66 36.96
CA TYR K 98 35.26 -15.21 36.76
C TYR K 98 36.53 -15.00 35.93
N ASN K 99 36.43 -14.18 34.89
CA ASN K 99 37.54 -13.94 33.99
C ASN K 99 38.50 -12.88 34.57
N ASP K 100 39.65 -13.38 35.03
CA ASP K 100 40.72 -12.50 35.54
C ASP K 100 42.08 -13.07 35.10
N VAL K 101 43.15 -12.32 35.41
CA VAL K 101 44.52 -12.77 35.22
C VAL K 101 44.89 -13.73 36.40
N PRO K 102 45.50 -14.89 36.07
CA PRO K 102 45.92 -15.80 37.16
C PRO K 102 46.85 -15.12 38.15
N GLY K 103 46.74 -15.49 39.44
CA GLY K 103 47.51 -14.84 40.49
C GLY K 103 46.88 -13.57 41.03
N THR K 104 45.82 -13.07 40.36
CA THR K 104 45.23 -11.76 40.70
C THR K 104 43.79 -11.84 41.21
N TYR K 105 43.34 -13.01 41.66
CA TYR K 105 41.93 -13.19 42.12
C TYR K 105 41.68 -12.73 43.54
N GLY K 106 42.75 -12.60 44.33
CA GLY K 106 42.63 -12.25 45.75
C GLY K 106 41.93 -10.93 46.09
N ASN K 107 42.04 -9.93 45.22
CA ASN K 107 41.38 -8.64 45.45
C ASN K 107 39.99 -8.48 44.78
N ASN K 108 39.45 -9.60 44.28
CA ASN K 108 38.13 -9.61 43.65
C ASN K 108 37.01 -9.61 44.69
N SER K 109 35.87 -9.05 44.33
CA SER K 109 34.71 -9.15 45.20
C SER K 109 33.39 -9.32 44.43
N GLY K 110 32.34 -9.63 45.18
CA GLY K 110 31.03 -9.90 44.63
C GLY K 110 30.96 -11.29 44.01
N SER K 111 29.83 -11.52 43.36
CA SER K 111 29.57 -12.81 42.75
C SER K 111 28.48 -12.67 41.72
N PHE K 112 28.37 -13.70 40.89
CA PHE K 112 27.24 -13.84 39.99
C PHE K 112 26.40 -14.98 40.46
N SER K 113 25.10 -14.76 40.33
CA SER K 113 24.07 -15.75 40.54
C SER K 113 23.76 -16.43 39.19
N VAL K 114 23.95 -17.76 39.09
CA VAL K 114 23.83 -18.43 37.79
C VAL K 114 22.85 -19.61 37.79
N ASN K 115 21.97 -19.64 36.80
CA ASN K 115 21.11 -20.83 36.56
C ASN K 115 21.60 -21.54 35.35
N ILE K 116 21.67 -22.87 35.40
CA ILE K 116 21.93 -23.68 34.20
C ILE K 116 20.87 -24.78 34.09
N GLY K 117 20.27 -24.91 32.92
CA GLY K 117 19.34 -26.05 32.65
C GLY K 117 19.74 -26.75 31.37
N LYS K 118 19.37 -28.03 31.26
CA LYS K 118 19.40 -28.74 29.98
C LYS K 118 18.03 -28.58 29.33
N ASP K 119 18.07 -28.24 28.06
CA ASP K 119 16.92 -28.10 27.21
C ASP K 119 16.55 -29.44 26.56
N GLN K 120 15.40 -29.44 25.89
CA GLN K 120 15.00 -30.55 25.01
C GLN K 120 15.99 -30.80 23.87
N SER K 121 16.20 -32.06 23.55
CA SER K 121 17.08 -32.41 22.44
C SER K 121 16.75 -33.78 21.95
N ALA L 1 9.81 -19.23 19.66
CA ALA L 1 10.97 -18.44 20.08
C ALA L 1 10.86 -17.08 19.41
N TRP L 2 11.67 -16.15 19.91
CA TRP L 2 11.83 -14.84 19.27
C TRP L 2 13.25 -14.38 19.55
N LYS L 3 13.88 -13.77 18.55
CA LYS L 3 15.22 -13.21 18.68
C LYS L 3 15.18 -11.91 17.98
N GLY L 4 15.69 -10.87 18.64
CA GLY L 4 15.74 -9.56 18.06
C GLY L 4 16.49 -8.59 18.93
N GLU L 5 16.60 -7.37 18.46
CA GLU L 5 17.26 -6.25 19.12
C GLU L 5 16.26 -5.32 19.75
N VAL L 6 16.68 -4.70 20.84
CA VAL L 6 15.90 -3.65 21.47
C VAL L 6 16.80 -2.43 21.51
N LEU L 7 16.47 -1.43 20.69
CA LEU L 7 17.22 -0.20 20.70
C LEU L 7 17.00 0.61 21.97
N ALA L 8 18.09 1.11 22.53
CA ALA L 8 18.06 2.00 23.68
C ALA L 8 17.21 3.27 23.50
N ASN L 9 17.14 3.78 22.27
CA ASN L 9 16.41 5.00 21.96
C ASN L 9 14.95 4.79 21.53
N ASN L 10 14.48 3.54 21.55
CA ASN L 10 13.11 3.17 21.18
C ASN L 10 12.23 3.33 22.42
N GLU L 11 11.61 4.51 22.54
CA GLU L 11 10.82 4.82 23.74
C GLU L 11 9.56 3.96 23.85
N ALA L 12 8.92 3.71 22.72
CA ALA L 12 7.75 2.84 22.63
C ALA L 12 8.05 1.41 23.08
N GLY L 13 9.24 0.93 22.73
CA GLY L 13 9.67 -0.44 22.99
C GLY L 13 9.54 -1.34 21.77
N GLN L 14 10.24 -2.46 21.83
CA GLN L 14 10.26 -3.46 20.79
C GLN L 14 9.22 -4.55 21.10
N VAL L 15 8.19 -4.62 20.26
CA VAL L 15 7.18 -5.67 20.39
C VAL L 15 7.83 -6.99 19.92
N THR L 16 7.55 -8.08 20.62
CA THR L 16 8.09 -9.37 20.20
C THR L 16 6.93 -10.16 19.60
N SER L 17 7.24 -11.37 19.16
CA SER L 17 6.24 -12.29 18.64
C SER L 17 5.73 -13.22 19.75
N ILE L 18 6.21 -13.03 20.97
CA ILE L 18 5.81 -13.91 22.05
C ILE L 18 4.52 -13.36 22.65
N ILE L 19 3.49 -14.22 22.67
CA ILE L 19 2.27 -13.95 23.41
C ILE L 19 2.33 -14.77 24.68
N TYR L 20 2.49 -14.11 25.82
CA TYR L 20 2.53 -14.79 27.07
C TYR L 20 1.14 -15.26 27.45
N ASN L 21 0.98 -16.57 27.57
CA ASN L 21 -0.31 -17.14 27.98
C ASN L 21 -0.30 -17.71 29.39
N PRO L 22 -1.49 -17.79 30.04
CA PRO L 22 -1.58 -18.38 31.35
C PRO L 22 -0.88 -19.73 31.47
N GLY L 23 -0.05 -19.88 32.50
CA GLY L 23 0.74 -21.09 32.69
C GLY L 23 2.05 -21.16 31.92
N ASP L 24 2.31 -20.23 30.99
CA ASP L 24 3.53 -20.33 30.22
C ASP L 24 4.75 -20.20 31.13
N VAL L 25 5.76 -21.01 30.83
CA VAL L 25 7.10 -20.89 31.42
C VAL L 25 8.03 -20.33 30.35
N ILE L 26 8.70 -19.21 30.62
CA ILE L 26 9.56 -18.58 29.60
C ILE L 26 11.02 -18.41 30.11
N THR L 27 11.94 -18.42 29.15
CA THR L 27 13.32 -18.06 29.38
C THR L 27 13.74 -16.91 28.44
N ILE L 28 14.37 -15.90 29.04
CA ILE L 28 14.97 -14.78 28.32
C ILE L 28 16.49 -14.71 28.64
N VAL L 29 17.29 -14.45 27.61
CA VAL L 29 18.69 -14.14 27.76
C VAL L 29 18.91 -12.85 26.94
N ALA L 30 19.46 -11.83 27.60
CA ALA L 30 19.75 -10.53 27.00
C ALA L 30 21.24 -10.22 27.08
N ALA L 31 21.80 -9.71 25.97
CA ALA L 31 23.21 -9.32 25.87
C ALA L 31 23.41 -7.97 25.16
N GLY L 32 24.56 -7.32 25.38
CA GLY L 32 24.96 -6.18 24.59
C GLY L 32 25.26 -4.93 25.40
N TRP L 33 25.44 -3.83 24.67
CA TRP L 33 25.87 -2.60 25.28
C TRP L 33 25.06 -1.40 24.75
N ALA L 34 24.54 -0.61 25.68
CA ALA L 34 23.75 0.57 25.34
C ALA L 34 24.04 1.71 26.33
N SER L 35 23.56 2.90 25.99
CA SER L 35 23.68 4.05 26.86
C SER L 35 22.40 4.90 26.81
N TYR L 36 22.10 5.46 27.97
CA TYR L 36 21.03 6.40 28.18
C TYR L 36 21.47 7.87 27.98
N GLY L 37 22.67 8.11 27.48
CA GLY L 37 23.22 9.47 27.45
C GLY L 37 24.75 9.49 27.31
N PRO L 38 25.47 9.12 28.39
CA PRO L 38 26.95 9.13 28.48
C PRO L 38 27.69 8.37 27.39
N THR L 39 28.98 8.67 27.24
CA THR L 39 29.79 8.03 26.24
C THR L 39 30.12 6.59 26.66
N GLN L 40 30.15 6.33 27.98
CA GLN L 40 30.14 4.99 28.54
C GLN L 40 28.93 4.17 28.03
N LYS L 41 29.07 2.85 28.08
CA LYS L 41 27.95 1.93 27.83
C LYS L 41 27.83 0.91 28.93
N TRP L 42 26.61 0.43 29.11
CA TRP L 42 26.27 -0.50 30.17
C TRP L 42 25.54 -1.71 29.57
N GLY L 43 25.61 -2.81 30.29
CA GLY L 43 24.89 -4.04 29.92
C GLY L 43 23.42 -3.95 30.35
N PRO L 44 22.66 -5.04 30.14
CA PRO L 44 21.23 -5.01 30.41
C PRO L 44 20.79 -4.94 31.89
N GLN L 45 21.74 -4.95 32.85
CA GLN L 45 21.42 -4.58 34.24
C GLN L 45 21.50 -3.07 34.42
N GLY L 46 21.99 -2.37 33.40
CA GLY L 46 22.04 -0.92 33.48
C GLY L 46 23.16 -0.41 34.38
N ASP L 47 22.98 0.82 34.86
CA ASP L 47 24.00 1.61 35.59
C ASP L 47 23.60 1.71 37.07
N ARG L 48 24.27 0.92 37.89
CA ARG L 48 23.94 0.83 39.31
C ARG L 48 24.27 2.08 40.08
N GLU L 49 24.95 3.02 39.47
CA GLU L 49 25.38 4.24 40.15
C GLU L 49 24.52 5.45 39.84
N HIS L 50 23.60 5.32 38.89
CA HIS L 50 22.78 6.47 38.49
C HIS L 50 21.46 6.54 39.27
N PRO L 51 21.09 7.74 39.73
CA PRO L 51 19.82 7.83 40.42
C PRO L 51 18.61 7.65 39.51
N ASP L 52 17.51 7.17 40.09
CA ASP L 52 16.22 7.07 39.43
C ASP L 52 15.54 8.46 39.37
N GLN L 53 15.39 9.04 38.18
CA GLN L 53 14.79 10.39 38.00
C GLN L 53 13.43 10.38 37.29
N GLY L 54 12.71 9.25 37.41
CA GLY L 54 11.42 9.08 36.74
C GLY L 54 11.45 7.94 35.72
N LEU L 55 12.13 6.85 36.08
CA LEU L 55 12.26 5.70 35.20
C LEU L 55 10.89 5.03 34.96
N ILE L 56 10.72 4.41 33.80
CA ILE L 56 9.47 3.70 33.47
C ILE L 56 9.34 2.43 34.30
N CYS L 57 10.48 1.96 34.79
CA CYS L 57 10.49 0.89 35.80
C CYS L 57 11.41 1.22 37.01
N HIS L 58 10.76 1.42 38.16
CA HIS L 58 11.46 1.82 39.37
C HIS L 58 12.24 0.65 40.04
N ASP L 59 12.01 -0.59 39.57
CA ASP L 59 12.59 -1.80 40.19
C ASP L 59 13.80 -2.29 39.41
N ALA L 60 14.21 -1.51 38.43
CA ALA L 60 15.45 -1.75 37.68
C ALA L 60 16.25 -0.44 37.53
N PHE L 61 17.56 -0.56 37.33
CA PHE L 61 18.41 0.61 37.09
C PHE L 61 18.18 1.27 35.73
N CYS L 62 18.62 2.52 35.65
CA CYS L 62 18.67 3.24 34.40
C CYS L 62 19.63 2.46 33.42
N GLY L 63 19.09 2.18 32.23
CA GLY L 63 19.83 1.49 31.15
C GLY L 63 19.73 -0.02 31.17
N ALA L 64 18.86 -0.50 32.06
CA ALA L 64 18.48 -1.90 32.18
C ALA L 64 17.33 -2.24 31.21
N LEU L 65 17.26 -3.51 30.84
CA LEU L 65 16.16 -4.06 30.06
C LEU L 65 14.99 -4.40 30.95
N VAL L 66 13.80 -4.01 30.51
CA VAL L 66 12.56 -4.31 31.21
C VAL L 66 11.54 -4.71 30.16
N MET L 67 10.35 -5.07 30.61
CA MET L 67 9.29 -5.56 29.74
C MET L 67 7.90 -5.23 30.29
N LYS L 68 6.92 -5.27 29.39
CA LYS L 68 5.49 -5.28 29.70
C LYS L 68 4.88 -6.51 28.99
N ILE L 69 3.91 -7.13 29.64
CA ILE L 69 3.19 -8.23 29.09
C ILE L 69 1.72 -7.86 28.96
N GLY L 70 1.23 -7.70 27.73
CA GLY L 70 -0.11 -7.16 27.51
C GLY L 70 -0.23 -5.80 28.20
N ASN L 71 -1.29 -5.60 28.96
CA ASN L 71 -1.50 -4.34 29.68
C ASN L 71 -0.91 -4.27 31.12
N SER L 72 0.12 -5.08 31.39
CA SER L 72 0.83 -5.02 32.64
C SER L 72 1.65 -3.74 32.81
N GLY L 73 2.03 -3.48 34.03
CA GLY L 73 3.12 -2.54 34.29
C GLY L 73 4.44 -3.14 33.83
N THR L 74 5.49 -2.32 33.85
CA THR L 74 6.83 -2.76 33.59
C THR L 74 7.35 -3.79 34.62
N ILE L 75 8.10 -4.78 34.14
CA ILE L 75 8.62 -5.86 34.96
C ILE L 75 10.13 -5.91 34.58
N PRO L 76 11.03 -5.98 35.58
CA PRO L 76 12.46 -6.12 35.23
C PRO L 76 12.84 -7.42 34.51
N VAL L 77 13.71 -7.28 33.50
CA VAL L 77 14.28 -8.41 32.77
C VAL L 77 15.78 -8.48 33.10
N ASN L 78 16.48 -7.35 33.02
CA ASN L 78 17.92 -7.31 33.32
C ASN L 78 18.64 -8.26 32.36
N THR L 79 19.52 -9.15 32.82
CA THR L 79 20.22 -10.11 31.92
C THR L 79 19.34 -11.24 31.37
N GLY L 80 18.19 -11.42 32.01
CA GLY L 80 17.22 -12.41 31.56
C GLY L 80 16.44 -13.03 32.69
N LEU L 81 15.60 -13.98 32.30
CA LEU L 81 14.71 -14.72 33.18
C LEU L 81 14.87 -16.21 32.89
N PHE L 82 14.91 -17.04 33.92
CA PHE L 82 15.16 -18.47 33.74
C PHE L 82 13.96 -19.25 34.22
N ARG L 83 13.29 -19.95 33.28
CA ARG L 83 12.09 -20.76 33.59
C ARG L 83 11.11 -20.03 34.50
N TRP L 84 10.74 -18.85 34.02
CA TRP L 84 9.92 -17.89 34.75
C TRP L 84 8.45 -18.02 34.41
N VAL L 85 7.62 -17.96 35.44
CA VAL L 85 6.17 -17.95 35.32
C VAL L 85 5.66 -16.60 35.89
N ALA L 86 4.74 -16.00 35.13
CA ALA L 86 4.27 -14.66 35.39
C ALA L 86 3.31 -14.64 36.55
N PRO L 87 3.19 -13.48 37.21
CA PRO L 87 2.14 -13.32 38.21
C PRO L 87 0.77 -13.65 37.62
N ASN L 88 -0.12 -14.09 38.51
CA ASN L 88 -1.45 -14.44 38.15
C ASN L 88 -2.12 -13.30 37.40
N ASN L 89 -2.88 -13.68 36.39
CA ASN L 89 -3.66 -12.76 35.57
C ASN L 89 -2.87 -11.79 34.71
N VAL L 90 -1.63 -12.12 34.41
CA VAL L 90 -0.79 -11.35 33.52
C VAL L 90 -0.61 -12.15 32.21
N GLN L 91 -0.96 -11.53 31.08
CA GLN L 91 -0.87 -12.18 29.79
C GLN L 91 -0.92 -11.20 28.67
N GLY L 92 -0.52 -11.66 27.50
CA GLY L 92 -0.49 -10.86 26.29
C GLY L 92 0.89 -10.83 25.68
N ALA L 93 1.02 -10.03 24.64
CA ALA L 93 2.28 -9.88 23.94
C ALA L 93 3.36 -9.26 24.86
N ILE L 94 4.58 -9.77 24.73
CA ILE L 94 5.76 -9.19 25.40
C ILE L 94 6.38 -8.05 24.53
N THR L 95 6.45 -6.87 25.12
CA THR L 95 7.19 -5.71 24.63
C THR L 95 8.40 -5.54 25.53
N LEU L 96 9.57 -5.45 24.91
CA LEU L 96 10.81 -5.20 25.62
C LEU L 96 11.11 -3.71 25.47
N ILE L 97 11.58 -3.12 26.57
CA ILE L 97 11.87 -1.70 26.64
C ILE L 97 13.15 -1.39 27.41
N TYR L 98 13.95 -0.48 26.84
CA TYR L 98 15.04 0.15 27.58
C TYR L 98 14.52 1.05 28.75
N ASN L 99 15.10 0.87 29.94
CA ASN L 99 14.65 1.65 31.07
C ASN L 99 15.31 3.05 31.07
N ASP L 100 14.53 4.10 30.78
CA ASP L 100 15.02 5.48 30.89
C ASP L 100 13.82 6.35 31.33
N VAL L 101 14.06 7.64 31.58
CA VAL L 101 13.00 8.61 31.94
C VAL L 101 12.22 8.99 30.68
N PRO L 102 10.87 8.95 30.74
CA PRO L 102 10.10 9.43 29.57
C PRO L 102 10.58 10.79 29.01
N GLY L 103 10.53 10.96 27.70
CA GLY L 103 10.99 12.20 27.04
C GLY L 103 12.50 12.30 26.83
N THR L 104 13.28 11.41 27.45
CA THR L 104 14.75 11.49 27.47
C THR L 104 15.43 10.39 26.65
N TYR L 105 14.66 9.64 25.86
CA TYR L 105 15.19 8.59 25.03
C TYR L 105 16.00 9.05 23.82
N GLY L 106 15.85 10.31 23.43
CA GLY L 106 16.43 10.76 22.18
C GLY L 106 17.96 10.75 22.13
N ASN L 107 18.62 10.85 23.26
CA ASN L 107 20.11 10.77 23.27
C ASN L 107 20.70 9.39 23.55
N ASN L 108 19.83 8.38 23.57
CA ASN L 108 20.23 7.01 23.86
C ASN L 108 20.93 6.35 22.68
N SER L 109 21.79 5.37 22.97
CA SER L 109 22.48 4.66 21.91
C SER L 109 22.75 3.21 22.29
N GLY L 110 23.01 2.42 21.26
CA GLY L 110 23.22 0.99 21.41
C GLY L 110 21.94 0.22 21.42
N SER L 111 22.08 -1.07 21.79
CA SER L 111 20.97 -1.97 21.79
C SER L 111 21.32 -3.24 22.55
N PHE L 112 20.28 -3.96 22.96
CA PHE L 112 20.46 -5.32 23.50
C PHE L 112 19.89 -6.33 22.52
N SER L 113 20.67 -7.40 22.30
CA SER L 113 20.22 -8.54 21.57
C SER L 113 19.54 -9.51 22.58
N VAL L 114 18.34 -9.96 22.25
CA VAL L 114 17.50 -10.69 23.19
C VAL L 114 16.90 -11.94 22.52
N ASN L 115 16.96 -13.05 23.23
CA ASN L 115 16.28 -14.31 22.84
C ASN L 115 15.16 -14.60 23.82
N ILE L 116 13.97 -14.94 23.34
CA ILE L 116 12.92 -15.44 24.24
C ILE L 116 12.42 -16.76 23.73
N GLY L 117 12.29 -17.74 24.62
CA GLY L 117 11.70 -19.02 24.24
C GLY L 117 10.71 -19.48 25.31
N LYS L 118 9.71 -20.27 24.93
CA LYS L 118 8.84 -20.91 25.91
C LYS L 118 9.45 -22.24 26.31
N ASP L 119 9.41 -22.51 27.59
CA ASP L 119 9.90 -23.72 28.16
C ASP L 119 8.81 -24.76 28.25
N GLN L 120 9.18 -25.99 28.55
CA GLN L 120 8.20 -27.03 28.87
C GLN L 120 7.39 -26.59 30.03
N SER L 121 6.12 -26.96 30.06
CA SER L 121 5.29 -26.79 31.24
C SER L 121 4.21 -27.87 31.24
N ALA M 1 -0.36 28.86 -22.68
CA ALA M 1 -0.08 30.27 -23.12
C ALA M 1 1.30 30.72 -22.56
N TRP M 2 1.89 31.72 -23.21
CA TRP M 2 3.14 32.32 -22.77
C TRP M 2 2.96 33.86 -22.82
N LYS M 3 3.61 34.53 -21.88
CA LYS M 3 3.67 35.97 -21.81
C LYS M 3 5.05 36.32 -21.32
N GLY M 4 5.62 37.39 -21.85
CA GLY M 4 6.96 37.83 -21.45
C GLY M 4 7.43 39.04 -22.25
N GLU M 5 8.50 39.66 -21.78
CA GLU M 5 9.15 40.75 -22.49
C GLU M 5 10.22 40.26 -23.46
N VAL M 6 10.24 40.90 -24.64
CA VAL M 6 11.23 40.72 -25.66
C VAL M 6 12.10 41.98 -25.74
N LEU M 7 13.34 41.87 -25.30
CA LEU M 7 14.24 43.05 -25.11
C LEU M 7 14.91 43.44 -26.44
N ALA M 8 14.87 44.75 -26.76
CA ALA M 8 15.36 45.27 -28.05
C ALA M 8 16.85 45.03 -28.26
N ASN M 9 17.60 44.98 -27.17
CA ASN M 9 19.04 44.73 -27.19
C ASN M 9 19.42 43.25 -27.10
N ASN M 10 18.41 42.36 -27.17
CA ASN M 10 18.65 40.91 -27.08
C ASN M 10 18.78 40.32 -28.48
N GLU M 11 20.02 40.23 -28.97
CA GLU M 11 20.27 39.73 -30.31
C GLU M 11 19.84 38.27 -30.56
N ALA M 12 20.08 37.45 -29.56
CA ALA M 12 19.76 36.01 -29.61
C ALA M 12 18.23 35.79 -29.69
N GLY M 13 17.48 36.73 -29.10
CA GLY M 13 16.02 36.65 -29.04
C GLY M 13 15.52 35.99 -27.74
N GLN M 14 14.21 36.04 -27.58
CA GLN M 14 13.51 35.55 -26.41
C GLN M 14 12.86 34.21 -26.73
N VAL M 15 13.37 33.14 -26.14
CA VAL M 15 12.71 31.85 -26.29
C VAL M 15 11.44 31.92 -25.47
N THR M 16 10.37 31.36 -26.02
CA THR M 16 9.12 31.22 -25.32
C THR M 16 8.94 29.74 -24.97
N SER M 17 7.85 29.48 -24.26
CA SER M 17 7.51 28.14 -23.84
C SER M 17 6.65 27.46 -24.88
N ILE M 18 6.30 28.17 -25.95
CA ILE M 18 5.40 27.62 -26.99
C ILE M 18 6.20 26.80 -27.98
N ILE M 19 5.79 25.55 -28.16
CA ILE M 19 6.24 24.69 -29.22
C ILE M 19 5.14 24.61 -30.29
N TYR M 20 5.39 25.21 -31.46
CA TYR M 20 4.45 25.13 -32.56
C TYR M 20 4.47 23.75 -33.24
N ASN M 21 3.31 23.11 -33.29
CA ASN M 21 3.12 21.76 -33.83
C ASN M 21 2.28 21.83 -35.09
N PRO M 22 2.46 20.85 -36.02
CA PRO M 22 1.61 20.76 -37.21
C PRO M 22 0.13 20.92 -36.92
N GLY M 23 -0.53 21.83 -37.63
CA GLY M 23 -1.96 22.06 -37.47
C GLY M 23 -2.33 23.01 -36.32
N ASP M 24 -1.35 23.50 -35.56
CA ASP M 24 -1.63 24.46 -34.50
C ASP M 24 -2.16 25.79 -35.10
N VAL M 25 -3.11 26.37 -34.37
CA VAL M 25 -3.61 27.71 -34.63
C VAL M 25 -3.15 28.54 -33.43
N ILE M 26 -2.52 29.69 -33.68
CA ILE M 26 -1.95 30.49 -32.60
C ILE M 26 -2.34 31.92 -32.77
N THR M 27 -2.39 32.61 -31.65
CA THR M 27 -2.66 34.03 -31.61
C THR M 27 -1.57 34.69 -30.76
N ILE M 28 -1.10 35.83 -31.27
CA ILE M 28 -0.04 36.59 -30.66
C ILE M 28 -0.52 38.04 -30.59
N VAL M 29 -0.27 38.71 -29.48
CA VAL M 29 -0.52 40.15 -29.36
C VAL M 29 0.74 40.77 -28.73
N ALA M 30 1.25 41.85 -29.35
CA ALA M 30 2.49 42.51 -28.91
C ALA M 30 2.22 43.97 -28.68
N ALA M 31 2.84 44.54 -27.63
CA ALA M 31 2.68 45.96 -27.27
C ALA M 31 4.00 46.51 -26.72
N GLY M 32 4.15 47.83 -26.76
CA GLY M 32 5.22 48.54 -26.11
C GLY M 32 6.05 49.39 -27.08
N TRP M 33 7.19 49.84 -26.57
CA TRP M 33 7.99 50.85 -27.19
C TRP M 33 9.46 50.47 -27.08
N ALA M 34 10.20 50.55 -28.20
CA ALA M 34 11.62 50.19 -28.18
C ALA M 34 12.33 50.98 -29.24
N SER M 35 13.65 50.95 -29.18
CA SER M 35 14.49 51.66 -30.16
C SER M 35 15.64 50.79 -30.64
N TYR M 36 15.95 50.94 -31.92
CA TYR M 36 17.15 50.37 -32.53
C TYR M 36 18.40 51.31 -32.43
N GLY M 37 18.28 52.45 -31.74
CA GLY M 37 19.40 53.33 -31.54
C GLY M 37 19.02 54.77 -31.29
N PRO M 38 18.09 55.33 -32.09
CA PRO M 38 17.63 56.71 -31.84
C PRO M 38 16.97 56.95 -30.47
N THR M 39 16.88 58.23 -30.13
CA THR M 39 16.27 58.64 -28.88
C THR M 39 14.75 58.48 -28.97
N GLN M 40 14.20 58.43 -30.18
CA GLN M 40 12.79 58.09 -30.38
C GLN M 40 12.54 56.60 -30.13
N LYS M 41 11.27 56.26 -29.99
CA LYS M 41 10.86 54.87 -29.93
C LYS M 41 9.67 54.59 -30.85
N TRP M 42 9.55 53.32 -31.22
CA TRP M 42 8.54 52.80 -32.12
C TRP M 42 7.86 51.60 -31.45
N GLY M 43 6.66 51.29 -31.89
CA GLY M 43 5.96 50.07 -31.50
C GLY M 43 6.39 48.85 -32.30
N PRO M 44 5.71 47.72 -32.05
CA PRO M 44 6.15 46.47 -32.71
C PRO M 44 6.07 46.39 -34.22
N GLN M 45 5.46 47.37 -34.89
CA GLN M 45 5.59 47.51 -36.35
C GLN M 45 6.89 48.17 -36.78
N GLY M 46 7.69 48.64 -35.82
CA GLY M 46 8.98 49.27 -36.14
C GLY M 46 8.88 50.62 -36.85
N ASP M 47 9.96 51.00 -37.54
CA ASP M 47 10.10 52.36 -38.17
C ASP M 47 9.92 52.30 -39.69
N ARG M 48 8.76 52.76 -40.16
CA ARG M 48 8.40 52.67 -41.56
C ARG M 48 9.24 53.57 -42.48
N GLU M 49 10.02 54.48 -41.90
CA GLU M 49 10.85 55.43 -42.66
C GLU M 49 12.30 54.99 -42.79
N HIS M 50 12.72 53.96 -42.05
CA HIS M 50 14.11 53.54 -42.01
C HIS M 50 14.48 52.45 -43.01
N PRO M 51 15.56 52.65 -43.79
CA PRO M 51 15.91 51.65 -44.82
C PRO M 51 16.43 50.32 -44.23
N ASP M 52 16.39 49.25 -45.02
CA ASP M 52 16.91 47.94 -44.60
C ASP M 52 18.41 47.88 -44.89
N GLN M 53 19.23 47.94 -43.85
CA GLN M 53 20.70 47.85 -43.99
C GLN M 53 21.25 46.44 -43.67
N GLY M 54 20.42 45.42 -43.89
CA GLY M 54 20.78 44.02 -43.61
C GLY M 54 20.06 43.50 -42.36
N LEU M 55 18.75 43.76 -42.29
CA LEU M 55 17.91 43.31 -41.16
C LEU M 55 17.78 41.78 -41.10
N ILE M 56 17.53 41.22 -39.92
CA ILE M 56 17.32 39.75 -39.80
C ILE M 56 16.04 39.29 -40.47
N CYS M 57 15.12 40.25 -40.74
CA CYS M 57 13.89 40.00 -41.45
C CYS M 57 13.63 41.09 -42.46
N HIS M 58 13.82 40.77 -43.74
CA HIS M 58 13.61 41.75 -44.82
C HIS M 58 12.12 41.93 -45.12
N ASP M 59 11.25 41.24 -44.40
CA ASP M 59 9.80 41.43 -44.58
C ASP M 59 9.12 42.24 -43.48
N ALA M 60 9.90 42.88 -42.62
CA ALA M 60 9.41 43.72 -41.54
C ALA M 60 10.33 44.92 -41.41
N PHE M 61 9.78 46.02 -40.92
CA PHE M 61 10.60 47.23 -40.69
C PHE M 61 11.63 47.00 -39.58
N CYS M 62 12.65 47.85 -39.61
CA CYS M 62 13.63 47.93 -38.53
C CYS M 62 12.90 48.38 -37.25
N GLY M 63 13.11 47.67 -36.16
CA GLY M 63 12.40 47.96 -34.92
C GLY M 63 11.09 47.18 -34.75
N ALA M 64 10.77 46.31 -35.70
CA ALA M 64 9.58 45.46 -35.69
C ALA M 64 9.88 44.20 -34.90
N LEU M 65 8.81 43.58 -34.40
CA LEU M 65 8.86 42.25 -33.79
C LEU M 65 8.75 41.14 -34.86
N VAL M 66 9.70 40.21 -34.83
CA VAL M 66 9.64 39.02 -35.67
C VAL M 66 9.81 37.78 -34.82
N MET M 67 9.67 36.62 -35.45
CA MET M 67 9.89 35.34 -34.78
C MET M 67 10.59 34.30 -35.66
N LYS M 68 11.12 33.29 -34.99
CA LYS M 68 11.51 32.05 -35.66
C LYS M 68 10.70 30.95 -34.99
N ILE M 69 10.26 29.99 -35.78
CA ILE M 69 9.67 28.74 -35.28
C ILE M 69 10.65 27.64 -35.67
N GLY M 70 11.23 27.01 -34.66
CA GLY M 70 12.22 25.98 -34.84
C GLY M 70 13.43 26.53 -35.60
N ASN M 71 13.66 25.92 -36.74
CA ASN M 71 14.77 26.19 -37.65
C ASN M 71 14.30 27.05 -38.82
N SER M 72 13.17 27.75 -38.68
CA SER M 72 12.64 28.56 -39.78
C SER M 72 13.50 29.82 -39.94
N GLY M 73 13.35 30.47 -41.09
CA GLY M 73 13.82 31.83 -41.20
C GLY M 73 12.89 32.73 -40.39
N THR M 74 13.26 33.99 -40.29
CA THR M 74 12.45 34.93 -39.57
C THR M 74 11.09 35.20 -40.21
N ILE M 75 10.06 35.36 -39.36
CA ILE M 75 8.69 35.54 -39.78
C ILE M 75 8.15 36.80 -39.10
N PRO M 76 7.54 37.70 -39.87
CA PRO M 76 7.05 38.92 -39.25
C PRO M 76 5.89 38.64 -38.30
N VAL M 77 5.96 39.27 -37.14
CA VAL M 77 4.89 39.27 -36.14
C VAL M 77 4.24 40.62 -36.09
N ASN M 78 5.04 41.68 -35.92
CA ASN M 78 4.53 43.06 -35.78
C ASN M 78 3.59 43.19 -34.56
N THR M 79 2.38 43.76 -34.74
CA THR M 79 1.43 43.91 -33.61
C THR M 79 0.90 42.57 -33.11
N GLY M 80 0.90 41.58 -33.98
CA GLY M 80 0.51 40.22 -33.62
C GLY M 80 -0.03 39.42 -34.79
N LEU M 81 -0.54 38.24 -34.45
CA LEU M 81 -1.11 37.31 -35.41
C LEU M 81 -2.44 36.83 -34.82
N PHE M 82 -3.46 36.76 -35.63
CA PHE M 82 -4.80 36.40 -35.19
C PHE M 82 -5.13 35.05 -35.76
N ARG M 83 -5.23 34.04 -34.90
CA ARG M 83 -5.66 32.72 -35.33
C ARG M 83 -4.89 32.25 -36.56
N TRP M 84 -3.57 32.19 -36.43
CA TRP M 84 -2.65 32.02 -37.56
C TRP M 84 -2.15 30.58 -37.58
N VAL M 85 -2.00 30.02 -38.79
CA VAL M 85 -1.41 28.69 -38.97
C VAL M 85 -0.16 28.84 -39.82
N ALA M 86 0.94 28.18 -39.44
CA ALA M 86 2.21 28.29 -40.17
C ALA M 86 2.10 27.64 -41.54
N PRO M 87 3.01 27.99 -42.45
CA PRO M 87 3.25 27.16 -43.66
C PRO M 87 3.56 25.66 -43.42
N ASN M 88 3.13 24.82 -44.39
CA ASN M 88 3.49 23.38 -44.42
CA ASN M 88 3.48 23.39 -44.41
C ASN M 88 4.91 23.17 -43.87
N ASN M 89 5.07 22.19 -43.00
CA ASN M 89 6.40 21.83 -42.51
C ASN M 89 7.17 22.88 -41.69
N VAL M 90 6.48 23.89 -41.15
CA VAL M 90 7.11 24.72 -40.11
C VAL M 90 6.63 24.24 -38.71
N GLN M 91 7.59 24.06 -37.80
CA GLN M 91 7.33 23.56 -36.44
C GLN M 91 8.50 23.74 -35.44
N GLY M 92 8.18 23.77 -34.15
CA GLY M 92 9.17 23.87 -33.09
C GLY M 92 9.01 25.06 -32.17
N ALA M 93 9.96 25.24 -31.26
CA ALA M 93 9.90 26.32 -30.27
C ALA M 93 9.85 27.69 -30.97
N ILE M 94 8.98 28.56 -30.48
CA ILE M 94 8.88 29.95 -30.95
C ILE M 94 9.88 30.81 -30.16
N THR M 95 10.73 31.54 -30.90
CA THR M 95 11.64 32.55 -30.33
C THR M 95 11.27 33.88 -30.95
N LEU M 96 11.05 34.88 -30.11
CA LEU M 96 10.71 36.23 -30.56
C LEU M 96 11.98 37.06 -30.64
N ILE M 97 12.07 37.92 -31.66
CA ILE M 97 13.29 38.72 -31.85
C ILE M 97 12.96 40.12 -32.33
N TYR M 98 13.65 41.10 -31.73
CA TYR M 98 13.67 42.46 -32.27
C TYR M 98 14.43 42.53 -33.62
N ASN M 99 13.78 43.11 -34.62
CA ASN M 99 14.33 43.23 -35.96
C ASN M 99 15.38 44.37 -36.05
N ASP M 100 16.64 43.96 -36.18
CA ASP M 100 17.77 44.91 -36.38
C ASP M 100 18.84 44.19 -37.23
N VAL M 101 19.91 44.90 -37.55
CA VAL M 101 21.00 44.36 -38.37
C VAL M 101 21.94 43.62 -37.42
N PRO M 102 22.34 42.38 -37.76
CA PRO M 102 23.23 41.69 -36.84
C PRO M 102 24.49 42.50 -36.42
N GLY M 103 24.79 42.48 -35.13
CA GLY M 103 25.96 43.16 -34.54
C GLY M 103 25.69 44.59 -34.09
N THR M 104 24.48 45.09 -34.35
CA THR M 104 24.14 46.47 -34.06
C THR M 104 23.11 46.57 -32.91
N TYR M 105 22.96 45.48 -32.14
CA TYR M 105 21.93 45.40 -31.11
C TYR M 105 22.34 46.14 -29.84
N GLY M 106 23.63 46.38 -29.70
CA GLY M 106 24.18 47.00 -28.50
C GLY M 106 23.63 48.36 -28.05
N ASN M 107 23.20 49.20 -29.01
CA ASN M 107 22.63 50.51 -28.68
C ASN M 107 21.12 50.54 -28.60
N ASN M 108 20.49 49.37 -28.57
CA ASN M 108 19.03 49.20 -28.52
C ASN M 108 18.47 49.31 -27.12
N SER M 109 17.21 49.72 -27.05
CA SER M 109 16.58 50.04 -25.78
C SER M 109 15.10 49.76 -25.82
N GLY M 110 14.52 49.54 -24.65
CA GLY M 110 13.12 49.21 -24.57
C GLY M 110 12.88 47.74 -24.92
N SER M 111 11.62 47.41 -25.11
CA SER M 111 11.19 46.03 -25.25
C SER M 111 9.72 46.00 -25.59
N PHE M 112 9.28 44.84 -26.05
CA PHE M 112 7.87 44.58 -26.25
C PHE M 112 7.33 43.53 -25.29
N SER M 113 6.11 43.78 -24.79
CA SER M 113 5.40 42.78 -23.98
C SER M 113 4.56 41.95 -24.90
N VAL M 114 4.69 40.63 -24.78
CA VAL M 114 4.03 39.73 -25.73
C VAL M 114 3.27 38.58 -25.04
N ASN M 115 2.07 38.30 -25.55
CA ASN M 115 1.27 37.13 -25.23
C ASN M 115 1.18 36.22 -26.43
N ILE M 116 1.35 34.92 -26.20
CA ILE M 116 1.05 33.90 -27.23
C ILE M 116 0.15 32.81 -26.63
N GLY M 117 -0.88 32.42 -27.37
CA GLY M 117 -1.75 31.31 -26.98
C GLY M 117 -2.07 30.45 -28.19
N LYS M 118 -2.36 29.17 -27.95
CA LYS M 118 -2.92 28.30 -28.99
C LYS M 118 -4.44 28.42 -28.99
N ASP M 119 -5.02 28.51 -30.18
CA ASP M 119 -6.48 28.58 -30.34
C ASP M 119 -7.08 27.18 -30.50
N GLN M 120 -8.40 27.14 -30.59
CA GLN M 120 -9.15 25.90 -30.91
C GLN M 120 -8.85 25.37 -32.28
N SER M 121 -8.86 24.05 -32.38
CA SER M 121 -8.99 23.39 -33.65
C SER M 121 -9.59 22.00 -33.45
N ALA N 1 -16.33 35.76 -35.40
CA ALA N 1 -15.28 36.76 -35.22
C ALA N 1 -15.71 37.92 -36.10
N TRP N 2 -15.01 39.03 -35.98
CA TRP N 2 -15.26 40.21 -36.84
C TRP N 2 -13.92 40.63 -37.39
N LYS N 3 -13.89 41.02 -38.66
CA LYS N 3 -12.70 41.56 -39.26
C LYS N 3 -13.09 42.81 -40.04
N GLY N 4 -12.39 43.91 -39.81
CA GLY N 4 -12.62 45.11 -40.63
C GLY N 4 -11.64 46.22 -40.44
N GLU N 5 -12.01 47.39 -40.95
CA GLU N 5 -11.17 48.58 -41.04
C GLU N 5 -11.76 49.64 -40.18
N VAL N 6 -10.88 50.44 -39.59
CA VAL N 6 -11.27 51.57 -38.78
C VAL N 6 -10.55 52.76 -39.44
N LEU N 7 -11.28 53.50 -40.26
CA LEU N 7 -10.80 54.77 -40.81
C LEU N 7 -10.50 55.87 -39.75
N ALA N 8 -9.30 56.45 -39.87
CA ALA N 8 -8.79 57.52 -38.96
C ALA N 8 -9.69 58.77 -38.98
N ASN N 9 -10.36 58.99 -40.11
CA ASN N 9 -11.26 60.14 -40.28
C ASN N 9 -12.73 59.85 -40.01
N ASN N 10 -13.03 58.65 -39.50
CA ASN N 10 -14.39 58.27 -39.12
C ASN N 10 -14.62 58.72 -37.67
N GLU N 11 -15.26 59.88 -37.47
CA GLU N 11 -15.37 60.42 -36.10
C GLU N 11 -16.28 59.60 -35.20
N ALA N 12 -17.38 59.11 -35.76
CA ALA N 12 -18.39 58.35 -35.02
C ALA N 12 -17.84 56.99 -34.55
N GLY N 13 -17.00 56.38 -35.39
CA GLY N 13 -16.38 55.10 -35.11
C GLY N 13 -16.99 54.03 -35.99
N GLN N 14 -16.37 52.85 -35.96
CA GLN N 14 -16.83 51.71 -36.72
C GLN N 14 -17.60 50.81 -35.78
N VAL N 15 -18.92 50.73 -35.90
CA VAL N 15 -19.65 49.69 -35.15
C VAL N 15 -19.40 48.26 -35.71
N THR N 16 -18.89 47.40 -34.87
CA THR N 16 -18.58 46.04 -35.24
C THR N 16 -19.86 45.21 -35.04
N SER N 17 -19.79 43.94 -35.45
CA SER N 17 -20.86 42.97 -35.24
C SER N 17 -20.68 42.22 -33.92
N ILE N 18 -19.70 42.63 -33.12
CA ILE N 18 -19.45 41.95 -31.86
C ILE N 18 -20.34 42.53 -30.76
N ILE N 19 -21.11 41.69 -30.07
CA ILE N 19 -21.87 42.14 -28.88
C ILE N 19 -21.16 41.53 -27.70
N TYR N 20 -20.46 42.38 -26.93
CA TYR N 20 -19.79 41.95 -25.75
C TYR N 20 -20.86 41.65 -24.67
N ASN N 21 -20.84 40.43 -24.13
CA ASN N 21 -21.76 40.01 -23.07
C ASN N 21 -21.01 39.67 -21.78
N PRO N 22 -21.66 39.81 -20.63
CA PRO N 22 -21.01 39.43 -19.38
C PRO N 22 -20.37 38.06 -19.46
N GLY N 23 -19.15 37.96 -18.97
CA GLY N 23 -18.38 36.72 -19.00
C GLY N 23 -17.51 36.54 -20.23
N ASP N 24 -17.80 37.26 -21.32
CA ASP N 24 -17.06 37.05 -22.57
C ASP N 24 -15.58 37.34 -22.40
N VAL N 25 -14.78 36.51 -23.00
CA VAL N 25 -13.33 36.72 -23.16
C VAL N 25 -13.10 37.00 -24.64
N ILE N 26 -12.41 38.09 -24.92
CA ILE N 26 -12.17 38.52 -26.30
C ILE N 26 -10.68 38.76 -26.57
N THR N 27 -10.31 38.62 -27.84
CA THR N 27 -8.99 38.97 -28.33
C THR N 27 -9.17 39.94 -29.51
N ILE N 28 -8.38 41.02 -29.54
CA ILE N 28 -8.40 42.02 -30.61
C ILE N 28 -6.95 42.10 -31.09
N VAL N 29 -6.74 42.02 -32.40
CA VAL N 29 -5.45 42.33 -33.01
C VAL N 29 -5.65 43.50 -33.99
N ALA N 30 -4.90 44.60 -33.80
CA ALA N 30 -4.97 45.77 -34.68
C ALA N 30 -3.62 45.97 -35.35
N ALA N 31 -3.68 46.28 -36.65
CA ALA N 31 -2.47 46.56 -37.40
C ALA N 31 -2.72 47.75 -38.37
N GLY N 32 -1.62 48.40 -38.76
CA GLY N 32 -1.64 49.37 -39.85
C GLY N 32 -1.09 50.71 -39.50
N TRP N 33 -1.34 51.68 -40.40
CA TRP N 33 -0.72 53.02 -40.40
C TRP N 33 -1.76 54.11 -40.65
N ALA N 34 -1.75 55.14 -39.83
CA ALA N 34 -2.75 56.21 -39.91
C ALA N 34 -2.13 57.50 -39.35
N SER N 35 -2.82 58.60 -39.65
CA SER N 35 -2.42 59.93 -39.23
C SER N 35 -3.65 60.74 -38.80
N TYR N 36 -3.40 61.54 -37.78
CA TYR N 36 -4.34 62.52 -37.27
C TYR N 36 -4.12 63.90 -37.92
N GLY N 37 -3.36 63.97 -39.01
CA GLY N 37 -3.03 65.27 -39.66
C GLY N 37 -1.71 65.29 -40.41
N PRO N 38 -0.58 65.11 -39.70
CA PRO N 38 0.74 65.14 -40.31
C PRO N 38 0.96 64.18 -41.45
N THR N 39 2.02 64.43 -42.22
CA THR N 39 2.35 63.57 -43.35
C THR N 39 2.91 62.23 -42.83
N GLN N 40 3.47 62.26 -41.63
CA GLN N 40 3.92 61.05 -41.00
C GLN N 40 2.70 60.18 -40.63
N LYS N 41 2.92 58.86 -40.52
CA LYS N 41 1.91 57.95 -40.00
C LYS N 41 2.40 57.16 -38.78
N TRP N 42 1.41 56.78 -37.97
CA TRP N 42 1.58 56.00 -36.77
C TRP N 42 0.70 54.74 -36.72
N GLY N 43 1.25 53.73 -36.07
CA GLY N 43 0.52 52.49 -35.74
C GLY N 43 -0.57 52.66 -34.66
N PRO N 44 -1.24 51.54 -34.30
CA PRO N 44 -2.36 51.52 -33.37
C PRO N 44 -2.09 52.06 -31.95
N GLN N 45 -0.81 52.26 -31.60
CA GLN N 45 -0.46 52.88 -30.29
C GLN N 45 -0.46 54.42 -30.42
N GLY N 46 -0.50 54.92 -31.64
CA GLY N 46 -0.49 56.36 -31.82
C GLY N 46 0.88 56.98 -31.63
N ASP N 47 0.84 58.29 -31.48
CA ASP N 47 2.02 59.15 -31.47
C ASP N 47 2.36 59.52 -30.03
N ARG N 48 3.41 58.91 -29.49
CA ARG N 48 3.78 59.09 -28.10
C ARG N 48 4.37 60.50 -27.80
N GLU N 49 4.64 61.29 -28.85
CA GLU N 49 5.23 62.66 -28.72
C GLU N 49 4.20 63.81 -28.75
N HIS N 50 2.95 63.48 -29.09
CA HIS N 50 1.92 64.51 -29.28
C HIS N 50 1.17 64.82 -27.99
N PRO N 51 0.97 66.13 -27.71
CA PRO N 51 0.21 66.46 -26.48
C PRO N 51 -1.27 66.04 -26.63
N ASP N 52 -1.94 65.82 -25.50
CA ASP N 52 -3.39 65.59 -25.44
C ASP N 52 -4.11 66.93 -25.40
N GLN N 53 -4.72 67.30 -26.52
CA GLN N 53 -5.45 68.56 -26.68
C GLN N 53 -6.97 68.39 -26.62
N GLY N 54 -7.42 67.34 -25.93
CA GLY N 54 -8.84 67.03 -25.78
C GLY N 54 -9.24 65.80 -26.58
N LEU N 55 -8.43 64.77 -26.49
CA LEU N 55 -8.70 63.52 -27.17
C LEU N 55 -9.93 62.87 -26.63
N ILE N 56 -10.63 62.11 -27.47
CA ILE N 56 -11.79 61.32 -27.00
C ILE N 56 -11.36 60.29 -25.94
N CYS N 57 -10.06 59.93 -25.93
CA CYS N 57 -9.53 59.05 -24.89
C CYS N 57 -8.22 59.57 -24.27
N HIS N 58 -8.29 59.95 -23.01
CA HIS N 58 -7.15 60.50 -22.34
C HIS N 58 -6.14 59.44 -21.93
N ASP N 59 -6.50 58.16 -22.01
CA ASP N 59 -5.61 57.09 -21.57
C ASP N 59 -4.92 56.40 -22.72
N ALA N 60 -5.03 56.99 -23.90
CA ALA N 60 -4.25 56.59 -25.04
C ALA N 60 -3.72 57.84 -25.78
N PHE N 61 -2.65 57.62 -26.53
CA PHE N 61 -2.03 58.63 -27.35
C PHE N 61 -2.93 59.02 -28.52
N CYS N 62 -2.79 60.27 -28.96
CA CYS N 62 -3.34 60.71 -30.22
C CYS N 62 -2.87 59.77 -31.32
N GLY N 63 -3.84 59.27 -32.08
CA GLY N 63 -3.60 58.34 -33.14
C GLY N 63 -3.77 56.87 -32.74
N ALA N 64 -4.09 56.63 -31.49
CA ALA N 64 -4.25 55.27 -30.99
C ALA N 64 -5.61 54.72 -31.40
N LEU N 65 -5.71 53.39 -31.40
CA LEU N 65 -7.01 52.73 -31.52
C LEU N 65 -7.65 52.61 -30.14
N VAL N 66 -8.87 53.12 -30.02
CA VAL N 66 -9.67 52.90 -28.82
C VAL N 66 -10.99 52.20 -29.19
N MET N 67 -11.76 51.86 -28.15
CA MET N 67 -13.13 51.35 -28.34
C MET N 67 -14.12 51.86 -27.27
N LYS N 68 -15.40 51.68 -27.59
CA LYS N 68 -16.51 51.72 -26.64
C LYS N 68 -17.20 50.35 -26.65
N ILE N 69 -17.67 49.89 -25.49
CA ILE N 69 -18.49 48.68 -25.39
C ILE N 69 -19.84 49.14 -24.86
N GLY N 70 -20.88 48.97 -25.67
CA GLY N 70 -22.16 49.53 -25.31
C GLY N 70 -22.00 51.05 -25.26
N ASN N 71 -22.59 51.64 -24.22
CA ASN N 71 -22.46 53.08 -23.91
C ASN N 71 -21.31 53.46 -22.95
N SER N 72 -20.29 52.60 -22.81
CA SER N 72 -19.09 52.97 -22.07
C SER N 72 -18.38 54.24 -22.59
N GLY N 73 -17.55 54.82 -21.72
CA GLY N 73 -16.49 55.74 -22.13
C GLY N 73 -15.47 54.97 -22.99
N THR N 74 -14.56 55.72 -23.63
CA THR N 74 -13.54 55.13 -24.46
C THR N 74 -12.58 54.29 -23.61
N ILE N 75 -12.14 53.15 -24.18
CA ILE N 75 -11.25 52.18 -23.58
C ILE N 75 -10.07 51.98 -24.57
N PRO N 76 -8.82 52.10 -24.06
CA PRO N 76 -7.68 51.88 -24.93
C PRO N 76 -7.64 50.44 -25.47
N VAL N 77 -7.42 50.32 -26.78
CA VAL N 77 -7.17 49.03 -27.41
C VAL N 77 -5.69 48.99 -27.83
N ASN N 78 -5.20 50.07 -28.46
CA ASN N 78 -3.81 50.09 -28.95
C ASN N 78 -3.57 48.94 -29.93
N THR N 79 -2.54 48.12 -29.70
CA THR N 79 -2.23 47.00 -30.61
C THR N 79 -3.25 45.84 -30.53
N GLY N 80 -3.95 45.78 -29.37
CA GLY N 80 -5.05 44.85 -29.16
C GLY N 80 -5.08 44.38 -27.73
N LEU N 81 -5.83 43.30 -27.52
CA LEU N 81 -6.13 42.74 -26.18
C LEU N 81 -6.10 41.25 -26.29
N PHE N 82 -5.45 40.58 -25.37
CA PHE N 82 -5.32 39.14 -25.43
C PHE N 82 -6.14 38.49 -24.31
N ARG N 83 -7.13 37.70 -24.70
CA ARG N 83 -7.95 36.94 -23.76
C ARG N 83 -8.43 37.81 -22.62
N TRP N 84 -9.09 38.89 -23.01
CA TRP N 84 -9.44 40.02 -22.15
C TRP N 84 -10.92 39.99 -21.79
N VAL N 85 -11.17 40.20 -20.49
CA VAL N 85 -12.50 40.34 -19.94
C VAL N 85 -12.79 41.82 -19.59
N ALA N 86 -13.95 42.30 -20.00
CA ALA N 86 -14.33 43.68 -19.77
C ALA N 86 -14.48 43.95 -18.28
N PRO N 87 -14.07 45.13 -17.84
CA PRO N 87 -14.29 45.60 -16.47
C PRO N 87 -15.74 45.64 -16.15
N ASN N 89 -19.57 44.95 -15.81
CA ASN N 89 -20.85 45.53 -16.17
C ASN N 89 -20.86 46.26 -17.49
N VAL N 90 -19.71 46.45 -18.08
CA VAL N 90 -19.63 46.97 -19.42
C VAL N 90 -20.14 45.89 -20.40
N GLN N 91 -21.09 46.25 -21.26
CA GLN N 91 -21.64 45.28 -22.23
C GLN N 91 -22.30 45.92 -23.42
N GLY N 92 -22.40 45.19 -24.52
CA GLY N 92 -23.04 45.71 -25.73
C GLY N 92 -22.11 45.72 -26.94
N ALA N 93 -22.57 46.32 -28.02
CA ALA N 93 -21.79 46.31 -29.26
C ALA N 93 -20.42 46.99 -29.07
N ILE N 94 -19.40 46.38 -29.67
CA ILE N 94 -18.08 46.98 -29.73
C ILE N 94 -18.01 47.98 -30.90
N THR N 95 -17.72 49.24 -30.55
CA THR N 95 -17.48 50.33 -31.54
C THR N 95 -16.01 50.71 -31.45
N LEU N 96 -15.31 50.69 -32.60
CA LEU N 96 -13.91 51.02 -32.66
C LEU N 96 -13.73 52.45 -33.18
N ILE N 97 -12.83 53.22 -32.57
CA ILE N 97 -12.63 54.64 -32.92
C ILE N 97 -11.13 54.99 -32.91
N TYR N 98 -10.74 55.82 -33.87
CA TYR N 98 -9.46 56.49 -33.90
C TYR N 98 -9.44 57.62 -32.86
N ASN N 99 -8.41 57.62 -32.02
CA ASN N 99 -8.24 58.63 -31.00
C ASN N 99 -7.76 59.97 -31.58
N ASP N 100 -8.65 60.95 -31.55
CA ASP N 100 -8.33 62.32 -31.96
C ASP N 100 -9.25 63.27 -31.21
N VAL N 101 -9.10 64.56 -31.47
CA VAL N 101 -9.90 65.59 -30.78
C VAL N 101 -11.22 65.74 -31.56
N PRO N 102 -12.35 65.80 -30.84
CA PRO N 102 -13.64 66.02 -31.51
C PRO N 102 -13.58 67.23 -32.44
N GLY N 103 -14.14 67.10 -33.63
CA GLY N 103 -14.16 68.18 -34.61
C GLY N 103 -12.97 68.22 -35.56
N THR N 104 -11.92 67.47 -35.23
CA THR N 104 -10.63 67.54 -35.92
C THR N 104 -10.34 66.31 -36.79
N TYR N 105 -11.35 65.47 -37.04
CA TYR N 105 -11.16 64.20 -37.77
C TYR N 105 -11.04 64.41 -39.29
N GLY N 106 -11.52 65.57 -39.73
CA GLY N 106 -11.52 65.94 -41.14
C GLY N 106 -10.22 65.76 -41.91
N ASN N 107 -9.10 66.10 -41.30
CA ASN N 107 -7.77 65.96 -41.95
C ASN N 107 -7.02 64.64 -41.65
N ASN N 108 -7.74 63.63 -41.16
CA ASN N 108 -7.10 62.37 -40.75
C ASN N 108 -7.00 61.46 -41.95
N SER N 109 -6.09 60.50 -41.93
CA SER N 109 -5.98 59.62 -43.11
C SER N 109 -5.44 58.25 -42.74
N GLY N 110 -5.72 57.28 -43.59
CA GLY N 110 -5.29 55.90 -43.32
C GLY N 110 -6.28 55.17 -42.44
N SER N 111 -5.91 53.95 -42.05
CA SER N 111 -6.82 53.10 -41.31
C SER N 111 -6.08 51.98 -40.57
N PHE N 112 -6.79 51.37 -39.62
CA PHE N 112 -6.31 50.16 -38.96
C PHE N 112 -7.18 49.03 -39.38
N SER N 113 -6.54 47.91 -39.66
CA SER N 113 -7.17 46.65 -39.93
C SER N 113 -7.25 45.94 -38.59
N VAL N 114 -8.45 45.47 -38.24
CA VAL N 114 -8.72 44.95 -36.91
C VAL N 114 -9.46 43.61 -36.97
N ASN N 115 -8.97 42.68 -36.15
CA ASN N 115 -9.65 41.42 -35.91
C ASN N 115 -10.13 41.35 -34.47
N ILE N 116 -11.37 40.88 -34.28
CA ILE N 116 -11.96 40.63 -32.95
C ILE N 116 -12.60 39.24 -32.93
N GLY N 117 -12.22 38.43 -31.97
CA GLY N 117 -12.84 37.13 -31.80
C GLY N 117 -13.23 36.94 -30.35
N LYS N 118 -14.27 36.16 -30.08
CA LYS N 118 -14.50 35.60 -28.73
C LYS N 118 -13.69 34.31 -28.54
N ASP N 119 -13.06 34.25 -27.38
CA ASP N 119 -12.28 33.09 -26.95
C ASP N 119 -13.20 32.17 -26.17
N GLN N 120 -12.70 31.00 -25.83
CA GLN N 120 -13.38 30.14 -24.88
C GLN N 120 -13.50 30.80 -23.52
N SER N 121 -14.58 30.47 -22.83
CA SER N 121 -14.75 30.94 -21.47
C SER N 121 -15.64 29.99 -20.71
N ALA O 1 -17.60 29.50 -17.74
CA ALA O 1 -17.85 28.01 -17.74
C ALA O 1 -18.58 27.64 -16.45
N TRP O 2 -19.19 26.47 -16.43
CA TRP O 2 -19.92 26.01 -15.27
C TRP O 2 -19.67 24.53 -15.12
N LYS O 3 -19.53 24.11 -13.85
CA LYS O 3 -19.40 22.71 -13.53
C LYS O 3 -20.23 22.43 -12.29
N GLY O 4 -21.01 21.36 -12.33
CA GLY O 4 -21.71 20.88 -11.13
C GLY O 4 -22.50 19.59 -11.36
N GLU O 5 -23.53 19.36 -10.54
CA GLU O 5 -24.32 18.14 -10.61
CA GLU O 5 -24.31 18.13 -10.62
C GLU O 5 -25.77 18.45 -10.89
N VAL O 6 -26.43 17.51 -11.56
CA VAL O 6 -27.85 17.58 -11.83
C VAL O 6 -28.45 16.35 -11.13
N LEU O 7 -29.14 16.59 -10.02
CA LEU O 7 -29.74 15.48 -9.26
C LEU O 7 -30.99 15.01 -9.94
N ALA O 8 -31.16 13.68 -10.03
CA ALA O 8 -32.29 13.07 -10.69
C ALA O 8 -33.61 13.47 -10.05
N ASN O 9 -33.61 13.65 -8.74
CA ASN O 9 -34.85 14.02 -8.01
C ASN O 9 -35.15 15.56 -7.99
N ASN O 10 -34.42 16.36 -8.79
CA ASN O 10 -34.60 17.84 -8.80
C ASN O 10 -35.59 18.23 -9.87
N GLU O 11 -36.86 18.20 -9.51
CA GLU O 11 -37.89 18.36 -10.53
C GLU O 11 -37.83 19.76 -11.16
N ALA O 12 -37.43 20.73 -10.35
CA ALA O 12 -37.32 22.15 -10.75
C ALA O 12 -36.08 22.35 -11.67
N GLY O 13 -35.01 21.62 -11.34
CA GLY O 13 -33.82 21.61 -12.17
C GLY O 13 -32.69 22.37 -11.54
N GLN O 14 -31.53 22.18 -12.13
CA GLN O 14 -30.30 22.78 -11.68
C GLN O 14 -30.03 23.98 -12.58
N VAL O 15 -30.24 25.17 -12.03
CA VAL O 15 -29.85 26.39 -12.75
C VAL O 15 -28.32 26.48 -12.75
N THR O 16 -27.76 26.76 -13.92
CA THR O 16 -26.33 26.98 -14.09
C THR O 16 -26.05 28.48 -14.07
N SER O 17 -24.77 28.85 -14.03
CA SER O 17 -24.33 30.21 -14.27
C SER O 17 -24.15 30.57 -15.73
N ILE O 18 -24.57 29.68 -16.63
CA ILE O 18 -24.42 29.98 -18.05
C ILE O 18 -25.66 30.75 -18.56
N ILE O 19 -25.43 31.90 -19.18
CA ILE O 19 -26.46 32.61 -19.91
C ILE O 19 -26.11 32.40 -21.38
N TYR O 20 -26.99 31.73 -22.11
CA TYR O 20 -26.79 31.50 -23.51
C TYR O 20 -27.21 32.81 -24.24
N ASN O 21 -26.27 33.38 -24.99
CA ASN O 21 -26.49 34.64 -25.71
C ASN O 21 -26.46 34.40 -27.21
N PRO O 22 -27.20 35.22 -27.96
CA PRO O 22 -27.22 35.14 -29.41
C PRO O 22 -25.84 35.00 -30.03
N GLY O 23 -25.66 33.98 -30.86
CA GLY O 23 -24.38 33.70 -31.45
C GLY O 23 -23.46 32.79 -30.65
N ASP O 24 -23.78 32.51 -29.38
CA ASP O 24 -22.92 31.67 -28.56
C ASP O 24 -22.78 30.28 -29.15
N VAL O 25 -21.58 29.74 -29.04
CA VAL O 25 -21.26 28.39 -29.35
C VAL O 25 -20.87 27.73 -27.99
N ILE O 26 -21.46 26.58 -27.65
CA ILE O 26 -21.26 25.94 -26.33
C ILE O 26 -20.97 24.45 -26.49
N THR O 27 -20.28 23.90 -25.51
CA THR O 27 -20.01 22.49 -25.46
C THR O 27 -20.43 22.06 -24.07
N ILE O 28 -21.10 20.91 -24.02
CA ILE O 28 -21.54 20.32 -22.76
C ILE O 28 -21.02 18.87 -22.74
N VAL O 29 -20.48 18.44 -21.62
CA VAL O 29 -20.18 17.04 -21.39
C VAL O 29 -20.88 16.61 -20.10
N ALA O 30 -21.67 15.53 -20.19
CA ALA O 30 -22.42 15.00 -19.04
C ALA O 30 -21.99 13.57 -18.75
N ALA O 31 -21.89 13.23 -17.47
CA ALA O 31 -21.49 11.87 -17.07
C ALA O 31 -22.19 11.46 -15.79
N GLY O 32 -22.35 10.16 -15.62
CA GLY O 32 -22.79 9.60 -14.37
C GLY O 32 -23.91 8.60 -14.49
N TRP O 33 -24.49 8.30 -13.31
CA TRP O 33 -25.47 7.26 -13.18
C TRP O 33 -26.66 7.74 -12.32
N ALA O 34 -27.87 7.52 -12.84
CA ALA O 34 -29.07 7.91 -12.16
C ALA O 34 -30.22 6.95 -12.50
N SER O 35 -31.24 7.03 -11.63
CA SER O 35 -32.47 6.29 -11.77
C SER O 35 -33.71 7.17 -11.48
N TYR O 36 -34.76 6.85 -12.23
CA TYR O 36 -36.08 7.44 -12.12
C TYR O 36 -37.04 6.61 -11.23
N GLY O 37 -36.51 5.68 -10.46
CA GLY O 37 -37.36 4.71 -9.73
C GLY O 37 -36.71 3.34 -9.57
N PRO O 38 -36.53 2.61 -10.68
CA PRO O 38 -36.03 1.22 -10.68
C PRO O 38 -34.72 1.04 -9.96
N THR O 39 -34.40 -0.21 -9.64
CA THR O 39 -33.14 -0.46 -9.00
C THR O 39 -31.94 -0.26 -9.97
N GLN O 40 -32.16 -0.41 -11.26
CA GLN O 40 -31.09 -0.22 -12.25
C GLN O 40 -30.71 1.28 -12.33
N LYS O 41 -29.54 1.57 -12.89
CA LYS O 41 -29.13 2.93 -13.19
C LYS O 41 -28.79 3.09 -14.69
N TRP O 42 -28.93 4.34 -15.15
CA TRP O 42 -28.73 4.69 -16.53
C TRP O 42 -27.88 5.94 -16.60
N GLY O 43 -27.18 6.07 -17.71
CA GLY O 43 -26.37 7.29 -17.92
C GLY O 43 -27.19 8.43 -18.47
N PRO O 44 -26.50 9.54 -18.82
CA PRO O 44 -27.20 10.73 -19.34
C PRO O 44 -28.10 10.50 -20.56
N GLN O 45 -28.01 9.39 -21.31
CA GLN O 45 -28.98 9.10 -22.44
C GLN O 45 -30.33 8.53 -21.98
N GLY O 46 -30.43 8.14 -20.73
CA GLY O 46 -31.66 7.56 -20.18
C GLY O 46 -31.84 6.10 -20.49
N ASP O 47 -33.08 5.64 -20.23
CA ASP O 47 -33.56 4.26 -20.47
C ASP O 47 -34.27 4.18 -21.78
N ARG O 48 -33.57 3.64 -22.79
CA ARG O 48 -34.13 3.49 -24.14
C ARG O 48 -35.27 2.48 -24.25
N GLU O 49 -35.56 1.76 -23.16
CA GLU O 49 -36.62 0.74 -23.16
C GLU O 49 -37.95 1.20 -22.53
N HIS O 50 -37.94 2.34 -21.83
CA HIS O 50 -39.09 2.79 -21.07
C HIS O 50 -39.97 3.68 -21.93
N PRO O 51 -41.29 3.38 -21.93
CA PRO O 51 -42.16 4.09 -22.86
C PRO O 51 -42.43 5.46 -22.27
N ASP O 52 -42.74 6.41 -23.14
CA ASP O 52 -43.00 7.79 -22.72
C ASP O 52 -44.46 7.91 -22.24
N GLN O 53 -44.59 8.20 -20.95
CA GLN O 53 -45.87 8.28 -20.30
C GLN O 53 -46.20 9.70 -19.85
N GLY O 54 -45.73 10.67 -20.64
CA GLY O 54 -45.87 12.10 -20.28
C GLY O 54 -44.62 12.74 -19.70
N LEU O 55 -43.49 12.54 -20.38
CA LEU O 55 -42.17 13.03 -19.95
C LEU O 55 -42.04 14.54 -20.15
N ILE O 56 -41.31 15.22 -19.25
CA ILE O 56 -40.98 16.65 -19.49
C ILE O 56 -40.34 16.88 -20.85
N CYS O 57 -39.71 15.84 -21.42
CA CYS O 57 -39.16 15.91 -22.76
C CYS O 57 -39.50 14.65 -23.61
N HIS O 58 -40.24 14.84 -24.71
CA HIS O 58 -40.70 13.73 -25.57
C HIS O 58 -39.67 13.31 -26.60
N ASP O 59 -38.58 14.08 -26.69
CA ASP O 59 -37.55 13.87 -27.69
C ASP O 59 -36.30 13.25 -27.04
N ALA O 60 -36.36 12.93 -25.75
CA ALA O 60 -35.31 12.21 -25.06
C ALA O 60 -35.92 11.09 -24.20
N PHE O 61 -35.16 10.04 -23.93
CA PHE O 61 -35.66 8.94 -23.13
C PHE O 61 -35.87 9.36 -21.70
N CYS O 62 -36.67 8.58 -20.96
CA CYS O 62 -36.79 8.72 -19.52
C CYS O 62 -35.43 8.49 -18.89
N GLY O 63 -35.02 9.36 -17.98
CA GLY O 63 -33.67 9.28 -17.35
C GLY O 63 -32.53 9.99 -18.07
N ALA O 64 -32.86 10.60 -19.19
CA ALA O 64 -31.95 11.42 -19.96
C ALA O 64 -31.78 12.81 -19.34
N LEU O 65 -30.59 13.38 -19.56
CA LEU O 65 -30.34 14.77 -19.30
C LEU O 65 -30.90 15.66 -20.42
N VAL O 66 -31.70 16.65 -20.00
CA VAL O 66 -32.28 17.67 -20.86
C VAL O 66 -32.01 19.05 -20.29
N MET O 67 -32.33 20.09 -21.08
CA MET O 67 -32.21 21.45 -20.59
C MET O 67 -33.30 22.40 -21.09
N LYS O 68 -33.43 23.50 -20.39
CA LYS O 68 -34.14 24.72 -20.86
C LYS O 68 -33.15 25.89 -20.93
N ILE O 69 -33.29 26.68 -22.00
CA ILE O 69 -32.56 27.94 -22.18
C ILE O 69 -33.62 29.09 -22.12
N GLY O 70 -33.59 29.85 -21.03
CA GLY O 70 -34.55 30.92 -20.80
C GLY O 70 -35.99 30.43 -20.84
N ASN O 71 -36.77 30.93 -21.82
CA ASN O 71 -38.20 30.60 -21.97
C ASN O 71 -38.48 29.42 -22.90
N SER O 72 -37.48 28.57 -23.15
CA SER O 72 -37.58 27.56 -24.18
C SER O 72 -38.31 26.35 -23.65
N GLY O 73 -38.75 25.50 -24.57
CA GLY O 73 -39.15 24.14 -24.16
C GLY O 73 -37.90 23.32 -23.80
N THR O 74 -38.10 22.07 -23.38
CA THR O 74 -36.96 21.20 -23.09
C THR O 74 -36.20 20.92 -24.38
N ILE O 75 -34.88 20.84 -24.26
CA ILE O 75 -34.00 20.50 -25.37
C ILE O 75 -33.15 19.30 -24.87
N PRO O 76 -33.07 18.21 -25.66
CA PRO O 76 -32.19 17.10 -25.22
C PRO O 76 -30.70 17.48 -25.14
N VAL O 77 -30.03 16.97 -24.13
CA VAL O 77 -28.60 17.14 -23.91
C VAL O 77 -27.94 15.78 -24.00
N ASN O 78 -28.51 14.78 -23.33
CA ASN O 78 -27.97 13.43 -23.33
C ASN O 78 -26.54 13.48 -22.81
N THR O 79 -25.57 12.86 -23.50
CA THR O 79 -24.18 12.86 -23.06
C THR O 79 -23.51 14.23 -23.26
N GLY O 80 -24.14 15.10 -24.04
CA GLY O 80 -23.63 16.46 -24.24
C GLY O 80 -23.83 16.97 -25.64
N LEU O 81 -23.26 18.14 -25.89
CA LEU O 81 -23.33 18.91 -27.12
C LEU O 81 -21.95 19.39 -27.45
N PHE O 82 -21.54 19.29 -28.73
CA PHE O 82 -20.21 19.71 -29.18
C PHE O 82 -20.33 20.96 -30.08
N ARG O 83 -19.80 22.08 -29.62
CA ARG O 83 -19.76 23.33 -30.41
C ARG O 83 -21.09 23.65 -31.06
N TRP O 84 -22.08 23.73 -30.18
CA TRP O 84 -23.48 23.77 -30.46
C TRP O 84 -23.98 25.20 -30.42
N VAL O 85 -24.85 25.50 -31.37
CA VAL O 85 -25.47 26.83 -31.49
C VAL O 85 -26.97 26.60 -31.39
N ALA O 86 -27.65 27.41 -30.58
CA ALA O 86 -29.08 27.25 -30.32
C ALA O 86 -29.90 27.72 -31.51
N PRO O 87 -31.16 27.27 -31.61
CA PRO O 87 -32.02 27.87 -32.63
C PRO O 87 -32.18 29.39 -32.50
N ASN O 88 -32.62 30.03 -33.60
CA ASN O 88 -32.87 31.44 -33.57
C ASN O 88 -33.85 31.74 -32.46
N ASN O 89 -33.60 32.82 -31.73
CA ASN O 89 -34.47 33.35 -30.66
C ASN O 89 -34.48 32.58 -29.35
N VAL O 90 -33.64 31.55 -29.24
CA VAL O 90 -33.40 30.86 -27.99
C VAL O 90 -32.21 31.55 -27.27
N GLN O 91 -32.47 32.07 -26.09
CA GLN O 91 -31.48 32.77 -25.28
C GLN O 91 -31.88 32.81 -23.83
N GLY O 92 -30.89 32.94 -22.96
CA GLY O 92 -31.14 32.95 -21.54
C GLY O 92 -30.38 31.95 -20.72
N ALA O 93 -30.68 31.95 -19.42
CA ALA O 93 -29.99 31.09 -18.42
C ALA O 93 -30.24 29.65 -18.74
N ILE O 94 -29.24 28.82 -18.49
CA ILE O 94 -29.35 27.42 -18.82
C ILE O 94 -29.67 26.69 -17.52
N THR O 95 -30.77 25.93 -17.55
CA THR O 95 -31.18 25.03 -16.45
C THR O 95 -31.14 23.60 -17.00
N LEU O 96 -30.46 22.73 -16.26
CA LEU O 96 -30.33 21.31 -16.57
C LEU O 96 -31.35 20.55 -15.73
N ILE O 97 -32.03 19.59 -16.37
CA ILE O 97 -33.12 18.88 -15.72
C ILE O 97 -33.07 17.39 -16.08
N TYR O 98 -33.21 16.54 -15.09
CA TYR O 98 -33.42 15.10 -15.34
C TYR O 98 -34.80 14.92 -16.00
N ASN O 99 -34.88 14.04 -16.99
CA ASN O 99 -36.10 13.80 -17.73
C ASN O 99 -36.97 12.70 -17.07
N ASP O 100 -38.12 13.14 -16.55
CA ASP O 100 -39.07 12.27 -15.89
C ASP O 100 -40.50 12.87 -16.06
N VAL O 101 -41.50 12.16 -15.52
CA VAL O 101 -42.90 12.63 -15.54
C VAL O 101 -43.14 13.57 -14.37
N PRO O 102 -43.73 14.75 -14.65
CA PRO O 102 -44.03 15.66 -13.56
C PRO O 102 -44.78 14.91 -12.45
N GLY O 103 -44.44 15.15 -11.20
CA GLY O 103 -45.07 14.46 -10.08
C GLY O 103 -44.36 13.20 -9.61
N THR O 104 -43.49 12.65 -10.46
CA THR O 104 -42.90 11.33 -10.17
C THR O 104 -41.39 11.38 -9.89
N TYR O 105 -40.86 12.53 -9.46
CA TYR O 105 -39.43 12.73 -9.27
C TYR O 105 -38.99 12.29 -7.91
N GLY O 106 -39.93 12.14 -6.99
CA GLY O 106 -39.57 11.77 -5.62
C GLY O 106 -38.87 10.41 -5.51
N ASN O 107 -39.18 9.47 -6.42
CA ASN O 107 -38.55 8.10 -6.43
C ASN O 107 -37.20 8.02 -7.17
N ASN O 108 -36.67 9.18 -7.57
CA ASN O 108 -35.43 9.27 -8.34
C ASN O 108 -34.20 9.34 -7.48
N SER O 109 -33.05 8.90 -8.00
CA SER O 109 -31.78 8.88 -7.28
C SER O 109 -30.60 9.02 -8.25
N GLY O 110 -29.43 9.27 -7.69
CA GLY O 110 -28.26 9.54 -8.50
C GLY O 110 -28.31 10.93 -9.13
N SER O 111 -27.27 11.24 -9.89
CA SER O 111 -27.10 12.55 -10.50
C SER O 111 -26.16 12.44 -11.69
N PHE O 112 -26.06 13.53 -12.44
CA PHE O 112 -25.09 13.65 -13.50
C PHE O 112 -24.13 14.78 -13.16
N SER O 113 -22.87 14.55 -13.46
CA SER O 113 -21.86 15.56 -13.37
C SER O 113 -21.75 16.21 -14.76
N VAL O 114 -21.86 17.53 -14.81
CA VAL O 114 -21.97 18.24 -16.09
C VAL O 114 -20.96 19.40 -16.10
N ASN O 115 -20.35 19.60 -17.26
CA ASN O 115 -19.46 20.72 -17.54
C ASN O 115 -20.04 21.44 -18.71
N ILE O 116 -20.06 22.76 -18.67
CA ILE O 116 -20.50 23.59 -19.83
C ILE O 116 -19.47 24.65 -20.11
N GLY O 117 -18.99 24.69 -21.35
CA GLY O 117 -18.13 25.80 -21.76
C GLY O 117 -18.72 26.60 -22.89
N LYS O 118 -18.30 27.86 -22.99
CA LYS O 118 -18.44 28.60 -24.23
C LYS O 118 -17.17 28.42 -25.05
N ASP O 119 -17.39 28.25 -26.33
CA ASP O 119 -16.36 27.98 -27.30
C ASP O 119 -16.03 29.29 -28.02
N GLN O 120 -14.93 29.31 -28.77
CA GLN O 120 -14.65 30.44 -29.71
C GLN O 120 -15.78 30.75 -30.70
N SER O 121 -15.94 32.04 -31.00
CA SER O 121 -16.84 32.48 -32.04
C SER O 121 -16.44 33.84 -32.62
N ALA P 1 -10.81 19.76 -35.66
CA ALA P 1 -11.69 18.78 -34.99
C ALA P 1 -11.94 17.52 -35.85
N TRP P 2 -12.31 16.44 -35.19
CA TRP P 2 -12.61 15.18 -35.85
C TRP P 2 -13.98 14.68 -35.37
N LYS P 3 -14.76 14.18 -36.31
CA LYS P 3 -16.09 13.64 -36.04
C LYS P 3 -16.13 12.31 -36.78
N GLY P 4 -16.63 11.29 -36.11
CA GLY P 4 -16.64 9.99 -36.70
C GLY P 4 -17.30 8.94 -35.85
N GLU P 5 -17.23 7.73 -36.33
CA GLU P 5 -17.96 6.63 -35.75
C GLU P 5 -16.96 5.60 -35.24
N VAL P 6 -17.32 4.96 -34.13
CA VAL P 6 -16.49 3.90 -33.56
C VAL P 6 -17.36 2.65 -33.45
N LEU P 7 -17.09 1.68 -34.30
CA LEU P 7 -17.86 0.42 -34.29
C LEU P 7 -17.49 -0.50 -33.11
N ALA P 8 -18.50 -1.02 -32.40
CA ALA P 8 -18.31 -1.90 -31.24
C ALA P 8 -17.52 -3.20 -31.58
N ASN P 9 -17.71 -3.70 -32.80
CA ASN P 9 -17.06 -4.92 -33.25
C ASN P 9 -15.69 -4.72 -33.92
N ASN P 10 -15.21 -3.48 -33.90
CA ASN P 10 -13.93 -3.07 -34.44
C ASN P 10 -12.84 -3.26 -33.41
N GLU P 11 -12.34 -4.49 -33.34
CA GLU P 11 -11.32 -4.82 -32.34
C GLU P 11 -10.07 -3.94 -32.41
N ALA P 12 -9.65 -3.52 -33.59
CA ALA P 12 -8.44 -2.68 -33.75
C ALA P 12 -8.66 -1.24 -33.25
N GLY P 13 -9.91 -0.77 -33.35
CA GLY P 13 -10.31 0.60 -32.97
C GLY P 13 -10.28 1.53 -34.17
N GLN P 14 -10.80 2.75 -33.98
CA GLN P 14 -10.87 3.77 -35.05
C GLN P 14 -9.83 4.84 -34.80
N VAL P 15 -8.86 4.95 -35.73
CA VAL P 15 -7.86 5.98 -35.68
C VAL P 15 -8.56 7.29 -36.03
N THR P 16 -8.14 8.34 -35.35
CA THR P 16 -8.68 9.64 -35.65
C THR P 16 -7.57 10.46 -36.29
N SER P 17 -7.93 11.68 -36.71
CA SER P 17 -7.01 12.65 -37.26
C SER P 17 -6.39 13.52 -36.14
N ILE P 18 -6.75 13.28 -34.89
CA ILE P 18 -6.21 14.06 -33.79
C ILE P 18 -4.85 13.50 -33.35
N ILE P 19 -3.81 14.33 -33.46
CA ILE P 19 -2.50 14.08 -32.86
C ILE P 19 -2.39 14.86 -31.56
N TYR P 20 -2.43 14.14 -30.45
CA TYR P 20 -2.32 14.76 -29.12
C TYR P 20 -0.86 15.12 -28.87
N ASN P 21 -0.60 16.41 -28.76
CA ASN P 21 0.73 16.94 -28.43
C ASN P 21 0.88 17.44 -26.98
N PRO P 22 2.13 17.46 -26.47
CA PRO P 22 2.34 18.01 -25.15
C PRO P 22 1.71 19.40 -24.95
N GLY P 23 1.09 19.57 -23.79
CA GLY P 23 0.32 20.77 -23.48
C GLY P 23 -1.08 20.90 -24.10
N ASP P 24 -1.45 20.01 -25.01
CA ASP P 24 -2.73 20.14 -25.66
C ASP P 24 -3.88 19.95 -24.67
N VAL P 25 -4.97 20.66 -24.94
CA VAL P 25 -6.21 20.59 -24.16
C VAL P 25 -7.26 20.07 -25.13
N ILE P 26 -7.92 18.95 -24.81
CA ILE P 26 -8.88 18.36 -25.75
C ILE P 26 -10.27 18.16 -25.13
N THR P 27 -11.30 18.28 -25.97
CA THR P 27 -12.67 17.95 -25.55
C THR P 27 -13.24 16.87 -26.46
N ILE P 28 -13.90 15.91 -25.83
CA ILE P 28 -14.50 14.76 -26.50
C ILE P 28 -15.96 14.66 -26.03
N VAL P 29 -16.87 14.53 -26.98
CA VAL P 29 -18.30 14.21 -26.71
C VAL P 29 -18.64 12.92 -27.50
N ALA P 30 -19.07 11.89 -26.78
CA ALA P 30 -19.45 10.57 -27.36
C ALA P 30 -20.91 10.28 -27.10
N ALA P 31 -21.58 9.67 -28.09
CA ALA P 31 -22.98 9.33 -27.96
C ALA P 31 -23.30 8.06 -28.73
N GLY P 32 -24.40 7.40 -28.35
CA GLY P 32 -24.94 6.26 -29.09
C GLY P 32 -25.12 5.01 -28.24
N TRP P 33 -25.41 3.92 -28.93
CA TRP P 33 -25.81 2.67 -28.33
C TRP P 33 -25.05 1.52 -28.96
N ALA P 34 -24.58 0.61 -28.14
CA ALA P 34 -23.79 -0.53 -28.62
C ALA P 34 -23.99 -1.69 -27.68
N SER P 35 -23.65 -2.90 -28.15
CA SER P 35 -23.62 -4.08 -27.30
C SER P 35 -22.35 -4.86 -27.44
N TYR P 36 -21.99 -5.53 -26.37
CA TYR P 36 -20.86 -6.42 -26.32
C TYR P 36 -21.32 -7.88 -26.51
N GLY P 37 -22.59 -8.08 -26.88
CA GLY P 37 -23.19 -9.42 -27.03
C GLY P 37 -24.69 -9.51 -26.79
N PRO P 38 -25.16 -9.13 -25.58
CA PRO P 38 -26.60 -9.17 -25.28
C PRO P 38 -27.48 -8.39 -26.27
N THR P 39 -28.77 -8.70 -26.30
CA THR P 39 -29.69 -8.00 -27.24
C THR P 39 -29.97 -6.56 -26.76
N GLN P 40 -29.85 -6.39 -25.45
CA GLN P 40 -29.85 -5.05 -24.79
C GLN P 40 -28.69 -4.19 -25.34
N LYS P 41 -28.79 -2.86 -25.21
CA LYS P 41 -27.70 -1.95 -25.60
C LYS P 41 -27.39 -0.90 -24.50
N TRP P 42 -26.17 -0.39 -24.58
CA TRP P 42 -25.62 0.50 -23.53
C TRP P 42 -24.95 1.69 -24.19
N GLY P 43 -24.94 2.80 -23.48
CA GLY P 43 -24.28 3.96 -23.94
C GLY P 43 -22.79 3.88 -23.72
N PRO P 44 -22.07 4.97 -24.03
CA PRO P 44 -20.61 4.93 -23.94
C PRO P 44 -19.99 4.75 -22.53
N GLN P 45 -20.76 4.78 -21.46
CA GLN P 45 -20.23 4.35 -20.17
C GLN P 45 -20.23 2.82 -20.02
N GLY P 46 -20.92 2.13 -20.93
CA GLY P 46 -20.97 0.68 -20.93
C GLY P 46 -21.94 0.14 -19.90
N ASP P 47 -21.70 -1.12 -19.51
CA ASP P 47 -22.59 -1.86 -18.61
C ASP P 47 -22.02 -1.95 -17.20
N ARG P 48 -22.55 -1.17 -16.29
CA ARG P 48 -22.09 -1.14 -14.89
C ARG P 48 -22.27 -2.44 -14.08
N GLU P 49 -23.08 -3.36 -14.59
CA GLU P 49 -23.41 -4.64 -13.93
C GLU P 49 -22.48 -5.76 -14.36
N HIS P 50 -21.72 -5.56 -15.44
CA HIS P 50 -21.00 -6.67 -16.05
C HIS P 50 -19.60 -6.81 -15.45
N PRO P 51 -19.22 -8.05 -15.05
CA PRO P 51 -17.87 -8.16 -14.52
C PRO P 51 -16.80 -7.96 -15.59
N ASP P 52 -15.62 -7.53 -15.17
CA ASP P 52 -14.46 -7.42 -16.01
C ASP P 52 -13.77 -8.80 -16.14
N GLN P 53 -13.82 -9.38 -17.34
CA GLN P 53 -13.31 -10.73 -17.60
C GLN P 53 -12.07 -10.67 -18.46
N GLY P 54 -11.35 -9.56 -18.41
CA GLY P 54 -10.15 -9.39 -19.20
C GLY P 54 -10.26 -8.28 -20.24
N LEU P 55 -10.89 -7.17 -19.89
CA LEU P 55 -11.09 -6.01 -20.80
C LEU P 55 -9.76 -5.37 -21.17
N ILE P 56 -9.73 -4.74 -22.33
CA ILE P 56 -8.55 -3.99 -22.76
C ILE P 56 -8.30 -2.72 -21.91
N CYS P 57 -9.34 -2.29 -21.17
CA CYS P 57 -9.26 -1.20 -20.21
C CYS P 57 -9.98 -1.59 -18.93
N HIS P 58 -9.21 -1.81 -17.86
CA HIS P 58 -9.81 -2.16 -16.58
C HIS P 58 -10.37 -0.97 -15.78
N ASP P 59 -10.05 0.25 -16.20
CA ASP P 59 -10.59 1.45 -15.58
C ASP P 59 -11.93 1.91 -16.19
N ALA P 60 -12.55 1.07 -17.01
CA ALA P 60 -13.88 1.33 -17.57
C ALA P 60 -14.72 0.07 -17.63
N PHE P 61 -16.05 0.24 -17.73
CA PHE P 61 -16.97 -0.88 -17.84
C PHE P 61 -16.85 -1.59 -19.20
N CYS P 62 -17.23 -2.86 -19.23
CA CYS P 62 -17.45 -3.53 -20.47
C CYS P 62 -18.48 -2.70 -21.28
N GLY P 63 -18.17 -2.43 -22.54
CA GLY P 63 -18.99 -1.61 -23.41
C GLY P 63 -18.80 -0.09 -23.39
N ALA P 64 -17.81 0.36 -22.61
CA ALA P 64 -17.46 1.74 -22.52
C ALA P 64 -16.57 2.12 -23.69
N LEU P 65 -16.54 3.42 -23.99
CA LEU P 65 -15.57 3.97 -24.93
C LEU P 65 -14.24 4.27 -24.22
N VAL P 66 -13.14 3.81 -24.85
CA VAL P 66 -11.79 4.08 -24.35
C VAL P 66 -10.95 4.62 -25.50
N MET P 67 -9.72 5.08 -25.19
CA MET P 67 -8.79 5.52 -26.24
C MET P 67 -7.37 5.16 -25.89
N LYS P 68 -6.51 5.19 -26.91
CA LYS P 68 -5.07 5.17 -26.75
C LYS P 68 -4.56 6.46 -27.35
N ILE P 69 -3.53 7.05 -26.77
CA ILE P 69 -2.85 8.16 -27.39
C ILE P 69 -1.46 7.66 -27.78
N GLY P 70 -1.16 7.58 -29.07
CA GLY P 70 0.10 6.99 -29.50
C GLY P 70 0.21 5.56 -28.98
N ASN P 71 1.34 5.25 -28.34
CA ASN P 71 1.57 3.94 -27.74
C ASN P 71 1.26 3.87 -26.24
N SER P 72 0.44 4.79 -25.74
CA SER P 72 -0.10 4.72 -24.40
C SER P 72 -0.90 3.43 -24.19
N GLY P 73 -1.22 3.14 -22.95
CA GLY P 73 -2.17 2.12 -22.65
C GLY P 73 -3.54 2.76 -22.80
N THR P 74 -4.57 1.97 -22.59
CA THR P 74 -5.93 2.48 -22.75
C THR P 74 -6.35 3.47 -21.63
N ILE P 75 -7.17 4.48 -22.00
CA ILE P 75 -7.58 5.55 -21.12
C ILE P 75 -9.10 5.64 -21.30
N PRO P 76 -9.87 5.60 -20.21
CA PRO P 76 -11.31 5.78 -20.35
C PRO P 76 -11.69 7.11 -20.96
N VAL P 77 -12.70 7.06 -21.84
CA VAL P 77 -13.34 8.23 -22.39
C VAL P 77 -14.77 8.29 -21.89
N ASN P 78 -15.50 7.19 -21.96
CA ASN P 78 -16.90 7.18 -21.49
C ASN P 78 -17.67 8.19 -22.32
N THR P 79 -18.47 9.06 -21.67
CA THR P 79 -19.25 10.04 -22.40
C THR P 79 -18.44 11.16 -23.04
N GLY P 80 -17.18 11.31 -22.63
CA GLY P 80 -16.33 12.36 -23.11
C GLY P 80 -15.40 12.91 -22.04
N LEU P 81 -14.63 13.89 -22.47
CA LEU P 81 -13.62 14.54 -21.68
C LEU P 81 -13.83 16.00 -21.95
N PHE P 82 -13.83 16.82 -20.91
CA PHE P 82 -14.01 18.25 -21.05
C PHE P 82 -12.71 18.99 -20.65
N ARG P 83 -12.16 19.72 -21.62
CA ARG P 83 -10.96 20.52 -21.45
C ARG P 83 -9.88 19.77 -20.65
N TRP P 84 -9.55 18.60 -21.18
CA TRP P 84 -8.69 17.58 -20.59
C TRP P 84 -7.26 17.63 -21.11
N VAL P 85 -6.34 17.51 -20.16
CA VAL P 85 -4.90 17.45 -20.43
C VAL P 85 -4.36 16.08 -19.96
N ALA P 86 -3.58 15.44 -20.81
CA ALA P 86 -3.00 14.12 -20.49
C ALA P 86 -2.15 14.21 -19.21
N PRO P 87 -2.51 13.50 -18.11
CA PRO P 87 -1.66 13.56 -16.89
C PRO P 87 -0.36 12.76 -16.96
N ASN P 88 -0.21 11.94 -17.99
CA ASN P 88 1.08 11.33 -18.30
C ASN P 88 1.70 12.01 -19.52
N ASN P 89 3.00 11.74 -19.70
CA ASN P 89 3.76 12.25 -20.86
C ASN P 89 3.43 11.48 -22.18
N VAL P 90 2.19 11.60 -22.62
CA VAL P 90 1.66 10.88 -23.75
C VAL P 90 1.58 11.84 -24.94
N GLN P 91 1.71 11.24 -26.12
CA GLN P 91 1.80 11.96 -27.39
C GLN P 91 1.39 11.01 -28.48
N GLY P 92 0.74 11.54 -29.52
CA GLY P 92 0.50 10.75 -30.74
C GLY P 92 -0.93 10.76 -31.20
N ALA P 93 -1.22 9.98 -32.25
CA ALA P 93 -2.58 9.86 -32.77
C ALA P 93 -3.52 9.23 -31.73
N ILE P 94 -4.74 9.75 -31.68
CA ILE P 94 -5.80 9.20 -30.80
C ILE P 94 -6.51 8.09 -31.56
N THR P 95 -6.63 6.92 -30.92
CA THR P 95 -7.41 5.79 -31.44
C THR P 95 -8.48 5.54 -30.40
N LEU P 96 -9.71 5.47 -30.90
CA LEU P 96 -10.89 5.20 -30.12
C LEU P 96 -11.23 3.73 -30.24
N ILE P 97 -11.56 3.10 -29.12
CA ILE P 97 -11.85 1.66 -29.12
C ILE P 97 -13.00 1.33 -28.20
N TYR P 98 -13.86 0.40 -28.63
CA TYR P 98 -14.86 -0.19 -27.76
C TYR P 98 -14.14 -1.12 -26.78
N ASN P 99 -14.53 -1.05 -25.51
CA ASN P 99 -13.92 -1.80 -24.44
C ASN P 99 -14.55 -3.16 -24.32
N ASP P 100 -13.86 -4.18 -24.82
CA ASP P 100 -14.32 -5.58 -24.69
C ASP P 100 -13.09 -6.48 -24.40
N VAL P 101 -13.35 -7.77 -24.20
CA VAL P 101 -12.27 -8.76 -23.99
C VAL P 101 -11.68 -9.12 -25.35
N PRO P 102 -10.33 -9.10 -25.45
CA PRO P 102 -9.71 -9.53 -26.71
C PRO P 102 -10.27 -10.89 -27.20
N GLY P 103 -10.49 -11.01 -28.51
CA GLY P 103 -11.04 -12.22 -29.07
C GLY P 103 -12.56 -12.33 -29.02
N THR P 104 -13.26 -11.40 -28.36
CA THR P 104 -14.72 -11.53 -28.20
C THR P 104 -15.52 -10.38 -28.84
N TYR P 105 -14.90 -9.69 -29.78
CA TYR P 105 -15.56 -8.55 -30.45
C TYR P 105 -16.55 -8.96 -31.55
N GLY P 106 -16.43 -10.19 -32.04
CA GLY P 106 -17.19 -10.68 -33.20
C GLY P 106 -18.69 -10.61 -33.07
N ASN P 107 -19.17 -10.78 -31.84
CA ASN P 107 -20.60 -10.70 -31.52
C ASN P 107 -21.08 -9.32 -31.07
N ASN P 108 -20.27 -8.28 -31.29
CA ASN P 108 -20.64 -6.93 -30.88
C ASN P 108 -21.49 -6.23 -31.89
N SER P 109 -22.20 -5.20 -31.45
CA SER P 109 -22.99 -4.44 -32.38
C SER P 109 -23.19 -3.02 -31.89
N GLY P 110 -23.59 -2.18 -32.84
CA GLY P 110 -23.79 -0.78 -32.57
C GLY P 110 -22.48 -0.05 -32.76
N SER P 111 -22.51 1.22 -32.37
CA SER P 111 -21.39 2.12 -32.56
C SER P 111 -21.61 3.37 -31.70
N PHE P 112 -20.53 4.11 -31.43
CA PHE P 112 -20.61 5.44 -30.85
C PHE P 112 -20.21 6.49 -31.88
N SER P 113 -20.86 7.63 -31.78
CA SER P 113 -20.57 8.75 -32.65
C SER P 113 -19.77 9.71 -31.74
N VAL P 114 -18.62 10.17 -32.23
CA VAL P 114 -17.68 10.86 -31.36
C VAL P 114 -17.23 12.14 -32.04
N ASN P 115 -17.18 13.23 -31.26
CA ASN P 115 -16.48 14.44 -31.67
C ASN P 115 -15.27 14.64 -30.80
N ILE P 116 -14.11 14.93 -31.42
CA ILE P 116 -12.93 15.39 -30.69
C ILE P 116 -12.47 16.76 -31.23
N GLY P 117 -12.19 17.68 -30.31
CA GLY P 117 -11.63 18.99 -30.67
C GLY P 117 -10.52 19.35 -29.71
N LYS P 118 -9.57 20.16 -30.19
CA LYS P 118 -8.57 20.79 -29.35
C LYS P 118 -9.08 22.16 -28.94
N ASP P 119 -8.96 22.43 -27.64
CA ASP P 119 -9.40 23.69 -27.04
C ASP P 119 -8.27 24.69 -27.05
N GLN P 120 -8.54 25.93 -26.66
CA GLN P 120 -7.44 26.90 -26.45
C GLN P 120 -6.51 26.48 -25.33
N SER P 121 -5.23 26.78 -25.49
CA SER P 121 -4.29 26.56 -24.42
C SER P 121 -3.23 27.63 -24.43
N ALA Q 1 0.29 28.61 4.91
CA ALA Q 1 0.51 30.06 4.62
C ALA Q 1 1.83 30.57 5.24
N TRP Q 2 2.39 31.61 4.62
CA TRP Q 2 3.70 32.16 5.00
C TRP Q 2 3.60 33.68 4.98
N LYS Q 3 4.25 34.31 5.95
CA LYS Q 3 4.34 35.76 6.03
C LYS Q 3 5.77 36.13 6.44
N GLY Q 4 6.34 37.11 5.75
CA GLY Q 4 7.67 37.63 6.12
C GLY Q 4 8.18 38.75 5.20
N GLU Q 5 9.35 39.28 5.58
CA GLU Q 5 9.95 40.42 4.93
C GLU Q 5 11.01 39.94 3.91
N VAL Q 6 11.03 40.66 2.80
CA VAL Q 6 11.93 40.47 1.67
C VAL Q 6 12.74 41.76 1.60
N LEU Q 7 14.01 41.68 2.05
CA LEU Q 7 14.87 42.88 2.11
C LEU Q 7 15.47 43.17 0.74
N ALA Q 8 15.45 44.46 0.37
CA ALA Q 8 15.91 44.94 -0.92
C ALA Q 8 17.41 44.61 -1.22
N ASN Q 9 18.21 44.61 -0.16
CA ASN Q 9 19.65 44.36 -0.26
C ASN Q 9 20.03 42.88 -0.12
N ASN Q 10 19.04 41.98 -0.02
CA ASN Q 10 19.25 40.51 -0.01
C ASN Q 10 19.29 39.91 -1.42
N GLU Q 11 20.47 39.88 -2.01
CA GLU Q 11 20.66 39.42 -3.38
C GLU Q 11 20.26 37.95 -3.56
N ALA Q 12 20.47 37.12 -2.54
CA ALA Q 12 20.10 35.70 -2.63
C ALA Q 12 18.60 35.47 -2.62
N GLY Q 13 17.87 36.34 -1.93
CA GLY Q 13 16.42 36.27 -1.87
C GLY Q 13 15.99 35.67 -0.55
N GLN Q 14 14.71 35.79 -0.28
CA GLN Q 14 14.14 35.32 0.95
C GLN Q 14 13.44 34.02 0.66
N VAL Q 15 13.98 32.90 1.13
CA VAL Q 15 13.24 31.64 1.03
C VAL Q 15 12.02 31.66 1.95
N THR Q 16 10.93 31.10 1.44
CA THR Q 16 9.68 30.98 2.16
C THR Q 16 9.46 29.50 2.54
N SER Q 17 8.44 29.26 3.34
CA SER Q 17 8.05 27.93 3.72
C SER Q 17 7.11 27.29 2.66
N ILE Q 18 6.84 28.01 1.58
CA ILE Q 18 5.90 27.54 0.56
C ILE Q 18 6.65 26.73 -0.47
N ILE Q 19 6.26 25.46 -0.58
CA ILE Q 19 6.71 24.58 -1.65
C ILE Q 19 5.54 24.47 -2.60
N TYR Q 20 5.70 25.07 -3.79
CA TYR Q 20 4.72 25.01 -4.84
C TYR Q 20 4.76 23.60 -5.49
N ASN Q 21 3.60 22.95 -5.49
CA ASN Q 21 3.40 21.63 -6.05
C ASN Q 21 2.51 21.66 -7.27
N PRO Q 22 2.70 20.68 -8.19
CA PRO Q 22 1.82 20.60 -9.32
C PRO Q 22 0.33 20.68 -8.93
N GLY Q 23 -0.39 21.59 -9.58
CA GLY Q 23 -1.80 21.76 -9.33
C GLY Q 23 -2.12 22.84 -8.32
N ASP Q 24 -1.14 23.32 -7.55
CA ASP Q 24 -1.41 24.33 -6.54
C ASP Q 24 -1.89 25.65 -7.16
N VAL Q 25 -2.86 26.22 -6.47
CA VAL Q 25 -3.31 27.59 -6.70
C VAL Q 25 -2.77 28.44 -5.55
N ILE Q 26 -2.17 29.60 -5.87
CA ILE Q 26 -1.60 30.46 -4.83
C ILE Q 26 -2.04 31.91 -4.97
N THR Q 27 -2.09 32.56 -3.83
CA THR Q 27 -2.36 33.99 -3.77
C THR Q 27 -1.23 34.65 -3.02
N ILE Q 28 -0.74 35.74 -3.61
CA ILE Q 28 0.26 36.55 -2.99
C ILE Q 28 -0.17 38.02 -2.88
N VAL Q 29 0.09 38.63 -1.73
CA VAL Q 29 -0.06 40.06 -1.52
C VAL Q 29 1.25 40.62 -0.95
N ALA Q 30 1.74 41.68 -1.58
CA ALA Q 30 3.02 42.28 -1.28
C ALA Q 30 2.81 43.76 -1.01
N ALA Q 31 3.47 44.28 0.01
CA ALA Q 31 3.34 45.71 0.37
C ALA Q 31 4.66 46.27 0.89
N GLY Q 32 4.82 47.59 0.83
CA GLY Q 32 5.97 48.28 1.44
C GLY Q 32 6.75 49.16 0.45
N TRP Q 33 7.89 49.64 0.93
CA TRP Q 33 8.69 50.61 0.24
C TRP Q 33 10.16 50.19 0.27
N ALA Q 34 10.77 50.23 -0.91
CA ALA Q 34 12.18 49.88 -1.05
C ALA Q 34 12.87 50.71 -2.16
N SER Q 35 14.21 50.74 -2.10
CA SER Q 35 15.03 51.36 -3.15
C SER Q 35 16.18 50.45 -3.63
N TYR Q 36 16.45 50.58 -4.93
CA TYR Q 36 17.59 49.97 -5.54
C TYR Q 36 18.86 50.85 -5.50
N GLY Q 37 18.83 52.02 -4.85
CA GLY Q 37 19.97 52.98 -4.88
C GLY Q 37 19.62 54.42 -4.48
N PRO Q 38 18.67 55.02 -5.19
CA PRO Q 38 18.23 56.39 -4.92
C PRO Q 38 17.62 56.61 -3.57
N THR Q 39 17.59 57.88 -3.14
CA THR Q 39 17.00 58.23 -1.84
C THR Q 39 15.47 58.04 -1.88
N GLN Q 40 14.86 58.07 -3.07
CA GLN Q 40 13.42 57.82 -3.23
CA GLN Q 40 13.42 57.81 -3.23
C GLN Q 40 13.14 56.33 -2.96
N LYS Q 41 11.88 55.98 -2.78
CA LYS Q 41 11.48 54.57 -2.68
C LYS Q 41 10.27 54.27 -3.56
N TRP Q 42 10.13 52.99 -3.95
CA TRP Q 42 9.07 52.54 -4.81
C TRP Q 42 8.39 51.34 -4.15
N GLY Q 43 7.12 51.14 -4.48
CA GLY Q 43 6.39 49.92 -4.11
C GLY Q 43 6.86 48.65 -4.83
N PRO Q 44 6.15 47.52 -4.60
CA PRO Q 44 6.52 46.25 -5.27
C PRO Q 44 6.35 46.16 -6.78
N GLN Q 45 5.74 47.15 -7.41
CA GLN Q 45 5.79 47.25 -8.90
C GLN Q 45 7.10 47.86 -9.43
N GLY Q 46 7.91 48.40 -8.55
CA GLY Q 46 9.19 48.95 -8.92
C GLY Q 46 9.06 50.32 -9.58
N ASP Q 47 10.10 50.65 -10.32
CA ASP Q 47 10.29 51.99 -10.94
C ASP Q 47 9.98 51.92 -12.41
N ARG Q 48 8.82 52.43 -12.78
CA ARG Q 48 8.38 52.36 -14.14
C ARG Q 48 9.17 53.22 -15.15
N GLU Q 49 10.03 54.11 -14.68
CA GLU Q 49 10.86 55.01 -15.54
C GLU Q 49 12.30 54.52 -15.75
N HIS Q 50 12.71 53.44 -15.07
CA HIS Q 50 14.13 53.08 -15.04
C HIS Q 50 14.45 51.99 -16.08
N PRO Q 51 15.54 52.18 -16.89
CA PRO Q 51 15.90 51.16 -17.87
C PRO Q 51 16.45 49.87 -17.24
N ASP Q 52 16.27 48.77 -17.95
CA ASP Q 52 16.84 47.44 -17.61
C ASP Q 52 18.31 47.36 -18.05
N GLN Q 53 19.20 47.37 -17.08
CA GLN Q 53 20.64 47.29 -17.31
C GLN Q 53 21.18 45.89 -16.94
N GLY Q 54 20.33 44.88 -17.06
CA GLY Q 54 20.71 43.48 -16.71
C GLY Q 54 19.99 42.92 -15.47
N LEU Q 55 18.70 43.23 -15.34
CA LEU Q 55 17.90 42.86 -14.16
C LEU Q 55 17.77 41.34 -14.08
N ILE Q 56 17.60 40.80 -12.86
CA ILE Q 56 17.45 39.32 -12.78
C ILE Q 56 16.12 38.89 -13.41
N CYS Q 57 15.21 39.86 -13.61
CA CYS Q 57 13.90 39.62 -14.25
C CYS Q 57 13.55 40.72 -15.25
N HIS Q 58 13.67 40.41 -16.53
CA HIS Q 58 13.39 41.36 -17.60
C HIS Q 58 11.90 41.57 -17.72
N ASP Q 59 11.10 40.77 -17.01
CA ASP Q 59 9.62 40.82 -17.16
C ASP Q 59 8.94 41.76 -16.15
N ALA Q 60 9.76 42.45 -15.36
CA ALA Q 60 9.29 43.40 -14.35
C ALA Q 60 10.28 44.53 -14.24
N PHE Q 61 9.83 45.59 -13.58
CA PHE Q 61 10.62 46.79 -13.45
C PHE Q 61 11.70 46.62 -12.41
N CYS Q 62 12.73 47.46 -12.52
CA CYS Q 62 13.69 47.57 -11.45
C CYS Q 62 12.99 48.01 -10.13
N GLY Q 63 13.37 47.36 -9.02
CA GLY Q 63 12.70 47.51 -7.75
C GLY Q 63 11.36 46.76 -7.58
N ALA Q 64 11.01 45.89 -8.54
CA ALA Q 64 9.80 45.07 -8.44
C ALA Q 64 10.10 43.84 -7.60
N LEU Q 65 9.05 43.29 -7.00
CA LEU Q 65 9.12 41.97 -6.34
C LEU Q 65 8.94 40.89 -7.42
N VAL Q 66 9.84 39.94 -7.42
CA VAL Q 66 9.77 38.75 -8.28
C VAL Q 66 10.02 37.50 -7.44
N MET Q 67 9.84 36.33 -8.03
CA MET Q 67 10.13 35.08 -7.33
C MET Q 67 10.78 34.05 -8.22
N LYS Q 68 11.37 33.03 -7.59
CA LYS Q 68 11.66 31.78 -8.27
C LYS Q 68 10.88 30.66 -7.54
N ILE Q 69 10.50 29.65 -8.31
CA ILE Q 69 9.94 28.41 -7.79
C ILE Q 69 10.89 27.26 -8.15
N GLY Q 70 11.47 26.64 -7.13
CA GLY Q 70 12.51 25.63 -7.32
C GLY Q 70 13.60 26.32 -8.13
N ASN Q 71 13.99 25.73 -9.24
CA ASN Q 71 15.06 26.29 -10.08
C ASN Q 71 14.50 26.91 -11.34
N SER Q 72 13.33 27.55 -11.25
CA SER Q 72 12.78 28.26 -12.38
C SER Q 72 13.59 29.50 -12.59
N GLY Q 73 13.32 30.20 -13.68
CA GLY Q 73 13.75 31.58 -13.81
C GLY Q 73 12.81 32.46 -13.01
N THR Q 74 13.15 33.74 -12.96
CA THR Q 74 12.40 34.69 -12.22
C THR Q 74 10.99 34.89 -12.82
N ILE Q 75 10.04 35.08 -11.93
CA ILE Q 75 8.64 35.23 -12.32
C ILE Q 75 8.14 36.50 -11.63
N PRO Q 76 7.55 37.43 -12.39
CA PRO Q 76 6.99 38.65 -11.76
C PRO Q 76 5.90 38.34 -10.73
N VAL Q 77 6.00 39.00 -9.57
CA VAL Q 77 4.97 39.05 -8.53
C VAL Q 77 4.30 40.43 -8.42
N ASN Q 78 5.13 41.50 -8.42
CA ASN Q 78 4.60 42.87 -8.33
C ASN Q 78 3.76 43.05 -7.05
N THR Q 79 2.55 43.58 -7.13
CA THR Q 79 1.73 43.74 -5.93
C THR Q 79 1.18 42.39 -5.40
N GLY Q 80 1.31 41.34 -6.22
CA GLY Q 80 0.71 40.07 -5.93
C GLY Q 80 0.07 39.36 -7.10
N LEU Q 81 -0.42 38.17 -6.75
CA LEU Q 81 -0.94 37.14 -7.65
C LEU Q 81 -2.25 36.68 -7.02
N PHE Q 82 -3.28 36.56 -7.82
CA PHE Q 82 -4.60 36.26 -7.33
C PHE Q 82 -5.02 34.91 -7.86
N ARG Q 83 -5.05 33.90 -6.97
CA ARG Q 83 -5.48 32.53 -7.39
C ARG Q 83 -4.74 32.10 -8.66
N TRP Q 84 -3.41 32.10 -8.54
CA TRP Q 84 -2.48 31.89 -9.63
C TRP Q 84 -2.02 30.42 -9.71
N VAL Q 85 -1.94 29.89 -10.93
CA VAL Q 85 -1.39 28.57 -11.22
C VAL Q 85 -0.15 28.69 -12.12
N ALA Q 86 0.92 27.97 -11.77
CA ALA Q 86 2.19 28.07 -12.47
C ALA Q 86 2.15 27.43 -13.86
N PRO Q 87 3.17 27.76 -14.71
CA PRO Q 87 3.32 26.94 -15.90
C PRO Q 87 3.65 25.51 -15.55
N ASN Q 88 3.30 24.63 -16.48
CA ASN Q 88 3.62 23.23 -16.37
C ASN Q 88 5.13 22.98 -16.07
N ASN Q 89 5.35 21.98 -15.21
CA ASN Q 89 6.65 21.59 -14.73
C ASN Q 89 7.41 22.66 -13.95
N VAL Q 90 6.69 23.59 -13.35
CA VAL Q 90 7.33 24.45 -12.35
C VAL Q 90 7.01 23.92 -10.92
N GLN Q 91 8.02 23.64 -10.09
CA GLN Q 91 7.79 23.19 -8.72
C GLN Q 91 8.99 23.35 -7.78
N GLY Q 92 8.70 23.38 -6.48
CA GLY Q 92 9.70 23.65 -5.48
C GLY Q 92 9.45 24.86 -4.61
N ALA Q 93 10.40 25.07 -3.70
CA ALA Q 93 10.37 26.18 -2.75
C ALA Q 93 10.23 27.51 -3.46
N ILE Q 94 9.33 28.36 -2.94
CA ILE Q 94 9.21 29.73 -3.44
C ILE Q 94 10.26 30.60 -2.73
N THR Q 95 11.14 31.24 -3.50
CA THR Q 95 12.07 32.25 -2.96
C THR Q 95 11.62 33.60 -3.51
N LEU Q 96 11.53 34.60 -2.65
CA LEU Q 96 11.18 35.95 -3.09
C LEU Q 96 12.44 36.83 -3.25
N ILE Q 97 12.45 37.69 -4.27
CA ILE Q 97 13.66 38.45 -4.55
C ILE Q 97 13.31 39.83 -5.06
N TYR Q 98 14.09 40.78 -4.59
CA TYR Q 98 14.00 42.15 -5.07
C TYR Q 98 14.63 42.18 -6.46
N ASN Q 99 13.98 42.82 -7.41
CA ASN Q 99 14.50 42.86 -8.80
C ASN Q 99 15.54 43.99 -9.00
N ASP Q 100 16.80 43.61 -9.14
CA ASP Q 100 17.89 44.54 -9.40
C ASP Q 100 18.94 43.79 -10.21
N VAL Q 101 19.98 44.51 -10.62
CA VAL Q 101 21.08 43.95 -11.38
C VAL Q 101 22.06 43.20 -10.44
N PRO Q 102 22.45 41.97 -10.83
CA PRO Q 102 23.38 41.23 -9.96
C PRO Q 102 24.64 42.03 -9.71
N GLY Q 103 25.12 42.01 -8.48
CA GLY Q 103 26.29 42.75 -8.05
C GLY Q 103 26.06 44.20 -7.63
N THR Q 104 24.79 44.64 -7.63
CA THR Q 104 24.44 46.02 -7.31
C THR Q 104 23.43 46.09 -6.17
N TYR Q 105 23.40 45.06 -5.34
CA TYR Q 105 22.45 45.03 -4.24
C TYR Q 105 22.91 45.76 -3.00
N GLY Q 106 24.21 46.07 -2.96
CA GLY Q 106 24.77 46.65 -1.79
C GLY Q 106 24.20 47.97 -1.34
N ASN Q 107 23.81 48.80 -2.30
CA ASN Q 107 23.24 50.11 -2.01
C ASN Q 107 21.70 50.11 -1.89
N ASN Q 108 21.09 48.93 -1.86
CA ASN Q 108 19.63 48.86 -1.74
C ASN Q 108 19.13 49.10 -0.32
N SER Q 109 17.87 49.51 -0.19
CA SER Q 109 17.34 49.78 1.14
C SER Q 109 15.83 49.52 1.21
N GLY Q 110 15.35 49.31 2.44
CA GLY Q 110 13.96 49.01 2.66
C GLY Q 110 13.61 47.56 2.35
N SER Q 111 12.31 47.29 2.26
CA SER Q 111 11.85 45.90 2.12
C SER Q 111 10.35 45.85 1.78
N PHE Q 112 9.86 44.63 1.52
CA PHE Q 112 8.45 44.35 1.29
C PHE Q 112 7.96 43.29 2.25
N SER Q 113 6.78 43.57 2.82
CA SER Q 113 6.05 42.61 3.60
C SER Q 113 5.18 41.75 2.66
N VAL Q 114 5.29 40.43 2.77
CA VAL Q 114 4.65 39.55 1.79
C VAL Q 114 3.89 38.43 2.50
N ASN Q 115 2.64 38.18 2.08
CA ASN Q 115 1.82 37.03 2.48
C ASN Q 115 1.67 36.12 1.26
N ILE Q 116 1.84 34.82 1.48
CA ILE Q 116 1.52 33.80 0.49
C ILE Q 116 0.62 32.74 1.14
N GLY Q 117 -0.45 32.35 0.45
CA GLY Q 117 -1.22 31.18 0.84
C GLY Q 117 -1.57 30.32 -0.35
N LYS Q 118 -1.88 29.07 -0.08
CA LYS Q 118 -2.46 28.19 -1.05
C LYS Q 118 -3.97 28.33 -1.00
N ASP Q 119 -4.55 28.43 -2.18
CA ASP Q 119 -5.96 28.47 -2.34
C ASP Q 119 -6.56 27.06 -2.48
N GLN Q 120 -7.88 26.98 -2.47
CA GLN Q 120 -8.58 25.75 -2.87
C GLN Q 120 -8.25 25.29 -4.27
N SER Q 121 -8.22 23.97 -4.43
CA SER Q 121 -7.99 23.37 -5.72
C SER Q 121 -8.56 21.98 -5.79
N ALA R 1 -16.41 35.93 -6.75
CA ALA R 1 -15.31 36.91 -6.95
C ALA R 1 -15.78 38.17 -7.71
N TRP R 2 -14.94 39.20 -7.69
CA TRP R 2 -15.14 40.40 -8.48
C TRP R 2 -13.81 40.84 -9.07
N LYS R 3 -13.84 41.33 -10.30
CA LYS R 3 -12.64 41.85 -10.94
C LYS R 3 -13.09 43.03 -11.76
N GLY R 4 -12.47 44.18 -11.53
CA GLY R 4 -12.84 45.42 -12.21
C GLY R 4 -11.77 46.46 -12.16
N GLU R 5 -12.13 47.69 -12.49
CA GLU R 5 -11.18 48.77 -12.58
C GLU R 5 -11.69 49.88 -11.73
N VAL R 6 -10.75 50.62 -11.13
CA VAL R 6 -11.06 51.77 -10.32
C VAL R 6 -10.35 52.94 -10.95
N LEU R 7 -11.12 53.83 -11.58
CA LEU R 7 -10.53 54.97 -12.27
C LEU R 7 -10.19 56.05 -11.26
N ALA R 8 -9.00 56.63 -11.40
CA ALA R 8 -8.48 57.71 -10.53
C ALA R 8 -9.37 58.94 -10.46
N ASN R 9 -10.09 59.22 -11.55
CA ASN R 9 -10.95 60.40 -11.65
C ASN R 9 -12.41 60.11 -11.25
N ASN R 10 -12.66 58.88 -10.80
CA ASN R 10 -13.97 58.49 -10.34
C ASN R 10 -14.17 58.87 -8.89
N GLU R 11 -14.70 60.09 -8.67
CA GLU R 11 -14.87 60.63 -7.33
C GLU R 11 -15.89 59.85 -6.51
N ALA R 12 -16.90 59.31 -7.19
CA ALA R 12 -17.96 58.58 -6.53
C ALA R 12 -17.47 57.22 -5.97
N GLY R 13 -16.45 56.66 -6.60
CA GLY R 13 -15.99 55.31 -6.28
C GLY R 13 -16.64 54.27 -7.16
N GLN R 14 -16.03 53.10 -7.19
CA GLN R 14 -16.48 51.98 -8.00
C GLN R 14 -17.25 51.01 -7.11
N VAL R 15 -18.57 50.90 -7.31
CA VAL R 15 -19.32 49.93 -6.50
C VAL R 15 -18.98 48.56 -7.14
N THR R 16 -18.53 47.61 -6.34
CA THR R 16 -18.22 46.26 -6.80
C THR R 16 -19.47 45.41 -6.66
N SER R 17 -19.36 44.14 -7.02
CA SER R 17 -20.41 43.15 -6.82
C SER R 17 -20.34 42.44 -5.46
N ILE R 18 -19.39 42.80 -4.59
CA ILE R 18 -19.15 42.09 -3.33
C ILE R 18 -19.98 42.71 -2.22
N ILE R 19 -20.72 41.87 -1.48
CA ILE R 19 -21.42 42.34 -0.30
C ILE R 19 -20.69 41.62 0.80
N TYR R 20 -19.97 42.40 1.63
CA TYR R 20 -19.30 41.88 2.80
C TYR R 20 -20.37 41.57 3.87
N ASN R 21 -20.38 40.32 4.29
CA ASN R 21 -21.32 39.82 5.27
C ASN R 21 -20.53 39.43 6.50
N PRO R 22 -21.16 39.55 7.69
CA PRO R 22 -20.49 39.18 8.89
C PRO R 22 -19.83 37.79 8.80
N GLY R 23 -18.57 37.75 9.24
CA GLY R 23 -17.77 36.53 9.26
C GLY R 23 -16.99 36.34 7.97
N ASP R 24 -17.27 37.09 6.90
CA ASP R 24 -16.55 36.88 5.65
C ASP R 24 -15.03 37.11 5.80
N VAL R 25 -14.24 36.35 5.05
CA VAL R 25 -12.79 36.58 4.93
C VAL R 25 -12.59 36.92 3.48
N ILE R 26 -11.94 38.05 3.20
CA ILE R 26 -11.70 38.47 1.80
C ILE R 26 -10.23 38.66 1.49
N THR R 27 -9.88 38.48 0.22
CA THR R 27 -8.54 38.85 -0.26
C THR R 27 -8.77 39.83 -1.41
N ILE R 28 -7.99 40.91 -1.40
CA ILE R 28 -7.93 41.88 -2.49
C ILE R 28 -6.49 41.96 -3.02
N VAL R 29 -6.34 41.97 -4.34
CA VAL R 29 -5.04 42.25 -4.98
C VAL R 29 -5.31 43.38 -5.98
N ALA R 30 -4.57 44.47 -5.87
CA ALA R 30 -4.70 45.66 -6.73
C ALA R 30 -3.38 45.87 -7.44
N ALA R 31 -3.45 46.31 -8.70
CA ALA R 31 -2.25 46.58 -9.49
C ALA R 31 -2.52 47.74 -10.39
N GLY R 32 -1.44 48.36 -10.85
CA GLY R 32 -1.51 49.36 -11.92
C GLY R 32 -0.99 50.74 -11.57
N TRP R 33 -1.27 51.71 -12.44
CA TRP R 33 -0.64 53.01 -12.39
C TRP R 33 -1.68 54.11 -12.60
N ALA R 34 -1.55 55.17 -11.81
CA ALA R 34 -2.52 56.24 -11.74
C ALA R 34 -1.87 57.51 -11.23
N SER R 35 -2.48 58.65 -11.51
CA SER R 35 -2.02 59.95 -11.00
C SER R 35 -3.18 60.79 -10.45
N TYR R 36 -2.86 61.54 -9.41
CA TYR R 36 -3.76 62.54 -8.87
C TYR R 36 -3.60 63.91 -9.55
N GLY R 37 -2.87 63.98 -10.66
CA GLY R 37 -2.59 65.28 -11.35
C GLY R 37 -1.29 65.30 -12.16
N PRO R 38 -0.14 65.09 -11.49
CA PRO R 38 1.16 65.09 -12.17
C PRO R 38 1.31 64.14 -13.35
N THR R 39 2.32 64.40 -14.17
CA THR R 39 2.66 63.54 -15.29
C THR R 39 3.19 62.18 -14.83
N GLN R 40 3.81 62.17 -13.66
CA GLN R 40 4.28 60.96 -13.02
C GLN R 40 3.05 60.13 -12.57
N LYS R 41 3.24 58.82 -12.49
CA LYS R 41 2.21 57.90 -12.00
C LYS R 41 2.70 57.01 -10.84
N TRP R 42 1.75 56.61 -9.99
CA TRP R 42 2.05 55.86 -8.79
C TRP R 42 1.18 54.59 -8.72
N GLY R 43 1.69 53.59 -8.00
CA GLY R 43 0.98 52.34 -7.82
C GLY R 43 -0.14 52.52 -6.79
N PRO R 44 -0.83 51.42 -6.44
CA PRO R 44 -1.94 51.50 -5.45
C PRO R 44 -1.60 51.91 -3.99
N GLN R 45 -0.31 52.05 -3.63
CA GLN R 45 0.10 52.71 -2.39
C GLN R 45 0.17 54.24 -2.45
N GLY R 46 0.01 54.78 -3.65
CA GLY R 46 0.07 56.20 -3.93
C GLY R 46 1.44 56.82 -3.81
N ASP R 47 1.46 58.11 -3.48
CA ASP R 47 2.70 58.91 -3.47
C ASP R 47 3.10 59.28 -2.04
N ARG R 48 4.15 58.64 -1.57
CA ARG R 48 4.56 58.71 -0.18
C ARG R 48 5.16 60.10 0.17
N GLU R 49 5.46 60.90 -0.84
CA GLU R 49 6.04 62.24 -0.65
C GLU R 49 5.03 63.37 -0.63
N HIS R 50 3.80 63.15 -1.06
CA HIS R 50 2.77 64.20 -1.12
C HIS R 50 2.07 64.47 0.20
N PRO R 51 1.89 65.75 0.59
CA PRO R 51 1.19 66.01 1.85
C PRO R 51 -0.32 65.72 1.72
N ASP R 52 -0.95 65.43 2.85
CA ASP R 52 -2.40 65.27 2.98
C ASP R 52 -3.05 66.64 3.06
N GLN R 53 -3.72 67.06 1.99
CA GLN R 53 -4.43 68.35 1.93
C GLN R 53 -5.95 68.20 2.02
N GLY R 54 -6.38 67.12 2.67
CA GLY R 54 -7.81 66.86 2.90
C GLY R 54 -8.28 65.62 2.15
N LEU R 55 -7.47 64.57 2.21
CA LEU R 55 -7.76 63.33 1.50
C LEU R 55 -8.98 62.66 2.10
N ILE R 56 -9.69 61.89 1.25
CA ILE R 56 -10.82 61.08 1.70
C ILE R 56 -10.37 60.00 2.70
N CYS R 57 -9.12 59.54 2.59
CA CYS R 57 -8.56 58.65 3.60
C CYS R 57 -7.28 59.25 4.15
N HIS R 58 -7.26 59.54 5.45
CA HIS R 58 -6.06 60.13 6.08
C HIS R 58 -5.08 59.04 6.51
N ASP R 59 -5.47 57.77 6.37
CA ASP R 59 -4.61 56.63 6.71
C ASP R 59 -3.91 55.98 5.49
N ALA R 60 -3.99 56.65 4.35
CA ALA R 60 -3.31 56.23 3.12
C ALA R 60 -2.78 57.47 2.45
N PHE R 61 -1.81 57.28 1.56
CA PHE R 61 -1.25 58.36 0.77
C PHE R 61 -2.17 58.87 -0.33
N CYS R 62 -1.96 60.12 -0.74
CA CYS R 62 -2.55 60.58 -1.97
C CYS R 62 -2.18 59.63 -3.14
N GLY R 63 -3.21 59.16 -3.85
CA GLY R 63 -3.06 58.27 -4.98
C GLY R 63 -3.13 56.79 -4.64
N ALA R 64 -3.47 56.49 -3.40
CA ALA R 64 -3.64 55.13 -2.86
C ALA R 64 -5.07 54.63 -3.10
N LEU R 65 -5.20 53.32 -3.13
CA LEU R 65 -6.49 52.68 -3.27
C LEU R 65 -7.06 52.55 -1.88
N VAL R 66 -8.30 53.00 -1.74
CA VAL R 66 -9.05 52.80 -0.49
C VAL R 66 -10.43 52.23 -0.80
N MET R 67 -11.18 51.87 0.24
CA MET R 67 -12.51 51.28 0.07
C MET R 67 -13.49 51.79 1.15
N LYS R 68 -14.78 51.65 0.87
CA LYS R 68 -15.80 51.68 1.94
C LYS R 68 -16.54 50.33 1.89
N ILE R 69 -16.97 49.84 3.05
CA ILE R 69 -17.81 48.64 3.15
C ILE R 69 -19.14 49.13 3.72
N GLY R 70 -20.20 49.01 2.92
CA GLY R 70 -21.45 49.66 3.29
C GLY R 70 -21.27 51.16 3.46
N ASN R 71 -21.72 51.68 4.59
CA ASN R 71 -21.58 53.10 4.93
C ASN R 71 -20.36 53.45 5.80
N SER R 72 -19.42 52.52 5.90
CA SER R 72 -18.20 52.75 6.68
C SER R 72 -17.42 53.99 6.19
N GLY R 73 -16.57 54.53 7.06
CA GLY R 73 -15.59 55.48 6.63
C GLY R 73 -14.59 54.74 5.77
N THR R 74 -13.67 55.48 5.19
CA THR R 74 -12.66 54.91 4.30
C THR R 74 -11.66 54.05 5.05
N ILE R 75 -11.29 52.96 4.38
CA ILE R 75 -10.36 51.97 4.89
C ILE R 75 -9.23 51.81 3.84
N PRO R 76 -7.96 51.95 4.27
CA PRO R 76 -6.89 51.67 3.26
C PRO R 76 -6.94 50.27 2.71
N VAL R 77 -6.74 50.17 1.39
CA VAL R 77 -6.49 48.89 0.69
C VAL R 77 -5.03 48.82 0.22
N ASN R 78 -4.53 49.92 -0.35
CA ASN R 78 -3.19 49.95 -0.93
C ASN R 78 -3.01 48.77 -1.95
N THR R 79 -1.92 48.00 -1.89
CA THR R 79 -1.75 46.84 -2.80
C THR R 79 -2.73 45.68 -2.66
N GLY R 80 -3.42 45.63 -1.53
CA GLY R 80 -4.32 44.54 -1.19
C GLY R 80 -4.38 44.16 0.27
N LEU R 81 -5.26 43.20 0.53
CA LEU R 81 -5.58 42.73 1.85
C LEU R 81 -5.56 41.21 1.77
N PHE R 82 -4.87 40.60 2.68
CA PHE R 82 -4.73 39.15 2.64
C PHE R 82 -5.57 38.46 3.71
N ARG R 83 -6.57 37.70 3.28
CA ARG R 83 -7.48 36.92 4.19
C ARG R 83 -7.87 37.75 5.38
N TRP R 84 -8.54 38.84 5.06
CA TRP R 84 -8.85 39.90 5.99
C TRP R 84 -10.33 39.86 6.39
N VAL R 85 -10.59 40.18 7.64
CA VAL R 85 -11.90 40.27 8.22
C VAL R 85 -12.18 41.73 8.60
N ALA R 86 -13.37 42.21 8.28
CA ALA R 86 -13.76 43.61 8.61
C ALA R 86 -13.96 43.80 10.11
N PRO R 87 -13.48 44.91 10.68
CA PRO R 87 -13.63 45.08 12.13
C PRO R 87 -15.02 45.55 12.53
N ASN R 88 -15.41 45.32 13.78
CA ASN R 88 -16.55 46.01 14.35
C ASN R 88 -17.87 45.64 13.58
N ASN R 89 -18.89 46.45 13.44
CA ASN R 89 -20.04 45.92 12.71
C ASN R 89 -20.07 46.41 11.26
N VAL R 90 -18.93 46.24 10.60
CA VAL R 90 -18.69 46.80 9.26
C VAL R 90 -19.10 45.71 8.27
N GLN R 91 -19.99 46.07 7.36
CA GLN R 91 -20.62 45.10 6.44
C GLN R 91 -21.37 45.85 5.36
N GLY R 92 -21.60 45.18 4.22
CA GLY R 92 -22.35 45.77 3.11
C GLY R 92 -21.55 45.78 1.82
N ALA R 93 -22.06 46.49 0.83
CA ALA R 93 -21.44 46.58 -0.48
C ALA R 93 -20.05 47.20 -0.32
N ILE R 94 -19.06 46.56 -0.96
CA ILE R 94 -17.71 47.11 -1.09
C ILE R 94 -17.65 48.13 -2.24
N THR R 95 -17.30 49.37 -1.91
CA THR R 95 -16.98 50.42 -2.89
C THR R 95 -15.49 50.71 -2.82
N LEU R 96 -14.85 50.82 -3.98
CA LEU R 96 -13.43 51.03 -4.08
C LEU R 96 -13.25 52.44 -4.61
N ILE R 97 -12.27 53.16 -4.07
CA ILE R 97 -12.06 54.59 -4.38
C ILE R 97 -10.56 54.95 -4.41
N TYR R 98 -10.17 55.73 -5.39
CA TYR R 98 -8.88 56.41 -5.41
C TYR R 98 -8.88 57.49 -4.32
N ASN R 99 -7.78 57.55 -3.58
CA ASN R 99 -7.60 58.51 -2.51
C ASN R 99 -7.09 59.87 -3.03
N ASP R 100 -7.94 60.87 -2.93
CA ASP R 100 -7.60 62.23 -3.36
C ASP R 100 -8.47 63.20 -2.54
N VAL R 101 -8.23 64.50 -2.71
CA VAL R 101 -9.00 65.53 -2.05
C VAL R 101 -10.36 65.71 -2.78
N PRO R 102 -11.46 65.73 -2.03
CA PRO R 102 -12.73 65.99 -2.70
C PRO R 102 -12.74 67.30 -3.53
N GLY R 103 -13.37 67.23 -4.69
CA GLY R 103 -13.38 68.31 -5.66
C GLY R 103 -12.21 68.38 -6.62
N THR R 104 -11.16 67.59 -6.40
CA THR R 104 -9.93 67.71 -7.18
C THR R 104 -9.68 66.46 -8.04
N TYR R 105 -10.71 65.63 -8.23
CA TYR R 105 -10.59 64.40 -9.03
C TYR R 105 -10.57 64.59 -10.54
N GLY R 106 -11.03 65.75 -11.03
CA GLY R 106 -11.16 65.97 -12.48
C GLY R 106 -9.88 65.88 -13.31
N ASN R 107 -8.75 66.18 -12.68
CA ASN R 107 -7.44 66.11 -13.32
C ASN R 107 -6.68 64.78 -13.12
N ASN R 108 -7.34 63.79 -12.49
CA ASN R 108 -6.70 62.50 -12.23
C ASN R 108 -6.67 61.63 -13.46
N SER R 109 -5.73 60.70 -13.53
CA SER R 109 -5.66 59.79 -14.67
C SER R 109 -5.23 58.39 -14.23
N GLY R 110 -5.36 57.46 -15.14
CA GLY R 110 -5.00 56.07 -14.88
C GLY R 110 -6.07 55.39 -14.09
N SER R 111 -5.78 54.17 -13.66
CA SER R 111 -6.71 53.34 -12.93
C SER R 111 -6.00 52.13 -12.34
N PHE R 112 -6.63 51.52 -11.34
CA PHE R 112 -6.14 50.23 -10.80
C PHE R 112 -7.04 49.05 -11.18
N SER R 113 -6.41 47.95 -11.47
CA SER R 113 -7.07 46.69 -11.73
C SER R 113 -7.11 45.97 -10.39
N VAL R 114 -8.28 45.49 -9.99
CA VAL R 114 -8.45 44.97 -8.65
C VAL R 114 -9.22 43.66 -8.75
N ASN R 115 -8.72 42.66 -8.01
CA ASN R 115 -9.44 41.42 -7.74
C ASN R 115 -9.89 41.37 -6.30
N ILE R 116 -11.16 41.03 -6.06
CA ILE R 116 -11.62 40.61 -4.72
C ILE R 116 -12.23 39.20 -4.74
N GLY R 117 -11.81 38.36 -3.80
CA GLY R 117 -12.47 37.11 -3.55
C GLY R 117 -12.78 36.87 -2.10
N LYS R 118 -13.74 35.99 -1.84
CA LYS R 118 -14.04 35.58 -0.49
C LYS R 118 -13.25 34.28 -0.29
N ASP R 119 -12.54 34.20 0.82
CA ASP R 119 -11.80 33.04 1.21
C ASP R 119 -12.68 32.11 2.01
N GLN R 120 -12.11 30.97 2.38
CA GLN R 120 -12.78 30.03 3.23
C GLN R 120 -12.90 30.63 4.62
N SER R 121 -14.02 30.32 5.26
CA SER R 121 -14.27 30.77 6.59
C SER R 121 -15.15 29.72 7.29
N ALA S 1 -16.69 28.87 10.07
CA ALA S 1 -16.96 27.42 10.23
C ALA S 1 -17.77 27.13 11.52
N TRP S 2 -18.56 26.08 11.48
CA TRP S 2 -19.34 25.62 12.63
C TRP S 2 -19.12 24.13 12.80
N LYS S 3 -19.03 23.69 14.05
CA LYS S 3 -19.02 22.27 14.35
C LYS S 3 -19.85 22.00 15.57
N GLY S 4 -20.70 20.98 15.46
CA GLY S 4 -21.55 20.53 16.55
C GLY S 4 -22.36 19.26 16.26
N GLU S 5 -23.22 18.92 17.22
CA GLU S 5 -24.03 17.70 17.15
C GLU S 5 -25.46 18.08 16.81
N VAL S 6 -26.10 17.24 16.01
CA VAL S 6 -27.52 17.31 15.75
C VAL S 6 -28.13 16.07 16.42
N LEU S 7 -28.92 16.26 17.46
CA LEU S 7 -29.57 15.11 18.13
C LEU S 7 -30.77 14.60 17.34
N ALA S 8 -30.89 13.26 17.29
CA ALA S 8 -31.97 12.61 16.57
C ALA S 8 -33.35 13.02 17.12
N ASN S 9 -33.43 13.29 18.41
CA ASN S 9 -34.67 13.58 19.08
C ASN S 9 -35.01 15.08 19.13
N ASN S 10 -34.19 15.89 18.47
CA ASN S 10 -34.41 17.33 18.42
C ASN S 10 -35.34 17.71 17.26
N GLU S 11 -36.66 17.73 17.52
CA GLU S 11 -37.65 18.07 16.48
C GLU S 11 -37.51 19.47 15.84
N ALA S 12 -37.19 20.46 16.68
CA ALA S 12 -37.00 21.85 16.21
C ALA S 12 -35.75 21.95 15.37
N GLY S 13 -34.79 21.06 15.60
CA GLY S 13 -33.54 21.01 14.86
C GLY S 13 -32.45 21.78 15.60
N GLN S 14 -31.21 21.67 15.12
CA GLN S 14 -30.06 22.36 15.72
C GLN S 14 -29.69 23.62 14.90
N VAL S 15 -29.94 24.81 15.46
CA VAL S 15 -29.55 26.02 14.77
C VAL S 15 -28.02 26.08 14.77
N THR S 16 -27.42 26.50 13.64
CA THR S 16 -25.97 26.65 13.58
C THR S 16 -25.63 28.13 13.58
N SER S 17 -24.33 28.41 13.74
CA SER S 17 -23.81 29.77 13.60
C SER S 17 -23.70 30.25 12.14
N ILE S 18 -24.01 29.38 11.16
CA ILE S 18 -23.85 29.71 9.73
C ILE S 18 -25.07 30.46 9.14
N ILE S 19 -24.85 31.66 8.61
CA ILE S 19 -25.88 32.36 7.86
C ILE S 19 -25.50 32.26 6.40
N TYR S 20 -26.28 31.49 5.63
CA TYR S 20 -26.14 31.40 4.19
C TYR S 20 -26.53 32.73 3.51
N ASN S 21 -25.55 33.34 2.86
CA ASN S 21 -25.79 34.57 2.14
C ASN S 21 -25.68 34.39 0.64
N PRO S 22 -26.41 35.20 -0.09
CA PRO S 22 -26.36 35.14 -1.56
C PRO S 22 -24.94 35.04 -2.09
N GLY S 23 -24.70 34.07 -2.96
CA GLY S 23 -23.36 33.80 -3.49
C GLY S 23 -22.51 32.84 -2.69
N ASP S 24 -22.89 32.51 -1.45
CA ASP S 24 -22.03 31.70 -0.63
C ASP S 24 -21.89 30.31 -1.24
N VAL S 25 -20.72 29.73 -1.07
CA VAL S 25 -20.46 28.34 -1.41
C VAL S 25 -20.19 27.69 -0.05
N ILE S 26 -20.75 26.51 0.22
CA ILE S 26 -20.52 25.86 1.51
C ILE S 26 -20.21 24.38 1.36
N THR S 27 -19.51 23.82 2.33
CA THR S 27 -19.28 22.39 2.43
C THR S 27 -19.70 21.85 3.82
N ILE S 28 -20.34 20.69 3.83
CA ILE S 28 -20.84 20.03 5.04
C ILE S 28 -20.32 18.62 5.06
N VAL S 29 -19.75 18.19 6.17
CA VAL S 29 -19.44 16.76 6.39
C VAL S 29 -20.14 16.36 7.70
N ALA S 30 -20.95 15.28 7.63
CA ALA S 30 -21.71 14.76 8.76
C ALA S 30 -21.31 13.31 9.00
N ALA S 31 -21.16 12.93 10.28
CA ALA S 31 -20.86 11.55 10.62
C ALA S 31 -21.68 11.13 11.84
N GLY S 32 -21.81 9.81 12.03
CA GLY S 32 -22.29 9.24 13.31
C GLY S 32 -23.46 8.32 13.13
N TRP S 33 -24.10 7.98 14.26
CA TRP S 33 -25.14 6.94 14.28
C TRP S 33 -26.33 7.40 15.09
N ALA S 34 -27.52 7.16 14.53
CA ALA S 34 -28.77 7.57 15.16
C ALA S 34 -29.89 6.60 14.81
N SER S 35 -31.00 6.71 15.57
CA SER S 35 -32.18 5.89 15.34
C SER S 35 -33.44 6.75 15.47
N TYR S 36 -34.37 6.44 14.59
CA TYR S 36 -35.71 7.00 14.58
C TYR S 36 -36.64 6.19 15.46
N GLY S 37 -36.15 5.18 16.19
CA GLY S 37 -37.02 4.31 16.99
C GLY S 37 -36.52 2.91 17.24
N PRO S 38 -36.19 2.17 16.16
CA PRO S 38 -35.62 0.85 16.36
C PRO S 38 -34.30 0.78 17.13
N THR S 39 -34.02 -0.43 17.60
CA THR S 39 -32.75 -0.79 18.20
C THR S 39 -31.53 -0.59 17.31
N GLN S 40 -31.64 -0.88 16.02
CA GLN S 40 -30.58 -0.62 15.05
C GLN S 40 -30.28 0.90 15.02
N LYS S 41 -29.15 1.25 14.42
CA LYS S 41 -28.79 2.63 14.13
C LYS S 41 -28.30 2.76 12.69
N TRP S 42 -28.52 3.94 12.12
CA TRP S 42 -28.18 4.27 10.74
C TRP S 42 -27.30 5.50 10.74
N GLY S 43 -26.51 5.63 9.66
CA GLY S 43 -25.72 6.83 9.43
C GLY S 43 -26.58 7.98 8.91
N PRO S 44 -25.93 9.09 8.55
CA PRO S 44 -26.67 10.28 8.05
C PRO S 44 -27.42 10.17 6.70
N GLN S 45 -27.26 9.09 5.95
CA GLN S 45 -28.14 8.78 4.81
C GLN S 45 -29.45 8.12 5.25
N GLY S 46 -29.52 7.71 6.52
CA GLY S 46 -30.75 7.14 7.02
C GLY S 46 -30.98 5.71 6.62
N ASP S 47 -32.26 5.33 6.76
CA ASP S 47 -32.73 3.96 6.54
C ASP S 47 -33.42 3.84 5.19
N ARG S 48 -32.73 3.19 4.25
CA ARG S 48 -33.19 3.13 2.87
C ARG S 48 -34.30 2.11 2.70
N GLU S 49 -34.60 1.32 3.74
CA GLU S 49 -35.68 0.33 3.69
C GLU S 49 -37.03 0.83 4.24
N HIS S 50 -37.01 1.94 4.99
CA HIS S 50 -38.22 2.41 5.69
C HIS S 50 -39.11 3.28 4.80
N PRO S 51 -40.44 3.02 4.78
CA PRO S 51 -41.35 3.83 3.97
C PRO S 51 -41.50 5.27 4.47
N ASP S 52 -41.68 6.19 3.53
CA ASP S 52 -42.04 7.55 3.86
C ASP S 52 -43.54 7.64 4.25
N GLN S 53 -43.80 7.93 5.54
CA GLN S 53 -45.14 8.06 6.08
C GLN S 53 -45.50 9.53 6.45
N GLY S 54 -44.85 10.48 5.79
CA GLY S 54 -45.01 11.93 6.09
C GLY S 54 -43.78 12.61 6.72
N LEU S 55 -42.58 12.21 6.27
CA LEU S 55 -41.33 12.78 6.78
C LEU S 55 -41.24 14.29 6.50
N ILE S 56 -40.45 15.00 7.29
CA ILE S 56 -40.28 16.46 7.03
C ILE S 56 -39.61 16.72 5.68
N CYS S 57 -38.87 15.73 5.17
CA CYS S 57 -38.23 15.85 3.86
C CYS S 57 -38.52 14.59 3.08
N HIS S 58 -39.31 14.73 2.01
CA HIS S 58 -39.66 13.60 1.17
C HIS S 58 -38.54 13.19 0.21
N ASP S 59 -37.47 14.00 0.15
CA ASP S 59 -36.35 13.75 -0.76
C ASP S 59 -35.14 13.11 -0.06
N ALA S 60 -35.34 12.59 1.14
CA ALA S 60 -34.30 11.87 1.88
C ALA S 60 -34.98 10.78 2.68
N PHE S 61 -34.20 9.80 3.10
CA PHE S 61 -34.69 8.70 3.90
C PHE S 61 -34.96 9.10 5.35
N CYS S 62 -35.78 8.28 5.99
CA CYS S 62 -36.04 8.42 7.40
C CYS S 62 -34.73 8.22 8.09
N GLY S 63 -34.39 9.13 9.01
CA GLY S 63 -33.14 9.07 9.75
C GLY S 63 -31.94 9.69 9.03
N ALA S 64 -32.18 10.32 7.88
CA ALA S 64 -31.15 11.09 7.17
C ALA S 64 -31.08 12.50 7.73
N LEU S 65 -29.92 13.12 7.54
CA LEU S 65 -29.71 14.49 7.92
C LEU S 65 -30.22 15.42 6.83
N VAL S 66 -31.05 16.38 7.24
CA VAL S 66 -31.55 17.43 6.34
C VAL S 66 -31.29 18.82 7.02
N MET S 67 -31.59 19.87 6.30
CA MET S 67 -31.45 21.22 6.78
C MET S 67 -32.53 22.14 6.21
N LYS S 68 -32.67 23.31 6.84
CA LYS S 68 -33.40 24.45 6.30
C LYS S 68 -32.45 25.63 6.36
N ILE S 69 -32.61 26.54 5.40
CA ILE S 69 -31.88 27.79 5.33
C ILE S 69 -32.98 28.88 5.38
N GLY S 70 -32.96 29.71 6.42
CA GLY S 70 -33.97 30.76 6.58
C GLY S 70 -35.36 30.16 6.40
N ASN S 71 -36.18 30.76 5.54
CA ASN S 71 -37.58 30.34 5.29
C ASN S 71 -37.78 29.12 4.39
N SER S 72 -36.72 28.37 4.09
CA SER S 72 -36.80 27.31 3.06
C SER S 72 -37.53 26.09 3.57
N GLY S 73 -37.97 25.25 2.64
CA GLY S 73 -38.34 23.87 2.94
C GLY S 73 -37.07 23.10 3.26
N THR S 74 -37.24 21.83 3.60
CA THR S 74 -36.12 20.97 3.96
C THR S 74 -35.30 20.68 2.70
N ILE S 75 -33.99 20.52 2.92
CA ILE S 75 -33.03 20.24 1.88
C ILE S 75 -32.17 19.04 2.37
N PRO S 76 -32.10 17.99 1.56
CA PRO S 76 -31.23 16.87 1.96
C PRO S 76 -29.76 17.24 2.08
N VAL S 77 -29.15 16.76 3.16
CA VAL S 77 -27.73 16.91 3.40
C VAL S 77 -27.08 15.53 3.33
N ASN S 78 -27.66 14.55 4.02
CA ASN S 78 -27.09 13.20 4.06
C ASN S 78 -25.69 13.20 4.71
N THR S 79 -24.69 12.57 4.08
CA THR S 79 -23.31 12.56 4.54
C THR S 79 -22.68 13.93 4.45
N GLY S 80 -23.27 14.79 3.62
CA GLY S 80 -22.73 16.10 3.34
C GLY S 80 -22.91 16.64 1.94
N LEU S 81 -22.50 17.90 1.79
CA LEU S 81 -22.52 18.64 0.52
C LEU S 81 -21.12 19.17 0.24
N PHE S 82 -20.69 19.11 -1.03
CA PHE S 82 -19.34 19.54 -1.43
C PHE S 82 -19.44 20.75 -2.36
N ARG S 83 -18.92 21.87 -1.89
CA ARG S 83 -18.91 23.17 -2.59
C ARG S 83 -20.26 23.49 -3.20
N TRP S 84 -21.27 23.58 -2.35
CA TRP S 84 -22.67 23.66 -2.74
C TRP S 84 -23.17 25.11 -2.71
N VAL S 85 -24.01 25.44 -3.67
CA VAL S 85 -24.66 26.74 -3.78
C VAL S 85 -26.19 26.56 -3.67
N ALA S 86 -26.83 27.39 -2.87
CA ALA S 86 -28.27 27.24 -2.58
C ALA S 86 -29.08 27.73 -3.79
N PRO S 87 -30.29 27.22 -3.92
CA PRO S 87 -31.09 27.81 -5.01
C PRO S 87 -31.29 29.30 -4.83
N ASN S 88 -31.72 29.95 -5.89
CA ASN S 88 -31.89 31.37 -5.86
C ASN S 88 -32.93 31.79 -4.79
N ASN S 89 -32.68 32.93 -4.15
CA ASN S 89 -33.50 33.47 -3.02
C ASN S 89 -33.52 32.66 -1.72
N VAL S 90 -32.79 31.54 -1.66
CA VAL S 90 -32.63 30.77 -0.44
C VAL S 90 -31.45 31.37 0.36
N GLN S 91 -31.73 31.86 1.57
CA GLN S 91 -30.75 32.52 2.40
C GLN S 91 -31.23 32.55 3.83
N GLY S 92 -30.31 32.73 4.76
CA GLY S 92 -30.65 32.72 6.18
C GLY S 92 -29.88 31.70 6.98
N ALA S 93 -30.19 31.67 8.28
CA ALA S 93 -29.54 30.77 9.19
C ALA S 93 -29.77 29.32 8.76
N ILE S 94 -28.72 28.51 8.87
CA ILE S 94 -28.82 27.09 8.56
C ILE S 94 -29.19 26.37 9.84
N THR S 95 -30.30 25.61 9.81
CA THR S 95 -30.73 24.72 10.91
C THR S 95 -30.68 23.28 10.44
N LEU S 96 -30.00 22.40 11.19
CA LEU S 96 -29.84 21.01 10.82
C LEU S 96 -30.92 20.19 11.55
N ILE S 97 -31.52 19.24 10.84
CA ILE S 97 -32.62 18.45 11.37
C ILE S 97 -32.53 16.99 10.96
N TYR S 98 -32.82 16.11 11.90
CA TYR S 98 -33.05 14.67 11.64
C TYR S 98 -34.37 14.50 10.88
N ASN S 99 -34.34 13.72 9.81
CA ASN S 99 -35.51 13.50 9.02
C ASN S 99 -36.41 12.50 9.73
N ASP S 100 -37.56 12.96 10.25
CA ASP S 100 -38.56 12.02 10.80
C ASP S 100 -39.97 12.55 10.56
N VAL S 101 -40.97 11.77 10.98
CA VAL S 101 -42.38 12.24 10.97
C VAL S 101 -42.68 13.20 12.14
N PRO S 102 -43.25 14.40 11.85
CA PRO S 102 -43.63 15.29 12.91
C PRO S 102 -44.38 14.56 14.04
N GLY S 103 -44.02 14.81 15.29
CA GLY S 103 -44.72 14.18 16.43
C GLY S 103 -44.13 12.87 16.88
N THR S 104 -43.11 12.36 16.15
CA THR S 104 -42.55 11.03 16.41
C THR S 104 -41.07 11.07 16.76
N TYR S 105 -40.59 12.23 17.18
CA TYR S 105 -39.19 12.40 17.56
C TYR S 105 -38.83 11.91 18.97
N GLY S 106 -39.80 11.78 19.89
CA GLY S 106 -39.47 11.50 21.32
C GLY S 106 -38.72 10.18 21.54
N ASN S 107 -38.95 9.23 20.64
CA ASN S 107 -38.29 7.90 20.70
C ASN S 107 -36.95 7.79 19.93
N ASN S 108 -36.50 8.92 19.39
CA ASN S 108 -35.25 8.91 18.63
C ASN S 108 -34.06 8.92 19.58
N SER S 109 -32.90 8.48 19.09
CA SER S 109 -31.66 8.45 19.86
C SER S 109 -30.43 8.60 18.93
N GLY S 110 -29.31 8.91 19.56
CA GLY S 110 -28.08 9.20 18.85
C GLY S 110 -28.07 10.60 18.27
N SER S 111 -27.02 10.85 17.51
CA SER S 111 -26.83 12.14 16.90
C SER S 111 -25.80 12.02 15.79
N PHE S 112 -25.72 13.08 15.00
CA PHE S 112 -24.68 13.23 13.99
C PHE S 112 -23.74 14.36 14.42
N SER S 113 -22.46 14.13 14.22
CA SER S 113 -21.44 15.16 14.36
C SER S 113 -21.26 15.80 12.99
N VAL S 114 -21.34 17.14 12.95
CA VAL S 114 -21.40 17.90 11.69
C VAL S 114 -20.44 19.08 11.67
N ASN S 115 -19.78 19.24 10.53
CA ASN S 115 -18.93 20.40 10.23
C ASN S 115 -19.52 21.16 9.05
N ILE S 116 -19.57 22.48 9.13
CA ILE S 116 -19.98 23.32 7.98
C ILE S 116 -18.95 24.39 7.82
N GLY S 117 -18.44 24.59 6.60
CA GLY S 117 -17.61 25.75 6.32
C GLY S 117 -18.08 26.46 5.09
N LYS S 118 -17.68 27.73 4.97
CA LYS S 118 -17.85 28.50 3.74
C LYS S 118 -16.56 28.31 2.91
N ASP S 119 -16.78 28.08 1.62
CA ASP S 119 -15.68 27.88 0.72
C ASP S 119 -15.35 29.20 0.03
N GLN S 120 -14.21 29.26 -0.67
CA GLN S 120 -13.88 30.40 -1.53
C GLN S 120 -14.99 30.68 -2.53
N SER S 121 -15.29 31.95 -2.73
CA SER S 121 -16.27 32.31 -3.70
C SER S 121 -15.95 33.62 -4.38
N ALA T 1 -9.07 19.16 -7.94
CA ALA T 1 -10.06 18.36 -7.16
C ALA T 1 -10.31 17.08 -7.93
N TRP T 2 -10.98 16.12 -7.29
CA TRP T 2 -11.32 14.86 -7.93
C TRP T 2 -12.74 14.41 -7.56
N LYS T 3 -13.44 13.85 -8.54
CA LYS T 3 -14.71 13.23 -8.30
C LYS T 3 -14.74 11.91 -9.05
N GLY T 4 -15.24 10.87 -8.39
CA GLY T 4 -15.47 9.57 -9.04
C GLY T 4 -16.04 8.53 -8.12
N GLU T 5 -16.18 7.32 -8.63
CA GLU T 5 -16.80 6.25 -7.86
CA GLU T 5 -16.81 6.18 -7.95
C GLU T 5 -15.75 5.28 -7.34
N VAL T 6 -16.03 4.73 -6.18
CA VAL T 6 -15.19 3.68 -5.67
C VAL T 6 -16.03 2.41 -5.58
N LEU T 7 -15.75 1.44 -6.44
CA LEU T 7 -16.46 0.14 -6.39
C LEU T 7 -16.11 -0.73 -5.17
N ALA T 8 -17.15 -1.16 -4.42
CA ALA T 8 -17.06 -2.14 -3.34
C ALA T 8 -16.22 -3.42 -3.66
N ASN T 9 -16.30 -3.89 -4.90
CA ASN T 9 -15.54 -5.10 -5.34
C ASN T 9 -14.14 -4.85 -5.93
N ASN T 10 -13.66 -3.61 -5.85
CA ASN T 10 -12.36 -3.22 -6.35
C ASN T 10 -11.34 -3.40 -5.22
N GLU T 11 -10.75 -4.59 -5.17
CA GLU T 11 -9.82 -4.92 -4.10
C GLU T 11 -8.58 -4.02 -4.11
N ALA T 12 -8.06 -3.72 -5.30
CA ALA T 12 -6.89 -2.84 -5.49
C ALA T 12 -7.11 -1.44 -4.93
N GLY T 13 -8.34 -0.96 -5.08
CA GLY T 13 -8.73 0.37 -4.67
C GLY T 13 -8.77 1.28 -5.87
N GLN T 14 -9.37 2.46 -5.67
CA GLN T 14 -9.53 3.43 -6.75
C GLN T 14 -8.49 4.53 -6.58
N VAL T 15 -7.55 4.62 -7.52
CA VAL T 15 -6.53 5.68 -7.49
C VAL T 15 -7.23 6.99 -7.85
N THR T 16 -6.93 8.06 -7.12
CA THR T 16 -7.51 9.36 -7.47
C THR T 16 -6.42 10.18 -8.17
N SER T 17 -6.79 11.36 -8.68
CA SER T 17 -5.82 12.32 -9.19
C SER T 17 -5.17 13.19 -8.09
N ILE T 18 -5.59 13.02 -6.83
CA ILE T 18 -5.06 13.81 -5.73
C ILE T 18 -3.71 13.28 -5.23
N ILE T 19 -2.66 14.08 -5.40
CA ILE T 19 -1.39 13.83 -4.73
C ILE T 19 -1.41 14.67 -3.47
N TYR T 20 -1.54 14.00 -2.31
CA TYR T 20 -1.41 14.67 -1.03
C TYR T 20 0.07 15.03 -0.75
N ASN T 21 0.32 16.33 -0.59
CA ASN T 21 1.65 16.92 -0.34
C ASN T 21 1.74 17.47 1.09
N PRO T 22 2.96 17.53 1.67
CA PRO T 22 3.13 18.10 2.98
C PRO T 22 2.46 19.47 3.15
N GLY T 23 1.71 19.61 4.24
CA GLY T 23 1.01 20.83 4.49
C GLY T 23 -0.37 20.87 3.87
N ASP T 24 -0.72 19.97 2.95
CA ASP T 24 -2.05 20.06 2.30
C ASP T 24 -3.20 19.92 3.33
N VAL T 25 -4.25 20.67 3.11
CA VAL T 25 -5.48 20.55 3.86
C VAL T 25 -6.50 20.05 2.85
N ILE T 26 -7.14 18.91 3.14
CA ILE T 26 -8.14 18.35 2.22
C ILE T 26 -9.53 18.15 2.85
N THR T 27 -10.53 18.16 1.99
CA THR T 27 -11.89 17.78 2.38
C THR T 27 -12.40 16.66 1.48
N ILE T 28 -12.88 15.59 2.09
CA ILE T 28 -13.58 14.49 1.41
C ILE T 28 -15.07 14.40 1.83
N VAL T 29 -15.94 14.26 0.84
CA VAL T 29 -17.35 13.89 1.06
C VAL T 29 -17.65 12.60 0.26
N ALA T 30 -18.05 11.54 0.97
CA ALA T 30 -18.46 10.26 0.36
C ALA T 30 -19.91 9.90 0.64
N ALA T 31 -20.58 9.41 -0.41
CA ALA T 31 -21.98 9.07 -0.38
C ALA T 31 -22.22 7.76 -1.14
N GLY T 32 -23.40 7.18 -0.93
CA GLY T 32 -23.85 6.03 -1.70
C GLY T 32 -24.08 4.80 -0.85
N TRP T 33 -24.34 3.68 -1.54
CA TRP T 33 -24.72 2.42 -0.87
C TRP T 33 -23.92 1.25 -1.43
N ALA T 34 -23.46 0.38 -0.55
CA ALA T 34 -22.67 -0.76 -1.02
C ALA T 34 -22.79 -1.98 -0.12
N SER T 35 -22.39 -3.16 -0.62
CA SER T 35 -22.37 -4.34 0.26
C SER T 35 -21.08 -5.15 0.16
N TYR T 36 -20.73 -5.79 1.26
CA TYR T 36 -19.62 -6.71 1.34
C TYR T 36 -20.07 -8.19 1.09
N GLY T 37 -21.34 -8.41 0.76
CA GLY T 37 -21.84 -9.78 0.51
C GLY T 37 -23.34 -9.88 0.65
N PRO T 38 -23.88 -9.46 1.81
CA PRO T 38 -25.32 -9.46 2.06
C PRO T 38 -26.18 -8.67 1.08
N THR T 39 -27.45 -9.02 0.95
CA THR T 39 -28.35 -8.32 0.02
C THR T 39 -28.65 -6.89 0.53
N GLN T 40 -28.60 -6.71 1.84
CA GLN T 40 -28.66 -5.38 2.46
C GLN T 40 -27.51 -4.49 1.91
N LYS T 41 -27.66 -3.17 2.02
CA LYS T 41 -26.56 -2.24 1.67
C LYS T 41 -26.32 -1.24 2.80
N TRP T 42 -25.09 -0.75 2.85
CA TRP T 42 -24.62 0.17 3.88
C TRP T 42 -23.92 1.39 3.23
N GLY T 43 -23.97 2.50 3.95
CA GLY T 43 -23.27 3.70 3.53
C GLY T 43 -21.77 3.63 3.84
N PRO T 44 -21.06 4.73 3.58
CA PRO T 44 -19.61 4.75 3.73
C PRO T 44 -19.05 4.53 5.15
N GLN T 45 -19.88 4.54 6.17
CA GLN T 45 -19.45 4.11 7.54
C GLN T 45 -19.52 2.59 7.74
N GLY T 46 -20.12 1.90 6.79
CA GLY T 46 -20.18 0.43 6.79
C GLY T 46 -21.17 -0.18 7.76
N ASP T 47 -20.95 -1.44 8.06
CA ASP T 47 -21.81 -2.25 8.94
C ASP T 47 -21.26 -2.30 10.37
N ARG T 48 -21.89 -1.54 11.26
CA ARG T 48 -21.49 -1.46 12.68
C ARG T 48 -21.76 -2.74 13.48
N GLU T 49 -22.52 -3.66 12.90
CA GLU T 49 -22.88 -4.92 13.53
C GLU T 49 -21.92 -6.06 13.19
N HIS T 50 -21.13 -5.89 12.14
CA HIS T 50 -20.28 -6.99 11.63
C HIS T 50 -18.95 -7.06 12.36
N PRO T 51 -18.49 -8.27 12.70
CA PRO T 51 -17.18 -8.36 13.35
C PRO T 51 -16.05 -8.24 12.33
N ASP T 52 -14.91 -7.79 12.79
CA ASP T 52 -13.69 -7.65 11.98
C ASP T 52 -13.03 -9.01 11.84
N GLN T 53 -13.07 -9.59 10.66
CA GLN T 53 -12.49 -10.94 10.42
C GLN T 53 -11.21 -10.88 9.60
N GLY T 54 -10.44 -9.80 9.75
CA GLY T 54 -9.23 -9.55 8.96
C GLY T 54 -9.33 -8.41 7.94
N LEU T 55 -10.10 -7.38 8.29
CA LEU T 55 -10.28 -6.18 7.45
C LEU T 55 -8.94 -5.49 7.15
N ILE T 56 -8.84 -4.89 5.97
CA ILE T 56 -7.62 -4.15 5.56
C ILE T 56 -7.42 -2.87 6.43
N CYS T 57 -8.50 -2.41 7.07
CA CYS T 57 -8.42 -1.34 8.07
C CYS T 57 -9.14 -1.72 9.34
N HIS T 58 -8.37 -2.01 10.39
CA HIS T 58 -8.95 -2.37 11.66
C HIS T 58 -9.66 -1.21 12.39
N ASP T 59 -9.40 0.04 12.00
CA ASP T 59 -10.06 1.23 12.59
C ASP T 59 -11.34 1.73 11.91
N ALA T 60 -11.91 0.95 11.00
CA ALA T 60 -13.21 1.18 10.42
C ALA T 60 -14.01 -0.12 10.33
N PHE T 61 -15.31 0.01 10.20
CA PHE T 61 -16.21 -1.15 10.02
C PHE T 61 -16.08 -1.83 8.65
N CYS T 62 -16.43 -3.11 8.62
CA CYS T 62 -16.62 -3.76 7.34
C CYS T 62 -17.64 -2.95 6.51
N GLY T 63 -17.25 -2.65 5.27
CA GLY T 63 -18.12 -1.88 4.36
C GLY T 63 -17.92 -0.37 4.41
N ALA T 64 -16.99 0.09 5.26
CA ALA T 64 -16.56 1.51 5.32
C ALA T 64 -15.63 1.87 4.15
N LEU T 65 -15.70 3.13 3.75
CA LEU T 65 -14.68 3.75 2.93
C LEU T 65 -13.42 4.05 3.77
N VAL T 66 -12.27 3.66 3.20
CA VAL T 66 -10.94 3.99 3.74
C VAL T 66 -10.02 4.48 2.59
N MET T 67 -8.81 4.92 2.92
CA MET T 67 -7.81 5.31 1.94
C MET T 67 -6.39 4.94 2.35
N LYS T 68 -5.53 4.95 1.34
CA LYS T 68 -4.08 4.98 1.51
C LYS T 68 -3.56 6.26 0.82
N ILE T 69 -2.54 6.88 1.42
CA ILE T 69 -1.82 8.03 0.87
C ILE T 69 -0.39 7.59 0.58
N GLY T 70 -0.04 7.49 -0.69
CA GLY T 70 1.24 6.90 -1.06
C GLY T 70 1.41 5.50 -0.46
N ASN T 71 2.57 5.25 0.14
CA ASN T 71 2.84 3.98 0.86
C ASN T 71 2.46 3.95 2.36
N SER T 72 1.48 4.79 2.77
CA SER T 72 0.91 4.73 4.08
C SER T 72 0.11 3.43 4.30
N GLY T 73 -0.19 3.15 5.56
CA GLY T 73 -1.20 2.19 5.90
C GLY T 73 -2.57 2.76 5.62
N THR T 74 -3.57 1.92 5.78
CA THR T 74 -4.96 2.37 5.62
C THR T 74 -5.40 3.35 6.73
N ILE T 75 -6.28 4.28 6.35
CA ILE T 75 -6.72 5.42 7.16
C ILE T 75 -8.24 5.46 6.96
N PRO T 76 -9.01 5.49 8.05
CA PRO T 76 -10.46 5.64 7.82
C PRO T 76 -10.88 6.95 7.17
N VAL T 77 -11.84 6.85 6.26
CA VAL T 77 -12.51 8.02 5.68
C VAL T 77 -13.97 8.08 6.07
N ASN T 78 -14.69 6.96 6.01
CA ASN T 78 -16.10 6.91 6.37
C ASN T 78 -16.93 7.90 5.53
N THR T 79 -17.77 8.72 6.15
CA THR T 79 -18.53 9.70 5.38
C THR T 79 -17.67 10.80 4.75
N GLY T 80 -16.44 10.97 5.25
CA GLY T 80 -15.58 12.06 4.80
C GLY T 80 -14.68 12.66 5.87
N LEU T 81 -13.90 13.63 5.44
CA LEU T 81 -12.92 14.35 6.26
C LEU T 81 -13.09 15.82 5.97
N PHE T 82 -13.09 16.66 7.00
CA PHE T 82 -13.33 18.12 6.89
C PHE T 82 -12.06 18.88 7.22
N ARG T 83 -11.44 19.49 6.21
CA ARG T 83 -10.22 20.34 6.44
C ARG T 83 -9.18 19.62 7.26
N TRP T 84 -8.83 18.44 6.76
CA TRP T 84 -7.97 17.46 7.43
C TRP T 84 -6.56 17.55 6.86
N VAL T 85 -5.63 17.46 7.79
CA VAL T 85 -4.21 17.41 7.49
C VAL T 85 -3.67 16.02 7.90
N ALA T 86 -2.80 15.44 7.08
CA ALA T 86 -2.24 14.12 7.34
C ALA T 86 -1.19 14.11 8.48
N PRO T 87 -0.96 12.94 9.09
CA PRO T 87 0.22 12.82 9.97
C PRO T 87 1.51 13.19 9.25
N ASN T 88 2.55 13.55 10.03
CA ASN T 88 3.82 13.92 9.44
C ASN T 88 4.38 12.73 8.67
N ASN T 89 5.03 13.07 7.56
CA ASN T 89 5.65 12.13 6.63
C ASN T 89 4.70 11.23 5.84
N VAL T 90 3.43 11.61 5.75
CA VAL T 90 2.45 10.94 4.91
C VAL T 90 2.20 11.81 3.65
N GLN T 91 2.29 11.18 2.48
CA GLN T 91 2.53 11.89 1.25
C GLN T 91 2.28 10.95 0.08
N GLY T 92 1.76 11.49 -1.04
CA GLY T 92 1.58 10.77 -2.26
C GLY T 92 0.14 10.65 -2.72
N ALA T 93 -0.07 9.86 -3.76
CA ALA T 93 -1.40 9.70 -4.34
C ALA T 93 -2.39 9.11 -3.36
N ILE T 94 -3.63 9.61 -3.40
CA ILE T 94 -4.70 9.05 -2.59
C ILE T 94 -5.39 7.94 -3.35
N THR T 95 -5.45 6.76 -2.74
CA THR T 95 -6.25 5.64 -3.21
C THR T 95 -7.37 5.39 -2.21
N LEU T 96 -8.60 5.34 -2.72
CA LEU T 96 -9.76 5.00 -1.91
C LEU T 96 -10.09 3.51 -2.05
N ILE T 97 -10.48 2.88 -0.94
CA ILE T 97 -10.67 1.44 -0.89
C ILE T 97 -11.88 1.11 0.01
N TYR T 98 -12.76 0.25 -0.47
CA TYR T 98 -13.80 -0.38 0.35
C TYR T 98 -13.11 -1.29 1.36
N ASN T 99 -13.55 -1.21 2.63
CA ASN T 99 -12.99 -1.99 3.71
C ASN T 99 -13.62 -3.38 3.77
N ASP T 100 -12.89 -4.38 3.28
CA ASP T 100 -13.31 -5.78 3.39
C ASP T 100 -12.07 -6.69 3.68
N VAL T 101 -12.28 -8.01 3.75
CA VAL T 101 -11.21 -8.95 4.11
C VAL T 101 -10.52 -9.33 2.82
N PRO T 102 -9.18 -9.29 2.82
CA PRO T 102 -8.49 -9.71 1.64
C PRO T 102 -9.03 -11.06 1.15
N GLY T 103 -9.19 -11.15 -0.17
CA GLY T 103 -9.68 -12.36 -0.79
C GLY T 103 -11.18 -12.50 -0.85
N THR T 104 -11.92 -11.64 -0.15
CA THR T 104 -13.39 -11.74 -0.05
C THR T 104 -14.17 -10.62 -0.79
N TYR T 105 -13.54 -9.96 -1.77
CA TYR T 105 -14.16 -8.81 -2.44
C TYR T 105 -15.05 -9.20 -3.64
N GLY T 106 -14.95 -10.47 -4.03
CA GLY T 106 -15.65 -10.98 -5.17
C GLY T 106 -17.16 -10.86 -5.10
N ASN T 107 -17.74 -11.08 -3.93
CA ASN T 107 -19.19 -10.94 -3.74
C ASN T 107 -19.66 -9.55 -3.35
N ASN T 108 -18.81 -8.54 -3.46
CA ASN T 108 -19.19 -7.18 -3.10
C ASN T 108 -19.97 -6.50 -4.23
N SER T 109 -20.73 -5.46 -3.90
CA SER T 109 -21.56 -4.78 -4.87
C SER T 109 -21.80 -3.35 -4.43
N GLY T 110 -22.13 -2.54 -5.42
CA GLY T 110 -22.43 -1.16 -5.19
C GLY T 110 -21.13 -0.40 -5.16
N SER T 111 -21.23 0.88 -4.82
CA SER T 111 -20.08 1.78 -4.84
C SER T 111 -20.39 3.04 -4.07
N PHE T 112 -19.35 3.80 -3.71
CA PHE T 112 -19.49 5.12 -3.19
C PHE T 112 -19.02 6.16 -4.19
N SER T 113 -19.79 7.23 -4.27
CA SER T 113 -19.40 8.40 -5.03
CA SER T 113 -19.42 8.41 -5.02
C SER T 113 -18.67 9.35 -4.08
N VAL T 114 -17.49 9.78 -4.49
CA VAL T 114 -16.64 10.57 -3.60
C VAL T 114 -16.13 11.85 -4.25
N ASN T 115 -16.15 12.94 -3.48
CA ASN T 115 -15.47 14.21 -3.86
C ASN T 115 -14.25 14.41 -3.01
N ILE T 116 -13.13 14.75 -3.64
CA ILE T 116 -11.99 15.26 -2.88
C ILE T 116 -11.56 16.63 -3.38
N GLY T 117 -11.33 17.56 -2.46
CA GLY T 117 -10.84 18.89 -2.78
C GLY T 117 -9.72 19.33 -1.85
N LYS T 118 -8.77 20.11 -2.34
CA LYS T 118 -7.78 20.73 -1.46
C LYS T 118 -8.34 22.06 -0.99
N ASP T 119 -8.19 22.29 0.31
CA ASP T 119 -8.69 23.49 0.96
C ASP T 119 -7.62 24.55 0.98
N GLN T 120 -7.95 25.74 1.45
CA GLN T 120 -6.91 26.79 1.65
C GLN T 120 -5.95 26.37 2.74
N SER T 121 -4.67 26.69 2.55
CA SER T 121 -3.67 26.39 3.56
C SER T 121 -2.58 27.42 3.49
N ALA U 1 2.28 28.34 33.16
CA ALA U 1 2.44 29.72 32.66
C ALA U 1 3.85 30.20 33.09
N TRP U 2 4.28 31.33 32.54
CA TRP U 2 5.60 31.89 32.82
C TRP U 2 5.44 33.41 32.85
N LYS U 3 6.05 34.05 33.84
CA LYS U 3 6.21 35.49 33.81
C LYS U 3 7.66 35.86 34.11
N GLY U 4 8.17 36.89 33.43
CA GLY U 4 9.52 37.40 33.69
C GLY U 4 9.94 38.55 32.78
N GLU U 5 11.20 38.94 32.92
CA GLU U 5 11.74 40.15 32.33
C GLU U 5 12.70 39.76 31.22
N VAL U 6 12.59 40.44 30.10
CA VAL U 6 13.50 40.26 28.99
C VAL U 6 14.32 41.53 28.84
N LEU U 7 15.62 41.43 29.12
CA LEU U 7 16.50 42.63 29.16
C LEU U 7 16.91 42.97 27.75
N ALA U 8 16.85 44.24 27.39
CA ALA U 8 17.20 44.65 26.00
C ALA U 8 18.68 44.33 25.63
N ASN U 9 19.57 44.36 26.60
CA ASN U 9 21.02 44.07 26.38
C ASN U 9 21.40 42.56 26.41
N ASN U 10 20.42 41.68 26.60
CA ASN U 10 20.65 40.24 26.71
C ASN U 10 20.65 39.57 25.35
N GLU U 11 21.82 39.52 24.71
CA GLU U 11 21.94 39.06 23.32
C GLU U 11 21.41 37.65 23.12
N ALA U 12 21.70 36.78 24.10
CA ALA U 12 21.33 35.36 24.07
C ALA U 12 19.81 35.13 24.22
N GLY U 13 19.09 36.12 24.75
CA GLY U 13 17.68 35.97 25.02
C GLY U 13 17.42 35.36 26.38
N GLN U 14 16.17 35.51 26.82
CA GLN U 14 15.71 35.02 28.11
C GLN U 14 14.94 33.73 27.88
N VAL U 15 15.53 32.59 28.25
CA VAL U 15 14.85 31.30 28.20
C VAL U 15 13.66 31.31 29.19
N THR U 16 12.53 30.76 28.76
CA THR U 16 11.36 30.62 29.63
C THR U 16 11.19 29.15 29.99
N SER U 17 10.27 28.90 30.91
CA SER U 17 9.88 27.53 31.27
C SER U 17 8.86 26.89 30.30
N ILE U 18 8.50 27.59 29.23
CA ILE U 18 7.47 27.13 28.31
C ILE U 18 8.12 26.30 27.22
N ILE U 19 7.79 25.01 27.14
CA ILE U 19 8.21 24.13 26.05
C ILE U 19 6.98 24.05 25.18
N TYR U 20 7.05 24.64 23.99
CA TYR U 20 5.94 24.63 23.06
C TYR U 20 5.86 23.26 22.39
N ASN U 21 4.70 22.61 22.50
CA ASN U 21 4.52 21.27 21.98
C ASN U 21 3.53 21.28 20.85
N PRO U 22 3.64 20.31 19.92
CA PRO U 22 2.66 20.18 18.83
C PRO U 22 1.20 20.28 19.30
N GLY U 23 0.45 21.17 18.67
CA GLY U 23 -0.95 21.38 19.04
C GLY U 23 -1.18 22.44 20.09
N ASP U 24 -0.16 22.85 20.82
CA ASP U 24 -0.35 23.90 21.82
C ASP U 24 -0.90 25.21 21.22
N VAL U 25 -1.82 25.79 21.95
CA VAL U 25 -2.30 27.12 21.68
C VAL U 25 -1.69 27.96 22.82
N ILE U 26 -1.04 29.08 22.51
CA ILE U 26 -0.40 29.92 23.53
C ILE U 26 -0.83 31.39 23.37
N THR U 27 -0.80 32.10 24.51
CA THR U 27 -1.07 33.53 24.57
C THR U 27 0.11 34.24 25.26
N ILE U 28 0.56 35.35 24.65
CA ILE U 28 1.67 36.16 25.16
C ILE U 28 1.22 37.60 25.29
N VAL U 29 1.53 38.21 26.41
CA VAL U 29 1.33 39.67 26.57
C VAL U 29 2.64 40.26 27.06
N ALA U 30 3.17 41.26 26.31
CA ALA U 30 4.44 41.88 26.64
C ALA U 30 4.22 43.36 26.85
N ALA U 31 4.98 43.92 27.78
CA ALA U 31 4.87 45.31 28.20
C ALA U 31 6.22 45.92 28.60
N GLY U 32 6.30 47.24 28.48
CA GLY U 32 7.43 48.00 29.04
C GLY U 32 8.16 48.82 28.03
N TRP U 33 9.35 49.31 28.44
CA TRP U 33 10.13 50.26 27.64
C TRP U 33 11.58 49.86 27.53
N ALA U 34 12.13 50.00 26.33
CA ALA U 34 13.52 49.60 26.05
C ALA U 34 14.13 50.45 24.93
N SER U 35 15.46 50.58 24.94
CA SER U 35 16.19 51.14 23.80
C SER U 35 17.31 50.21 23.29
N TYR U 36 17.51 50.32 22.00
CA TYR U 36 18.60 49.67 21.28
C TYR U 36 19.83 50.61 21.20
N GLY U 37 19.79 51.78 21.86
CA GLY U 37 20.92 52.71 21.78
C GLY U 37 20.59 54.13 22.17
N PRO U 38 19.59 54.74 21.50
CA PRO U 38 19.18 56.12 21.77
C PRO U 38 18.66 56.38 23.20
N THR U 39 18.55 57.67 23.52
CA THR U 39 18.09 58.09 24.83
C THR U 39 16.58 57.83 24.94
N GLN U 40 15.89 57.90 23.81
CA GLN U 40 14.49 57.49 23.73
C GLN U 40 14.29 55.97 23.98
N LYS U 41 13.06 55.62 24.33
CA LYS U 41 12.60 54.27 24.60
C LYS U 41 11.40 53.95 23.72
N TRP U 42 11.22 52.66 23.43
CA TRP U 42 10.13 52.18 22.62
C TRP U 42 9.49 51.01 23.38
N GLY U 43 8.22 50.75 23.06
CA GLY U 43 7.55 49.53 23.54
C GLY U 43 7.89 48.28 22.73
N PRO U 44 7.22 47.16 23.05
CA PRO U 44 7.44 45.87 22.41
C PRO U 44 7.32 45.78 20.90
N GLN U 45 6.74 46.79 20.25
CA GLN U 45 6.68 46.81 18.77
C GLN U 45 7.93 47.48 18.17
N GLY U 46 8.74 48.09 19.01
CA GLY U 46 9.98 48.71 18.56
C GLY U 46 9.79 50.02 17.83
N ASP U 47 10.75 50.30 16.93
CA ASP U 47 10.91 51.60 16.31
C ASP U 47 10.52 51.54 14.83
N ARG U 48 9.29 51.94 14.54
CA ARG U 48 8.77 51.90 13.20
C ARG U 48 9.54 52.78 12.18
N GLU U 49 10.48 53.60 12.64
CA GLU U 49 11.22 54.50 11.74
C GLU U 49 12.62 54.04 11.43
N HIS U 50 13.11 52.96 12.06
CA HIS U 50 14.52 52.63 11.98
C HIS U 50 14.75 51.56 10.91
N PRO U 51 15.76 51.73 10.04
CA PRO U 51 15.98 50.70 9.04
C PRO U 51 16.57 49.42 9.62
N ASP U 52 16.53 48.35 8.84
CA ASP U 52 17.12 47.05 9.24
C ASP U 52 18.61 47.02 8.86
N GLN U 53 19.49 47.06 9.86
CA GLN U 53 20.95 46.94 9.67
C GLN U 53 21.48 45.55 10.01
N GLY U 54 20.64 44.53 9.75
CA GLY U 54 20.94 43.12 10.02
C GLY U 54 20.31 42.54 11.30
N LEU U 55 19.05 42.89 11.56
CA LEU U 55 18.37 42.47 12.78
C LEU U 55 18.26 40.94 12.87
N ILE U 56 18.24 40.43 14.10
CA ILE U 56 18.06 38.98 14.31
C ILE U 56 16.69 38.55 13.75
N CYS U 57 15.76 39.50 13.64
CA CYS U 57 14.41 39.22 13.07
C CYS U 57 14.02 40.29 12.08
N HIS U 58 14.11 39.96 10.78
CA HIS U 58 13.78 40.91 9.72
C HIS U 58 12.28 41.18 9.63
N ASP U 59 11.48 40.43 10.40
CA ASP U 59 10.03 40.45 10.33
C ASP U 59 9.46 41.32 11.47
N ALA U 60 10.34 42.00 12.21
CA ALA U 60 9.88 42.95 13.19
C ALA U 60 10.80 44.15 13.15
N PHE U 61 10.33 45.26 13.70
CA PHE U 61 11.16 46.44 13.88
C PHE U 61 12.29 46.25 14.88
N CYS U 62 13.36 47.01 14.68
CA CYS U 62 14.38 47.17 15.69
C CYS U 62 13.73 47.62 17.01
N GLY U 63 14.04 46.92 18.09
CA GLY U 63 13.49 47.22 19.39
C GLY U 63 12.22 46.46 19.74
N ALA U 64 11.76 45.60 18.83
CA ALA U 64 10.59 44.79 19.04
C ALA U 64 10.96 43.57 19.85
N LEU U 65 9.98 43.00 20.56
CA LEU U 65 10.11 41.63 21.14
C LEU U 65 9.91 40.53 20.09
N VAL U 66 10.80 39.53 20.11
CA VAL U 66 10.70 38.37 19.23
C VAL U 66 11.04 37.14 20.06
N MET U 67 10.89 35.97 19.46
CA MET U 67 11.17 34.71 20.10
C MET U 67 11.75 33.65 19.19
N LYS U 68 12.36 32.64 19.80
CA LYS U 68 12.65 31.37 19.12
C LYS U 68 11.94 30.27 19.90
N ILE U 69 11.51 29.26 19.17
CA ILE U 69 10.88 28.05 19.73
C ILE U 69 11.81 26.91 19.28
N GLY U 70 12.50 26.31 20.25
CA GLY U 70 13.53 25.31 19.99
C GLY U 70 14.56 25.79 18.97
N ASN U 71 14.72 25.01 17.89
CA ASN U 71 15.62 25.32 16.75
C ASN U 71 15.10 26.35 15.70
N SER U 72 13.97 27.01 15.95
CA SER U 72 13.34 27.85 14.90
C SER U 72 14.16 29.10 14.61
N GLY U 73 13.84 29.74 13.50
CA GLY U 73 14.27 31.11 13.24
C GLY U 73 13.44 32.01 14.14
N THR U 74 13.77 33.29 14.15
CA THR U 74 13.09 34.24 15.03
C THR U 74 11.66 34.46 14.52
N ILE U 75 10.77 34.71 15.48
CA ILE U 75 9.34 34.84 15.20
C ILE U 75 8.90 36.11 15.93
N PRO U 76 8.26 37.04 15.20
CA PRO U 76 7.79 38.23 15.89
C PRO U 76 6.78 37.92 17.00
N VAL U 77 6.91 38.62 18.12
CA VAL U 77 5.92 38.64 19.21
C VAL U 77 5.27 40.03 19.35
N ASN U 78 6.08 41.09 19.29
CA ASN U 78 5.57 42.46 19.42
C ASN U 78 4.84 42.61 20.76
N THR U 79 3.61 43.11 20.78
CA THR U 79 2.87 43.32 22.07
C THR U 79 2.41 41.96 22.63
N GLY U 80 2.28 40.98 21.73
CA GLY U 80 1.99 39.60 22.10
C GLY U 80 1.23 38.85 21.02
N LEU U 81 0.75 37.69 21.40
CA LEU U 81 0.11 36.70 20.55
C LEU U 81 -1.17 36.24 21.30
N PHE U 82 -2.28 36.22 20.59
CA PHE U 82 -3.55 35.79 21.17
C PHE U 82 -3.98 34.41 20.65
N ARG U 83 -3.96 33.41 21.53
CA ARG U 83 -4.40 32.04 21.16
C ARG U 83 -3.80 31.63 19.81
N TRP U 84 -2.47 31.64 19.80
CA TRP U 84 -1.60 31.43 18.66
C TRP U 84 -1.13 29.98 18.64
N VAL U 85 -1.02 29.45 17.43
CA VAL U 85 -0.58 28.08 17.15
C VAL U 85 0.62 28.19 16.17
N ALA U 86 1.72 27.50 16.46
CA ALA U 86 2.98 27.58 15.64
C ALA U 86 2.83 26.83 14.32
N PRO U 87 3.68 27.16 13.31
CA PRO U 87 3.76 26.34 12.09
C PRO U 87 4.18 24.91 12.40
N ASN U 88 3.75 23.97 11.57
CA ASN U 88 4.05 22.57 11.82
C ASN U 88 5.54 22.41 11.99
N ASN U 89 5.89 21.48 12.86
CA ASN U 89 7.26 21.12 13.18
C ASN U 89 7.99 22.11 14.06
N VAL U 90 7.40 23.26 14.38
CA VAL U 90 8.00 24.18 15.34
C VAL U 90 7.63 23.63 16.73
N GLN U 91 8.64 23.33 17.53
CA GLN U 91 8.44 22.85 18.93
C GLN U 91 9.73 23.02 19.73
N GLY U 92 9.61 23.11 21.06
CA GLY U 92 10.75 23.23 21.95
C GLY U 92 10.59 24.43 22.88
N ALA U 93 11.62 24.65 23.71
CA ALA U 93 11.67 25.74 24.70
C ALA U 93 11.46 27.11 24.06
N ILE U 94 10.65 27.96 24.67
CA ILE U 94 10.50 29.31 24.11
C ILE U 94 11.58 30.22 24.73
N THR U 95 12.37 30.86 23.88
CA THR U 95 13.32 31.90 24.28
C THR U 95 12.83 33.24 23.72
N LEU U 96 12.79 34.25 24.58
CA LEU U 96 12.36 35.60 24.25
C LEU U 96 13.58 36.51 24.05
N ILE U 97 13.58 37.29 22.97
CA ILE U 97 14.74 38.09 22.62
C ILE U 97 14.35 39.49 22.11
N TYR U 98 15.12 40.47 22.56
CA TYR U 98 15.03 41.81 22.02
C TYR U 98 15.59 41.79 20.60
N ASN U 99 14.90 42.48 19.67
CA ASN U 99 15.29 42.51 18.26
C ASN U 99 16.33 43.63 18.05
N ASP U 100 17.59 43.23 17.89
CA ASP U 100 18.65 44.14 17.52
C ASP U 100 19.63 43.38 16.61
N VAL U 101 20.66 44.09 16.16
CA VAL U 101 21.71 43.49 15.25
C VAL U 101 22.69 42.72 16.11
N PRO U 102 23.05 41.46 15.72
CA PRO U 102 24.11 40.83 16.53
C PRO U 102 25.36 41.69 16.74
N GLY U 103 25.89 41.69 17.96
CA GLY U 103 27.08 42.47 18.31
C GLY U 103 26.87 43.90 18.75
N THR U 104 25.61 44.34 18.70
CA THR U 104 25.21 45.71 19.04
C THR U 104 24.31 45.79 20.27
N TYR U 105 24.31 44.75 21.09
CA TYR U 105 23.45 44.70 22.28
C TYR U 105 24.03 45.48 23.48
N GLY U 106 25.34 45.76 23.46
CA GLY U 106 26.03 46.40 24.58
C GLY U 106 25.49 47.73 25.06
N ASN U 107 24.99 48.54 24.14
CA ASN U 107 24.48 49.89 24.50
C ASN U 107 22.97 49.94 24.68
N ASN U 108 22.34 48.77 24.80
CA ASN U 108 20.91 48.65 24.87
C ASN U 108 20.49 48.80 26.33
N SER U 109 19.27 49.28 26.59
CA SER U 109 18.82 49.46 27.97
C SER U 109 17.32 49.21 28.01
N GLY U 110 16.82 49.09 29.24
CA GLY U 110 15.43 48.73 29.44
C GLY U 110 15.18 47.25 29.37
N SER U 111 13.90 46.90 29.49
CA SER U 111 13.45 45.50 29.47
C SER U 111 11.98 45.52 29.13
N PHE U 112 11.49 44.36 28.71
CA PHE U 112 10.06 44.09 28.66
C PHE U 112 9.66 43.02 29.67
N SER U 113 8.50 43.28 30.26
CA SER U 113 7.84 42.33 31.15
CA SER U 113 7.85 42.34 31.15
C SER U 113 6.86 41.49 30.34
N VAL U 114 6.95 40.17 30.50
CA VAL U 114 6.25 39.27 29.64
C VAL U 114 5.58 38.16 30.44
N ASN U 115 4.33 37.90 30.05
CA ASN U 115 3.57 36.72 30.44
C ASN U 115 3.29 35.80 29.29
N ILE U 116 3.50 34.50 29.52
CA ILE U 116 3.09 33.46 28.56
C ILE U 116 2.21 32.40 29.25
N GLY U 117 1.10 32.04 28.59
CA GLY U 117 0.24 30.98 29.08
C GLY U 117 -0.11 30.03 27.97
N LYS U 118 -0.35 28.78 28.31
CA LYS U 118 -0.96 27.89 27.36
C LYS U 118 -2.47 27.96 27.47
N ASP U 119 -3.12 27.96 26.32
CA ASP U 119 -4.57 28.02 26.30
C ASP U 119 -5.16 26.62 26.21
N GLN U 120 -6.47 26.52 26.36
CA GLN U 120 -7.23 25.32 26.00
C GLN U 120 -7.06 24.84 24.58
N SER U 121 -7.06 23.52 24.42
CA SER U 121 -6.85 22.95 23.13
C SER U 121 -7.40 21.53 23.11
N ALA V 1 -14.75 34.88 22.17
CA ALA V 1 -13.92 36.10 22.42
C ALA V 1 -14.37 37.23 21.49
N TRP V 2 -13.66 38.35 21.54
CA TRP V 2 -13.96 39.49 20.68
C TRP V 2 -12.70 39.94 19.97
N LYS V 3 -12.82 40.30 18.69
CA LYS V 3 -11.76 40.97 17.93
C LYS V 3 -12.29 42.17 17.15
N GLY V 4 -11.60 43.28 17.26
CA GLY V 4 -12.06 44.53 16.66
C GLY V 4 -10.96 45.55 16.60
N GLU V 5 -11.39 46.77 16.31
CA GLU V 5 -10.47 47.86 16.01
C GLU V 5 -10.94 49.04 16.83
N VAL V 6 -9.99 49.72 17.44
CA VAL V 6 -10.23 50.94 18.22
C VAL V 6 -9.62 52.11 17.42
N LEU V 7 -10.48 52.87 16.75
CA LEU V 7 -10.02 54.06 15.98
C LEU V 7 -9.58 55.18 16.92
N ALA V 8 -8.45 55.82 16.61
CA ALA V 8 -7.90 56.89 17.48
C ALA V 8 -8.79 58.16 17.56
N ASN V 9 -9.51 58.41 16.48
CA ASN V 9 -10.41 59.58 16.37
C ASN V 9 -11.82 59.34 16.92
N ASN V 10 -12.06 58.15 17.49
CA ASN V 10 -13.35 57.74 18.08
C ASN V 10 -13.45 58.08 19.57
N GLU V 11 -14.02 59.26 19.87
CA GLU V 11 -14.04 59.78 21.24
C GLU V 11 -14.90 58.90 22.18
N ALA V 12 -15.96 58.32 21.61
CA ALA V 12 -16.93 57.53 22.34
C ALA V 12 -16.32 56.20 22.76
N GLY V 13 -15.36 55.70 21.97
CA GLY V 13 -14.81 54.38 22.20
C GLY V 13 -15.51 53.35 21.38
N GLN V 14 -14.94 52.16 21.40
CA GLN V 14 -15.44 51.00 20.71
C GLN V 14 -16.10 50.12 21.73
N VAL V 15 -17.42 50.00 21.65
CA VAL V 15 -18.14 49.09 22.55
C VAL V 15 -17.91 47.65 22.01
N THR V 16 -17.36 46.76 22.85
CA THR V 16 -17.06 45.40 22.46
C THR V 16 -18.26 44.53 22.80
N SER V 17 -18.20 43.26 22.38
CA SER V 17 -19.20 42.26 22.66
C SER V 17 -18.96 41.56 24.01
N ILE V 18 -17.89 41.94 24.71
CA ILE V 18 -17.57 41.32 26.00
C ILE V 18 -18.36 41.96 27.14
N ILE V 19 -19.12 41.18 27.91
CA ILE V 19 -19.76 41.64 29.13
C ILE V 19 -18.96 41.08 30.27
N TYR V 20 -18.25 41.96 31.00
CA TYR V 20 -17.43 41.50 32.11
C TYR V 20 -18.34 41.19 33.29
N ASN V 21 -18.26 39.96 33.80
CA ASN V 21 -19.06 39.60 34.97
C ASN V 21 -18.19 39.32 36.19
N PRO V 22 -18.79 39.47 37.39
CA PRO V 22 -18.05 39.18 38.61
C PRO V 22 -17.41 37.78 38.57
N GLY V 23 -16.13 37.72 38.92
CA GLY V 23 -15.35 36.47 38.90
C GLY V 23 -14.62 36.21 37.58
N ASP V 24 -14.96 36.95 36.52
CA ASP V 24 -14.38 36.66 35.22
C ASP V 24 -12.90 36.95 35.24
N VAL V 25 -12.19 36.15 34.45
CA VAL V 25 -10.78 36.35 34.20
C VAL V 25 -10.64 36.62 32.69
N ILE V 26 -9.98 37.72 32.31
CA ILE V 26 -9.85 38.09 30.91
C ILE V 26 -8.40 38.34 30.49
N THR V 27 -8.14 38.19 29.19
CA THR V 27 -6.86 38.48 28.60
C THR V 27 -7.14 39.39 27.43
N ILE V 28 -6.40 40.49 27.36
CA ILE V 28 -6.50 41.40 26.23
C ILE V 28 -5.12 41.48 25.57
N VAL V 29 -5.07 41.49 24.24
CA VAL V 29 -3.83 41.78 23.48
C VAL V 29 -4.12 42.91 22.51
N ALA V 30 -3.41 44.04 22.64
CA ALA V 30 -3.61 45.22 21.75
C ALA V 30 -2.35 45.48 20.93
N ALA V 31 -2.54 45.77 19.65
CA ALA V 31 -1.45 46.00 18.68
C ALA V 31 -1.81 47.12 17.73
N GLY V 32 -0.79 47.72 17.12
CA GLY V 32 -0.95 48.71 16.05
C GLY V 32 -0.37 50.11 16.34
N TRP V 33 -0.70 51.03 15.46
CA TRP V 33 -0.09 52.36 15.48
C TRP V 33 -1.14 53.46 15.31
N ALA V 34 -1.01 54.51 16.10
CA ALA V 34 -2.01 55.60 16.12
C ALA V 34 -1.35 56.87 16.55
N SER V 35 -2.06 57.99 16.29
CA SER V 35 -1.61 59.32 16.69
C SER V 35 -2.75 60.19 17.27
N TYR V 36 -2.36 61.03 18.22
CA TYR V 36 -3.23 62.03 18.84
C TYR V 36 -3.10 63.39 18.15
N GLY V 37 -2.32 63.45 17.09
CA GLY V 37 -2.18 64.68 16.30
C GLY V 37 -0.90 64.75 15.50
N PRO V 38 0.26 64.51 16.14
CA PRO V 38 1.52 64.51 15.37
C PRO V 38 1.60 63.52 14.18
N THR V 39 2.52 63.75 13.24
CA THR V 39 2.71 62.84 12.11
C THR V 39 3.36 61.52 12.57
N GLN V 40 4.19 61.57 13.61
CA GLN V 40 4.70 60.37 14.25
C GLN V 40 3.53 59.52 14.80
N LYS V 41 3.76 58.21 15.00
CA LYS V 41 2.75 57.35 15.60
C LYS V 41 3.35 56.53 16.71
N TRP V 42 2.47 56.14 17.63
CA TRP V 42 2.78 55.37 18.80
C TRP V 42 1.92 54.12 18.91
N GLY V 43 2.41 53.17 19.70
CA GLY V 43 1.74 51.94 19.93
C GLY V 43 0.78 52.13 21.09
N PRO V 44 0.15 51.04 21.53
CA PRO V 44 -0.86 51.12 22.59
C PRO V 44 -0.43 51.52 24.02
N GLN V 45 0.86 51.67 24.28
CA GLN V 45 1.33 52.33 25.52
C GLN V 45 1.37 53.88 25.38
N GLY V 46 1.16 54.38 24.15
CA GLY V 46 1.12 55.84 23.87
C GLY V 46 2.47 56.53 23.92
N ASP V 47 2.45 57.84 24.13
CA ASP V 47 3.64 58.68 24.10
C ASP V 47 4.14 59.03 25.53
N ARG V 48 5.22 58.37 25.94
CA ARG V 48 5.80 58.55 27.27
C ARG V 48 6.45 59.94 27.47
N GLU V 49 6.58 60.73 26.41
CA GLU V 49 7.23 62.04 26.52
C GLU V 49 6.17 63.16 26.62
N HIS V 50 4.93 62.91 26.21
CA HIS V 50 3.90 63.97 26.14
C HIS V 50 3.29 64.20 27.53
N PRO V 51 3.09 65.48 27.91
CA PRO V 51 2.50 65.68 29.25
C PRO V 51 0.98 65.51 29.19
N ASP V 52 0.38 65.20 30.33
CA ASP V 52 -1.05 65.06 30.52
C ASP V 52 -1.72 66.44 30.59
N GLN V 53 -2.46 66.79 29.55
CA GLN V 53 -3.20 68.05 29.48
C GLN V 53 -4.69 67.90 29.73
N GLY V 54 -5.06 66.86 30.48
CA GLY V 54 -6.48 66.59 30.80
C GLY V 54 -7.01 65.34 30.13
N LEU V 55 -6.20 64.30 30.20
CA LEU V 55 -6.49 63.04 29.52
C LEU V 55 -7.65 62.32 30.20
N ILE V 56 -8.38 61.54 29.40
CA ILE V 56 -9.51 60.79 29.96
C ILE V 56 -9.02 59.75 31.00
N CYS V 57 -7.73 59.39 30.92
CA CYS V 57 -7.11 58.48 31.87
C CYS V 57 -5.76 59.01 32.26
N HIS V 58 -5.69 59.45 33.51
CA HIS V 58 -4.46 60.04 34.05
C HIS V 58 -3.43 58.99 34.44
N ASP V 59 -3.78 57.71 34.39
CA ASP V 59 -2.84 56.60 34.72
C ASP V 59 -2.22 55.89 33.50
N ALA V 60 -2.36 56.52 32.35
CA ALA V 60 -1.73 56.04 31.14
C ALA V 60 -1.35 57.23 30.26
N PHE V 61 -0.41 57.00 29.36
CA PHE V 61 0.10 58.10 28.53
C PHE V 61 -0.93 58.53 27.48
N CYS V 62 -0.77 59.73 26.96
CA CYS V 62 -1.55 60.16 25.83
C CYS V 62 -1.25 59.20 24.67
N GLY V 63 -2.29 58.77 23.95
CA GLY V 63 -2.14 57.80 22.87
C GLY V 63 -2.17 56.33 23.33
N ALA V 64 -2.35 56.10 24.63
CA ALA V 64 -2.47 54.73 25.14
C ALA V 64 -3.90 54.19 24.98
N LEU V 65 -3.99 52.86 24.91
CA LEU V 65 -5.24 52.17 24.99
C LEU V 65 -5.74 52.10 26.43
N VAL V 66 -7.01 52.48 26.64
CA VAL V 66 -7.68 52.31 27.94
C VAL V 66 -9.07 51.71 27.75
N MET V 67 -9.72 51.31 28.85
CA MET V 67 -11.07 50.82 28.79
C MET V 67 -11.98 51.33 29.92
N LYS V 68 -13.27 51.14 29.72
CA LYS V 68 -14.25 51.11 30.80
C LYS V 68 -14.96 49.78 30.81
N ILE V 69 -15.29 49.33 32.01
CA ILE V 69 -16.15 48.17 32.22
C ILE V 69 -17.46 48.72 32.84
N GLY V 70 -18.56 48.54 32.13
CA GLY V 70 -19.82 49.12 32.55
C GLY V 70 -19.65 50.61 32.61
N ASN V 71 -20.12 51.21 33.70
CA ASN V 71 -19.99 52.66 33.86
C ASN V 71 -18.74 53.03 34.67
N SER V 72 -17.75 52.13 34.75
CA SER V 72 -16.54 52.46 35.50
C SER V 72 -15.82 53.69 34.91
N GLY V 73 -14.92 54.29 35.69
CA GLY V 73 -13.89 55.18 35.14
C GLY V 73 -12.90 54.38 34.27
N THR V 74 -12.04 55.13 33.59
CA THR V 74 -11.08 54.57 32.64
C THR V 74 -10.03 53.78 33.40
N ILE V 75 -9.63 52.66 32.82
CA ILE V 75 -8.70 51.71 33.41
C ILE V 75 -7.65 51.53 32.28
N PRO V 76 -6.36 51.64 32.60
CA PRO V 76 -5.34 51.41 31.55
C PRO V 76 -5.32 49.99 31.06
N VAL V 77 -5.18 49.85 29.74
CA VAL V 77 -5.01 48.55 29.09
C VAL V 77 -3.59 48.44 28.51
N ASN V 78 -3.14 49.49 27.84
CA ASN V 78 -1.83 49.51 27.21
C ASN V 78 -1.72 48.33 26.21
N THR V 79 -0.64 47.55 26.25
CA THR V 79 -0.47 46.42 25.31
C THR V 79 -1.43 45.26 25.59
N GLY V 80 -2.02 45.25 26.79
CA GLY V 80 -2.99 44.22 27.18
C GLY V 80 -2.95 43.89 28.65
N LEU V 81 -3.71 42.84 28.96
CA LEU V 81 -3.91 42.34 30.32
C LEU V 81 -3.84 40.83 30.22
N PHE V 82 -3.14 40.20 31.14
CA PHE V 82 -3.02 38.74 31.09
C PHE V 82 -3.70 38.12 32.30
N ARG V 83 -4.72 37.32 32.05
CA ARG V 83 -5.49 36.58 33.07
C ARG V 83 -5.84 37.49 34.22
N TRP V 84 -6.57 38.55 33.87
CA TRP V 84 -6.79 39.69 34.74
C TRP V 84 -8.23 39.67 35.31
N VAL V 85 -8.34 39.92 36.61
CA VAL V 85 -9.62 40.08 37.30
C VAL V 85 -9.83 41.57 37.67
N ALA V 86 -11.03 42.07 37.40
CA ALA V 86 -11.36 43.50 37.49
C ALA V 86 -11.60 43.94 38.92
N PRO V 87 -11.60 45.29 39.17
CA PRO V 87 -11.82 45.81 40.55
C PRO V 87 -13.11 45.32 41.11
N ASN V 88 -13.21 45.38 42.43
CA ASN V 88 -14.38 44.80 43.02
C ASN V 88 -15.55 45.65 42.59
N ASN V 89 -16.62 44.96 42.27
CA ASN V 89 -17.90 45.55 41.91
C ASN V 89 -17.94 46.06 40.47
N VAL V 90 -16.82 46.03 39.77
CA VAL V 90 -16.81 46.43 38.37
C VAL V 90 -17.41 45.31 37.48
N GLN V 91 -18.40 45.68 36.66
CA GLN V 91 -19.00 44.79 35.67
C GLN V 91 -19.80 45.51 34.58
N GLY V 92 -20.01 44.79 33.48
CA GLY V 92 -20.77 45.27 32.32
C GLY V 92 -19.93 45.17 31.05
N ALA V 93 -20.43 45.76 29.98
CA ALA V 93 -19.75 45.78 28.68
C ALA V 93 -18.39 46.47 28.78
N ILE V 94 -17.40 45.87 28.12
CA ILE V 94 -16.10 46.48 27.99
C ILE V 94 -16.07 47.43 26.76
N THR V 95 -15.75 48.70 27.01
CA THR V 95 -15.62 49.74 25.95
C THR V 95 -14.16 50.15 25.91
N LEU V 96 -13.54 49.99 24.74
CA LEU V 96 -12.16 50.34 24.50
C LEU V 96 -12.05 51.79 23.96
N ILE V 97 -11.12 52.58 24.48
CA ILE V 97 -11.03 53.99 24.12
C ILE V 97 -9.55 54.42 23.99
N TYR V 98 -9.23 55.16 22.94
CA TYR V 98 -7.93 55.81 22.83
C TYR V 98 -7.83 56.93 23.86
N ASN V 99 -6.73 56.94 24.61
CA ASN V 99 -6.44 58.03 25.59
C ASN V 99 -6.03 59.38 24.94
N ASP V 100 -6.93 60.36 24.99
CA ASP V 100 -6.62 61.73 24.54
C ASP V 100 -7.46 62.71 25.38
N VAL V 101 -7.23 64.01 25.17
CA VAL V 101 -7.95 65.06 25.87
C VAL V 101 -9.35 65.18 25.24
N PRO V 102 -10.39 65.22 26.08
CA PRO V 102 -11.73 65.44 25.54
C PRO V 102 -11.83 66.66 24.57
N GLY V 103 -12.57 66.51 23.49
CA GLY V 103 -12.65 67.58 22.48
C GLY V 103 -11.51 67.70 21.48
N THR V 104 -10.43 66.96 21.72
CA THR V 104 -9.25 67.03 20.84
C THR V 104 -9.02 65.74 20.05
N TYR V 105 -10.08 64.96 19.82
CA TYR V 105 -9.98 63.68 19.07
C TYR V 105 -10.05 63.84 17.52
N GLY V 106 -10.46 65.01 17.03
CA GLY V 106 -10.73 65.17 15.62
C GLY V 106 -9.51 65.05 14.73
N ASN V 107 -8.35 65.42 15.26
CA ASN V 107 -7.10 65.31 14.50
C ASN V 107 -6.30 64.02 14.75
N ASN V 108 -6.93 63.02 15.38
CA ASN V 108 -6.26 61.71 15.62
C ASN V 108 -6.27 60.81 14.40
N SER V 109 -5.35 59.86 14.34
CA SER V 109 -5.35 58.96 13.20
C SER V 109 -4.85 57.56 13.57
N GLY V 110 -5.15 56.58 12.72
CA GLY V 110 -4.70 55.20 12.95
C GLY V 110 -5.56 54.51 13.97
N SER V 111 -5.19 53.29 14.34
CA SER V 111 -6.01 52.49 15.25
C SER V 111 -5.26 51.35 15.90
N PHE V 112 -5.90 50.72 16.88
CA PHE V 112 -5.39 49.49 17.47
C PHE V 112 -6.35 48.34 17.13
N SER V 113 -5.74 47.22 16.79
CA SER V 113 -6.36 45.92 16.63
C SER V 113 -6.29 45.23 17.98
N VAL V 114 -7.44 44.83 18.51
CA VAL V 114 -7.50 44.34 19.88
C VAL V 114 -8.24 43.00 19.90
N ASN V 115 -7.67 42.03 20.62
CA ASN V 115 -8.33 40.77 20.97
C ASN V 115 -8.67 40.76 22.48
N ILE V 116 -9.90 40.35 22.83
CA ILE V 116 -10.30 40.10 24.24
C ILE V 116 -10.86 38.70 24.34
N GLY V 117 -10.37 37.90 25.27
CA GLY V 117 -11.06 36.66 25.60
C GLY V 117 -11.30 36.49 27.10
N LYS V 118 -12.27 35.64 27.41
CA LYS V 118 -12.43 35.17 28.76
C LYS V 118 -11.59 33.92 28.97
N ASP V 119 -10.82 33.91 30.04
CA ASP V 119 -10.03 32.75 30.44
C ASP V 119 -10.83 31.80 31.31
N GLN V 120 -10.22 30.67 31.63
CA GLN V 120 -10.83 29.76 32.59
C GLN V 120 -10.85 30.42 33.96
N SER V 121 -11.91 30.18 34.72
CA SER V 121 -12.00 30.66 36.09
C SER V 121 -12.73 29.68 36.96
N ALA W 1 -14.25 28.94 40.00
CA ALA W 1 -14.37 27.47 40.16
C ALA W 1 -15.04 27.18 41.52
N TRP W 2 -15.79 26.10 41.57
CA TRP W 2 -16.35 25.62 42.80
C TRP W 2 -16.05 24.13 43.01
N LYS W 3 -15.64 23.77 44.22
CA LYS W 3 -15.58 22.36 44.60
C LYS W 3 -16.35 22.11 45.93
N GLY W 4 -17.24 21.14 45.93
CA GLY W 4 -17.92 20.75 47.19
C GLY W 4 -18.65 19.45 47.06
N GLU W 5 -19.47 19.14 48.06
CA GLU W 5 -20.20 17.86 48.13
C GLU W 5 -21.68 18.11 47.96
N VAL W 6 -22.36 17.16 47.32
CA VAL W 6 -23.81 17.18 47.25
C VAL W 6 -24.34 15.95 47.97
N LEU W 7 -24.93 16.17 49.14
CA LEU W 7 -25.55 15.11 49.93
C LEU W 7 -26.85 14.59 49.27
N ALA W 8 -26.95 13.25 49.16
CA ALA W 8 -28.12 12.59 48.59
C ALA W 8 -29.43 12.96 49.34
N ASN W 9 -29.31 13.20 50.64
CA ASN W 9 -30.45 13.55 51.50
C ASN W 9 -30.68 15.06 51.59
N ASN W 10 -29.91 15.83 50.82
CA ASN W 10 -30.13 17.29 50.73
C ASN W 10 -31.21 17.69 49.73
N GLU W 11 -32.47 17.66 50.18
CA GLU W 11 -33.61 17.91 49.33
C GLU W 11 -33.61 19.31 48.70
N ALA W 12 -33.22 20.32 49.46
CA ALA W 12 -33.23 21.72 48.96
C ALA W 12 -32.14 21.97 47.91
N GLY W 13 -31.10 21.14 47.92
CA GLY W 13 -29.94 21.28 47.01
C GLY W 13 -28.72 21.92 47.63
N GLN W 14 -27.59 21.71 46.96
CA GLN W 14 -26.33 22.37 47.29
C GLN W 14 -26.16 23.60 46.39
N VAL W 15 -26.37 24.81 46.91
CA VAL W 15 -26.07 26.03 46.14
C VAL W 15 -24.54 26.08 46.02
N THR W 16 -24.05 26.43 44.83
CA THR W 16 -22.60 26.58 44.57
C THR W 16 -22.29 28.08 44.54
N SER W 17 -21.02 28.41 44.39
CA SER W 17 -20.61 29.80 44.24
C SER W 17 -20.64 30.24 42.77
N ILE W 18 -21.05 29.33 41.85
CA ILE W 18 -21.07 29.62 40.42
C ILE W 18 -22.35 30.29 40.01
N ILE W 19 -22.24 31.51 39.48
CA ILE W 19 -23.33 32.17 38.78
C ILE W 19 -23.13 32.03 37.28
N TYR W 20 -24.02 31.27 36.64
CA TYR W 20 -24.03 31.10 35.19
C TYR W 20 -24.53 32.37 34.51
N ASN W 21 -23.69 32.97 33.69
CA ASN W 21 -24.06 34.20 32.99
C ASN W 21 -24.17 33.89 31.52
N PRO W 22 -25.01 34.65 30.78
CA PRO W 22 -25.12 34.49 29.35
C PRO W 22 -23.77 34.37 28.64
N GLY W 23 -23.64 33.39 27.75
CA GLY W 23 -22.37 33.11 27.04
C GLY W 23 -21.36 32.21 27.76
N ASP W 24 -21.60 31.90 29.03
CA ASP W 24 -20.61 31.17 29.80
C ASP W 24 -20.52 29.76 29.25
N VAL W 25 -19.30 29.24 29.24
CA VAL W 25 -19.05 27.85 28.90
C VAL W 25 -18.62 27.25 30.24
N ILE W 26 -19.20 26.12 30.63
CA ILE W 26 -18.78 25.45 31.85
C ILE W 26 -18.48 23.97 31.67
N THR W 27 -17.72 23.44 32.63
CA THR W 27 -17.42 22.03 32.70
C THR W 27 -17.69 21.60 34.13
N ILE W 28 -18.35 20.45 34.28
CA ILE W 28 -18.66 19.85 35.57
C ILE W 28 -18.16 18.37 35.51
N VAL W 29 -17.53 17.95 36.58
CA VAL W 29 -17.14 16.56 36.82
C VAL W 29 -17.69 16.18 38.21
N ALA W 30 -18.50 15.11 38.23
CA ALA W 30 -19.16 14.60 39.45
C ALA W 30 -18.65 13.18 39.69
N ALA W 31 -18.38 12.83 40.95
CA ALA W 31 -17.98 11.46 41.27
C ALA W 31 -18.62 11.04 42.57
N GLY W 32 -18.65 9.74 42.80
CA GLY W 32 -18.95 9.22 44.12
C GLY W 32 -20.14 8.31 44.14
N TRP W 33 -20.57 8.01 45.36
CA TRP W 33 -21.55 6.96 45.60
C TRP W 33 -22.63 7.44 46.55
N ALA W 34 -23.89 7.23 46.14
CA ALA W 34 -25.06 7.64 46.91
C ALA W 34 -26.21 6.67 46.73
N SER W 35 -27.09 6.61 47.74
CA SER W 35 -28.34 5.88 47.64
C SER W 35 -29.56 6.78 47.88
N TYR W 36 -30.63 6.39 47.22
CA TYR W 36 -31.95 6.99 47.40
C TYR W 36 -32.82 6.17 48.40
N GLY W 37 -32.21 5.24 49.14
CA GLY W 37 -32.97 4.36 50.04
C GLY W 37 -32.40 2.94 50.20
N PRO W 38 -32.25 2.19 49.08
CA PRO W 38 -31.68 0.84 49.14
C PRO W 38 -30.28 0.75 49.72
N THR W 39 -29.86 -0.46 50.03
CA THR W 39 -28.59 -0.63 50.72
C THR W 39 -27.48 -0.44 49.67
N GLN W 40 -27.78 -0.81 48.43
CA GLN W 40 -26.90 -0.56 47.31
C GLN W 40 -26.70 0.97 47.03
N LYS W 41 -25.63 1.29 46.31
CA LYS W 41 -25.28 2.66 45.96
C LYS W 41 -24.98 2.76 44.48
N TRP W 42 -25.18 3.95 43.91
CA TRP W 42 -25.07 4.25 42.48
C TRP W 42 -24.20 5.51 42.30
N GLY W 43 -23.58 5.61 41.13
CA GLY W 43 -22.83 6.79 40.73
C GLY W 43 -23.74 7.92 40.27
N PRO W 44 -23.16 9.08 39.88
CA PRO W 44 -23.95 10.25 39.45
C PRO W 44 -24.92 10.09 38.23
N GLN W 45 -24.89 8.96 37.51
CA GLN W 45 -25.96 8.61 36.53
C GLN W 45 -27.20 7.96 37.18
N GLY W 46 -27.11 7.62 38.45
CA GLY W 46 -28.22 7.00 39.16
C GLY W 46 -28.48 5.54 38.82
N ASP W 47 -29.76 5.16 38.97
CA ASP W 47 -30.19 3.75 38.86
C ASP W 47 -31.06 3.59 37.64
N ARG W 48 -30.47 3.06 36.57
CA ARG W 48 -31.14 2.86 35.29
C ARG W 48 -32.31 1.85 35.30
N GLU W 49 -32.47 1.09 36.38
CA GLU W 49 -33.56 0.12 36.51
C GLU W 49 -34.81 0.64 37.25
N HIS W 50 -34.63 1.70 38.01
CA HIS W 50 -35.71 2.23 38.86
C HIS W 50 -36.70 3.11 38.09
N PRO W 51 -38.01 2.78 38.19
CA PRO W 51 -39.00 3.63 37.54
C PRO W 51 -39.16 4.99 38.23
N ASP W 52 -39.72 5.93 37.48
CA ASP W 52 -39.92 7.29 37.91
C ASP W 52 -41.26 7.40 38.62
N GLN W 53 -41.24 7.57 39.95
CA GLN W 53 -42.47 7.85 40.73
C GLN W 53 -42.74 9.34 41.08
N GLY W 54 -42.12 10.23 40.30
CA GLY W 54 -42.28 11.70 40.40
C GLY W 54 -40.99 12.37 40.85
N LEU W 55 -39.89 12.03 40.16
CA LEU W 55 -38.57 12.60 40.42
C LEU W 55 -38.55 14.09 40.09
N ILE W 56 -37.71 14.86 40.77
CA ILE W 56 -37.59 16.29 40.45
C ILE W 56 -37.03 16.50 39.03
N CYS W 57 -36.39 15.47 38.45
CA CYS W 57 -35.91 15.52 37.06
C CYS W 57 -36.32 14.29 36.28
N HIS W 58 -37.26 14.47 35.37
CA HIS W 58 -37.81 13.36 34.63
C HIS W 58 -36.83 12.86 33.54
N ASP W 59 -35.86 13.70 33.16
CA ASP W 59 -34.87 13.39 32.13
C ASP W 59 -33.58 12.77 32.68
N ALA W 60 -33.57 12.42 33.97
CA ALA W 60 -32.46 11.69 34.60
C ALA W 60 -33.05 10.59 35.48
N PHE W 61 -32.25 9.57 35.71
CA PHE W 61 -32.65 8.45 36.54
C PHE W 61 -32.68 8.85 37.99
N CYS W 62 -33.42 8.08 38.76
CA CYS W 62 -33.42 8.21 40.17
C CYS W 62 -31.99 7.96 40.66
N GLY W 63 -31.50 8.78 41.60
CA GLY W 63 -30.10 8.74 42.05
C GLY W 63 -29.05 9.50 41.21
N ALA W 64 -29.50 10.18 40.17
CA ALA W 64 -28.65 10.94 39.26
C ALA W 64 -28.42 12.35 39.84
N LEU W 65 -27.27 12.92 39.47
CA LEU W 65 -26.97 14.32 39.77
C LEU W 65 -27.68 15.20 38.72
N VAL W 66 -28.42 16.20 39.21
CA VAL W 66 -29.09 17.22 38.37
C VAL W 66 -28.73 18.63 38.92
N MET W 67 -29.20 19.67 38.23
CA MET W 67 -29.02 21.03 38.72
C MET W 67 -30.15 21.97 38.29
N LYS W 68 -30.17 23.11 38.92
CA LYS W 68 -30.96 24.24 38.48
C LYS W 68 -30.04 25.41 38.31
N ILE W 69 -30.29 26.21 37.28
CA ILE W 69 -29.63 27.49 37.09
C ILE W 69 -30.68 28.60 37.28
N GLY W 70 -30.52 29.41 38.32
CA GLY W 70 -31.49 30.42 38.67
C GLY W 70 -32.90 29.87 38.78
N ASN W 71 -33.78 30.44 37.96
CA ASN W 71 -35.21 30.15 37.90
C ASN W 71 -35.57 28.92 37.09
N SER W 72 -34.58 28.14 36.67
CA SER W 72 -34.82 27.12 35.66
C SER W 72 -35.46 25.90 36.31
N GLY W 73 -36.00 25.05 35.45
CA GLY W 73 -36.28 23.67 35.78
C GLY W 73 -35.01 22.85 35.94
N THR W 74 -35.17 21.61 36.35
CA THR W 74 -34.02 20.77 36.65
C THR W 74 -33.36 20.39 35.33
N ILE W 75 -32.03 20.36 35.30
CA ILE W 75 -31.25 19.98 34.10
C ILE W 75 -30.35 18.80 34.49
N PRO W 76 -30.35 17.71 33.70
CA PRO W 76 -29.47 16.58 34.06
C PRO W 76 -27.99 16.94 33.98
N VAL W 77 -27.22 16.52 34.99
CA VAL W 77 -25.76 16.67 34.99
C VAL W 77 -25.08 15.30 34.84
N ASN W 78 -25.64 14.27 35.48
CA ASN W 78 -25.02 12.94 35.49
C ASN W 78 -23.56 13.01 35.88
N THR W 79 -22.64 12.42 35.10
CA THR W 79 -21.20 12.40 35.41
C THR W 79 -20.56 13.77 35.19
N GLY W 80 -21.27 14.63 34.47
CA GLY W 80 -20.78 15.96 34.22
C GLY W 80 -21.12 16.49 32.85
N LEU W 81 -20.58 17.68 32.60
CA LEU W 81 -20.80 18.47 31.36
C LEU W 81 -19.43 18.95 30.87
N PHE W 82 -19.17 18.82 29.58
CA PHE W 82 -17.90 19.16 28.98
C PHE W 82 -18.11 20.36 28.07
N ARG W 83 -17.58 21.51 28.49
CA ARG W 83 -17.60 22.77 27.74
C ARG W 83 -19.01 23.15 27.28
N TRP W 84 -19.90 23.13 28.27
CA TRP W 84 -21.32 23.21 28.08
C TRP W 84 -21.78 24.67 28.05
N VAL W 85 -22.71 24.96 27.14
CA VAL W 85 -23.42 26.25 27.12
C VAL W 85 -24.92 26.03 27.37
N ALA W 86 -25.53 26.89 28.17
CA ALA W 86 -26.94 26.73 28.54
C ALA W 86 -27.91 27.09 27.41
N PRO W 87 -29.17 26.59 27.53
CA PRO W 87 -30.27 27.17 26.76
C PRO W 87 -30.43 28.65 27.03
N ASN W 88 -30.88 29.35 26.00
CA ASN W 88 -30.79 30.78 26.03
C ASN W 88 -31.83 31.22 27.03
N ASN W 89 -31.68 32.41 27.60
CA ASN W 89 -32.51 32.84 28.73
C ASN W 89 -32.34 32.03 30.03
N VAL W 90 -31.36 31.12 30.10
CA VAL W 90 -31.00 30.51 31.40
C VAL W 90 -29.79 31.25 32.00
N GLN W 91 -29.95 31.66 33.27
CA GLN W 91 -28.90 32.35 33.99
C GLN W 91 -29.18 32.36 35.48
N GLY W 92 -28.13 32.46 36.28
CA GLY W 92 -28.23 32.55 37.74
C GLY W 92 -27.37 31.52 38.45
N ALA W 93 -27.48 31.49 39.78
CA ALA W 93 -26.71 30.60 40.65
C ALA W 93 -26.93 29.15 40.27
N ILE W 94 -25.87 28.33 40.32
CA ILE W 94 -26.02 26.91 40.04
C ILE W 94 -26.24 26.22 41.39
N THR W 95 -27.31 25.44 41.47
CA THR W 95 -27.65 24.63 42.64
C THR W 95 -27.65 23.20 42.16
N LEU W 96 -26.96 22.35 42.90
CA LEU W 96 -26.82 20.95 42.54
C LEU W 96 -27.79 20.14 43.43
N ILE W 97 -28.47 19.15 42.85
CA ILE W 97 -29.47 18.39 43.59
C ILE W 97 -29.37 16.89 43.29
N TYR W 98 -29.43 16.07 44.32
CA TYR W 98 -29.75 14.63 44.15
C TYR W 98 -31.19 14.43 43.55
N ASN W 99 -31.28 13.62 42.50
CA ASN W 99 -32.56 13.29 41.87
C ASN W 99 -33.30 12.18 42.68
N ASP W 100 -34.38 12.62 43.35
CA ASP W 100 -35.29 11.76 44.05
C ASP W 100 -36.70 12.37 43.99
N VAL W 101 -37.69 11.67 44.58
CA VAL W 101 -39.08 12.13 44.64
C VAL W 101 -39.24 13.02 45.86
N PRO W 102 -39.86 14.21 45.70
CA PRO W 102 -40.04 15.13 46.82
C PRO W 102 -40.71 14.47 47.99
N GLY W 103 -40.23 14.76 49.20
CA GLY W 103 -40.75 14.14 50.44
C GLY W 103 -40.04 12.84 50.85
N THR W 104 -39.24 12.28 49.94
CA THR W 104 -38.65 10.96 50.13
C THR W 104 -37.13 11.01 50.21
N TYR W 105 -36.55 12.15 50.60
CA TYR W 105 -35.07 12.29 50.69
C TYR W 105 -34.47 11.86 52.02
N GLY W 106 -35.32 11.67 53.02
CA GLY W 106 -34.83 11.41 54.36
C GLY W 106 -34.07 10.10 54.49
N ASN W 107 -34.45 9.10 53.70
CA ASN W 107 -33.78 7.78 53.74
C ASN W 107 -32.52 7.65 52.85
N ASN W 108 -32.19 8.73 52.12
CA ASN W 108 -30.97 8.77 51.27
C ASN W 108 -29.66 8.83 52.05
N SER W 109 -28.59 8.38 51.44
CA SER W 109 -27.30 8.45 52.08
C SER W 109 -26.20 8.68 51.05
N GLY W 110 -25.04 9.08 51.53
CA GLY W 110 -23.92 9.35 50.65
C GLY W 110 -24.02 10.68 49.94
N SER W 111 -23.22 10.80 48.88
CA SER W 111 -22.95 12.10 48.31
C SER W 111 -22.08 12.00 47.06
N PHE W 112 -22.19 13.03 46.21
CA PHE W 112 -21.28 13.23 45.10
C PHE W 112 -20.32 14.39 45.37
N SER W 113 -19.08 14.17 44.95
CA SER W 113 -18.08 15.19 44.93
C SER W 113 -18.12 15.82 43.55
N VAL W 114 -18.15 17.15 43.49
CA VAL W 114 -18.39 17.85 42.24
C VAL W 114 -17.46 19.05 42.11
N ASN W 115 -16.84 19.18 40.93
CA ASN W 115 -16.06 20.34 40.53
C ASN W 115 -16.82 21.05 39.42
N ILE W 116 -16.89 22.37 39.50
CA ILE W 116 -17.42 23.18 38.40
C ILE W 116 -16.43 24.26 38.05
N GLY W 117 -16.18 24.44 36.76
CA GLY W 117 -15.30 25.48 36.28
C GLY W 117 -15.91 26.21 35.09
N LYS W 118 -15.50 27.45 34.91
CA LYS W 118 -15.83 28.22 33.74
C LYS W 118 -14.65 28.06 32.78
N ASP W 119 -14.98 27.93 31.50
CA ASP W 119 -14.03 27.61 30.45
C ASP W 119 -13.76 28.90 29.71
N GLN W 120 -12.72 28.91 28.87
CA GLN W 120 -12.51 29.98 27.89
C GLN W 120 -13.72 30.28 27.00
N SER W 121 -13.85 31.55 26.63
CA SER W 121 -14.83 31.97 25.66
C SER W 121 -14.51 33.35 25.06
N ALA X 1 -8.07 18.58 21.58
CA ALA X 1 -9.25 18.03 22.31
C ALA X 1 -9.74 16.80 21.56
N TRP X 2 -10.32 15.84 22.29
CA TRP X 2 -10.72 14.57 21.69
C TRP X 2 -12.05 14.05 22.26
N LYS X 3 -12.86 13.45 21.38
CA LYS X 3 -14.13 12.82 21.75
C LYS X 3 -14.28 11.49 21.01
N GLY X 4 -14.60 10.45 21.75
CA GLY X 4 -14.78 9.12 21.19
C GLY X 4 -15.35 8.12 22.19
N GLU X 5 -15.56 6.91 21.66
CA GLU X 5 -16.19 5.80 22.37
CA GLU X 5 -16.20 5.80 22.36
C GLU X 5 -15.13 4.81 22.82
N VAL X 6 -15.27 4.30 24.03
CA VAL X 6 -14.38 3.28 24.57
C VAL X 6 -15.26 2.04 24.79
N LEU X 7 -15.11 1.06 23.90
CA LEU X 7 -15.83 -0.21 23.99
C LEU X 7 -15.29 -1.06 25.17
N ALA X 8 -16.23 -1.56 25.97
CA ALA X 8 -15.99 -2.49 27.08
C ALA X 8 -15.22 -3.78 26.73
N ASN X 9 -15.41 -4.26 25.50
CA ASN X 9 -14.76 -5.50 25.02
C ASN X 9 -13.43 -5.29 24.26
N ASN X 10 -12.92 -4.06 24.27
CA ASN X 10 -11.68 -3.69 23.59
C ASN X 10 -10.49 -3.78 24.57
N GLU X 11 -9.88 -4.96 24.61
CA GLU X 11 -8.86 -5.27 25.57
C GLU X 11 -7.61 -4.40 25.38
N ALA X 12 -7.30 -4.05 24.13
CA ALA X 12 -6.17 -3.18 23.79
C ALA X 12 -6.35 -1.71 24.24
N GLY X 13 -7.59 -1.28 24.42
CA GLY X 13 -7.94 0.12 24.74
C GLY X 13 -8.17 0.97 23.51
N GLN X 14 -8.78 2.14 23.70
CA GLN X 14 -9.00 3.12 22.62
C GLN X 14 -7.94 4.21 22.70
N VAL X 15 -7.02 4.27 21.73
CA VAL X 15 -5.98 5.30 21.71
C VAL X 15 -6.66 6.60 21.32
N THR X 16 -6.28 7.70 21.95
CA THR X 16 -6.89 8.99 21.67
C THR X 16 -5.88 9.82 20.88
N SER X 17 -6.29 11.01 20.41
CA SER X 17 -5.38 11.97 19.77
C SER X 17 -4.57 12.83 20.76
N ILE X 18 -4.82 12.65 22.05
CA ILE X 18 -4.20 13.47 23.09
C ILE X 18 -2.80 12.94 23.50
N ILE X 19 -1.77 13.76 23.29
CA ILE X 19 -0.46 13.46 23.79
C ILE X 19 -0.33 14.30 25.00
N TYR X 20 -0.27 13.64 26.18
CA TYR X 20 -0.02 14.32 27.43
C TYR X 20 1.45 14.72 27.53
N ASN X 21 1.67 16.03 27.67
CA ASN X 21 3.01 16.62 27.77
C ASN X 21 3.28 17.17 29.20
N PRO X 22 4.57 17.20 29.60
CA PRO X 22 4.89 17.71 30.93
C PRO X 22 4.20 19.05 31.23
N GLY X 23 3.60 19.16 32.42
CA GLY X 23 2.85 20.37 32.80
C GLY X 23 1.47 20.57 32.22
N ASP X 24 1.03 19.69 31.35
CA ASP X 24 -0.32 19.83 30.73
C ASP X 24 -1.39 19.72 31.84
N VAL X 25 -2.47 20.49 31.73
CA VAL X 25 -3.62 20.37 32.64
C VAL X 25 -4.73 19.77 31.75
N ILE X 26 -5.33 18.66 32.17
CA ILE X 26 -6.39 18.05 31.37
C ILE X 26 -7.70 17.84 32.14
N THR X 27 -8.80 17.87 31.39
CA THR X 27 -10.14 17.51 31.88
C THR X 27 -10.72 16.40 31.05
N ILE X 28 -11.15 15.36 31.74
CA ILE X 28 -11.87 14.20 31.16
C ILE X 28 -13.29 14.12 31.74
N VAL X 29 -14.27 13.98 30.86
CA VAL X 29 -15.64 13.66 31.27
C VAL X 29 -16.08 12.38 30.54
N ALA X 30 -16.41 11.34 31.32
CA ALA X 30 -16.82 10.02 30.81
C ALA X 30 -18.28 9.75 31.18
N ALA X 31 -19.04 9.19 30.25
CA ALA X 31 -20.44 8.84 30.44
C ALA X 31 -20.78 7.54 29.70
N GLY X 32 -21.87 6.90 30.13
CA GLY X 32 -22.43 5.74 29.46
C GLY X 32 -22.55 4.50 30.35
N TRP X 33 -22.97 3.42 29.72
CA TRP X 33 -23.26 2.15 30.40
C TRP X 33 -22.54 0.99 29.72
N ALA X 34 -21.98 0.12 30.54
CA ALA X 34 -21.21 -1.05 30.05
C ALA X 34 -21.29 -2.20 31.06
N SER X 35 -20.89 -3.39 30.63
CA SER X 35 -20.81 -4.60 31.45
C SER X 35 -19.53 -5.43 31.27
N TYR X 36 -19.06 -6.03 32.36
CA TYR X 36 -17.91 -6.95 32.33
C TYR X 36 -18.41 -8.40 32.12
N GLY X 37 -19.71 -8.59 31.95
CA GLY X 37 -20.27 -9.94 31.76
C GLY X 37 -21.74 -10.04 32.10
N PRO X 38 -22.13 -9.59 33.30
CA PRO X 38 -23.56 -9.67 33.70
C PRO X 38 -24.52 -8.96 32.76
N THR X 39 -25.81 -9.29 32.85
CA THR X 39 -26.85 -8.64 32.01
C THR X 39 -27.08 -7.16 32.49
N GLN X 40 -26.79 -6.93 33.76
CA GLN X 40 -26.75 -5.60 34.33
C GLN X 40 -25.60 -4.73 33.70
N LYS X 41 -25.75 -3.41 33.81
CA LYS X 41 -24.78 -2.41 33.35
C LYS X 41 -24.39 -1.40 34.42
N TRP X 42 -23.17 -0.91 34.33
CA TRP X 42 -22.61 0.02 35.25
C TRP X 42 -22.00 1.18 34.47
N GLY X 43 -21.93 2.32 35.12
CA GLY X 43 -21.26 3.48 34.62
C GLY X 43 -19.75 3.40 34.79
N PRO X 44 -19.07 4.48 34.40
CA PRO X 44 -17.62 4.50 34.39
C PRO X 44 -16.92 4.35 35.76
N GLN X 45 -17.66 4.31 36.88
CA GLN X 45 -17.04 3.94 38.16
C GLN X 45 -17.01 2.43 38.38
N GLY X 46 -17.67 1.69 37.49
CA GLY X 46 -17.71 0.24 37.57
C GLY X 46 -18.63 -0.29 38.67
N ASP X 47 -18.34 -1.52 39.07
CA ASP X 47 -19.17 -2.26 40.00
C ASP X 47 -18.46 -2.31 41.35
N ARG X 48 -18.94 -1.49 42.26
CA ARG X 48 -18.38 -1.46 43.60
C ARG X 48 -18.52 -2.76 44.42
N GLU X 49 -19.41 -3.68 44.00
CA GLU X 49 -19.68 -4.93 44.75
C GLU X 49 -18.82 -6.10 44.28
N HIS X 50 -18.09 -5.93 43.20
CA HIS X 50 -17.37 -7.04 42.57
C HIS X 50 -15.90 -7.11 43.05
N PRO X 51 -15.41 -8.33 43.42
CA PRO X 51 -14.03 -8.47 43.85
C PRO X 51 -13.07 -8.33 42.65
N ASP X 52 -11.85 -7.90 42.96
CA ASP X 52 -10.76 -7.74 41.99
C ASP X 52 -10.09 -9.10 41.83
N GLN X 53 -10.32 -9.75 40.68
CA GLN X 53 -9.72 -11.04 40.39
C GLN X 53 -8.57 -10.93 39.43
N GLY X 54 -7.84 -9.81 39.49
CA GLY X 54 -6.70 -9.57 38.61
C GLY X 54 -6.96 -8.53 37.54
N LEU X 55 -7.64 -7.45 37.93
CA LEU X 55 -7.93 -6.30 37.04
C LEU X 55 -6.61 -5.68 36.54
N ILE X 56 -6.63 -5.11 35.34
CA ILE X 56 -5.50 -4.31 34.82
C ILE X 56 -5.20 -3.03 35.63
N CYS X 57 -6.17 -2.54 36.39
CA CYS X 57 -5.97 -1.46 37.34
C CYS X 57 -6.51 -1.82 38.72
N HIS X 58 -5.62 -2.10 39.67
CA HIS X 58 -6.07 -2.47 41.04
C HIS X 58 -6.62 -1.30 41.84
N ASP X 59 -6.46 -0.08 41.34
CA ASP X 59 -6.95 1.12 42.04
C ASP X 59 -8.31 1.60 41.53
N ALA X 60 -9.02 0.74 40.82
CA ALA X 60 -10.36 1.06 40.37
C ALA X 60 -11.17 -0.20 40.39
N PHE X 61 -12.50 -0.05 40.41
CA PHE X 61 -13.42 -1.18 40.36
C PHE X 61 -13.43 -1.86 39.02
N CYS X 62 -13.84 -3.13 39.00
CA CYS X 62 -14.21 -3.82 37.76
C CYS X 62 -15.29 -3.04 37.00
N GLY X 63 -15.04 -2.79 35.71
CA GLY X 63 -15.94 -2.03 34.84
C GLY X 63 -15.80 -0.52 34.90
N ALA X 64 -14.78 -0.07 35.62
CA ALA X 64 -14.41 1.32 35.63
C ALA X 64 -13.63 1.66 34.34
N LEU X 65 -13.71 2.94 33.97
CA LEU X 65 -12.79 3.50 32.96
C LEU X 65 -11.42 3.85 33.59
N VAL X 66 -10.37 3.40 32.94
CA VAL X 66 -8.99 3.71 33.35
C VAL X 66 -8.18 4.17 32.10
N MET X 67 -6.94 4.59 32.29
CA MET X 67 -6.12 5.01 31.15
C MET X 67 -4.67 4.63 31.33
N LYS X 68 -3.92 4.67 30.22
CA LYS X 68 -2.45 4.71 30.24
C LYS X 68 -1.99 5.97 29.52
N ILE X 69 -0.93 6.58 30.04
CA ILE X 69 -0.24 7.67 29.37
C ILE X 69 1.16 7.22 28.97
N GLY X 70 1.45 7.04 27.70
CA GLY X 70 2.80 6.60 27.31
C GLY X 70 3.03 5.22 27.93
N ASN X 71 4.21 5.00 28.49
CA ASN X 71 4.54 3.72 29.16
C ASN X 71 4.23 3.73 30.64
N SER X 72 3.27 4.58 31.06
CA SER X 72 2.79 4.55 32.44
C SER X 72 2.05 3.23 32.73
N GLY X 73 1.88 2.94 34.02
CA GLY X 73 0.90 1.96 34.42
C GLY X 73 -0.53 2.50 34.31
N THR X 74 -1.50 1.67 34.63
CA THR X 74 -2.89 2.11 34.54
C THR X 74 -3.15 3.18 35.61
N ILE X 75 -4.08 4.09 35.30
CA ILE X 75 -4.43 5.25 36.13
C ILE X 75 -5.96 5.28 36.05
N PRO X 76 -6.63 5.25 37.20
CA PRO X 76 -8.10 5.41 37.25
C PRO X 76 -8.59 6.69 36.62
N VAL X 77 -9.63 6.61 35.80
CA VAL X 77 -10.29 7.80 35.27
C VAL X 77 -11.69 7.96 35.87
N ASN X 78 -12.45 6.85 35.88
CA ASN X 78 -13.80 6.77 36.44
C ASN X 78 -14.72 7.74 35.65
N THR X 79 -15.46 8.63 36.32
CA THR X 79 -16.33 9.60 35.64
C THR X 79 -15.58 10.73 34.96
N GLY X 80 -14.31 10.90 35.32
CA GLY X 80 -13.44 11.92 34.73
C GLY X 80 -12.42 12.49 35.72
N LEU X 81 -11.72 13.53 35.24
CA LEU X 81 -10.63 14.18 35.93
C LEU X 81 -10.84 15.66 35.68
N PHE X 82 -10.74 16.47 36.73
CA PHE X 82 -10.97 17.91 36.60
C PHE X 82 -9.68 18.67 36.75
N ARG X 83 -9.28 19.34 35.65
CA ARG X 83 -8.07 20.18 35.61
C ARG X 83 -6.90 19.46 36.30
N TRP X 84 -6.66 18.27 35.78
CA TRP X 84 -5.76 17.31 36.36
C TRP X 84 -4.36 17.40 35.77
N VAL X 85 -3.39 17.25 36.65
CA VAL X 85 -1.95 17.25 36.34
C VAL X 85 -1.35 15.91 36.79
N ALA X 86 -0.75 15.22 35.82
CA ALA X 86 -0.20 13.90 36.00
C ALA X 86 0.96 13.84 36.96
N PRO X 87 1.19 12.66 37.57
CA PRO X 87 2.42 12.45 38.33
C PRO X 87 3.67 12.82 37.56
N ASN X 88 4.72 13.16 38.30
CA ASN X 88 6.04 13.49 37.72
C ASN X 88 6.51 12.37 36.75
N ASN X 89 6.98 12.80 35.58
CA ASN X 89 7.59 11.95 34.59
C ASN X 89 6.61 11.00 33.88
N VAL X 90 5.33 11.35 33.88
CA VAL X 90 4.34 10.66 33.07
C VAL X 90 4.06 11.53 31.83
N GLN X 91 4.20 10.94 30.64
CA GLN X 91 3.88 11.58 29.37
C GLN X 91 3.69 10.60 28.18
N GLY X 92 3.08 11.09 27.10
CA GLY X 92 2.86 10.29 25.88
C GLY X 92 1.38 10.25 25.55
N ALA X 93 1.01 9.46 24.56
CA ALA X 93 -0.38 9.36 24.10
C ALA X 93 -1.22 8.75 25.17
N ILE X 94 -2.46 9.26 25.30
CA ILE X 94 -3.47 8.68 26.21
C ILE X 94 -4.30 7.59 25.48
N THR X 95 -4.29 6.40 26.07
CA THR X 95 -5.13 5.28 25.70
C THR X 95 -6.15 5.04 26.84
N LEU X 96 -7.42 4.95 26.49
CA LEU X 96 -8.48 4.70 27.47
C LEU X 96 -8.84 3.22 27.42
N ILE X 97 -9.08 2.62 28.58
CA ILE X 97 -9.25 1.18 28.66
C ILE X 97 -10.33 0.86 29.68
N TYR X 98 -11.22 -0.06 29.34
CA TYR X 98 -12.18 -0.62 30.30
C TYR X 98 -11.40 -1.54 31.28
N ASN X 99 -11.66 -1.42 32.58
CA ASN X 99 -11.05 -2.25 33.60
C ASN X 99 -11.72 -3.61 33.73
N ASP X 100 -10.97 -4.63 33.35
CA ASP X 100 -11.41 -6.00 33.48
C ASP X 100 -10.16 -6.88 33.61
N VAL X 101 -10.37 -8.19 33.73
CA VAL X 101 -9.27 -9.12 33.91
C VAL X 101 -8.77 -9.52 32.53
N PRO X 102 -7.44 -9.51 32.32
CA PRO X 102 -6.93 -9.95 31.01
C PRO X 102 -7.46 -11.34 30.61
N GLY X 103 -7.77 -11.48 29.33
CA GLY X 103 -8.39 -12.67 28.79
C GLY X 103 -9.89 -12.77 29.01
N THR X 104 -10.52 -11.80 29.68
CA THR X 104 -11.93 -11.93 29.99
C THR X 104 -12.79 -10.81 29.39
N TYR X 105 -12.26 -10.12 28.38
CA TYR X 105 -12.98 -9.02 27.74
C TYR X 105 -14.07 -9.42 26.72
N GLY X 106 -14.01 -10.66 26.29
CA GLY X 106 -14.84 -11.16 25.19
C GLY X 106 -16.32 -11.22 25.47
N ASN X 107 -16.69 -11.27 26.74
CA ASN X 107 -18.11 -11.23 27.10
C ASN X 107 -18.59 -9.85 27.61
N ASN X 108 -17.82 -8.81 27.34
CA ASN X 108 -18.15 -7.46 27.79
C ASN X 108 -19.05 -6.79 26.80
N SER X 109 -19.81 -5.79 27.23
CA SER X 109 -20.72 -5.11 26.30
C SER X 109 -20.89 -3.66 26.70
N GLY X 110 -21.41 -2.85 25.78
CA GLY X 110 -21.58 -1.44 26.02
C GLY X 110 -20.30 -0.64 25.85
N SER X 111 -20.38 0.64 26.20
CA SER X 111 -19.25 1.56 26.02
C SER X 111 -19.44 2.84 26.79
N PHE X 112 -18.34 3.60 26.90
CA PHE X 112 -18.36 4.95 27.44
C PHE X 112 -18.02 5.93 26.32
N SER X 113 -18.71 7.05 26.33
CA SER X 113 -18.42 8.18 25.43
C SER X 113 -17.59 9.11 26.30
N VAL X 114 -16.45 9.56 25.77
CA VAL X 114 -15.45 10.29 26.56
C VAL X 114 -15.01 11.57 25.83
N ASN X 115 -15.00 12.68 26.57
CA ASN X 115 -14.38 13.92 26.08
C ASN X 115 -13.09 14.14 26.82
N ILE X 116 -12.01 14.45 26.11
CA ILE X 116 -10.77 14.92 26.79
C ILE X 116 -10.38 16.26 26.22
N GLY X 117 -10.11 17.21 27.08
CA GLY X 117 -9.58 18.49 26.64
C GLY X 117 -8.35 18.88 27.44
N LYS X 118 -7.49 19.69 26.82
CA LYS X 118 -6.43 20.40 27.54
C LYS X 118 -6.95 21.75 28.02
N ASP X 119 -6.71 22.01 29.31
CA ASP X 119 -7.06 23.22 30.00
C ASP X 119 -5.96 24.21 29.89
N GLN X 120 -6.23 25.44 30.32
CA GLN X 120 -5.17 26.45 30.40
C GLN X 120 -4.16 26.09 31.48
N SER X 121 -2.93 26.47 31.23
CA SER X 121 -1.90 26.23 32.20
C SER X 121 -0.79 27.22 32.00
C2 BGC Y . -24.75 -56.93 -48.45
C3 BGC Y . -25.05 -55.90 -47.36
C4 BGC Y . -23.76 -55.56 -46.57
C5 BGC Y . -22.61 -55.17 -47.51
C6 BGC Y . -21.27 -54.85 -46.83
C1 BGC Y . -23.54 -56.49 -49.26
O1 BGC Y . -23.20 -57.57 -50.10
O2 BGC Y . -25.83 -57.09 -49.36
O3 BGC Y . -25.99 -56.46 -46.49
O4 BGC Y . -24.04 -54.48 -45.77
O5 BGC Y . -22.41 -56.22 -48.42
O6 BGC Y . -20.86 -55.92 -46.00
C1 GAL Y . -23.79 -54.75 -44.40
C2 GAL Y . -23.82 -53.44 -43.61
C3 GAL Y . -23.68 -53.65 -42.08
C4 GAL Y . -24.60 -54.81 -41.63
C5 GAL Y . -24.35 -56.00 -42.55
C6 GAL Y . -25.05 -57.28 -42.08
O2 GAL Y . -22.79 -52.59 -44.06
O3 GAL Y . -24.00 -52.45 -41.36
O4 GAL Y . -25.94 -54.40 -41.75
O5 GAL Y . -24.72 -55.65 -43.89
O6 GAL Y . -24.17 -58.37 -42.36
C1 GLA Y . -22.86 -52.00 -40.57
C2 GLA Y . -23.34 -51.51 -39.24
C3 GLA Y . -24.07 -50.16 -39.36
C4 GLA Y . -23.19 -49.12 -40.06
C5 GLA Y . -22.66 -49.74 -41.38
C6 GLA Y . -21.73 -48.79 -42.11
O2 GLA Y . -24.15 -52.53 -38.74
O3 GLA Y . -24.43 -49.72 -38.11
O4 GLA Y . -22.16 -48.73 -39.18
O5 GLA Y . -22.04 -51.00 -41.16
O6 GLA Y . -21.46 -49.24 -43.42
C2 BGC Z . -3.16 -74.53 -34.28
C3 BGC Z . -2.05 -73.90 -35.13
C4 BGC Z . -2.37 -72.45 -35.51
C5 BGC Z . -2.97 -71.63 -34.37
C6 BGC Z . -3.64 -70.32 -34.78
C1 BGC Z . -3.37 -73.59 -33.11
O1 BGC Z . -4.20 -74.24 -32.17
O2 BGC Z . -2.81 -75.82 -33.83
O3 BGC Z . -1.90 -74.66 -36.31
O4 BGC Z . -1.12 -71.91 -35.92
O5 BGC Z . -3.91 -72.39 -33.62
O6 BGC Z . -4.21 -70.39 -36.09
C1 GAL Z . -1.22 -71.27 -37.21
C2 GAL Z . -0.04 -70.29 -37.44
C3 GAL Z . 0.02 -69.81 -38.88
C4 GAL Z . -0.16 -70.98 -39.85
C5 GAL Z . -1.40 -71.80 -39.48
C6 GAL Z . -1.63 -72.96 -40.45
O2 GAL Z . -0.20 -69.18 -36.58
O3 GAL Z . 1.28 -69.18 -39.13
O4 GAL Z . 0.97 -71.83 -39.74
O5 GAL Z . -1.22 -72.27 -38.17
O6 GAL Z . -2.92 -73.55 -40.30
C1 GLA Z . 1.17 -67.75 -39.35
C2 GLA Z . 2.17 -67.34 -40.40
C3 GLA Z . 3.57 -67.67 -39.91
C4 GLA Z . 3.86 -67.01 -38.55
C5 GLA Z . 2.71 -67.27 -37.58
C6 GLA Z . 2.89 -66.39 -36.34
O2 GLA Z . 1.94 -68.08 -41.56
O3 GLA Z . 4.48 -67.28 -40.92
O4 GLA Z . 4.06 -65.63 -38.73
O5 GLA Z . 1.46 -67.00 -38.20
O6 GLA Z . 2.11 -66.87 -35.27
C1 GLC AA . 44.80 0.77 -20.05
C2 GLC AA . 45.37 0.81 -18.63
C3 GLC AA . 44.86 -0.33 -17.75
C4 GLC AA . 43.36 -0.59 -17.94
C5 GLC AA . 42.97 -0.66 -19.41
C6 GLC AA . 41.46 -0.80 -19.60
O1 GLC AA . 45.44 -0.24 -20.81
O2 GLC AA . 46.79 0.74 -18.66
O3 GLC AA . 45.05 -0.01 -16.38
O4 GLC AA . 43.08 -1.81 -17.32
O5 GLC AA . 43.41 0.53 -20.05
O6 GLC AA . 40.80 0.30 -19.03
C1 GAL AA . 41.97 -1.72 -16.42
C2 GAL AA . 41.49 -3.13 -16.02
C3 GAL AA . 40.51 -3.12 -14.84
C4 GAL AA . 40.94 -2.11 -13.76
C5 GAL AA . 41.15 -0.77 -14.48
C6 GAL AA . 41.26 0.49 -13.60
O2 GAL AA . 40.91 -3.71 -17.18
O3 GAL AA . 40.35 -4.40 -14.23
O4 GAL AA . 42.09 -2.57 -13.05
O5 GAL AA . 42.31 -0.97 -15.29
O6 GAL AA . 42.60 0.58 -13.12
C1 GLA AA . 39.00 -4.89 -14.35
C2 GLA AA . 38.66 -5.71 -13.13
C3 GLA AA . 39.52 -6.96 -13.09
C4 GLA AA . 39.32 -7.74 -14.38
C5 GLA AA . 39.60 -6.83 -15.58
C6 GLA AA . 39.45 -7.55 -16.92
O2 GLA AA . 38.79 -4.94 -11.96
O3 GLA AA . 39.08 -7.70 -11.98
O4 GLA AA . 38.00 -8.35 -14.28
O5 GLA AA . 38.80 -5.64 -15.54
O6 GLA AA . 40.00 -6.81 -17.98
C2 BGC BA . 17.77 16.26 -15.26
C3 BGC BA . 17.33 15.97 -16.68
C4 BGC BA . 18.10 14.78 -17.28
C5 BGC BA . 18.09 13.58 -16.33
C6 BGC BA . 18.97 12.45 -16.87
C1 BGC BA . 17.88 15.00 -14.39
O1 BGC BA . 18.63 15.31 -13.23
O2 BGC BA . 16.77 17.12 -14.74
O3 BGC BA . 17.46 17.12 -17.51
O4 BGC BA . 17.41 14.41 -18.46
O5 BGC BA . 18.58 13.94 -15.04
O6 BGC BA . 20.12 12.96 -17.53
C1 GAL BA . 18.24 14.31 -19.64
C2 GAL BA . 17.38 13.70 -20.76
C3 GAL BA . 18.22 13.50 -22.01
C4 GAL BA . 18.89 14.81 -22.42
C5 GAL BA . 19.55 15.51 -21.21
C6 GAL BA . 19.93 16.94 -21.50
O2 GAL BA . 16.98 12.43 -20.35
O3 GAL BA . 17.40 12.97 -23.05
O4 GAL BA . 17.95 15.65 -23.05
O5 GAL BA . 18.73 15.57 -20.05
O6 GAL BA . 21.01 17.19 -20.63
C1 GLA BA . 17.78 11.64 -23.53
C2 GLA BA . 17.59 11.62 -25.04
C3 GLA BA . 16.11 11.88 -25.38
C4 GLA BA . 15.23 10.86 -24.64
C5 GLA BA . 15.58 10.77 -23.14
C6 GLA BA . 14.76 9.68 -22.47
O2 GLA BA . 18.36 12.65 -25.62
O3 GLA BA . 15.94 11.84 -26.78
O4 GLA BA . 15.43 9.58 -25.24
O5 GLA BA . 16.99 10.59 -22.96
O6 GLA BA . 14.59 9.82 -21.06
C1 GLC CA . -24.03 -57.91 -15.10
C2 GLC CA . -25.28 -58.08 -14.23
C3 GLC CA . -25.55 -56.90 -13.36
C4 GLC CA . -24.23 -56.48 -12.70
C5 GLC CA . -23.28 -55.92 -13.78
C6 GLC CA . -21.80 -55.76 -13.36
O1 GLC CA . -24.36 -58.21 -16.45
O2 GLC CA . -26.51 -58.31 -14.89
O3 GLC CA . -26.48 -57.34 -12.41
O4 GLC CA . -24.57 -55.54 -11.70
O5 GLC CA . -23.39 -56.63 -15.04
O6 GLC CA . -21.33 -56.82 -12.52
C1 GAL CA . -24.02 -55.83 -10.40
C2 GAL CA . -24.01 -54.48 -9.67
C3 GAL CA . -23.69 -54.58 -8.20
C4 GAL CA . -24.60 -55.65 -7.56
C5 GAL CA . -24.42 -56.94 -8.36
C6 GAL CA . -25.17 -58.14 -7.77
O2 GAL CA . -23.13 -53.60 -10.34
O3 GAL CA . -23.93 -53.30 -7.60
O4 GAL CA . -25.96 -55.24 -7.58
O5 GAL CA . -24.79 -56.77 -9.72
O6 GAL CA . -24.66 -59.30 -8.38
C1 GLA CA . -22.77 -52.87 -6.85
C2 GLA CA . -23.09 -52.33 -5.48
C3 GLA CA . -23.94 -51.08 -5.58
C4 GLA CA . -23.21 -50.03 -6.41
C5 GLA CA . -22.77 -50.64 -7.75
C6 GLA CA . -21.91 -49.67 -8.53
O2 GLA CA . -23.65 -53.27 -4.57
O3 GLA CA . -24.18 -50.61 -4.26
O4 GLA CA . -22.16 -49.43 -5.63
O5 GLA CA . -22.08 -51.88 -7.56
O6 GLA CA . -21.85 -50.00 -9.92
C2 BGC DA . -2.00 -74.72 -2.58
C3 BGC DA . -0.90 -74.06 -3.42
C4 BGC DA . -1.35 -72.67 -3.88
C5 BGC DA . -2.01 -71.81 -2.80
C6 BGC DA . -2.69 -70.59 -3.37
C1 BGC DA . -2.47 -73.74 -1.51
O1 BGC DA . -3.44 -74.37 -0.69
O2 BGC DA . -1.51 -75.90 -1.97
O3 BGC DA . -0.62 -74.86 -4.55
O4 BGC DA . -0.24 -72.01 -4.41
O5 BGC DA . -3.00 -72.55 -2.12
O6 BGC DA . -3.25 -69.86 -2.31
C1 GAL DA . -0.55 -71.49 -5.69
C2 GAL DA . 0.62 -70.59 -6.11
C3 GAL DA . 0.44 -70.07 -7.51
C4 GAL DA . 0.18 -71.28 -8.43
C5 GAL DA . -1.00 -72.10 -7.91
C6 GAL DA . -1.34 -73.34 -8.75
O2 GAL DA . 0.70 -69.50 -5.24
O3 GAL DA . 1.66 -69.45 -7.88
O4 GAL DA . 1.33 -72.09 -8.50
O5 GAL DA . -0.75 -72.53 -6.59
O6 GAL DA . -2.50 -73.91 -8.14
C1 GLA DA . 1.64 -68.03 -8.12
C2 GLA DA . 2.52 -67.67 -9.31
C3 GLA DA . 3.98 -67.93 -9.01
C4 GLA DA . 4.40 -67.15 -7.77
C5 GLA DA . 3.44 -67.45 -6.60
C6 GLA DA . 3.70 -66.57 -5.39
O2 GLA DA . 2.15 -68.39 -10.47
O3 GLA DA . 4.71 -67.51 -10.14
O4 GLA DA . 4.42 -65.75 -8.15
O5 GLA DA . 2.09 -67.29 -6.99
O6 GLA DA . 2.87 -66.87 -4.25
C2 BGC EA . 47.28 0.67 7.83
C3 BGC EA . 46.86 -0.25 8.96
C4 BGC EA . 45.37 -0.60 8.80
C5 BGC EA . 44.99 -0.99 7.36
C6 BGC EA . 43.48 -0.88 7.06
C1 BGC EA . 47.00 -0.05 6.51
O1 BGC EA . 47.49 0.71 5.42
O2 BGC EA . 48.64 1.00 7.99
O3 BGC EA . 47.17 0.33 10.22
O4 BGC EA . 45.19 -1.69 9.65
O5 BGC EA . 45.58 -0.15 6.39
O6 BGC EA . 42.97 0.44 7.17
C1 GAL EA . 44.09 -1.53 10.54
C2 GAL EA . 43.67 -2.93 10.98
C3 GAL EA . 42.70 -2.91 12.15
C4 GAL EA . 43.07 -1.85 13.21
C5 GAL EA . 43.43 -0.52 12.54
C6 GAL EA . 43.82 0.61 13.50
O2 GAL EA . 43.04 -3.61 9.91
O3 GAL EA . 42.57 -4.23 12.69
O4 GAL EA . 44.13 -2.29 14.03
O5 GAL EA . 44.49 -0.72 11.61
O6 GAL EA . 43.46 1.81 12.85
C1 GLA EA . 41.22 -4.69 12.70
C2 GLA EA . 40.86 -5.48 13.96
C3 GLA EA . 41.57 -6.83 14.12
C4 GLA EA . 41.35 -7.66 12.87
C5 GLA EA . 41.73 -6.76 11.67
C6 GLA EA . 41.47 -7.47 10.36
O2 GLA EA . 40.97 -4.70 15.14
O3 GLA EA . 41.04 -7.47 15.27
O4 GLA EA . 40.03 -8.39 12.93
O5 GLA EA . 41.03 -5.51 11.59
O6 GLA EA . 41.92 -6.62 9.31
C2 BGC FA . 19.87 16.39 12.61
C3 BGC FA . 19.25 16.07 11.26
C4 BGC FA . 19.96 14.94 10.56
C5 BGC FA . 20.15 13.70 11.47
C6 BGC FA . 21.00 12.60 10.84
C1 BGC FA . 20.14 15.12 13.41
O1 BGC FA . 21.03 15.49 14.45
O2 BGC FA . 18.97 17.23 13.32
O3 BGC FA . 19.25 17.18 10.37
O4 BGC FA . 19.14 14.70 9.42
O5 BGC FA . 20.77 14.08 12.69
O6 BGC FA . 22.18 13.06 10.22
C1 GAL FA . 19.92 14.51 8.23
C2 GAL FA . 19.06 13.73 7.23
C3 GAL FA . 19.78 13.57 5.91
C4 GAL FA . 20.41 14.91 5.47
C5 GAL FA . 21.20 15.52 6.61
C6 GAL FA . 21.84 16.85 6.22
O2 GAL FA . 18.77 12.46 7.81
O3 GAL FA . 18.86 13.15 4.91
O4 GAL FA . 19.36 15.80 5.15
O5 GAL FA . 20.28 15.74 7.65
O6 GAL FA . 22.99 17.10 7.04
C1 GLA FA . 19.19 11.83 4.35
C2 GLA FA . 18.91 11.78 2.86
C3 GLA FA . 17.42 11.97 2.57
C4 GLA FA . 16.61 10.90 3.30
C5 GLA FA . 17.03 10.90 4.78
C6 GLA FA . 16.31 9.82 5.55
O2 GLA FA . 19.67 12.69 2.09
O3 GLA FA . 17.26 11.91 1.17
O4 GLA FA . 16.71 9.63 2.63
O5 GLA FA . 18.45 10.81 4.97
O6 GLA FA . 16.30 10.06 6.94
C2 BGC GA . -23.25 -57.63 12.02
C3 BGC GA . -23.48 -56.64 13.16
C4 BGC GA . -22.14 -56.22 13.76
C5 BGC GA . -21.24 -55.65 12.67
C6 BGC GA . -19.79 -55.37 13.16
C1 BGC GA . -22.38 -56.94 10.97
O1 BGC GA . -22.08 -57.85 9.90
O2 BGC GA . -24.48 -58.07 11.45
O3 BGC GA . -24.31 -57.17 14.15
O4 BGC GA . -22.40 -55.18 14.65
O5 BGC GA . -21.16 -56.57 11.60
O6 BGC GA . -19.24 -56.41 13.96
C1 GAL GA . -21.94 -55.40 15.96
C2 GAL GA . -21.91 -54.02 16.65
C3 GAL GA . -21.65 -54.18 18.12
C4 GAL GA . -22.59 -55.20 18.73
C5 GAL GA . -22.36 -56.50 17.99
C6 GAL GA . -23.06 -57.66 18.68
O2 GAL GA . -20.92 -53.19 16.06
O3 GAL GA . -21.90 -52.99 18.80
O4 GAL GA . -23.94 -54.77 18.56
O5 GAL GA . -22.71 -56.38 16.63
O6 GAL GA . -22.50 -58.80 18.07
C1 GLA GA . -20.78 -52.62 19.63
C2 GLA GA . -21.16 -52.09 20.98
C3 GLA GA . -22.00 -50.81 20.83
C4 GLA GA . -21.22 -49.78 20.07
C5 GLA GA . -20.75 -50.38 18.75
C6 GLA GA . -19.83 -49.47 17.95
O2 GLA GA . -21.86 -53.02 21.78
O3 GLA GA . -22.27 -50.39 22.13
O4 GLA GA . -20.23 -49.28 20.97
O5 GLA GA . -20.06 -51.61 18.96
O6 GLA GA . -19.56 -49.89 16.62
C2 BGC HA . -0.72 -74.57 25.59
C3 BGC HA . 0.41 -74.05 24.69
C4 BGC HA . 0.01 -72.76 24.00
C5 BGC HA . -0.67 -71.76 24.95
C6 BGC HA . -1.44 -70.70 24.18
C1 BGC HA . -1.06 -73.45 26.55
O1 BGC HA . -2.01 -73.98 27.43
O2 BGC HA . -0.31 -75.70 26.35
O3 BGC HA . 0.65 -74.99 23.69
O4 BGC HA . 1.18 -72.22 23.45
O5 BGC HA . -1.61 -72.37 25.82
O6 BGC HA . -1.94 -69.91 25.21
C1 GAL HA . 0.98 -71.69 22.13
C2 GAL HA . 2.15 -70.75 21.82
C3 GAL HA . 2.13 -70.24 20.38
C4 GAL HA . 1.89 -71.43 19.44
C5 GAL HA . 0.70 -72.27 19.90
C6 GAL HA . 0.48 -73.45 18.94
O2 GAL HA . 2.15 -69.66 22.70
O3 GAL HA . 3.38 -69.66 20.08
O4 GAL HA . 3.01 -72.28 19.39
O5 GAL HA . 0.92 -72.73 21.22
O6 GAL HA . -0.84 -73.96 19.04
C1 GLA HA . 3.37 -68.23 19.92
C2 GLA HA . 4.30 -67.91 18.75
C3 GLA HA . 5.73 -68.22 19.10
C4 GLA HA . 6.11 -67.41 20.34
C5 GLA HA . 5.13 -67.69 21.49
C6 GLA HA . 5.39 -66.83 22.71
O2 GLA HA . 3.93 -68.70 17.65
O3 GLA HA . 6.54 -67.88 18.00
O4 GLA HA . 6.14 -66.04 19.94
O5 GLA HA . 3.77 -67.53 21.09
O6 GLA HA . 4.59 -67.21 23.79
C2 BGC IA . 49.29 0.34 32.73
C3 BGC IA . 49.02 -0.84 33.65
C4 BGC IA . 47.55 -0.81 34.06
C5 BGC IA . 46.67 -0.79 32.79
C6 BGC IA . 45.16 -0.74 32.99
C1 BGC IA . 48.35 0.19 31.55
O1 BGC IA . 48.66 1.17 30.60
O2 BGC IA . 50.63 0.28 32.31
O3 BGC IA . 49.95 -0.85 34.72
O4 BGC IA . 47.33 -1.99 34.77
O5 BGC IA . 47.03 0.34 32.04
O6 BGC IA . 44.84 0.20 34.00
C1 GAL IA . 46.55 -1.85 35.95
C2 GAL IA . 46.10 -3.28 36.30
C3 GAL IA . 45.42 -3.32 37.67
C4 GAL IA . 46.29 -2.66 38.73
C5 GAL IA . 46.57 -1.23 38.25
C6 GAL IA . 47.28 -0.39 39.33
O2 GAL IA . 45.26 -3.79 35.28
O3 GAL IA . 45.12 -4.64 38.11
O4 GAL IA . 47.49 -3.38 38.97
O5 GAL IA . 47.30 -1.29 37.02
O6 GAL IA . 48.13 0.55 38.69
C1 GLA IA . 43.71 -4.90 38.13
C2 GLA IA . 43.37 -5.65 39.42
C3 GLA IA . 44.11 -6.99 39.35
C4 GLA IA . 43.68 -7.75 38.08
C5 GLA IA . 43.97 -6.89 36.84
C6 GLA IA . 43.68 -7.60 35.52
O2 GLA IA . 43.67 -4.94 40.63
O3 GLA IA . 43.84 -7.69 40.53
O4 GLA IA . 42.33 -8.18 38.21
O5 GLA IA . 43.30 -5.64 36.98
O6 GLA IA . 44.11 -6.86 34.39
C2 BGC JA . 22.18 16.82 39.41
C3 BGC JA . 21.64 16.42 38.06
C4 BGC JA . 22.24 15.08 37.63
C5 BGC JA . 22.32 14.01 38.71
C6 BGC JA . 23.30 12.93 38.28
C1 BGC JA . 21.90 15.65 40.37
O1 BGC JA . 22.16 16.03 41.70
O2 BGC JA . 21.58 18.05 39.82
O3 BGC JA . 22.01 17.37 37.09
O4 BGC JA . 21.40 14.58 36.64
O5 BGC JA . 22.72 14.54 39.96
O6 BGC JA . 23.09 11.92 39.22
C1 GAL JA . 22.07 14.31 35.40
C2 GAL JA . 21.10 13.53 34.50
C3 GAL JA . 21.74 13.29 33.13
C4 GAL JA . 22.47 14.53 32.59
C5 GAL JA . 23.29 15.23 33.65
C6 GAL JA . 23.83 16.55 33.07
O2 GAL JA . 20.80 12.31 35.15
O3 GAL JA . 20.79 12.93 32.15
O4 GAL JA . 21.54 15.47 32.11
O5 GAL JA . 22.49 15.47 34.78
O6 GAL JA . 24.99 16.90 33.79
C1 GLA JA . 20.96 11.57 31.71
C2 GLA JA . 20.68 11.50 30.23
C3 GLA JA . 19.20 11.69 29.93
C4 GLA JA . 18.39 10.64 30.70
C5 GLA JA . 18.72 10.75 32.19
C6 GLA JA . 17.97 9.74 33.01
O2 GLA JA . 21.41 12.49 29.52
O3 GLA JA . 19.00 11.60 28.53
O4 GLA JA . 18.57 9.34 30.10
O5 GLA JA . 20.12 10.65 32.45
O6 GLA JA . 18.40 9.81 34.32
C2 BGC KA . 22.79 57.83 -44.57
C3 BGC KA . 23.18 56.95 -43.39
C4 BGC KA . 21.91 56.50 -42.65
C5 BGC KA . 20.80 56.01 -43.61
C6 BGC KA . 19.43 55.89 -42.93
C1 BGC KA . 21.86 56.98 -45.41
O1 BGC KA . 21.63 57.45 -46.71
O2 BGC KA . 23.95 58.15 -45.29
O3 BGC KA . 24.14 57.59 -42.54
O4 BGC KA . 22.24 55.42 -41.79
O5 BGC KA . 20.65 56.93 -44.67
O6 BGC KA . 19.10 57.05 -42.20
C1 GAL KA . 21.89 55.70 -40.45
C2 GAL KA . 21.95 54.39 -39.67
C3 GAL KA . 21.81 54.62 -38.19
C4 GAL KA . 22.81 55.66 -37.70
C5 GAL KA . 22.57 56.90 -38.55
C6 GAL KA . 23.46 58.09 -38.19
O2 GAL KA . 20.94 53.54 -40.11
O3 GAL KA . 22.04 53.37 -37.54
O4 GAL KA . 24.16 55.23 -37.86
O5 GAL KA . 22.81 56.58 -39.91
O6 GAL KA . 22.74 59.28 -38.50
C1 GLA KA . 20.92 52.82 -36.78
C2 GLA KA . 21.47 52.30 -35.48
C3 GLA KA . 22.35 51.08 -35.70
C4 GLA KA . 21.61 50.04 -36.49
C5 GLA KA . 20.99 50.64 -37.76
C6 GLA KA . 20.15 49.61 -38.49
O2 GLA KA . 22.17 53.26 -34.74
O3 GLA KA . 22.65 50.55 -34.44
O4 GLA KA . 20.63 49.45 -35.64
O5 GLA KA . 20.22 51.77 -37.43
O6 GLA KA . 19.69 50.11 -39.69
C1 GAL LA . -0.54 71.50 -33.03
C2 GAL LA . -1.81 70.67 -33.23
C3 GAL LA . -1.89 70.22 -34.69
C4 GAL LA . -1.63 71.45 -35.60
C5 GAL LA . -0.30 72.10 -35.22
C6 GAL LA . 0.24 73.19 -36.15
O2 GAL LA . -1.71 69.63 -32.28
O3 GAL LA . -3.15 69.64 -34.97
O4 GAL LA . -2.69 72.38 -35.45
O5 GAL LA . -0.48 72.61 -33.90
O6 GAL LA . -0.79 73.73 -36.94
C1 GLA LA . -3.15 68.21 -35.21
C2 GLA LA . -4.12 67.91 -36.36
C3 GLA LA . -5.55 68.17 -35.87
C4 GLA LA . -5.81 67.34 -34.61
C5 GLA LA . -4.77 67.67 -33.52
C6 GLA LA . -4.88 66.80 -32.25
O2 GLA LA . -3.87 68.71 -37.54
O3 GLA LA . -6.39 67.75 -36.92
O4 GLA LA . -5.81 65.99 -35.08
O5 GLA LA . -3.44 67.53 -34.00
O6 GLA LA . -3.94 67.18 -31.28
C2 BGC MA . -48.05 -0.44 -18.51
C3 BGC MA . -47.62 0.71 -17.60
C4 BGC MA . -46.14 0.62 -17.21
C5 BGC MA . -45.28 0.45 -18.48
C6 BGC MA . -43.76 0.32 -18.23
C1 BGC MA . -47.13 -0.43 -19.74
O1 BGC MA . -47.50 -1.46 -20.65
O2 BGC MA . -49.43 -0.28 -18.86
O3 BGC MA . -48.45 0.84 -16.46
O4 BGC MA . -45.84 1.85 -16.55
O5 BGC MA . -45.78 -0.62 -19.28
O6 BGC MA . -43.46 -0.42 -17.07
C1 GAL MA . -44.98 1.72 -15.40
C2 GAL MA . -44.48 3.09 -14.95
C3 GAL MA . -43.49 2.93 -13.82
C4 GAL MA . -44.08 2.02 -12.73
C5 GAL MA . -44.69 0.74 -13.29
C6 GAL MA . -45.48 -0.03 -12.23
O2 GAL MA . -43.83 3.76 -15.99
O3 GAL MA . -43.21 4.24 -13.31
O4 GAL MA . -45.06 2.69 -11.92
O5 GAL MA . -45.60 1.10 -14.31
O6 GAL MA . -46.26 -1.06 -12.80
C1 GLA MA . -41.80 4.58 -13.38
C2 GLA MA . -41.37 5.32 -12.14
C3 GLA MA . -42.14 6.63 -11.97
C4 GLA MA . -41.97 7.44 -13.24
C5 GLA MA . -42.26 6.60 -14.49
C6 GLA MA . -41.92 7.30 -15.77
O2 GLA MA . -41.59 4.53 -11.00
O3 GLA MA . -41.60 7.28 -10.83
O4 GLA MA . -40.64 7.90 -13.20
O5 GLA MA . -41.48 5.43 -14.46
O6 GLA MA . -42.57 6.70 -16.85
C2 BGC NA . -20.37 -16.76 -14.98
C3 BGC NA . -19.88 -16.44 -16.40
C4 BGC NA . -20.56 -15.21 -17.02
C5 BGC NA . -20.82 -14.07 -16.03
C6 BGC NA . -21.79 -13.06 -16.59
C1 BGC NA . -20.64 -15.51 -14.14
O1 BGC NA . -21.37 -15.88 -12.97
O2 BGC NA . -19.43 -17.58 -14.32
O3 BGC NA . -20.16 -17.53 -17.27
O4 BGC NA . -19.81 -14.75 -18.13
O5 BGC NA . -21.42 -14.58 -14.84
O6 BGC NA . -21.79 -11.96 -15.71
C1 GAL NA . -20.70 -14.50 -19.25
C2 GAL NA . -19.99 -13.69 -20.33
C3 GAL NA . -20.87 -13.48 -21.53
C4 GAL NA . -21.56 -14.79 -21.96
C5 GAL NA . -22.22 -15.46 -20.74
C6 GAL NA . -22.95 -16.77 -21.11
O2 GAL NA . -19.70 -12.41 -19.78
O3 GAL NA . -20.08 -12.99 -22.60
O4 GAL NA . -20.60 -15.67 -22.53
O5 GAL NA . -21.21 -15.71 -19.78
O6 GAL NA . -23.45 -17.46 -19.97
C1 GLA NA . -20.29 -11.60 -22.97
C2 GLA NA . -20.18 -11.53 -24.48
C3 GLA NA . -18.74 -11.84 -24.89
C4 GLA NA . -17.77 -10.89 -24.20
C5 GLA NA . -17.99 -10.93 -22.69
C6 GLA NA . -17.13 -9.93 -21.94
O2 GLA NA . -21.02 -12.46 -25.13
O3 GLA NA . -18.67 -11.73 -26.30
O4 GLA NA . -18.02 -9.59 -24.67
O5 GLA NA . -19.35 -10.71 -22.38
O6 GLA NA . -17.30 -10.08 -20.52
C2 BGC OA . 22.63 57.41 -17.96
C3 BGC OA . 22.96 56.45 -16.82
C4 BGC OA . 21.72 56.12 -15.99
C5 BGC OA . 20.63 55.64 -16.93
C6 BGC OA . 19.31 55.43 -16.18
C1 BGC OA . 21.44 56.86 -18.74
O1 BGC OA . 21.03 57.81 -19.73
O2 BGC OA . 23.74 57.62 -18.82
O3 BGC OA . 23.95 56.97 -15.95
O4 BGC OA . 22.11 55.09 -15.12
O5 BGC OA . 20.37 56.67 -17.85
O6 BGC OA . 19.19 56.55 -15.32
C1 GAL OA . 21.89 55.29 -13.74
C2 GAL OA . 22.11 53.93 -13.05
C3 GAL OA . 22.00 54.10 -11.54
C4 GAL OA . 22.92 55.20 -11.02
C5 GAL OA . 22.55 56.47 -11.81
C6 GAL OA . 23.29 57.72 -11.36
O2 GAL OA . 21.08 53.10 -13.50
O3 GAL OA . 22.31 52.89 -10.89
O4 GAL OA . 24.28 54.84 -11.24
O5 GAL OA . 22.76 56.25 -13.19
O6 GAL OA . 22.68 58.79 -12.06
C1 GLA OA . 21.23 52.38 -10.07
C2 GLA OA . 21.79 51.76 -8.80
C3 GLA OA . 22.61 50.50 -9.06
C4 GLA OA . 21.74 49.47 -9.71
C5 GLA OA . 21.11 50.13 -10.93
C6 GLA OA . 20.15 49.22 -11.63
O2 GLA OA . 22.59 52.68 -8.12
O3 GLA OA . 23.04 50.02 -7.80
O4 GLA OA . 20.82 49.00 -8.73
O5 GLA OA . 20.47 51.38 -10.70
O6 GLA OA . 19.76 49.77 -12.87
C2 BGC PA . 2.24 74.43 -1.19
C3 BGC PA . 1.10 73.88 -2.03
C4 BGC PA . 1.43 72.55 -2.71
C5 BGC PA . 2.21 71.60 -1.80
C6 BGC PA . 2.77 70.43 -2.62
C1 BGC PA . 2.80 73.31 -0.34
O1 BGC PA . 3.83 73.78 0.51
O2 BGC PA . 1.71 75.46 -0.39
O3 BGC PA . 0.74 74.80 -3.02
O4 BGC PA . 0.22 71.97 -3.13
O5 BGC PA . 3.31 72.30 -1.21
O6 BGC PA . 3.24 69.51 -1.68
C1 GAL PA . 0.22 71.54 -4.50
C2 GAL PA . -0.99 70.64 -4.68
C3 GAL PA . -1.12 70.20 -6.12
C4 GAL PA . -0.94 71.40 -7.08
C5 GAL PA . 0.32 72.22 -6.73
C6 GAL PA . 0.52 73.49 -7.58
O2 GAL PA . -0.81 69.54 -3.79
O3 GAL PA . -2.38 69.63 -6.33
O4 GAL PA . -2.11 72.21 -7.03
O5 GAL PA . 0.20 72.62 -5.40
O6 GAL PA . 0.25 73.27 -8.96
C1 GLA PA . -2.35 68.21 -6.69
C2 GLA PA . -3.38 67.92 -7.77
C3 GLA PA . -4.78 68.21 -7.22
C4 GLA PA . -5.03 67.40 -5.96
C5 GLA PA . -3.89 67.62 -4.97
C6 GLA PA . -4.06 66.69 -3.81
O2 GLA PA . -3.08 68.70 -8.92
O3 GLA PA . -5.76 67.92 -8.21
O4 GLA PA . -5.11 66.03 -6.32
O5 GLA PA . -2.64 67.37 -5.58
O6 GLA PA . -3.22 67.07 -2.72
C2 BGC QA . -47.35 -0.78 8.58
C3 BGC QA . -46.98 0.33 9.53
C4 BGC QA . -45.48 0.29 9.76
C5 BGC QA . -44.58 0.07 8.53
C6 BGC QA . -43.24 -0.53 8.95
C1 BGC QA . -46.50 -0.56 7.31
O1 BGC QA . -46.91 -1.43 6.29
O2 BGC QA . -48.74 -0.67 8.36
O3 BGC QA . -47.72 0.26 10.74
O4 BGC QA . -45.17 1.55 10.31
O5 BGC QA . -45.13 -0.83 7.59
O6 BGC QA . -42.33 -0.18 7.95
C1 GAL QA . -44.41 1.39 11.51
C2 GAL QA . -43.87 2.77 11.87
C3 GAL QA . -43.06 2.65 13.13
C4 GAL QA . -43.90 1.93 14.24
C5 GAL QA . -44.40 0.59 13.72
C6 GAL QA . -45.26 -0.17 14.70
O2 GAL QA . -43.11 3.24 10.78
O3 GAL QA . -42.69 3.97 13.54
O4 GAL QA . -45.01 2.71 14.61
O5 GAL QA . -45.20 0.86 12.58
O6 GAL QA . -45.66 -1.38 14.07
C1 GLA QA . -41.30 4.32 13.36
C2 GLA QA . -40.90 5.02 14.64
C3 GLA QA . -41.64 6.35 14.70
C4 GLA QA . -41.31 7.22 13.48
C5 GLA QA . -41.69 6.44 12.20
C6 GLA QA . -41.41 7.17 10.90
O2 GLA QA . -41.18 4.25 15.81
O3 GLA QA . -41.20 6.98 15.88
O4 GLA QA . -39.95 7.67 13.65
O5 GLA QA . -41.05 5.16 12.21
O6 GLA QA . -41.87 6.46 9.77
C2 BGC RA . -19.50 -17.11 12.69
C3 BGC RA . -19.15 -16.78 11.21
C4 BGC RA . -19.78 -15.49 10.68
C5 BGC RA . -19.89 -14.42 11.75
C6 BGC RA . -20.75 -13.23 11.34
C1 BGC RA . -19.59 -15.84 13.52
O1 BGC RA . -20.05 -16.11 14.82
O2 BGC RA . -18.46 -17.87 13.24
O3 BGC RA . -19.55 -17.82 10.33
O4 BGC RA . -18.97 -15.07 9.61
O5 BGC RA . -20.48 -14.95 12.90
O6 BGC RA . -20.13 -12.11 11.89
C1 GAL RA . -19.76 -14.80 8.45
C2 GAL RA . -18.96 -13.95 7.45
C3 GAL RA . -19.79 -13.70 6.19
C4 GAL RA . -20.51 -14.97 5.72
C5 GAL RA . -21.22 -15.66 6.87
C6 GAL RA . -22.00 -16.90 6.45
O2 GAL RA . -18.53 -12.74 8.06
O3 GAL RA . -18.93 -13.30 5.15
O4 GAL RA . -19.57 -15.83 5.14
O5 GAL RA . -20.21 -15.97 7.81
O6 GAL RA . -23.18 -17.02 7.22
C1 GLA RA . -19.17 -11.94 4.73
C2 GLA RA . -18.99 -11.81 3.22
C3 GLA RA . -17.56 -12.13 2.81
C4 GLA RA . -16.66 -11.18 3.58
C5 GLA RA . -16.93 -11.21 5.10
C6 GLA RA . -16.10 -10.13 5.79
O2 GLA RA . -19.85 -12.64 2.43
O3 GLA RA . -17.44 -12.06 1.38
O4 GLA RA . -16.86 -9.86 3.10
O5 GLA RA . -18.30 -11.06 5.45
O6 GLA RA . -16.23 -10.32 7.16
C2 BGC SA . 22.93 57.00 8.51
C3 BGC SA . 23.32 56.00 9.61
C4 BGC SA . 22.21 55.81 10.63
C5 BGC SA . 20.81 55.65 10.07
C6 BGC SA . 19.76 56.32 10.98
C1 BGC SA . 21.59 56.60 7.91
O1 BGC SA . 21.03 57.77 7.36
O2 BGC SA . 23.92 57.06 7.49
O3 BGC SA . 24.46 56.44 10.30
O4 BGC SA . 22.54 54.62 11.33
O5 BGC SA . 20.57 56.19 8.78
O6 BGC SA . 19.13 55.29 11.67
C1 GAL SA . 22.38 54.85 12.73
C2 GAL SA . 22.56 53.54 13.47
C3 GAL SA . 22.61 53.75 14.98
C4 GAL SA . 23.61 54.87 15.33
C5 GAL SA . 23.20 56.10 14.54
C6 GAL SA . 24.02 57.35 14.85
O2 GAL SA . 21.46 52.70 13.16
O3 GAL SA . 22.95 52.51 15.60
O4 GAL SA . 24.92 54.44 15.01
O5 GAL SA . 23.34 55.79 13.17
O6 GAL SA . 23.20 58.44 14.47
C1 GLA SA . 21.93 52.07 16.52
C2 GLA SA . 22.56 51.51 17.78
C3 GLA SA . 23.30 50.19 17.51
C4 GLA SA . 22.36 49.21 16.82
C5 GLA SA . 21.70 49.85 15.59
C6 GLA SA . 20.70 48.92 14.91
O2 GLA SA . 23.39 52.47 18.38
O3 GLA SA . 23.74 49.62 18.73
O4 GLA SA . 21.43 48.78 17.78
O5 GLA SA . 21.10 51.09 15.95
O6 GLA SA . 20.25 49.39 13.66
C2 BGC TA . 3.28 73.94 25.76
C3 BGC TA . 1.98 73.49 25.09
C4 BGC TA . 2.13 72.13 24.42
C5 BGC TA . 2.73 71.16 25.41
C6 BGC TA . 2.89 69.76 24.86
C1 BGC TA . 3.95 72.80 26.51
O1 BGC TA . 5.28 73.13 26.80
O2 BGC TA . 2.91 74.95 26.69
O3 BGC TA . 1.56 74.43 24.12
O4 BGC TA . 0.84 71.72 24.03
O5 BGC TA . 4.01 71.64 25.71
O6 BGC TA . 3.99 69.16 25.48
C1 GAL TA . 0.86 71.16 22.73
C2 GAL TA . -0.30 70.15 22.59
C3 GAL TA . -0.47 69.65 21.16
C4 GAL TA . -0.35 70.80 20.18
C5 GAL TA . 0.85 71.71 20.45
C6 GAL TA . 0.89 72.84 19.42
O2 GAL TA . -0.07 69.05 23.45
O3 GAL TA . -1.77 69.07 21.00
O4 GAL TA . -1.50 71.60 20.25
O5 GAL TA . 0.77 72.18 21.78
O6 GAL TA . 2.21 73.31 19.29
C1 GLA TA . -1.78 67.64 20.80
C2 GLA TA . -2.84 67.33 19.78
C3 GLA TA . -4.19 67.64 20.39
C4 GLA TA . -4.33 66.80 21.66
C5 GLA TA . -3.21 67.15 22.65
C6 GLA TA . -3.31 66.33 23.92
O2 GLA TA . -2.64 68.17 18.67
O3 GLA TA . -5.22 67.38 19.44
O4 GLA TA . -4.40 65.40 21.34
O5 GLA TA . -2.00 66.89 21.98
O6 GLA TA . -2.34 66.67 24.90
C2 BGC UA . -44.06 -1.43 43.13
C3 BGC UA . -43.55 -0.42 44.13
C4 BGC UA . -42.09 -0.11 43.84
C5 BGC UA . -41.81 0.15 42.36
C6 BGC UA . -40.30 0.07 42.04
C1 BGC UA . -43.91 -0.78 41.77
O1 BGC UA . -44.53 -1.59 40.80
O2 BGC UA . -45.40 -1.75 43.37
O3 BGC UA . -43.78 -0.88 45.45
O4 BGC UA . -41.73 1.09 44.49
O5 BGC UA . -42.53 -0.74 41.52
O6 BGC UA . -39.69 -1.08 42.60
C1 GAL UA . -40.57 0.92 45.30
C2 GAL UA . -40.16 2.32 45.74
C3 GAL UA . -39.01 2.26 46.74
C4 GAL UA . -39.24 1.22 47.85
C5 GAL UA . -39.64 -0.11 47.21
C6 GAL UA . -39.89 -1.25 48.19
O2 GAL UA . -39.87 3.06 44.57
O3 GAL UA . -38.78 3.54 47.32
O4 GAL UA . -40.26 1.66 48.72
O5 GAL UA . -40.80 0.07 46.41
O6 GAL UA . -39.88 -2.44 47.41
C1 GLA UA . -37.46 4.04 47.01
C2 GLA UA . -36.97 4.86 48.19
C3 GLA UA . -37.88 6.07 48.38
C4 GLA UA . -37.86 6.88 47.08
C5 GLA UA . -38.27 6.00 45.90
C6 GLA UA . -38.19 6.80 44.60
O2 GLA UA . -37.00 4.08 49.38
O3 GLA UA . -37.36 6.77 49.50
O4 GLA UA . -36.57 7.47 46.95
O5 GLA UA . -37.48 4.81 45.83
O6 GLA UA . -38.89 6.19 43.55
C2 BGC VA . -16.65 -17.07 43.62
C3 BGC VA . -16.26 -16.80 42.16
C4 BGC VA . -17.07 -15.64 41.57
C5 BGC VA . -17.05 -14.45 42.51
C6 BGC VA . -17.99 -13.35 42.04
C1 BGC VA . -16.57 -15.75 44.39
O1 BGC VA . -16.93 -15.87 45.76
O2 BGC VA . -15.80 -18.06 44.17
O3 BGC VA . -16.46 -17.95 41.37
O4 BGC VA . -16.46 -15.27 40.36
O5 BGC VA . -17.48 -14.86 43.78
O6 BGC VA . -18.22 -12.52 43.15
C1 GAL VA . -17.41 -14.97 39.34
C2 GAL VA . -16.68 -14.18 38.26
C3 GAL VA . -17.58 -13.93 37.07
C4 GAL VA . -18.25 -15.24 36.64
C5 GAL VA . -18.97 -15.86 37.83
C6 GAL VA . -19.56 -17.19 37.42
O2 GAL VA . -16.31 -12.95 38.86
O3 GAL VA . -16.80 -13.42 36.01
O4 GAL VA . -17.27 -16.16 36.13
O5 GAL VA . -18.02 -16.13 38.84
O6 GAL VA . -20.54 -17.57 38.36
C1 GLA VA . -17.15 -12.07 35.63
C2 GLA VA . -17.16 -12.02 34.10
C3 GLA VA . -15.75 -12.25 33.54
C4 GLA VA . -14.79 -11.28 34.17
C5 GLA VA . -14.88 -11.30 35.70
C6 GLA VA . -13.91 -10.31 36.36
O2 GLA VA . -17.92 -13.07 33.59
O3 GLA VA . -15.82 -12.13 32.12
O4 GLA VA . -15.02 -9.98 33.67
O5 GLA VA . -16.23 -11.16 36.17
O6 GLA VA . -13.84 -10.46 37.77
CA CA WA . -22.74 -48.53 -36.77
C1 EDO XA . -4.62 -48.81 -37.17
O1 EDO XA . -5.77 -49.59 -37.57
C2 EDO XA . -3.85 -49.41 -36.02
O2 EDO XA . -3.77 -50.82 -36.20
CA CA YA . 5.06 -64.82 -40.92
CA CA ZA . 37.15 -9.17 -12.26
CA CA AB . 15.70 9.46 -27.71
C1 EDO BB . 21.10 -7.11 -22.41
O1 EDO BB . 21.37 -5.73 -22.27
C2 EDO BB . 22.30 -7.80 -22.97
O2 EDO BB . 23.50 -7.06 -22.74
CA CA CB . -22.39 -49.21 -3.27
C1 EDO DB . -4.09 -48.95 -5.60
O1 EDO DB . -5.26 -49.64 -5.96
C2 EDO DB . -3.16 -49.81 -4.84
O2 EDO DB . -3.73 -51.06 -4.63
CA CA EB . 5.23 -65.07 -10.34
CA CA FB . 39.27 -8.82 14.79
C1 EDO GB . 24.21 -7.49 4.98
O1 EDO GB . 25.25 -6.64 4.51
C2 EDO GB . 22.85 -6.90 4.92
O2 EDO GB . 22.82 -5.72 5.70
CA CA HB . 16.92 9.55 0.33
C1 EDO IB . 2.26 -22.73 -1.34
O1 EDO IB . 2.21 -23.35 -2.64
C2 EDO IB . 3.21 -23.49 -0.43
O2 EDO IB . 3.88 -22.60 0.49
CA CA JB . -20.44 -49.03 23.31
C1 EDO KB . -2.32 -49.48 21.17
O1 EDO KB . -3.63 -49.89 21.39
C2 EDO KB . -1.53 -49.24 22.42
O2 EDO KB . -1.45 -50.47 22.98
C1 EDO LB . -15.61 -46.63 33.09
O1 EDO LB . -15.73 -46.72 31.66
C2 EDO LB . -16.15 -47.82 33.90
O2 EDO LB . -15.35 -49.01 33.74
CA CA MB . 7.10 -65.36 17.83
CA CA NB . 41.89 -9.06 40.36
CA CA OB . 18.55 9.38 27.85
C1 EDO PB . 25.75 -7.69 31.85
O1 EDO PB . 26.99 -7.01 32.00
C2 EDO PB . 24.64 -7.06 32.65
O2 EDO PB . 24.92 -5.69 32.95
CA CA QB . 20.87 49.14 -33.13
C1 EDO RB . 2.54 49.25 -33.70
O1 EDO RB . 3.71 49.94 -34.08
C2 EDO RB . 1.79 49.93 -32.61
O2 EDO RB . 2.03 51.30 -32.81
C1 EDO SB . 17.19 46.47 -23.44
O1 EDO SB . 16.34 46.54 -24.59
C2 EDO SB . 17.13 47.53 -22.35
O2 EDO SB . 16.83 48.87 -22.76
CA CA TB . -6.98 65.44 -37.04
C2 BGC UB . 1.41 74.70 -29.69
C3 BGC UB . 0.32 74.10 -30.57
C4 BGC UB . 0.77 72.80 -31.19
C5 BGC UB . 1.45 71.85 -30.22
C6 BGC UB . 2.08 70.68 -30.99
C1 BGC UB . 1.91 73.62 -28.73
O1 BGC UB . 2.96 74.11 -27.92
O2 BGC UB . 0.86 75.76 -28.96
O3 BGC UB . -0.09 74.94 -31.64
O4 BGC UB . -0.43 72.18 -31.61
O5 BGC UB . 2.43 72.53 -29.45
O6 BGC UB . 2.51 69.74 -30.02
C1 EDO VB . -18.00 59.76 -31.29
O1 EDO VB . -18.34 60.67 -30.25
C2 EDO VB . -17.17 58.60 -30.73
O2 EDO VB . -16.04 59.14 -30.01
CA CA WB . -39.69 8.70 -11.23
C1 EDO XB . -25.16 7.61 -21.94
O1 EDO XB . -26.16 6.85 -21.24
C2 EDO XB . -23.80 7.45 -21.39
O2 EDO XB . -23.61 6.11 -21.09
CA CA YB . -18.37 -9.36 -27.18
CA CA ZB . 21.24 48.67 -6.34
C1 EDO AC . 2.41 49.37 -5.11
O1 EDO AC . 2.32 50.72 -4.86
C2 EDO AC . 3.16 49.10 -6.35
O2 EDO AC . 4.27 49.96 -6.61
C1 EDO BC . 17.54 46.29 3.84
O1 EDO BC . 17.24 46.42 2.44
C2 EDO BC . 18.15 47.56 4.42
O2 EDO BC . 17.13 48.54 4.49
CA CA CC . -6.39 65.48 -8.38
CA CA DC . -39.17 8.41 15.74
C1 EDO EC . -24.25 7.35 5.93
O1 EDO EC . -25.34 6.50 5.59
C2 EDO EC . -22.94 6.72 6.27
O2 EDO EC . -23.06 5.37 6.67
CA CA FC . -17.08 -9.58 0.60
CA CA GC . 22.16 48.41 20.20
C1 EDO HC . 4.14 48.57 21.74
O1 EDO HC . 4.95 49.50 21.02
C2 EDO HC . 3.28 49.18 22.79
O2 EDO HC . 3.38 50.59 22.81
CA CA IC . -5.80 64.86 19.34
C1 EDO JC . -22.11 50.85 38.80
O1 EDO JC . -23.16 51.71 39.17
C2 EDO JC . -22.71 49.66 38.06
O2 EDO JC . -21.96 48.52 38.38
CA CA KC . -35.35 8.33 49.04
C1 EDO LC . -21.99 7.25 37.03
O1 EDO LC . -23.04 6.29 37.19
C2 EDO LC . -20.58 6.71 37.10
O2 EDO LC . -20.52 5.41 37.63
C1 EDO MC . -16.75 32.51 31.49
O1 EDO MC . -15.39 32.46 31.92
C2 EDO MC . -16.89 32.24 29.99
O2 EDO MC . -17.03 30.86 29.63
CA CA NC . -15.54 -9.87 31.18
C1 EDO OC . -21.95 1.90 38.27
O1 EDO OC . -21.06 2.98 38.36
C2 EDO OC . -23.43 2.31 38.24
O2 EDO OC . -23.86 2.29 39.60
#